data_7F2P
#
_entry.id   7F2P
#
_cell.length_a   1.00
_cell.length_b   1.00
_cell.length_c   1.00
_cell.angle_alpha   90.00
_cell.angle_beta   90.00
_cell.angle_gamma   90.00
#
_symmetry.space_group_name_H-M   'P 1'
#
loop_
_entity.id
_entity.type
_entity.pdbx_description
1 polymer 'Cement protein gp16'
2 polymer 'KHP40 MCP'
#
loop_
_entity_poly.entity_id
_entity_poly.type
_entity_poly.pdbx_seq_one_letter_code
_entity_poly.pdbx_strand_id
1 'polypeptide(L)'
;MKQKVHSVSYLAKAEFEYKNGVYDLVALPTGAEVIKISLEVVGLPTAGHVSVGFKDESKKNYSSILTLPVNETSGVVTKD
YTVKSDKIVAAEVKDALAEGSDGRPVKCVLRALYFLPSVIEVEY
;
1,2,3,4,5,6,7,8,9
2 'polypeptide(L)'
;MLEKLNNINFNNISNNPNLGIEVGREIQNASWVKSPFFSITGTGADRGVRLFSVASQQPFRPRIKAQLTGSGVSGNTDFE
ANYDNLEILSQTIYPDAFGNSLRSKIKAYSELERIDFIKESVDSLTTWMNEERDKRIVASLTNDFTNYLYNAAMNVATIR
KAIFHARNGLKADNSKAFPIKPIRATMQSVGNVVVQNTSYIILLDSYQANQLKADSEFKELRKLYAFAGEDKGMLYSGLL
GVIDNCPVIDAGVWNKLNVGMPNSSISDSDFTRYLNKANVSNIVTPMQLKEKLNQEKLNQEKLNQEKLKNKDISIGCLIG
ASAVLLAGSKETRFYIDETVDAGRKSLVGVDCLLGVSKARYQSTDGVVTPYDNQDYAVIGLVSNME
;
a,b,c,d,e,f,g,h,i
#
# COMPACT_ATOMS: atom_id res chain seq x y z
N MET A 1 -22.72 44.60 -0.42
CA MET A 1 -22.84 46.05 -0.40
C MET A 1 -23.65 46.53 -1.59
N LYS A 2 -24.87 46.98 -1.34
CA LYS A 2 -25.74 47.45 -2.40
C LYS A 2 -26.68 48.51 -1.85
N GLN A 3 -26.97 49.52 -2.67
CA GLN A 3 -27.70 50.69 -2.19
C GLN A 3 -28.37 51.38 -3.37
N LYS A 4 -29.17 52.40 -3.04
CA LYS A 4 -29.70 53.33 -4.03
C LYS A 4 -29.21 54.72 -3.73
N VAL A 5 -28.76 55.42 -4.78
CA VAL A 5 -28.12 56.70 -4.67
C VAL A 5 -28.75 57.66 -5.66
N HIS A 6 -28.62 58.95 -5.37
CA HIS A 6 -29.04 60.01 -6.29
C HIS A 6 -27.89 60.30 -7.24
N SER A 7 -28.14 60.13 -8.54
CA SER A 7 -27.12 60.27 -9.55
C SER A 7 -27.20 61.56 -10.35
N VAL A 8 -28.17 62.42 -10.07
CA VAL A 8 -28.39 63.64 -10.85
C VAL A 8 -28.32 64.82 -9.90
N SER A 9 -27.50 65.81 -10.25
CA SER A 9 -27.26 66.95 -9.39
C SER A 9 -27.26 68.23 -10.22
N TYR A 10 -27.87 69.27 -9.67
CA TYR A 10 -27.94 70.56 -10.32
C TYR A 10 -27.42 71.65 -9.40
N LEU A 11 -26.95 72.73 -10.00
CA LEU A 11 -26.57 73.94 -9.30
C LEU A 11 -27.34 75.10 -9.87
N ALA A 12 -28.01 75.86 -9.01
CA ALA A 12 -28.76 77.03 -9.42
C ALA A 12 -28.09 78.26 -8.81
N LYS A 13 -27.80 79.24 -9.65
CA LYS A 13 -27.16 80.49 -9.23
C LYS A 13 -28.09 81.65 -9.58
N ALA A 14 -28.35 82.52 -8.62
CA ALA A 14 -29.26 83.63 -8.81
C ALA A 14 -28.76 84.88 -8.10
N GLU A 15 -28.88 86.02 -8.76
CA GLU A 15 -28.43 87.27 -8.19
C GLU A 15 -29.62 88.16 -7.89
N PHE A 16 -29.52 88.91 -6.79
CA PHE A 16 -30.40 90.02 -6.48
C PHE A 16 -29.57 91.20 -5.98
N GLU A 17 -30.16 92.39 -5.87
CA GLU A 17 -29.36 93.60 -5.77
C GLU A 17 -29.40 94.20 -4.37
N TYR A 18 -29.70 93.39 -3.37
CA TYR A 18 -29.47 93.76 -1.98
C TYR A 18 -30.14 95.08 -1.59
N LYS A 19 -31.46 95.13 -1.72
CA LYS A 19 -32.25 96.16 -1.04
C LYS A 19 -33.62 95.61 -0.71
N ASN A 20 -34.28 96.25 0.25
CA ASN A 20 -35.43 95.68 0.95
C ASN A 20 -36.40 95.02 -0.01
N GLY A 21 -36.84 93.83 0.34
CA GLY A 21 -37.76 93.08 -0.48
C GLY A 21 -37.60 91.60 -0.27
N VAL A 22 -38.38 90.85 -1.03
CA VAL A 22 -38.39 89.40 -1.02
C VAL A 22 -38.14 88.91 -2.43
N TYR A 23 -37.25 87.93 -2.59
CA TYR A 23 -36.86 87.40 -3.87
C TYR A 23 -36.96 85.89 -3.83
N ASP A 24 -37.47 85.31 -4.91
CA ASP A 24 -37.61 83.86 -5.05
C ASP A 24 -36.45 83.37 -5.90
N LEU A 25 -35.41 82.87 -5.24
CA LEU A 25 -34.12 82.61 -5.88
C LEU A 25 -34.11 81.28 -6.63
N VAL A 26 -34.38 80.18 -5.93
CA VAL A 26 -34.20 78.83 -6.47
C VAL A 26 -35.49 78.06 -6.31
N ALA A 27 -35.87 77.34 -7.38
CA ALA A 27 -37.00 76.44 -7.35
C ALA A 27 -36.50 75.01 -7.23
N LEU A 28 -37.13 74.23 -6.36
CA LEU A 28 -36.70 72.87 -6.09
C LEU A 28 -37.87 71.91 -6.27
N PRO A 29 -37.62 70.70 -6.77
CA PRO A 29 -38.70 69.72 -6.92
C PRO A 29 -38.96 69.02 -5.59
N THR A 30 -40.10 68.37 -5.50
CA THR A 30 -40.39 67.56 -4.32
C THR A 30 -39.47 66.36 -4.30
N GLY A 31 -38.87 66.10 -3.15
CA GLY A 31 -37.89 65.05 -3.04
C GLY A 31 -36.48 65.45 -3.43
N ALA A 32 -36.25 66.73 -3.73
CA ALA A 32 -34.91 67.18 -4.04
C ALA A 32 -34.02 67.06 -2.80
N GLU A 33 -32.74 66.80 -3.04
CA GLU A 33 -31.80 66.59 -1.96
C GLU A 33 -30.88 67.80 -1.90
N VAL A 34 -31.33 68.82 -1.18
CA VAL A 34 -30.55 70.06 -1.08
C VAL A 34 -29.36 69.80 -0.18
N ILE A 35 -28.16 69.89 -0.75
CA ILE A 35 -26.94 69.60 -0.01
C ILE A 35 -26.03 70.79 0.16
N LYS A 36 -26.27 71.90 -0.54
CA LYS A 36 -25.48 73.09 -0.25
C LYS A 36 -26.26 74.34 -0.63
N ILE A 37 -26.34 75.30 0.30
CA ILE A 37 -26.88 76.62 0.03
C ILE A 37 -25.83 77.62 0.47
N SER A 38 -25.39 78.47 -0.45
CA SER A 38 -24.37 79.45 -0.14
C SER A 38 -24.82 80.82 -0.59
N LEU A 39 -24.61 81.82 0.27
CA LEU A 39 -24.97 83.19 -0.02
C LEU A 39 -23.73 84.07 0.08
N GLU A 40 -23.60 84.99 -0.88
CA GLU A 40 -22.43 85.82 -1.01
C GLU A 40 -22.85 87.26 -1.26
N VAL A 41 -22.12 88.20 -0.66
CA VAL A 41 -22.40 89.63 -0.84
C VAL A 41 -21.24 90.23 -1.60
N VAL A 42 -21.51 90.71 -2.81
CA VAL A 42 -20.51 91.34 -3.67
C VAL A 42 -20.66 92.84 -3.49
N GLY A 43 -19.72 93.46 -2.80
CA GLY A 43 -19.75 94.87 -2.54
C GLY A 43 -19.54 95.17 -1.08
N LEU A 44 -19.73 96.43 -0.70
CA LEU A 44 -19.53 96.87 0.67
C LEU A 44 -20.84 97.44 1.20
N PRO A 45 -21.70 96.61 1.78
CA PRO A 45 -22.90 97.12 2.43
C PRO A 45 -22.55 97.96 3.65
N THR A 46 -23.47 98.86 4.01
CA THR A 46 -23.33 99.68 5.19
C THR A 46 -24.32 99.34 6.29
N ALA A 47 -25.50 98.85 5.96
CA ALA A 47 -26.49 98.49 6.97
C ALA A 47 -27.48 97.51 6.39
N GLY A 48 -27.82 96.48 7.16
CA GLY A 48 -28.85 95.57 6.74
C GLY A 48 -28.56 94.10 6.96
N HIS A 49 -29.62 93.29 6.85
CA HIS A 49 -29.54 91.85 7.01
C HIS A 49 -30.12 91.18 5.78
N VAL A 50 -29.60 90.00 5.45
CA VAL A 50 -30.19 89.14 4.43
C VAL A 50 -30.57 87.83 5.09
N SER A 51 -31.83 87.43 4.95
CA SER A 51 -32.29 86.16 5.50
C SER A 51 -32.74 85.28 4.36
N VAL A 52 -32.09 84.14 4.19
CA VAL A 52 -32.53 83.15 3.22
C VAL A 52 -33.25 82.05 3.97
N GLY A 53 -34.26 81.48 3.32
CA GLY A 53 -35.09 80.46 3.91
C GLY A 53 -35.94 79.79 2.86
N PHE A 54 -36.94 79.06 3.32
CA PHE A 54 -37.81 78.29 2.44
C PHE A 54 -39.23 78.82 2.51
N LYS A 55 -39.93 78.79 1.36
CA LYS A 55 -41.32 79.18 1.33
C LYS A 55 -42.03 78.43 0.22
N ASP A 56 -43.36 78.41 0.32
CA ASP A 56 -44.20 77.73 -0.65
C ASP A 56 -44.22 78.46 -1.98
N GLU A 57 -44.67 77.74 -3.01
CA GLU A 57 -44.84 78.36 -4.32
C GLU A 57 -45.86 79.49 -4.24
N SER A 58 -46.90 79.32 -3.45
CA SER A 58 -47.94 80.32 -3.34
C SER A 58 -48.04 80.93 -1.94
N LYS A 59 -48.28 80.11 -0.92
CA LYS A 59 -48.72 80.65 0.35
C LYS A 59 -47.52 81.11 1.19
N LYS A 60 -47.82 81.86 2.25
CA LYS A 60 -46.84 82.70 2.93
C LYS A 60 -46.01 81.92 3.94
N ASN A 61 -45.40 80.81 3.51
CA ASN A 61 -44.70 79.92 4.44
C ASN A 61 -43.21 80.22 4.49
N TYR A 62 -42.86 81.48 4.74
CA TYR A 62 -41.45 81.84 4.77
C TYR A 62 -40.88 81.60 6.16
N SER A 63 -39.66 81.06 6.20
CA SER A 63 -38.98 80.81 7.46
C SER A 63 -37.48 80.85 7.19
N SER A 64 -36.80 81.82 7.79
CA SER A 64 -35.38 82.01 7.54
C SER A 64 -34.57 80.81 8.03
N ILE A 65 -33.57 80.42 7.24
CA ILE A 65 -32.63 79.38 7.64
C ILE A 65 -31.21 79.89 7.75
N LEU A 66 -30.88 81.02 7.14
CA LEU A 66 -29.54 81.60 7.27
C LEU A 66 -29.66 83.12 7.27
N THR A 67 -29.15 83.75 8.32
CA THR A 67 -29.15 85.20 8.45
C THR A 67 -27.72 85.73 8.32
N LEU A 68 -27.58 86.77 7.52
CA LEU A 68 -26.29 87.40 7.25
C LEU A 68 -26.35 88.89 7.60
N PRO A 69 -25.65 89.32 8.65
CA PRO A 69 -25.47 90.75 8.87
C PRO A 69 -24.49 91.36 7.87
N VAL A 70 -24.14 92.63 8.07
CA VAL A 70 -23.33 93.33 7.08
C VAL A 70 -21.91 92.79 7.05
N ASN A 71 -21.36 92.46 8.22
CA ASN A 71 -19.91 92.36 8.34
C ASN A 71 -19.34 91.15 7.59
N GLU A 72 -19.91 89.95 7.75
CA GLU A 72 -19.17 88.79 7.27
C GLU A 72 -19.27 88.61 5.76
N THR A 73 -20.34 89.07 5.14
CA THR A 73 -20.51 89.13 3.68
C THR A 73 -20.52 87.77 3.01
N SER A 74 -20.56 86.67 3.77
CA SER A 74 -20.66 85.37 3.14
C SER A 74 -21.17 84.37 4.18
N GLY A 75 -21.94 83.40 3.70
CA GLY A 75 -22.49 82.41 4.60
C GLY A 75 -22.90 81.16 3.88
N VAL A 76 -23.02 80.06 4.63
CA VAL A 76 -23.44 78.78 4.12
C VAL A 76 -24.36 78.15 5.15
N VAL A 77 -25.46 77.53 4.70
CA VAL A 77 -26.37 76.88 5.63
C VAL A 77 -25.68 75.69 6.27
N THR A 78 -25.90 75.49 7.56
CA THR A 78 -25.23 74.45 8.33
C THR A 78 -25.98 73.13 8.32
N LYS A 79 -27.02 73.02 7.50
CA LYS A 79 -27.96 71.93 7.64
C LYS A 79 -28.32 71.44 6.24
N ASP A 80 -28.75 70.20 6.15
CA ASP A 80 -29.12 69.61 4.88
C ASP A 80 -30.61 69.30 4.86
N TYR A 81 -31.19 69.37 3.67
CA TYR A 81 -32.63 69.51 3.52
C TYR A 81 -33.14 68.60 2.43
N THR A 82 -34.25 67.93 2.71
CA THR A 82 -35.04 67.22 1.71
C THR A 82 -36.29 68.03 1.46
N VAL A 83 -36.55 68.35 0.20
CA VAL A 83 -37.63 69.25 -0.14
C VAL A 83 -38.97 68.55 0.09
N LYS A 84 -39.76 69.10 1.01
CA LYS A 84 -41.09 68.57 1.33
C LYS A 84 -42.04 69.75 1.24
N SER A 85 -42.55 69.99 0.04
CA SER A 85 -43.53 71.01 -0.30
C SER A 85 -43.03 72.45 -0.13
N ASP A 86 -41.86 72.66 0.47
CA ASP A 86 -41.26 73.99 0.57
C ASP A 86 -40.31 74.14 -0.62
N LYS A 87 -40.90 74.45 -1.77
CA LYS A 87 -40.21 74.31 -3.04
C LYS A 87 -39.64 75.63 -3.54
N ILE A 88 -39.58 76.66 -2.69
CA ILE A 88 -38.95 77.91 -3.04
C ILE A 88 -37.86 78.20 -2.01
N VAL A 89 -36.63 78.40 -2.49
CA VAL A 89 -35.62 79.08 -1.71
C VAL A 89 -35.81 80.57 -1.94
N ALA A 90 -35.94 81.33 -0.86
CA ALA A 90 -36.22 82.75 -0.96
C ALA A 90 -35.28 83.51 -0.06
N ALA A 91 -35.05 84.77 -0.41
CA ALA A 91 -34.20 85.65 0.38
C ALA A 91 -34.88 86.99 0.56
N GLU A 92 -34.84 87.51 1.78
CA GLU A 92 -35.45 88.80 2.07
C GLU A 92 -34.42 89.72 2.70
N VAL A 93 -34.47 90.99 2.31
CA VAL A 93 -33.63 92.02 2.89
C VAL A 93 -34.57 93.05 3.52
N LYS A 94 -34.56 93.12 4.86
CA LYS A 94 -35.50 93.99 5.54
C LYS A 94 -34.94 95.39 5.71
N ASP A 95 -33.64 95.48 5.99
CA ASP A 95 -32.97 96.77 6.11
C ASP A 95 -31.93 96.87 5.01
N ALA A 96 -32.01 97.93 4.21
CA ALA A 96 -30.97 98.27 3.25
C ALA A 96 -31.32 99.61 2.63
N LEU A 97 -30.30 100.44 2.46
CA LEU A 97 -30.38 101.68 1.71
C LEU A 97 -29.45 101.54 0.52
N ALA A 98 -29.13 102.67 -0.12
CA ALA A 98 -28.28 102.65 -1.29
C ALA A 98 -26.92 102.05 -0.96
N GLU A 99 -26.10 101.82 -1.99
CA GLU A 99 -24.90 100.98 -1.89
C GLU A 99 -24.03 101.29 -0.67
N GLY A 100 -23.56 102.52 -0.56
CA GLY A 100 -22.77 102.87 0.61
C GLY A 100 -21.30 102.59 0.46
N SER A 101 -20.47 103.60 0.67
CA SER A 101 -19.01 103.56 0.72
C SER A 101 -18.38 103.19 -0.61
N ASP A 102 -19.17 102.92 -1.64
CA ASP A 102 -18.65 102.46 -2.92
C ASP A 102 -19.11 103.29 -4.11
N GLY A 103 -20.39 103.67 -4.16
CA GLY A 103 -20.96 104.29 -5.33
C GLY A 103 -21.47 103.32 -6.36
N ARG A 104 -21.17 102.04 -6.19
CA ARG A 104 -21.53 100.95 -7.09
C ARG A 104 -22.45 100.00 -6.34
N PRO A 105 -23.52 99.57 -7.00
CA PRO A 105 -24.58 98.84 -6.30
C PRO A 105 -24.13 97.49 -5.77
N VAL A 106 -24.71 97.11 -4.64
CA VAL A 106 -24.32 95.91 -3.90
C VAL A 106 -25.12 94.72 -4.40
N LYS A 107 -24.41 93.63 -4.68
CA LYS A 107 -24.99 92.43 -5.24
C LYS A 107 -25.04 91.35 -4.18
N CYS A 108 -25.98 90.42 -4.33
CA CYS A 108 -26.01 89.20 -3.54
C CYS A 108 -26.22 88.03 -4.48
N VAL A 109 -25.40 87.00 -4.32
CA VAL A 109 -25.41 85.81 -5.17
C VAL A 109 -25.73 84.61 -4.31
N LEU A 110 -26.71 83.82 -4.71
CA LEU A 110 -27.07 82.61 -4.01
C LEU A 110 -26.86 81.42 -4.93
N ARG A 111 -26.12 80.43 -4.45
CA ARG A 111 -25.88 79.20 -5.18
C ARG A 111 -26.45 78.04 -4.38
N ALA A 112 -27.25 77.21 -5.05
CA ALA A 112 -27.93 76.07 -4.45
C ALA A 112 -27.53 74.83 -5.21
N LEU A 113 -26.82 73.94 -4.54
CA LEU A 113 -26.45 72.63 -5.07
C LEU A 113 -27.37 71.60 -4.48
N TYR A 114 -28.14 70.93 -5.35
CA TYR A 114 -29.14 69.98 -4.88
C TYR A 114 -29.19 68.76 -5.80
N PHE A 115 -29.51 67.62 -5.22
CA PHE A 115 -29.61 66.38 -5.97
C PHE A 115 -31.06 66.05 -6.26
N LEU A 116 -31.32 65.57 -7.46
CA LEU A 116 -32.68 65.31 -7.89
C LEU A 116 -33.24 64.09 -7.16
N PRO A 117 -34.57 64.00 -7.03
CA PRO A 117 -35.15 62.90 -6.26
C PRO A 117 -34.92 61.53 -6.87
N SER A 118 -34.55 61.45 -8.14
CA SER A 118 -34.34 60.16 -8.78
C SER A 118 -33.23 59.38 -8.11
N VAL A 119 -33.38 58.06 -8.06
CA VAL A 119 -32.39 57.16 -7.48
C VAL A 119 -32.09 56.05 -8.47
N ILE A 120 -30.89 55.50 -8.35
CA ILE A 120 -30.49 54.32 -9.10
C ILE A 120 -29.83 53.34 -8.14
N GLU A 121 -29.80 52.07 -8.51
CA GLU A 121 -29.27 51.03 -7.66
C GLU A 121 -27.84 50.67 -8.09
N VAL A 122 -26.93 50.65 -7.11
CA VAL A 122 -25.53 50.34 -7.36
C VAL A 122 -25.01 49.43 -6.27
N GLU A 123 -24.20 48.45 -6.65
CA GLU A 123 -23.49 47.62 -5.69
C GLU A 123 -22.01 47.67 -5.97
N TYR A 124 -21.22 47.72 -4.91
CA TYR A 124 -19.78 47.93 -4.97
C TYR A 124 -19.01 46.73 -4.47
N MET B 1 -42.60 78.40 -11.85
CA MET B 1 -41.24 78.15 -11.39
C MET B 1 -40.39 77.61 -12.50
N LYS B 2 -39.47 78.43 -13.01
CA LYS B 2 -38.60 78.01 -14.10
C LYS B 2 -37.28 78.76 -13.99
N GLN B 3 -36.20 78.07 -14.35
CA GLN B 3 -34.86 78.59 -14.10
C GLN B 3 -33.87 77.93 -15.03
N LYS B 4 -32.64 78.42 -15.00
CA LYS B 4 -31.50 77.75 -15.64
C LYS B 4 -30.48 77.36 -14.60
N VAL B 5 -29.98 76.14 -14.70
CA VAL B 5 -29.10 75.55 -13.71
C VAL B 5 -27.90 74.94 -14.42
N HIS B 6 -26.82 74.79 -13.67
CA HIS B 6 -25.64 74.09 -14.14
C HIS B 6 -25.81 72.60 -13.87
N SER B 7 -25.77 71.79 -14.92
CA SER B 7 -26.02 70.36 -14.81
C SER B 7 -24.78 69.51 -14.90
N VAL B 8 -23.59 70.10 -15.06
CA VAL B 8 -22.36 69.35 -15.24
C VAL B 8 -21.38 69.76 -14.15
N SER B 9 -20.83 68.78 -13.46
CA SER B 9 -19.96 69.03 -12.33
C SER B 9 -18.76 68.11 -12.38
N TYR B 10 -17.59 68.65 -12.05
CA TYR B 10 -16.35 67.89 -12.04
C TYR B 10 -15.66 68.04 -10.70
N LEU B 11 -14.85 67.06 -10.36
CA LEU B 11 -13.98 67.10 -9.20
C LEU B 11 -12.56 66.83 -9.67
N ALA B 12 -11.65 67.73 -9.30
CA ALA B 12 -10.24 67.58 -9.62
C ALA B 12 -9.46 67.37 -8.34
N LYS B 13 -8.65 66.33 -8.30
CA LYS B 13 -7.82 65.98 -7.14
C LYS B 13 -6.36 66.00 -7.56
N ALA B 14 -5.54 66.70 -6.80
CA ALA B 14 -4.12 66.82 -7.12
C ALA B 14 -3.27 66.79 -5.87
N GLU B 15 -2.14 66.09 -5.95
CA GLU B 15 -1.25 65.98 -4.82
C GLU B 15 0.05 66.71 -5.10
N PHE B 16 0.60 67.33 -4.06
CA PHE B 16 1.97 67.83 -4.05
C PHE B 16 2.63 67.45 -2.73
N GLU B 17 3.95 67.61 -2.63
CA GLU B 17 4.70 66.93 -1.57
C GLU B 17 5.16 67.89 -0.49
N TYR B 18 4.49 69.03 -0.36
CA TYR B 18 4.64 69.89 0.81
C TYR B 18 6.09 70.27 1.09
N LYS B 19 6.72 70.95 0.14
CA LYS B 19 7.93 71.70 0.41
C LYS B 19 8.01 72.91 -0.51
N ASN B 20 8.82 73.89 -0.11
CA ASN B 20 8.74 75.23 -0.66
C ASN B 20 8.64 75.23 -2.17
N GLY B 21 7.73 76.03 -2.69
CA GLY B 21 7.52 76.12 -4.11
C GLY B 21 6.10 76.53 -4.42
N VAL B 22 5.81 76.58 -5.71
CA VAL B 22 4.50 76.93 -6.25
C VAL B 22 4.06 75.80 -7.16
N TYR B 23 2.80 75.38 -7.01
CA TYR B 23 2.23 74.28 -7.75
C TYR B 23 0.91 74.72 -8.36
N ASP B 24 0.68 74.32 -9.62
CA ASP B 24 -0.55 74.64 -10.32
C ASP B 24 -1.44 73.40 -10.26
N LEU B 25 -2.39 73.40 -9.33
CA LEU B 25 -3.13 72.22 -8.95
C LEU B 25 -4.28 71.93 -9.91
N VAL B 26 -5.20 72.89 -10.05
CA VAL B 26 -6.46 72.67 -10.77
C VAL B 26 -6.61 73.74 -11.85
N ALA B 27 -7.02 73.31 -13.04
CA ALA B 27 -7.34 74.21 -14.13
C ALA B 27 -8.85 74.33 -14.24
N LEU B 28 -9.35 75.57 -14.40
CA LEU B 28 -10.77 75.83 -14.44
C LEU B 28 -11.11 76.59 -15.72
N PRO B 29 -12.27 76.35 -16.31
CA PRO B 29 -12.68 77.10 -17.49
C PRO B 29 -13.29 78.44 -17.09
N THR B 30 -13.38 79.34 -18.06
CA THR B 30 -14.06 80.59 -17.80
C THR B 30 -15.54 80.34 -17.61
N GLY B 31 -16.11 80.94 -16.56
CA GLY B 31 -17.48 80.68 -16.22
C GLY B 31 -17.70 79.45 -15.36
N ALA B 32 -16.63 78.79 -14.92
CA ALA B 32 -16.79 77.65 -14.04
C ALA B 32 -17.36 78.10 -12.70
N GLU B 33 -18.13 77.23 -12.08
CA GLU B 33 -18.81 77.54 -10.83
C GLU B 33 -18.11 76.77 -9.72
N VAL B 34 -17.04 77.35 -9.19
CA VAL B 34 -16.27 76.69 -8.15
C VAL B 34 -17.07 76.72 -6.86
N ILE B 35 -17.48 75.56 -6.37
CA ILE B 35 -18.32 75.48 -5.19
C ILE B 35 -17.64 74.77 -4.02
N LYS B 36 -16.50 74.13 -4.21
CA LYS B 36 -15.79 73.61 -3.04
C LYS B 36 -14.30 73.50 -3.35
N ILE B 37 -13.48 74.03 -2.47
CA ILE B 37 -12.03 73.84 -2.51
C ILE B 37 -11.61 73.33 -1.15
N SER B 38 -10.97 72.17 -1.12
CA SER B 38 -10.55 71.57 0.13
C SER B 38 -9.10 71.16 0.05
N LEU B 39 -8.35 71.48 1.11
CA LEU B 39 -6.93 71.16 1.19
C LEU B 39 -6.69 70.30 2.42
N GLU B 40 -5.85 69.27 2.25
CA GLU B 40 -5.60 68.28 3.27
C GLU B 40 -4.11 68.00 3.36
N VAL B 41 -3.61 67.82 4.58
CA VAL B 41 -2.21 67.52 4.80
C VAL B 41 -2.11 66.10 5.33
N VAL B 42 -1.49 65.22 4.56
CA VAL B 42 -1.31 63.82 4.92
C VAL B 42 0.10 63.69 5.50
N GLY B 43 0.21 63.54 6.80
CA GLY B 43 1.48 63.42 7.47
C GLY B 43 1.55 64.36 8.64
N LEU B 44 2.75 64.47 9.22
CA LEU B 44 2.98 65.31 10.40
C LEU B 44 4.02 66.36 10.05
N PRO B 45 3.61 67.50 9.53
CA PRO B 45 4.55 68.61 9.32
C PRO B 45 5.07 69.15 10.64
N THR B 46 6.25 69.76 10.57
CA THR B 46 6.86 70.40 11.73
C THR B 46 6.91 71.92 11.63
N ALA B 47 7.00 72.47 10.42
CA ALA B 47 7.03 73.92 10.27
C ALA B 47 6.63 74.28 8.86
N GLY B 48 5.80 75.32 8.74
CA GLY B 48 5.44 75.82 7.44
C GLY B 48 3.98 76.16 7.23
N HIS B 49 3.71 76.89 6.14
CA HIS B 49 2.37 77.29 5.75
C HIS B 49 2.10 76.84 4.33
N VAL B 50 0.84 76.55 4.05
CA VAL B 50 0.38 76.32 2.68
C VAL B 50 -0.67 77.35 2.35
N SER B 51 -0.48 78.08 1.27
CA SER B 51 -1.46 79.08 0.83
C SER B 51 -1.97 78.67 -0.53
N VAL B 52 -3.27 78.41 -0.62
CA VAL B 52 -3.92 78.16 -1.90
C VAL B 52 -4.65 79.42 -2.33
N GLY B 53 -4.68 79.64 -3.63
CA GLY B 53 -5.26 80.83 -4.19
C GLY B 53 -5.44 80.67 -5.69
N PHE B 54 -5.70 81.79 -6.35
CA PHE B 54 -5.96 81.81 -7.78
C PHE B 54 -4.87 82.58 -8.51
N LYS B 55 -4.52 82.12 -9.71
CA LYS B 55 -3.57 82.84 -10.54
C LYS B 55 -3.87 82.57 -12.00
N ASP B 56 -3.32 83.45 -12.85
CA ASP B 56 -3.50 83.36 -14.29
C ASP B 56 -2.77 82.17 -14.87
N GLU B 57 -3.15 81.80 -16.09
CA GLU B 57 -2.43 80.75 -16.81
C GLU B 57 -0.97 81.15 -17.04
N SER B 58 -0.73 82.43 -17.30
CA SER B 58 0.62 82.91 -17.57
C SER B 58 1.11 83.91 -16.52
N LYS B 59 0.41 85.02 -16.34
CA LYS B 59 1.01 86.13 -15.63
C LYS B 59 0.86 85.96 -14.12
N LYS B 60 1.60 86.79 -13.37
CA LYS B 60 1.87 86.53 -11.97
C LYS B 60 0.75 86.99 -11.05
N ASN B 61 -0.48 86.56 -11.32
CA ASN B 61 -1.65 87.07 -10.59
C ASN B 61 -2.02 86.16 -9.43
N TYR B 62 -1.05 85.85 -8.57
CA TYR B 62 -1.34 84.95 -7.46
C TYR B 62 -1.89 85.74 -6.28
N SER B 63 -2.91 85.17 -5.63
CA SER B 63 -3.51 85.79 -4.46
C SER B 63 -4.11 84.69 -3.60
N SER B 64 -3.57 84.52 -2.39
CA SER B 64 -4.00 83.44 -1.52
C SER B 64 -5.45 83.61 -1.10
N ILE B 65 -6.18 82.50 -1.08
CA ILE B 65 -7.54 82.49 -0.57
C ILE B 65 -7.71 81.61 0.66
N LEU B 66 -6.79 80.69 0.92
CA LEU B 66 -6.86 79.86 2.12
C LEU B 66 -5.45 79.58 2.61
N THR B 67 -5.17 79.95 3.85
CA THR B 67 -3.87 79.71 4.46
C THR B 67 -4.00 78.64 5.55
N LEU B 68 -3.07 77.69 5.53
CA LEU B 68 -3.05 76.58 6.47
C LEU B 68 -1.71 76.54 7.20
N PRO B 69 -1.69 76.84 8.50
CA PRO B 69 -0.49 76.56 9.30
C PRO B 69 -0.31 75.08 9.55
N VAL B 70 0.68 74.72 10.38
CA VAL B 70 1.03 73.32 10.57
C VAL B 70 -0.08 72.58 11.31
N ASN B 71 -0.68 73.23 12.30
CA ASN B 71 -1.41 72.49 13.33
C ASN B 71 -2.69 71.84 12.79
N GLU B 72 -3.54 72.59 12.06
CA GLU B 72 -4.88 72.04 11.82
C GLU B 72 -4.90 70.97 10.74
N THR B 73 -3.97 71.03 9.78
CA THR B 73 -3.76 70.00 8.77
C THR B 73 -4.94 69.79 7.82
N SER B 74 -5.95 70.65 7.88
CA SER B 74 -7.05 70.54 6.93
C SER B 74 -7.79 71.86 6.87
N GLY B 75 -8.30 72.18 5.68
CA GLY B 75 -9.02 73.43 5.52
C GLY B 75 -9.91 73.41 4.30
N VAL B 76 -10.88 74.30 4.31
CA VAL B 76 -11.83 74.45 3.21
C VAL B 76 -12.07 75.94 3.02
N VAL B 77 -12.12 76.39 1.76
CA VAL B 77 -12.37 77.80 1.49
C VAL B 77 -13.79 78.14 1.92
N THR B 78 -13.95 79.32 2.51
CA THR B 78 -15.22 79.76 3.07
C THR B 78 -16.09 80.50 2.06
N LYS B 79 -15.69 80.52 0.79
CA LYS B 79 -16.26 81.44 -0.16
C LYS B 79 -16.46 80.68 -1.47
N ASP B 80 -17.40 81.15 -2.28
CA ASP B 80 -17.67 80.53 -3.57
C ASP B 80 -17.30 81.47 -4.70
N TYR B 81 -16.91 80.88 -5.81
CA TYR B 81 -16.16 81.58 -6.84
C TYR B 81 -16.69 81.26 -8.22
N THR B 82 -16.83 82.29 -9.04
CA THR B 82 -17.07 82.15 -10.46
C THR B 82 -15.79 82.52 -11.18
N VAL B 83 -15.31 81.62 -12.04
CA VAL B 83 -14.00 81.81 -12.65
C VAL B 83 -14.07 82.93 -13.67
N LYS B 84 -13.30 83.98 -13.42
CA LYS B 84 -13.22 85.14 -14.31
C LYS B 84 -11.73 85.37 -14.58
N SER B 85 -11.22 84.68 -15.60
CA SER B 85 -9.85 84.77 -16.10
C SER B 85 -8.80 84.28 -15.12
N ASP B 86 -9.15 84.00 -13.86
CA ASP B 86 -8.22 83.40 -12.90
C ASP B 86 -8.41 81.90 -12.96
N LYS B 87 -7.82 81.29 -13.97
CA LYS B 87 -8.14 79.93 -14.36
C LYS B 87 -7.17 78.90 -13.81
N ILE B 88 -6.34 79.29 -12.84
CA ILE B 88 -5.45 78.35 -12.16
C ILE B 88 -5.73 78.43 -10.67
N VAL B 89 -6.05 77.29 -10.07
CA VAL B 89 -5.92 77.12 -8.63
C VAL B 89 -4.49 76.73 -8.35
N ALA B 90 -3.82 77.46 -7.48
CA ALA B 90 -2.41 77.22 -7.21
C ALA B 90 -2.18 77.18 -5.71
N ALA B 91 -1.13 76.48 -5.31
CA ALA B 91 -0.77 76.38 -3.91
C ALA B 91 0.72 76.62 -3.76
N GLU B 92 1.10 77.41 -2.77
CA GLU B 92 2.51 77.71 -2.52
C GLU B 92 2.85 77.37 -1.08
N VAL B 93 4.03 76.79 -0.88
CA VAL B 93 4.56 76.50 0.44
C VAL B 93 5.84 77.33 0.58
N LYS B 94 5.82 78.33 1.45
CA LYS B 94 6.97 79.22 1.57
C LYS B 94 7.98 78.69 2.59
N ASP B 95 7.48 78.12 3.68
CA ASP B 95 8.34 77.51 4.69
C ASP B 95 8.05 76.02 4.73
N ALA B 96 9.10 75.21 4.57
CA ALA B 96 9.01 73.77 4.79
C ALA B 96 10.40 73.19 4.65
N LEU B 97 10.72 72.27 5.55
CA LEU B 97 11.92 71.45 5.48
C LEU B 97 11.47 70.00 5.30
N ALA B 98 12.39 69.07 5.53
CA ALA B 98 12.08 67.66 5.36
C ALA B 98 10.92 67.24 6.27
N GLU B 99 10.43 66.02 6.08
CA GLU B 99 9.16 65.58 6.64
C GLU B 99 8.98 65.93 8.12
N GLY B 100 9.88 65.45 8.98
CA GLY B 100 9.78 65.80 10.38
C GLY B 100 8.89 64.87 11.18
N SER B 101 9.44 64.31 12.26
CA SER B 101 8.76 63.49 13.27
C SER B 101 8.24 62.18 12.71
N ASP B 102 8.41 61.92 11.43
CA ASP B 102 7.85 60.73 10.79
C ASP B 102 8.87 59.90 10.02
N GLY B 103 9.78 60.53 9.27
CA GLY B 103 10.66 59.83 8.37
C GLY B 103 10.06 59.56 7.01
N ARG B 104 8.76 59.80 6.85
CA ARG B 104 8.00 59.57 5.64
C ARG B 104 7.50 60.91 5.13
N PRO B 105 7.62 61.15 3.83
CA PRO B 105 7.38 62.49 3.28
C PRO B 105 5.93 62.93 3.42
N VAL B 106 5.77 64.24 3.60
CA VAL B 106 4.48 64.84 3.89
C VAL B 106 3.78 65.21 2.60
N LYS B 107 2.51 64.83 2.49
CA LYS B 107 1.72 65.02 1.30
C LYS B 107 0.69 66.12 1.53
N CYS B 108 0.28 66.77 0.46
CA CYS B 108 -0.85 67.67 0.48
C CYS B 108 -1.75 67.34 -0.69
N VAL B 109 -3.05 67.22 -0.42
CA VAL B 109 -4.05 66.84 -1.40
C VAL B 109 -5.06 67.98 -1.52
N LEU B 110 -5.31 68.42 -2.73
CA LEU B 110 -6.30 69.46 -2.97
C LEU B 110 -7.40 68.90 -3.87
N ARG B 111 -8.64 69.06 -3.42
CA ARG B 111 -9.81 68.64 -4.18
C ARG B 111 -10.66 69.86 -4.49
N ALA B 112 -11.01 70.02 -5.76
CA ALA B 112 -11.77 71.15 -6.26
C ALA B 112 -13.03 70.61 -6.93
N LEU B 113 -14.17 70.90 -6.35
CA LEU B 113 -15.47 70.57 -6.93
C LEU B 113 -16.04 71.82 -7.57
N TYR B 114 -16.26 71.76 -8.88
CA TYR B 114 -16.71 72.94 -9.62
C TYR B 114 -17.73 72.53 -10.68
N PHE B 115 -18.65 73.44 -10.97
CA PHE B 115 -19.68 73.21 -11.96
C PHE B 115 -19.32 73.93 -13.25
N LEU B 116 -19.58 73.26 -14.37
CA LEU B 116 -19.20 73.79 -15.66
C LEU B 116 -20.09 74.96 -16.03
N PRO B 117 -19.60 75.87 -16.89
CA PRO B 117 -20.39 77.07 -17.20
C PRO B 117 -21.69 76.78 -17.93
N SER B 118 -21.84 75.59 -18.52
CA SER B 118 -23.05 75.28 -19.27
C SER B 118 -24.28 75.32 -18.37
N VAL B 119 -25.40 75.75 -18.95
CA VAL B 119 -26.67 75.82 -18.23
C VAL B 119 -27.74 75.13 -19.06
N ILE B 120 -28.77 74.63 -18.38
CA ILE B 120 -29.95 74.09 -19.02
C ILE B 120 -31.16 74.67 -18.32
N GLU B 121 -32.30 74.65 -19.00
CA GLU B 121 -33.53 75.23 -18.50
C GLU B 121 -34.44 74.14 -17.94
N VAL B 122 -34.92 74.35 -16.72
CA VAL B 122 -35.78 73.40 -16.03
C VAL B 122 -36.89 74.15 -15.32
N GLU B 123 -38.10 73.58 -15.37
CA GLU B 123 -39.21 74.11 -14.59
C GLU B 123 -39.80 72.99 -13.74
N TYR B 124 -40.16 73.33 -12.52
CA TYR B 124 -40.58 72.38 -11.50
C TYR B 124 -42.04 72.58 -11.10
N MET C 1 -3.11 73.94 -20.29
CA MET C 1 -3.92 73.53 -19.15
C MET C 1 -4.69 72.27 -19.48
N LYS C 2 -4.29 71.15 -18.88
CA LYS C 2 -4.94 69.88 -19.14
C LYS C 2 -4.82 69.00 -17.90
N GLN C 3 -5.87 68.22 -17.63
CA GLN C 3 -5.96 67.50 -16.38
C GLN C 3 -6.91 66.32 -16.54
N LYS C 4 -6.98 65.49 -15.49
CA LYS C 4 -7.99 64.46 -15.37
C LYS C 4 -8.84 64.72 -14.14
N VAL C 5 -10.15 64.60 -14.32
CA VAL C 5 -11.12 64.95 -13.30
C VAL C 5 -12.12 63.83 -13.15
N HIS C 6 -12.75 63.77 -11.98
CA HIS C 6 -13.85 62.84 -11.73
C HIS C 6 -15.14 63.48 -12.20
N SER C 7 -15.83 62.82 -13.13
CA SER C 7 -17.02 63.36 -13.75
C SER C 7 -18.32 62.73 -13.26
N VAL C 8 -18.25 61.77 -12.35
CA VAL C 8 -19.42 61.04 -11.89
C VAL C 8 -19.52 61.19 -10.39
N SER C 9 -20.70 61.60 -9.91
CA SER C 9 -20.90 61.89 -8.50
C SER C 9 -22.23 61.32 -8.06
N TYR C 10 -22.25 60.74 -6.86
CA TYR C 10 -23.45 60.17 -6.28
C TYR C 10 -23.69 60.74 -4.90
N LEU C 11 -24.95 60.73 -4.49
CA LEU C 11 -25.35 61.08 -3.14
C LEU C 11 -26.13 59.92 -2.55
N ALA C 12 -25.73 59.47 -1.38
CA ALA C 12 -26.42 58.39 -0.68
C ALA C 12 -27.02 58.96 0.60
N LYS C 13 -28.30 58.71 0.80
CA LYS C 13 -29.04 59.18 1.98
C LYS C 13 -29.60 57.97 2.71
N ALA C 14 -29.36 57.90 4.01
CA ALA C 14 -29.79 56.77 4.81
C ALA C 14 -30.26 57.23 6.18
N GLU C 15 -31.36 56.64 6.64
CA GLU C 15 -31.92 56.99 7.94
C GLU C 15 -31.76 55.82 8.90
N PHE C 16 -31.50 56.15 10.17
CA PHE C 16 -31.60 55.22 11.28
C PHE C 16 -32.31 55.92 12.44
N GLU C 17 -32.73 55.17 13.46
CA GLU C 17 -33.72 55.67 14.40
C GLU C 17 -33.12 56.02 15.75
N TYR C 18 -31.81 56.29 15.79
CA TYR C 18 -31.18 56.90 16.94
C TYR C 18 -31.44 56.16 18.25
N LYS C 19 -31.02 54.91 18.32
CA LYS C 19 -30.87 54.22 19.59
C LYS C 19 -29.74 53.21 19.49
N ASN C 20 -29.21 52.81 20.64
CA ASN C 20 -27.91 52.15 20.73
C ASN C 20 -27.76 51.06 19.69
N GLY C 21 -26.63 51.04 19.03
CA GLY C 21 -26.35 50.06 18.00
C GLY C 21 -25.37 50.59 16.99
N VAL C 22 -25.12 49.76 15.98
CA VAL C 22 -24.22 50.07 14.88
C VAL C 22 -25.00 49.88 13.58
N TYR C 23 -24.88 50.85 12.68
CA TYR C 23 -25.60 50.85 11.42
C TYR C 23 -24.61 51.09 10.29
N ASP C 24 -24.78 50.35 9.19
CA ASP C 24 -23.94 50.49 8.00
C ASP C 24 -24.70 51.33 7.00
N LEU C 25 -24.37 52.62 6.95
CA LEU C 25 -25.18 53.62 6.25
C LEU C 25 -24.88 53.64 4.76
N VAL C 26 -23.64 53.89 4.38
CA VAL C 26 -23.27 54.13 2.99
C VAL C 26 -22.16 53.18 2.58
N ALA C 27 -22.29 52.61 1.39
CA ALA C 27 -21.26 51.77 0.80
C ALA C 27 -20.53 52.56 -0.26
N LEU C 28 -19.19 52.48 -0.25
CA LEU C 28 -18.36 53.25 -1.16
C LEU C 28 -17.43 52.32 -1.93
N PRO C 29 -17.14 52.62 -3.18
CA PRO C 29 -16.21 51.80 -3.95
C PRO C 29 -14.77 52.19 -3.63
N THR C 30 -13.84 51.31 -3.99
CA THR C 30 -12.43 51.64 -3.83
C THR C 30 -12.07 52.75 -4.81
N GLY C 31 -11.38 53.76 -4.32
CA GLY C 31 -11.06 54.91 -5.12
C GLY C 31 -12.15 55.97 -5.16
N ALA C 32 -13.22 55.80 -4.41
CA ALA C 32 -14.25 56.82 -4.35
C ALA C 32 -13.71 58.08 -3.72
N GLU C 33 -14.23 59.22 -4.16
CA GLU C 33 -13.75 60.52 -3.71
C GLU C 33 -14.83 61.11 -2.81
N VAL C 34 -14.77 60.75 -1.53
CA VAL C 34 -15.77 61.22 -0.59
C VAL C 34 -15.50 62.69 -0.29
N ILE C 35 -16.42 63.56 -0.69
CA ILE C 35 -16.23 64.99 -0.53
C ILE C 35 -17.22 65.63 0.42
N LYS C 36 -18.27 64.94 0.85
CA LYS C 36 -19.12 65.51 1.89
C LYS C 36 -19.81 64.40 2.66
N ILE C 37 -19.73 64.46 3.99
CA ILE C 37 -20.49 63.59 4.88
C ILE C 37 -21.23 64.49 5.84
N SER C 38 -22.55 64.38 5.88
CA SER C 38 -23.35 65.22 6.75
C SER C 38 -24.31 64.35 7.55
N LEU C 39 -24.41 64.64 8.85
CA LEU C 39 -25.30 63.93 9.75
C LEU C 39 -26.27 64.90 10.40
N GLU C 40 -27.53 64.49 10.48
CA GLU C 40 -28.61 65.34 10.95
C GLU C 40 -29.47 64.56 11.93
N VAL C 41 -29.94 65.23 12.97
CA VAL C 41 -30.80 64.61 13.98
C VAL C 41 -32.17 65.27 13.87
N VAL C 42 -33.17 64.48 13.48
CA VAL C 42 -34.54 64.96 13.34
C VAL C 42 -35.28 64.57 14.62
N GLY C 43 -35.56 65.55 15.46
CA GLY C 43 -36.23 65.31 16.72
C GLY C 43 -35.49 65.97 17.86
N LEU C 44 -35.93 65.66 19.08
CA LEU C 44 -35.34 66.25 20.28
C LEU C 44 -34.79 65.12 21.15
N PRO C 45 -33.54 64.72 20.95
CA PRO C 45 -32.91 63.76 21.84
C PRO C 45 -32.73 64.35 23.24
N THR C 46 -32.66 63.45 24.22
CA THR C 46 -32.40 63.83 25.60
C THR C 46 -31.04 63.40 26.11
N ALA C 47 -30.49 62.30 25.60
CA ALA C 47 -29.18 61.85 26.06
C ALA C 47 -28.57 60.94 25.00
N GLY C 48 -27.29 61.13 24.73
CA GLY C 48 -26.59 60.24 23.85
C GLY C 48 -25.66 60.88 22.84
N HIS C 49 -24.82 60.06 22.22
CA HIS C 49 -23.87 60.49 21.21
C HIS C 49 -24.06 59.66 19.95
N VAL C 50 -23.79 60.26 18.80
CA VAL C 50 -23.72 59.54 17.54
C VAL C 50 -22.32 59.70 16.98
N SER C 51 -21.66 58.60 16.68
CA SER C 51 -20.32 58.64 16.10
C SER C 51 -20.38 58.00 14.72
N VAL C 52 -20.08 58.77 13.69
CA VAL C 52 -19.96 58.24 12.35
C VAL C 52 -18.48 58.08 12.03
N GLY C 53 -18.16 57.04 11.26
CA GLY C 53 -16.80 56.71 10.92
C GLY C 53 -16.78 55.71 9.79
N PHE C 54 -15.60 55.11 9.60
CA PHE C 54 -15.37 54.17 8.52
C PHE C 54 -15.08 52.79 9.07
N LYS C 55 -15.56 51.76 8.38
CA LYS C 55 -15.23 50.40 8.76
C LYS C 55 -15.24 49.50 7.52
N ASP C 56 -14.62 48.34 7.67
CA ASP C 56 -14.52 47.36 6.60
C ASP C 56 -15.86 46.72 6.31
N GLU C 57 -15.95 46.09 5.13
CA GLU C 57 -17.14 45.33 4.79
C GLU C 57 -17.36 44.20 5.77
N SER C 58 -16.29 43.57 6.24
CA SER C 58 -16.39 42.46 7.16
C SER C 58 -15.77 42.74 8.51
N LYS C 59 -14.48 43.07 8.56
CA LYS C 59 -13.76 43.01 9.82
C LYS C 59 -13.96 44.30 10.61
N LYS C 60 -13.56 44.25 11.88
CA LYS C 60 -14.01 45.21 12.88
C LYS C 60 -13.19 46.50 12.86
N ASN C 61 -13.06 47.13 11.70
CA ASN C 61 -12.18 48.29 11.56
C ASN C 61 -12.93 49.59 11.71
N TYR C 62 -13.67 49.74 12.80
CA TYR C 62 -14.45 50.95 12.99
C TYR C 62 -13.60 52.02 13.66
N SER C 63 -13.74 53.26 13.17
CA SER C 63 -13.00 54.40 13.72
C SER C 63 -13.83 55.64 13.48
N SER C 64 -14.28 56.28 14.55
CA SER C 64 -15.15 57.45 14.43
C SER C 64 -14.42 58.61 13.77
N ILE C 65 -15.14 59.30 12.88
CA ILE C 65 -14.62 60.52 12.27
C ILE C 65 -15.43 61.75 12.64
N LEU C 66 -16.68 61.59 13.09
CA LEU C 66 -17.48 62.74 13.51
C LEU C 66 -18.35 62.31 14.68
N THR C 67 -18.22 63.02 15.80
CA THR C 67 -19.02 62.76 16.99
C THR C 67 -20.01 63.90 17.21
N LEU C 68 -21.25 63.52 17.50
CA LEU C 68 -22.35 64.46 17.71
C LEU C 68 -22.98 64.22 19.06
N PRO C 69 -22.82 65.14 20.02
CA PRO C 69 -23.61 65.09 21.26
C PRO C 69 -25.05 65.48 21.01
N VAL C 70 -25.83 65.61 22.07
CA VAL C 70 -27.26 65.84 21.93
C VAL C 70 -27.54 67.24 21.39
N ASN C 71 -26.77 68.23 21.83
CA ASN C 71 -27.21 69.61 21.72
C ASN C 71 -27.24 70.11 20.28
N GLU C 72 -26.17 69.91 19.50
CA GLU C 72 -26.10 70.65 18.25
C GLU C 72 -26.97 70.05 17.16
N THR C 73 -27.24 68.75 17.20
CA THR C 73 -28.20 68.07 16.33
C THR C 73 -27.82 68.10 14.85
N SER C 74 -26.63 68.57 14.50
CA SER C 74 -26.21 68.53 13.11
C SER C 74 -24.70 68.64 13.04
N GLY C 75 -24.12 67.98 12.05
CA GLY C 75 -22.68 68.02 11.90
C GLY C 75 -22.25 67.64 10.50
N VAL C 76 -21.03 68.03 10.17
CA VAL C 76 -20.42 67.73 8.88
C VAL C 76 -18.95 67.40 9.12
N VAL C 77 -18.44 66.38 8.45
CA VAL C 77 -17.04 66.02 8.61
C VAL C 77 -16.18 67.13 8.05
N THR C 78 -15.08 67.43 8.74
CA THR C 78 -14.20 68.53 8.38
C THR C 78 -13.10 68.14 7.41
N LYS C 79 -13.15 66.92 6.89
CA LYS C 79 -12.02 66.32 6.21
C LYS C 79 -12.53 65.60 4.97
N ASP C 80 -11.67 65.45 3.98
CA ASP C 80 -12.03 64.76 2.75
C ASP C 80 -11.23 63.47 2.62
N TYR C 81 -11.85 62.51 1.96
CA TYR C 81 -11.45 61.11 2.07
C TYR C 81 -11.43 60.45 0.72
N THR C 82 -10.37 59.68 0.47
CA THR C 82 -10.31 58.76 -0.65
C THR C 82 -10.45 57.36 -0.10
N VAL C 83 -11.40 56.60 -0.64
CA VAL C 83 -11.73 55.31 -0.07
C VAL C 83 -10.61 54.32 -0.37
N LYS C 84 -9.98 53.82 0.70
CA LYS C 84 -8.90 52.84 0.60
C LYS C 84 -9.28 51.69 1.51
N SER C 85 -10.04 50.75 0.97
CA SER C 85 -10.49 49.52 1.62
C SER C 85 -11.45 49.73 2.78
N ASP C 86 -11.65 50.97 3.24
CA ASP C 86 -12.63 51.27 4.29
C ASP C 86 -13.92 51.66 3.57
N LYS C 87 -14.65 50.66 3.12
CA LYS C 87 -15.72 50.85 2.15
C LYS C 87 -17.10 50.90 2.80
N ILE C 88 -17.16 51.06 4.12
CA ILE C 88 -18.42 51.25 4.83
C ILE C 88 -18.34 52.54 5.62
N VAL C 89 -19.29 53.44 5.37
CA VAL C 89 -19.58 54.50 6.31
C VAL C 89 -20.56 53.93 7.32
N ALA C 90 -20.23 54.04 8.60
CA ALA C 90 -21.05 53.45 9.65
C ALA C 90 -21.29 54.47 10.74
N ALA C 91 -22.38 54.29 11.48
CA ALA C 91 -22.72 55.17 12.58
C ALA C 91 -23.13 54.33 13.78
N GLU C 92 -22.64 54.68 14.95
CA GLU C 92 -22.97 53.97 16.17
C GLU C 92 -23.51 54.94 17.20
N VAL C 93 -24.53 54.50 17.92
CA VAL C 93 -25.10 55.24 19.03
C VAL C 93 -24.91 54.41 20.28
N LYS C 94 -24.05 54.88 21.19
CA LYS C 94 -23.72 54.08 22.36
C LYS C 94 -24.68 54.37 23.50
N ASP C 95 -25.09 55.63 23.66
CA ASP C 95 -26.06 56.02 24.67
C ASP C 95 -27.30 56.54 23.97
N ALA C 96 -28.45 55.95 24.28
CA ALA C 96 -29.73 56.48 23.85
C ALA C 96 -30.83 55.66 24.50
N LEU C 97 -31.86 56.35 24.96
CA LEU C 97 -33.09 55.75 25.44
C LEU C 97 -34.21 56.19 24.51
N ALA C 98 -35.45 56.01 24.95
CA ALA C 98 -36.59 56.37 24.11
C ALA C 98 -36.56 57.86 23.76
N GLU C 99 -37.45 58.28 22.87
CA GLU C 99 -37.37 59.57 22.20
C GLU C 99 -37.08 60.74 23.15
N GLY C 100 -37.95 60.95 24.13
CA GLY C 100 -37.69 62.01 25.08
C GLY C 100 -38.22 63.37 24.66
N SER C 101 -39.04 63.98 25.52
CA SER C 101 -39.57 65.34 25.40
C SER C 101 -40.51 65.51 24.22
N ASP C 102 -40.74 64.47 23.42
CA ASP C 102 -41.53 64.58 22.21
C ASP C 102 -42.65 63.55 22.12
N GLY C 103 -42.40 62.30 22.48
CA GLY C 103 -43.34 61.22 22.25
C GLY C 103 -43.24 60.60 20.88
N ARG C 104 -42.48 61.20 19.99
CA ARG C 104 -42.28 60.79 18.62
C ARG C 104 -40.82 60.41 18.42
N PRO C 105 -40.56 59.29 17.76
CA PRO C 105 -39.21 58.73 17.73
C PRO C 105 -38.22 59.61 16.99
N VAL C 106 -36.97 59.57 17.47
CA VAL C 106 -35.92 60.45 16.99
C VAL C 106 -35.20 59.80 15.82
N LYS C 107 -35.02 60.56 14.76
CA LYS C 107 -34.44 60.09 13.52
C LYS C 107 -33.04 60.65 13.37
N CYS C 108 -32.20 59.94 12.63
CA CYS C 108 -30.91 60.46 12.19
C CYS C 108 -30.75 60.17 10.71
N VAL C 109 -30.35 61.18 9.96
CA VAL C 109 -30.22 61.12 8.51
C VAL C 109 -28.76 61.40 8.16
N LEU C 110 -28.17 60.52 7.37
CA LEU C 110 -26.79 60.70 6.91
C LEU C 110 -26.79 60.81 5.41
N ARG C 111 -26.16 61.86 4.90
CA ARG C 111 -26.01 62.09 3.46
C ARG C 111 -24.53 62.09 3.12
N ALA C 112 -24.16 61.31 2.12
CA ALA C 112 -22.78 61.14 1.69
C ALA C 112 -22.70 61.49 0.22
N LEU C 113 -22.01 62.57 -0.09
CA LEU C 113 -21.74 62.98 -1.46
C LEU C 113 -20.32 62.56 -1.81
N TYR C 114 -20.19 61.71 -2.81
CA TYR C 114 -18.88 61.16 -3.18
C TYR C 114 -18.76 61.05 -4.69
N PHE C 115 -17.54 61.20 -5.17
CA PHE C 115 -17.26 61.10 -6.59
C PHE C 115 -16.66 59.74 -6.92
N LEU C 116 -17.08 59.19 -8.04
CA LEU C 116 -16.66 57.85 -8.41
C LEU C 116 -15.20 57.85 -8.84
N PRO C 117 -14.51 56.72 -8.72
CA PRO C 117 -13.08 56.69 -9.04
C PRO C 117 -12.76 56.98 -10.49
N SER C 118 -13.73 56.87 -11.39
CA SER C 118 -13.46 57.09 -12.80
C SER C 118 -12.99 58.51 -13.06
N VAL C 119 -12.10 58.67 -14.03
CA VAL C 119 -11.57 59.96 -14.42
C VAL C 119 -11.69 60.12 -15.93
N ILE C 120 -11.76 61.37 -16.37
CA ILE C 120 -11.72 61.71 -17.78
C ILE C 120 -10.74 62.87 -17.96
N GLU C 121 -10.25 63.02 -19.17
CA GLU C 121 -9.26 64.04 -19.47
C GLU C 121 -9.91 65.25 -20.12
N VAL C 122 -9.61 66.43 -19.60
CA VAL C 122 -10.17 67.68 -20.10
C VAL C 122 -9.08 68.74 -20.14
N GLU C 123 -9.08 69.55 -21.19
CA GLU C 123 -8.21 70.71 -21.27
C GLU C 123 -9.05 71.95 -21.52
N TYR C 124 -8.68 73.04 -20.87
CA TYR C 124 -9.43 74.27 -20.85
C TYR C 124 -8.68 75.41 -21.52
N MET D 1 -42.65 24.57 14.51
CA MET D 1 -42.27 23.60 15.53
C MET D 1 -41.98 22.25 14.91
N LYS D 2 -40.70 21.88 14.89
CA LYS D 2 -40.29 20.62 14.29
C LYS D 2 -39.03 20.13 14.99
N GLN D 3 -38.94 18.81 15.16
CA GLN D 3 -37.88 18.24 15.99
C GLN D 3 -37.65 16.80 15.60
N LYS D 4 -36.62 16.19 16.18
CA LYS D 4 -36.39 14.76 16.12
C LYS D 4 -36.45 14.16 17.51
N VAL D 5 -37.17 13.05 17.63
CA VAL D 5 -37.45 12.42 18.90
C VAL D 5 -37.14 10.93 18.81
N HIS D 6 -36.90 10.33 19.97
CA HIS D 6 -36.73 8.89 20.08
C HIS D 6 -38.09 8.26 20.24
N SER D 7 -38.45 7.37 19.32
CA SER D 7 -39.76 6.76 19.30
C SER D 7 -39.79 5.31 19.78
N VAL D 8 -38.65 4.75 20.17
CA VAL D 8 -38.57 3.34 20.55
C VAL D 8 -38.02 3.28 21.97
N SER D 9 -38.71 2.54 22.83
CA SER D 9 -38.36 2.48 24.23
C SER D 9 -38.47 1.05 24.72
N TYR D 10 -37.51 0.63 25.55
CA TYR D 10 -37.49 -0.70 26.11
C TYR D 10 -37.35 -0.63 27.62
N LEU D 11 -37.84 -1.67 28.28
CA LEU D 11 -37.66 -1.86 29.71
C LEU D 11 -37.00 -3.21 29.93
N ALA D 12 -35.90 -3.22 30.67
CA ALA D 12 -35.19 -4.44 31.02
C ALA D 12 -35.31 -4.66 32.52
N LYS D 13 -35.74 -5.86 32.91
CA LYS D 13 -35.90 -6.22 34.31
C LYS D 13 -35.02 -7.42 34.59
N ALA D 14 -34.22 -7.35 35.65
CA ALA D 14 -33.30 -8.41 35.99
C ALA D 14 -33.21 -8.60 37.49
N GLU D 15 -33.18 -9.86 37.94
CA GLU D 15 -33.11 -10.17 39.35
C GLU D 15 -31.75 -10.78 39.68
N PHE D 16 -31.25 -10.44 40.86
CA PHE D 16 -30.13 -11.14 41.49
C PHE D 16 -30.44 -11.35 42.96
N GLU D 17 -29.66 -12.19 43.65
CA GLU D 17 -30.10 -12.74 44.93
C GLU D 17 -29.37 -12.12 46.11
N TYR D 18 -28.83 -10.92 45.93
CA TYR D 18 -28.36 -10.11 47.04
C TYR D 18 -27.37 -10.83 47.95
N LYS D 19 -26.24 -11.24 47.39
CA LYS D 19 -25.07 -11.58 48.18
C LYS D 19 -23.82 -11.27 47.40
N ASN D 20 -22.71 -11.14 48.12
CA ASN D 20 -21.50 -10.50 47.61
C ASN D 20 -21.16 -10.98 46.20
N GLY D 21 -20.85 -10.04 45.34
CA GLY D 21 -20.50 -10.34 43.97
C GLY D 21 -20.83 -9.19 43.06
N VAL D 22 -20.59 -9.41 41.77
CA VAL D 22 -20.84 -8.45 40.72
C VAL D 22 -21.75 -9.12 39.69
N TYR D 23 -22.78 -8.40 39.26
CA TYR D 23 -23.77 -8.91 38.33
C TYR D 23 -23.94 -7.91 37.20
N ASP D 24 -24.04 -8.42 35.98
CA ASP D 24 -24.25 -7.61 34.79
C ASP D 24 -25.73 -7.66 34.44
N LEU D 25 -26.47 -6.63 34.84
CA LEU D 25 -27.92 -6.65 34.84
C LEU D 25 -28.49 -6.32 33.46
N VAL D 26 -28.16 -5.16 32.92
CA VAL D 26 -28.80 -4.63 31.72
C VAL D 26 -27.73 -4.29 30.70
N ALA D 27 -27.97 -4.66 29.45
CA ALA D 27 -27.12 -4.31 28.33
C ALA D 27 -27.77 -3.18 27.54
N LEU D 28 -26.98 -2.16 27.20
CA LEU D 28 -27.50 -1.00 26.51
C LEU D 28 -26.72 -0.76 25.23
N PRO D 29 -27.37 -0.27 24.18
CA PRO D 29 -26.65 0.04 22.94
C PRO D 29 -25.99 1.41 23.03
N THR D 30 -25.05 1.65 22.13
CA THR D 30 -24.44 2.96 22.05
C THR D 30 -25.48 3.96 21.56
N GLY D 31 -25.56 5.10 22.25
CA GLY D 31 -26.58 6.08 21.93
C GLY D 31 -27.92 5.83 22.59
N ALA D 32 -28.02 4.82 23.46
CA ALA D 32 -29.26 4.60 24.17
C ALA D 32 -29.54 5.75 25.11
N GLU D 33 -30.82 6.04 25.32
CA GLU D 33 -31.25 7.16 26.13
C GLU D 33 -31.82 6.59 27.43
N VAL D 34 -30.93 6.36 28.38
CA VAL D 34 -31.34 5.79 29.66
C VAL D 34 -32.07 6.87 30.46
N ILE D 35 -33.35 6.65 30.70
CA ILE D 35 -34.17 7.64 31.38
C ILE D 35 -34.70 7.17 32.72
N LYS D 36 -34.58 5.90 33.06
CA LYS D 36 -34.94 5.50 34.42
C LYS D 36 -34.18 4.24 34.82
N ILE D 37 -33.54 4.27 35.98
CA ILE D 37 -32.93 3.09 36.59
C ILE D 37 -33.50 2.98 37.99
N SER D 38 -34.13 1.85 38.30
CA SER D 38 -34.73 1.66 39.61
C SER D 38 -34.27 0.34 40.19
N LEU D 39 -33.91 0.35 41.47
CA LEU D 39 -33.47 -0.83 42.18
C LEU D 39 -34.35 -1.07 43.39
N GLU D 40 -34.71 -2.33 43.60
CA GLU D 40 -35.66 -2.71 44.62
C GLU D 40 -35.13 -3.93 45.37
N VAL D 41 -35.34 -3.96 46.68
CA VAL D 41 -34.91 -5.07 47.52
C VAL D 41 -36.15 -5.78 48.03
N VAL D 42 -36.34 -7.03 47.61
CA VAL D 42 -37.48 -7.84 48.02
C VAL D 42 -37.00 -8.74 49.16
N GLY D 43 -37.43 -8.43 50.37
CA GLY D 43 -37.03 -9.17 51.54
C GLY D 43 -36.54 -8.25 52.63
N LEU D 44 -35.99 -8.85 53.68
CA LEU D 44 -35.51 -8.09 54.84
C LEU D 44 -34.02 -8.36 55.01
N PRO D 45 -33.16 -7.59 54.35
CA PRO D 45 -31.72 -7.70 54.59
C PRO D 45 -31.36 -7.28 56.00
N THR D 46 -30.23 -7.81 56.48
CA THR D 46 -29.70 -7.45 57.79
C THR D 46 -28.43 -6.64 57.73
N ALA D 47 -27.61 -6.82 56.70
CA ALA D 47 -26.37 -6.06 56.58
C ALA D 47 -25.92 -6.05 55.14
N GLY D 48 -25.47 -4.89 54.67
CA GLY D 48 -24.90 -4.82 53.35
C GLY D 48 -25.32 -3.63 52.51
N HIS D 49 -24.59 -3.41 51.42
CA HIS D 49 -24.86 -2.34 50.47
C HIS D 49 -24.98 -2.92 49.08
N VAL D 50 -25.80 -2.28 48.25
CA VAL D 50 -25.86 -2.59 46.83
C VAL D 50 -25.48 -1.33 46.06
N SER D 51 -24.50 -1.44 45.18
CA SER D 51 -24.09 -0.30 44.37
C SER D 51 -24.33 -0.66 42.90
N VAL D 52 -25.19 0.10 42.25
CA VAL D 52 -25.39 -0.04 40.81
C VAL D 52 -24.63 1.06 40.10
N GLY D 53 -24.11 0.74 38.93
CA GLY D 53 -23.31 1.67 38.16
C GLY D 53 -23.12 1.15 36.75
N PHE D 54 -22.18 1.76 36.05
CA PHE D 54 -21.91 1.43 34.66
C PHE D 54 -20.53 0.83 34.50
N LYS D 55 -20.41 -0.13 33.58
CA LYS D 55 -19.11 -0.70 33.28
C LYS D 55 -19.09 -1.17 31.83
N ASP D 56 -17.87 -1.37 31.33
CA ASP D 56 -17.65 -1.80 29.96
C ASP D 56 -18.08 -3.26 29.77
N GLU D 57 -18.25 -3.63 28.50
CA GLU D 57 -18.52 -5.03 28.18
C GLU D 57 -17.39 -5.93 28.64
N SER D 58 -16.15 -5.45 28.51
CA SER D 58 -15.00 -6.25 28.89
C SER D 58 -14.22 -5.65 30.04
N LYS D 59 -13.72 -4.42 29.89
CA LYS D 59 -12.68 -3.95 30.81
C LYS D 59 -13.32 -3.39 32.08
N LYS D 60 -12.47 -3.17 33.08
CA LYS D 60 -12.89 -3.01 34.47
C LYS D 60 -13.35 -1.59 34.77
N ASN D 61 -14.27 -1.05 33.99
CA ASN D 61 -14.65 0.35 34.11
C ASN D 61 -15.90 0.51 34.98
N TYR D 62 -15.88 -0.05 36.18
CA TYR D 62 -17.05 0.03 37.04
C TYR D 62 -17.01 1.32 37.85
N SER D 63 -18.17 1.96 37.97
CA SER D 63 -18.31 3.19 38.74
C SER D 63 -19.73 3.28 39.24
N SER D 64 -19.91 3.24 40.55
CA SER D 64 -21.24 3.23 41.15
C SER D 64 -21.97 4.54 40.86
N ILE D 65 -23.26 4.43 40.55
CA ILE D 65 -24.11 5.60 40.39
C ILE D 65 -25.23 5.65 41.41
N LEU D 66 -25.59 4.54 42.04
CA LEU D 66 -26.61 4.54 43.08
C LEU D 66 -26.23 3.53 44.15
N THR D 67 -26.11 3.99 45.39
CA THR D 67 -25.81 3.14 46.52
C THR D 67 -27.02 3.00 47.42
N LEU D 68 -27.30 1.76 47.83
CA LEU D 68 -28.45 1.43 48.66
C LEU D 68 -27.98 0.71 49.91
N PRO D 69 -28.07 1.34 51.09
CA PRO D 69 -27.88 0.59 52.34
C PRO D 69 -29.06 -0.32 52.65
N VAL D 70 -29.05 -0.93 53.83
CA VAL D 70 -30.06 -1.94 54.14
C VAL D 70 -31.43 -1.30 54.31
N ASN D 71 -31.48 -0.12 54.92
CA ASN D 71 -32.74 0.35 55.49
C ASN D 71 -33.79 0.71 54.45
N GLU D 72 -33.44 1.49 53.42
CA GLU D 72 -34.51 2.05 52.60
C GLU D 72 -35.09 1.05 51.62
N THR D 73 -34.31 0.07 51.18
CA THR D 73 -34.77 -1.07 50.37
C THR D 73 -35.30 -0.67 49.00
N SER D 74 -35.14 0.59 48.59
CA SER D 74 -35.55 0.98 47.24
C SER D 74 -34.84 2.27 46.86
N GLY D 75 -34.53 2.39 45.58
CA GLY D 75 -33.85 3.59 45.11
C GLY D 75 -34.02 3.78 43.62
N VAL D 76 -33.79 5.01 43.20
CA VAL D 76 -33.87 5.39 41.79
C VAL D 76 -32.73 6.36 41.52
N VAL D 77 -32.07 6.20 40.37
CA VAL D 77 -30.97 7.11 40.03
C VAL D 77 -31.54 8.49 39.77
N THR D 78 -30.83 9.52 40.24
CA THR D 78 -31.28 10.90 40.16
C THR D 78 -30.87 11.59 38.88
N LYS D 79 -30.31 10.86 37.93
CA LYS D 79 -29.60 11.46 36.81
C LYS D 79 -29.98 10.68 35.56
N ASP D 80 -29.86 11.33 34.41
CA ASP D 80 -30.17 10.72 33.14
C ASP D 80 -28.92 10.58 32.30
N TYR D 81 -28.89 9.55 31.47
CA TYR D 81 -27.65 9.05 30.90
C TYR D 81 -27.83 8.74 29.42
N THR D 82 -26.85 9.16 28.65
CA THR D 82 -26.71 8.72 27.27
C THR D 82 -25.55 7.74 27.20
N VAL D 83 -25.80 6.56 26.65
CA VAL D 83 -24.80 5.49 26.69
C VAL D 83 -23.66 5.84 25.76
N LYS D 84 -22.46 5.98 26.33
CA LYS D 84 -21.24 6.29 25.57
C LYS D 84 -20.21 5.24 26.00
N SER D 85 -20.24 4.10 25.32
CA SER D 85 -19.32 2.97 25.49
C SER D 85 -19.44 2.27 26.83
N ASP D 86 -20.18 2.81 27.80
CA ASP D 86 -20.43 2.15 29.08
C ASP D 86 -21.74 1.38 28.93
N LYS D 87 -21.66 0.23 28.29
CA LYS D 87 -22.83 -0.47 27.78
C LYS D 87 -23.31 -1.58 28.72
N ILE D 88 -22.82 -1.61 29.95
CA ILE D 88 -23.29 -2.54 30.96
C ILE D 88 -23.78 -1.76 32.17
N VAL D 89 -25.02 -1.97 32.55
CA VAL D 89 -25.48 -1.63 33.89
C VAL D 89 -25.13 -2.81 34.78
N ALA D 90 -24.41 -2.55 35.87
CA ALA D 90 -23.95 -3.62 36.74
C ALA D 90 -24.27 -3.26 38.18
N ALA D 91 -24.38 -4.29 39.01
CA ALA D 91 -24.65 -4.10 40.43
C ALA D 91 -23.73 -4.99 41.23
N GLU D 92 -23.14 -4.45 42.29
CA GLU D 92 -22.25 -5.20 43.15
C GLU D 92 -22.73 -5.12 44.58
N VAL D 93 -22.64 -6.24 45.29
CA VAL D 93 -22.94 -6.32 46.71
C VAL D 93 -21.65 -6.73 47.42
N LYS D 94 -21.07 -5.80 48.18
CA LYS D 94 -19.79 -6.07 48.82
C LYS D 94 -19.97 -6.74 50.17
N ASP D 95 -20.98 -6.33 50.93
CA ASP D 95 -21.30 -6.93 52.21
C ASP D 95 -22.67 -7.58 52.11
N ALA D 96 -22.74 -8.87 52.43
CA ALA D 96 -24.00 -9.57 52.58
C ALA D 96 -23.72 -10.97 53.09
N LEU D 97 -24.54 -11.42 54.02
CA LEU D 97 -24.56 -12.78 54.50
C LEU D 97 -25.92 -13.37 54.14
N ALA D 98 -26.26 -14.50 54.75
CA ALA D 98 -27.52 -15.16 54.44
C ALA D 98 -28.70 -14.24 54.73
N GLU D 99 -29.90 -14.66 54.34
CA GLU D 99 -31.07 -13.78 54.27
C GLU D 99 -31.27 -12.91 55.51
N GLY D 100 -31.42 -13.54 56.68
CA GLY D 100 -31.56 -12.75 57.88
C GLY D 100 -32.99 -12.36 58.19
N SER D 101 -33.45 -12.70 59.40
CA SER D 101 -34.73 -12.31 59.99
C SER D 101 -35.92 -12.90 59.26
N ASP D 102 -35.71 -13.65 58.18
CA ASP D 102 -36.79 -14.17 57.36
C ASP D 102 -36.73 -15.68 57.13
N GLY D 103 -35.55 -16.23 56.87
CA GLY D 103 -35.42 -17.61 56.45
C GLY D 103 -35.59 -17.83 54.97
N ARG D 104 -36.02 -16.81 54.24
CA ARG D 104 -36.28 -16.82 52.82
C ARG D 104 -35.32 -15.86 52.14
N PRO D 105 -34.71 -16.29 51.04
CA PRO D 105 -33.61 -15.52 50.45
C PRO D 105 -34.04 -14.16 49.92
N VAL D 106 -33.11 -13.21 50.01
CA VAL D 106 -33.37 -11.82 49.71
C VAL D 106 -33.09 -11.57 48.23
N LYS D 107 -34.02 -10.91 47.56
CA LYS D 107 -33.97 -10.66 46.14
C LYS D 107 -33.67 -9.19 45.90
N CYS D 108 -33.07 -8.89 44.75
CA CYS D 108 -32.94 -7.53 44.27
C CYS D 108 -33.36 -7.49 42.81
N VAL D 109 -34.21 -6.53 42.47
CA VAL D 109 -34.77 -6.37 41.14
C VAL D 109 -34.33 -5.03 40.60
N LEU D 110 -33.79 -5.02 39.39
CA LEU D 110 -33.39 -3.79 38.74
C LEU D 110 -34.19 -3.64 37.44
N ARG D 111 -34.81 -2.49 37.29
CA ARG D 111 -35.57 -2.15 36.09
C ARG D 111 -34.93 -0.94 35.42
N ALA D 112 -34.66 -1.06 34.13
CA ALA D 112 -34.00 -0.02 33.34
C ALA D 112 -34.91 0.32 32.18
N LEU D 113 -35.42 1.54 32.18
CA LEU D 113 -36.21 2.07 31.08
C LEU D 113 -35.32 2.99 30.26
N TYR D 114 -35.13 2.65 28.98
CA TYR D 114 -34.23 3.38 28.13
C TYR D 114 -34.79 3.50 26.73
N PHE D 115 -34.47 4.59 26.06
CA PHE D 115 -34.92 4.84 24.70
C PHE D 115 -33.81 4.54 23.72
N LEU D 116 -34.18 3.92 22.61
CA LEU D 116 -33.21 3.48 21.63
C LEU D 116 -32.62 4.70 20.89
N PRO D 117 -31.41 4.56 20.36
CA PRO D 117 -30.76 5.72 19.72
C PRO D 117 -31.48 6.22 18.49
N SER D 118 -32.36 5.43 17.89
CA SER D 118 -33.04 5.85 16.68
C SER D 118 -33.90 7.09 16.93
N VAL D 119 -33.97 7.94 15.91
CA VAL D 119 -34.77 9.17 15.97
C VAL D 119 -35.66 9.24 14.75
N ILE D 120 -36.77 9.94 14.89
CA ILE D 120 -37.67 10.25 13.78
C ILE D 120 -38.02 11.73 13.86
N GLU D 121 -38.43 12.29 12.74
CA GLU D 121 -38.75 13.71 12.65
C GLU D 121 -40.25 13.93 12.73
N VAL D 122 -40.66 14.85 13.61
CA VAL D 122 -42.06 15.17 13.82
C VAL D 122 -42.22 16.68 13.96
N GLU D 123 -43.28 17.20 13.37
CA GLU D 123 -43.65 18.60 13.56
C GLU D 123 -45.08 18.67 14.05
N TYR D 124 -45.32 19.58 14.99
CA TYR D 124 -46.58 19.71 15.70
C TYR D 124 -47.28 21.02 15.40
N MET E 1 -23.56 -9.74 24.50
CA MET E 1 -24.61 -8.97 25.14
C MET E 1 -25.96 -9.27 24.51
N LYS E 2 -26.81 -9.99 25.23
CA LYS E 2 -28.12 -10.34 24.70
C LYS E 2 -29.09 -10.49 25.85
N GLN E 3 -30.34 -10.09 25.63
CA GLN E 3 -31.31 -9.99 26.71
C GLN E 3 -32.71 -10.05 26.14
N LYS E 4 -33.69 -10.10 27.04
CA LYS E 4 -35.10 -9.92 26.70
C LYS E 4 -35.65 -8.70 27.42
N VAL E 5 -36.38 -7.88 26.68
CA VAL E 5 -36.86 -6.60 27.16
C VAL E 5 -38.35 -6.48 26.84
N HIS E 6 -39.02 -5.63 27.60
CA HIS E 6 -40.41 -5.29 27.34
C HIS E 6 -40.44 -4.14 26.34
N SER E 7 -41.09 -4.36 25.20
CA SER E 7 -41.11 -3.40 24.11
C SER E 7 -42.43 -2.66 23.97
N VAL E 8 -43.42 -2.94 24.81
CA VAL E 8 -44.74 -2.34 24.70
C VAL E 8 -45.06 -1.63 26.00
N SER E 9 -45.47 -0.37 25.89
CA SER E 9 -45.70 0.45 27.07
C SER E 9 -46.98 1.25 26.87
N TYR E 10 -47.76 1.37 27.94
CA TYR E 10 -49.00 2.11 27.92
C TYR E 10 -49.03 3.12 29.05
N LEU E 11 -49.80 4.18 28.86
CA LEU E 11 -50.08 5.17 29.89
C LEU E 11 -51.58 5.28 30.05
N ALA E 12 -52.05 5.14 31.28
CA ALA E 12 -53.46 5.26 31.60
C ALA E 12 -53.65 6.49 32.47
N LYS E 13 -54.57 7.37 32.08
CA LYS E 13 -54.89 8.59 32.81
C LYS E 13 -56.35 8.55 33.21
N ALA E 14 -56.62 8.82 34.48
CA ALA E 14 -57.97 8.77 35.00
C ALA E 14 -58.22 9.87 36.02
N GLU E 15 -59.38 10.49 35.95
CA GLU E 15 -59.72 11.57 36.85
C GLU E 15 -60.84 11.13 37.79
N PHE E 16 -60.76 11.59 39.03
CA PHE E 16 -61.87 11.53 39.98
C PHE E 16 -61.97 12.88 40.70
N GLU E 17 -63.06 13.10 41.43
CA GLU E 17 -63.42 14.46 41.82
C GLU E 17 -63.18 14.71 43.31
N TYR E 18 -62.30 13.93 43.93
CA TYR E 18 -61.76 14.25 45.25
C TYR E 18 -62.84 14.48 46.29
N LYS E 19 -63.67 13.46 46.54
CA LYS E 19 -64.48 13.41 47.75
C LYS E 19 -64.68 11.97 48.15
N ASN E 20 -65.03 11.77 49.43
CA ASN E 20 -64.92 10.47 50.08
C ASN E 20 -65.46 9.34 49.20
N GLY E 21 -64.71 8.26 49.12
CA GLY E 21 -65.09 7.13 48.33
C GLY E 21 -63.88 6.36 47.86
N VAL E 22 -64.17 5.32 47.07
CA VAL E 22 -63.16 4.46 46.48
C VAL E 22 -63.38 4.45 44.98
N TYR E 23 -62.29 4.59 44.22
CA TYR E 23 -62.33 4.65 42.77
C TYR E 23 -61.33 3.66 42.21
N ASP E 24 -61.73 2.97 41.15
CA ASP E 24 -60.87 2.01 40.46
C ASP E 24 -60.31 2.69 39.22
N LEU E 25 -59.09 3.19 39.33
CA LEU E 25 -58.51 4.10 38.35
C LEU E 25 -57.96 3.36 37.14
N VAL E 26 -57.01 2.44 37.36
CA VAL E 26 -56.24 1.82 36.28
C VAL E 26 -56.35 0.31 36.41
N ALA E 27 -56.56 -0.35 35.29
CA ALA E 27 -56.56 -1.80 35.20
C ALA E 27 -55.24 -2.27 34.59
N LEU E 28 -54.62 -3.27 35.19
CA LEU E 28 -53.33 -3.77 34.76
C LEU E 28 -53.40 -5.26 34.49
N PRO E 29 -52.67 -5.75 33.49
CA PRO E 29 -52.65 -7.19 33.22
C PRO E 29 -51.66 -7.89 34.15
N THR E 30 -51.81 -9.21 34.24
CA THR E 30 -50.85 -9.98 35.00
C THR E 30 -49.51 -9.96 34.30
N GLY E 31 -48.45 -9.70 35.06
CA GLY E 31 -47.14 -9.54 34.47
C GLY E 31 -46.84 -8.16 33.95
N ALA E 32 -47.73 -7.19 34.15
CA ALA E 32 -47.45 -5.83 33.74
C ALA E 32 -46.31 -5.26 34.56
N GLU E 33 -45.54 -4.38 33.93
CA GLU E 33 -44.35 -3.81 34.55
C GLU E 33 -44.67 -2.35 34.87
N VAL E 34 -45.26 -2.15 36.03
CA VAL E 34 -45.64 -0.80 36.44
C VAL E 34 -44.38 -0.04 36.83
N ILE E 35 -44.06 1.00 36.07
CA ILE E 35 -42.84 1.76 36.30
C ILE E 35 -43.08 3.20 36.71
N LYS E 36 -44.31 3.71 36.62
CA LYS E 36 -44.56 5.03 37.18
C LYS E 36 -46.02 5.18 37.55
N ILE E 37 -46.28 5.63 38.79
CA ILE E 37 -47.61 6.00 39.23
C ILE E 37 -47.52 7.41 39.77
N SER E 38 -48.30 8.32 39.21
CA SER E 38 -48.27 9.71 39.64
C SER E 38 -49.67 10.19 39.92
N LEU E 39 -49.84 10.90 41.03
CA LEU E 39 -51.11 11.46 41.44
C LEU E 39 -51.00 12.97 41.59
N GLU E 40 -52.01 13.66 41.10
CA GLU E 40 -52.00 15.12 41.05
C GLU E 40 -53.34 15.65 41.53
N VAL E 41 -53.31 16.75 42.26
CA VAL E 41 -54.52 17.39 42.77
C VAL E 41 -54.67 18.72 42.06
N VAL E 42 -55.73 18.86 41.27
CA VAL E 42 -56.03 20.08 40.53
C VAL E 42 -57.06 20.85 41.35
N GLY E 43 -56.63 21.93 41.98
CA GLY E 43 -57.50 22.74 42.79
C GLY E 43 -56.88 22.99 44.15
N LEU E 44 -57.68 23.58 45.05
CA LEU E 44 -57.21 23.92 46.39
C LEU E 44 -58.06 23.18 47.41
N PRO E 45 -57.69 21.97 47.78
CA PRO E 45 -58.37 21.27 48.87
C PRO E 45 -58.16 21.98 50.19
N THR E 46 -59.11 21.76 51.10
CA THR E 46 -59.03 22.30 52.45
C THR E 46 -58.81 21.25 53.51
N ALA E 47 -59.28 20.02 53.31
CA ALA E 47 -59.09 18.97 54.29
C ALA E 47 -59.23 17.61 53.62
N GLY E 48 -58.34 16.69 53.95
CA GLY E 48 -58.47 15.34 53.47
C GLY E 48 -57.20 14.68 52.99
N HIS E 49 -57.27 13.37 52.80
CA HIS E 49 -56.16 12.55 52.32
C HIS E 49 -56.61 11.76 51.11
N VAL E 50 -55.68 11.50 50.21
CA VAL E 50 -55.91 10.56 49.11
C VAL E 50 -54.89 9.44 49.24
N SER E 51 -55.36 8.21 49.26
CA SER E 51 -54.49 7.05 49.33
C SER E 51 -54.67 6.23 48.07
N VAL E 52 -53.62 6.08 47.29
CA VAL E 52 -53.64 5.19 46.14
C VAL E 52 -52.91 3.91 46.51
N GLY E 53 -53.39 2.80 45.96
CA GLY E 53 -52.86 1.49 46.27
C GLY E 53 -53.37 0.47 45.27
N PHE E 54 -53.19 -0.79 45.62
CA PHE E 54 -53.56 -1.90 44.76
C PHE E 54 -54.67 -2.72 45.38
N LYS E 55 -55.58 -3.22 44.54
CA LYS E 55 -56.61 -4.11 45.02
C LYS E 55 -57.01 -5.07 43.91
N ASP E 56 -57.69 -6.15 44.32
CA ASP E 56 -58.14 -7.18 43.40
C ASP E 56 -59.29 -6.68 42.54
N GLU E 57 -59.53 -7.41 41.45
CA GLU E 57 -60.68 -7.11 40.61
C GLU E 57 -61.98 -7.25 41.39
N SER E 58 -62.05 -8.23 42.28
CA SER E 58 -63.25 -8.48 43.06
C SER E 58 -63.04 -8.27 44.55
N LYS E 59 -62.12 -9.00 45.17
CA LYS E 59 -62.12 -9.11 46.62
C LYS E 59 -61.38 -7.92 47.23
N LYS E 60 -61.55 -7.77 48.55
CA LYS E 60 -61.27 -6.53 49.24
C LYS E 60 -59.80 -6.38 49.60
N ASN E 61 -58.90 -6.53 48.62
CA ASN E 61 -57.47 -6.56 48.89
C ASN E 61 -56.84 -5.18 48.69
N TYR E 62 -57.39 -4.17 49.34
CA TYR E 62 -56.86 -2.83 49.16
C TYR E 62 -55.72 -2.59 50.15
N SER E 63 -54.67 -1.95 49.65
CA SER E 63 -53.50 -1.61 50.47
C SER E 63 -52.85 -0.37 49.89
N SER E 64 -52.85 0.72 50.64
CA SER E 64 -52.33 1.98 50.15
C SER E 64 -50.83 1.89 49.88
N ILE E 65 -50.41 2.50 48.78
CA ILE E 65 -48.98 2.61 48.46
C ILE E 65 -48.50 4.05 48.43
N LEU E 66 -49.39 5.02 48.28
CA LEU E 66 -49.00 6.43 48.30
C LEU E 66 -50.10 7.24 48.95
N THR E 67 -49.75 7.96 50.02
CA THR E 67 -50.69 8.83 50.73
C THR E 67 -50.35 10.28 50.48
N LEU E 68 -51.36 11.07 50.18
CA LEU E 68 -51.23 12.50 49.88
C LEU E 68 -52.10 13.31 50.82
N PRO E 69 -51.52 14.07 51.74
CA PRO E 69 -52.30 15.07 52.49
C PRO E 69 -52.66 16.26 51.63
N VAL E 70 -53.25 17.29 52.24
CA VAL E 70 -53.77 18.41 51.47
C VAL E 70 -52.63 19.22 50.86
N ASN E 71 -51.54 19.40 51.61
CA ASN E 71 -50.63 20.49 51.32
C ASN E 71 -49.85 20.28 50.02
N GLU E 72 -49.26 19.10 49.80
CA GLU E 72 -48.29 19.03 48.71
C GLU E 72 -48.94 18.93 47.34
N THR E 73 -50.15 18.37 47.26
CA THR E 73 -50.98 18.36 46.05
C THR E 73 -50.37 17.57 44.89
N SER E 74 -49.28 16.85 45.11
CA SER E 74 -48.73 16.02 44.05
C SER E 74 -47.83 14.96 44.66
N GLY E 75 -47.81 13.79 44.04
CA GLY E 75 -46.99 12.71 44.55
C GLY E 75 -46.71 11.67 43.49
N VAL E 76 -45.66 10.89 43.73
CA VAL E 76 -45.25 9.80 42.85
C VAL E 76 -44.82 8.64 43.72
N VAL E 77 -45.21 7.43 43.34
CA VAL E 77 -44.81 6.25 44.12
C VAL E 77 -43.31 6.06 44.00
N THR E 78 -42.68 5.69 45.10
CA THR E 78 -41.23 5.56 45.19
C THR E 78 -40.74 4.18 44.81
N LYS E 79 -41.61 3.32 44.31
CA LYS E 79 -41.33 1.91 44.21
C LYS E 79 -41.85 1.41 42.87
N ASP E 80 -41.27 0.32 42.37
CA ASP E 80 -41.69 -0.25 41.11
C ASP E 80 -42.30 -1.62 41.35
N TYR E 81 -43.24 -1.98 40.48
CA TYR E 81 -44.19 -3.04 40.75
C TYR E 81 -44.36 -3.94 39.55
N THR E 82 -44.37 -5.24 39.80
CA THR E 82 -44.79 -6.23 38.82
C THR E 82 -46.14 -6.73 39.25
N VAL E 83 -47.11 -6.69 38.34
CA VAL E 83 -48.49 -6.99 38.70
C VAL E 83 -48.63 -8.49 38.93
N LYS E 84 -48.99 -8.86 40.16
CA LYS E 84 -49.19 -10.26 40.56
C LYS E 84 -50.57 -10.32 41.20
N SER E 85 -51.59 -10.51 40.37
CA SER E 85 -53.00 -10.67 40.75
C SER E 85 -53.61 -9.41 41.36
N ASP E 86 -52.84 -8.38 41.70
CA ASP E 86 -53.38 -7.11 42.18
C ASP E 86 -53.54 -6.21 40.98
N LYS E 87 -54.62 -6.42 40.23
CA LYS E 87 -54.77 -5.89 38.89
C LYS E 87 -55.61 -4.62 38.87
N ILE E 88 -55.87 -4.00 40.01
CA ILE E 88 -56.55 -2.71 40.08
C ILE E 88 -55.66 -1.74 40.83
N VAL E 89 -55.36 -0.61 40.19
CA VAL E 89 -54.90 0.57 40.91
C VAL E 89 -56.13 1.31 41.37
N ALA E 90 -56.21 1.60 42.65
CA ALA E 90 -57.39 2.22 43.23
C ALA E 90 -56.97 3.39 44.11
N ALA E 91 -57.88 4.34 44.27
CA ALA E 91 -57.63 5.50 45.11
C ALA E 91 -58.84 5.73 46.00
N GLU E 92 -58.60 6.02 47.27
CA GLU E 92 -59.67 6.28 48.21
C GLU E 92 -59.43 7.62 48.88
N VAL E 93 -60.51 8.36 49.08
CA VAL E 93 -60.49 9.61 49.82
C VAL E 93 -61.40 9.44 51.03
N LYS E 94 -60.81 9.40 52.21
CA LYS E 94 -61.59 9.14 53.41
C LYS E 94 -62.16 10.42 54.01
N ASP E 95 -61.39 11.50 53.98
CA ASP E 95 -61.84 12.79 54.44
C ASP E 95 -61.88 13.74 53.26
N ALA E 96 -63.03 14.36 53.02
CA ALA E 96 -63.17 15.45 52.07
C ALA E 96 -64.58 16.01 52.16
N LEU E 97 -64.67 17.32 52.11
CA LEU E 97 -65.92 18.04 51.99
C LEU E 97 -65.90 18.77 50.66
N ALA E 98 -66.80 19.73 50.50
CA ALA E 98 -66.89 20.46 49.24
C ALA E 98 -65.58 21.18 48.94
N GLU E 99 -65.47 21.75 47.74
CA GLU E 99 -64.20 22.21 47.19
C GLU E 99 -63.35 23.02 48.17
N GLY E 100 -63.87 24.13 48.66
CA GLY E 100 -63.13 24.90 49.62
C GLY E 100 -62.19 25.93 49.01
N SER E 101 -62.35 27.19 49.41
CA SER E 101 -61.50 28.32 49.08
C SER E 101 -61.53 28.69 47.60
N ASP E 102 -62.27 27.96 46.78
CA ASP E 102 -62.29 28.16 45.34
C ASP E 102 -63.69 28.34 44.76
N GLY E 103 -64.67 27.56 45.19
CA GLY E 103 -65.98 27.53 44.57
C GLY E 103 -66.07 26.59 43.38
N ARG E 104 -64.94 26.07 42.93
CA ARG E 104 -64.83 25.19 41.79
C ARG E 104 -64.32 23.84 42.27
N PRO E 105 -64.93 22.76 41.79
CA PRO E 105 -64.66 21.44 42.36
C PRO E 105 -63.24 20.96 42.14
N VAL E 106 -62.75 20.20 43.12
CA VAL E 106 -61.35 19.78 43.17
C VAL E 106 -61.21 18.45 42.44
N LYS E 107 -60.22 18.38 41.57
CA LYS E 107 -59.98 17.23 40.72
C LYS E 107 -58.75 16.49 41.22
N CYS E 108 -58.69 15.19 40.92
CA CYS E 108 -57.50 14.40 41.12
C CYS E 108 -57.26 13.58 39.86
N VAL E 109 -56.02 13.61 39.37
CA VAL E 109 -55.63 12.95 38.14
C VAL E 109 -54.56 11.92 38.48
N LEU E 110 -54.75 10.69 38.02
CA LEU E 110 -53.77 9.64 38.24
C LEU E 110 -53.29 9.15 36.88
N ARG E 111 -51.97 9.13 36.71
CA ARG E 111 -51.33 8.63 35.50
C ARG E 111 -50.47 7.43 35.86
N ALA E 112 -50.66 6.34 35.12
CA ALA E 112 -49.96 5.08 35.35
C ALA E 112 -49.25 4.70 34.06
N LEU E 113 -47.93 4.70 34.11
CA LEU E 113 -47.09 4.26 33.00
C LEU E 113 -46.61 2.85 33.32
N TYR E 114 -46.97 1.89 32.48
CA TYR E 114 -46.64 0.50 32.73
C TYR E 114 -46.27 -0.20 31.44
N PHE E 115 -45.39 -1.18 31.55
CA PHE E 115 -44.94 -1.96 30.41
C PHE E 115 -45.65 -3.31 30.38
N LEU E 116 -46.03 -3.73 29.19
CA LEU E 116 -46.81 -4.95 29.04
C LEU E 116 -45.93 -6.16 29.31
N PRO E 117 -46.53 -7.29 29.71
CA PRO E 117 -45.72 -8.45 30.07
C PRO E 117 -44.94 -9.05 28.92
N SER E 118 -45.29 -8.73 27.68
CA SER E 118 -44.60 -9.30 26.54
C SER E 118 -43.13 -8.90 26.52
N VAL E 119 -42.29 -9.83 26.05
CA VAL E 119 -40.86 -9.59 25.94
C VAL E 119 -40.40 -9.96 24.54
N ILE E 120 -39.32 -9.34 24.11
CA ILE E 120 -38.65 -9.68 22.87
C ILE E 120 -37.16 -9.78 23.15
N GLU E 121 -36.45 -10.49 22.28
CA GLU E 121 -35.03 -10.73 22.46
C GLU E 121 -34.21 -9.79 21.59
N VAL E 122 -33.23 -9.12 22.20
CA VAL E 122 -32.38 -8.17 21.51
C VAL E 122 -30.94 -8.36 21.96
N GLU E 123 -30.01 -8.27 21.00
CA GLU E 123 -28.59 -8.26 21.34
C GLU E 123 -27.95 -7.02 20.73
N TYR E 124 -27.05 -6.42 21.49
CA TYR E 124 -26.44 -5.14 21.17
C TYR E 124 -24.94 -5.26 20.92
N MET F 1 -62.79 -5.38 33.25
CA MET F 1 -61.67 -4.45 33.22
C MET F 1 -61.38 -4.00 31.80
N LYS F 2 -61.71 -2.76 31.49
CA LYS F 2 -61.50 -2.23 30.15
C LYS F 2 -61.26 -0.73 30.25
N GLN F 3 -60.38 -0.22 29.39
CA GLN F 3 -59.93 1.16 29.51
C GLN F 3 -59.39 1.63 28.17
N LYS F 4 -59.06 2.92 28.12
CA LYS F 4 -58.32 3.50 27.00
C LYS F 4 -57.00 4.06 27.50
N VAL F 5 -55.93 3.74 26.76
CA VAL F 5 -54.57 4.07 27.17
C VAL F 5 -53.86 4.74 26.00
N HIS F 6 -52.82 5.50 26.34
CA HIS F 6 -51.94 6.08 25.34
C HIS F 6 -50.86 5.07 25.00
N SER F 7 -50.77 4.69 23.72
CA SER F 7 -49.86 3.65 23.28
C SER F 7 -48.64 4.18 22.53
N VAL F 8 -48.52 5.49 22.36
CA VAL F 8 -47.43 6.08 21.59
C VAL F 8 -46.68 7.05 22.48
N SER F 9 -45.36 6.90 22.53
CA SER F 9 -44.53 7.69 23.42
C SER F 9 -43.29 8.14 22.70
N TYR F 10 -42.88 9.39 22.93
CA TYR F 10 -41.69 9.95 22.32
C TYR F 10 -40.79 10.53 23.40
N LEU F 11 -39.50 10.60 23.07
CA LEU F 11 -38.51 11.27 23.90
C LEU F 11 -37.80 12.31 23.04
N ALA F 12 -37.77 13.53 23.52
CA ALA F 12 -37.08 14.62 22.84
C ALA F 12 -35.90 15.06 23.69
N LYS F 13 -34.72 15.13 23.08
CA LYS F 13 -33.49 15.53 23.75
C LYS F 13 -32.94 16.75 23.04
N ALA F 14 -32.62 17.78 23.80
CA ALA F 14 -32.12 19.03 23.23
C ALA F 14 -31.04 19.64 24.11
N GLU F 15 -30.00 20.15 23.47
CA GLU F 15 -28.89 20.75 24.20
C GLU F 15 -28.86 22.25 23.96
N PHE F 16 -28.50 23.00 24.98
CA PHE F 16 -28.12 24.41 24.88
C PHE F 16 -26.87 24.65 25.72
N GLU F 17 -26.23 25.81 25.55
CA GLU F 17 -24.86 25.96 26.01
C GLU F 17 -24.76 26.84 27.25
N TYR F 18 -25.84 26.94 28.01
CA TYR F 18 -25.80 27.49 29.36
C TYR F 18 -25.17 28.88 29.42
N LYS F 19 -25.76 29.84 28.73
CA LYS F 19 -25.51 31.25 28.99
C LYS F 19 -26.76 32.06 28.68
N ASN F 20 -26.83 33.26 29.25
CA ASN F 20 -28.07 34.01 29.36
C ASN F 20 -28.85 34.00 28.06
N GLY F 21 -30.15 33.75 28.17
CA GLY F 21 -31.01 33.71 27.02
C GLY F 21 -32.20 32.81 27.26
N VAL F 22 -33.00 32.67 26.22
CA VAL F 22 -34.20 31.84 26.21
C VAL F 22 -34.09 30.87 25.04
N TYR F 23 -34.38 29.60 25.30
CA TYR F 23 -34.27 28.54 24.32
C TYR F 23 -35.57 27.75 24.29
N ASP F 24 -36.03 27.41 23.09
CA ASP F 24 -37.23 26.63 22.90
C ASP F 24 -36.82 25.18 22.64
N LEU F 25 -36.86 24.36 23.68
CA LEU F 25 -36.24 23.05 23.68
C LEU F 25 -37.11 22.00 23.01
N VAL F 26 -38.34 21.81 23.50
CA VAL F 26 -39.20 20.70 23.09
C VAL F 26 -40.54 21.25 22.64
N ALA F 27 -41.03 20.74 21.52
CA ALA F 27 -42.36 21.05 21.01
C ALA F 27 -43.31 19.90 21.33
N LEU F 28 -44.50 20.23 21.84
CA LEU F 28 -45.45 19.22 22.25
C LEU F 28 -46.78 19.45 21.55
N PRO F 29 -47.52 18.39 21.21
CA PRO F 29 -48.82 18.57 20.59
C PRO F 29 -49.88 18.81 21.65
N THR F 30 -51.02 19.31 21.22
CA THR F 30 -52.15 19.47 22.13
C THR F 30 -52.66 18.11 22.55
N GLY F 31 -52.86 17.93 23.85
CA GLY F 31 -53.24 16.64 24.37
C GLY F 31 -52.09 15.71 24.66
N ALA F 32 -50.85 16.16 24.49
CA ALA F 32 -49.71 15.34 24.83
C ALA F 32 -49.67 15.06 26.32
N GLU F 33 -49.17 13.89 26.68
CA GLU F 33 -49.14 13.45 28.07
C GLU F 33 -47.69 13.51 28.53
N VAL F 34 -47.28 14.69 28.99
CA VAL F 34 -45.90 14.87 29.43
C VAL F 34 -45.73 14.18 30.77
N ILE F 35 -44.89 13.15 30.80
CA ILE F 35 -44.70 12.34 32.01
C ILE F 35 -43.30 12.41 32.56
N LYS F 36 -42.33 13.00 31.85
CA LYS F 36 -41.04 13.21 32.47
C LYS F 36 -40.32 14.37 31.80
N ILE F 37 -39.83 15.31 32.61
CA ILE F 37 -38.96 16.37 32.13
C ILE F 37 -37.72 16.34 33.00
N SER F 38 -36.55 16.18 32.38
CA SER F 38 -35.31 16.11 33.13
C SER F 38 -34.30 17.07 32.54
N LEU F 39 -33.61 17.81 33.40
CA LEU F 39 -32.59 18.76 33.01
C LEU F 39 -31.26 18.41 33.65
N GLU F 40 -30.20 18.50 32.86
CA GLU F 40 -28.88 18.07 33.29
C GLU F 40 -27.86 19.13 32.88
N VAL F 41 -26.87 19.36 33.74
CA VAL F 41 -25.82 20.33 33.48
C VAL F 41 -24.52 19.54 33.32
N VAL F 42 -23.95 19.59 32.12
CA VAL F 42 -22.70 18.91 31.80
C VAL F 42 -21.59 19.96 31.91
N GLY F 43 -20.80 19.87 32.96
CA GLY F 43 -19.71 20.81 33.19
C GLY F 43 -19.77 21.35 34.59
N LEU F 44 -18.94 22.35 34.86
CA LEU F 44 -18.83 22.96 36.18
C LEU F 44 -19.18 24.43 36.08
N PRO F 45 -20.45 24.78 36.20
CA PRO F 45 -20.83 26.20 36.27
C PRO F 45 -20.29 26.86 37.53
N THR F 46 -20.13 28.18 37.44
CA THR F 46 -19.70 28.98 38.57
C THR F 46 -20.78 29.89 39.12
N ALA F 47 -21.71 30.35 38.28
CA ALA F 47 -22.76 31.23 38.75
C ALA F 47 -23.93 31.19 37.78
N GLY F 48 -25.14 31.11 38.31
CA GLY F 48 -26.31 31.20 37.47
C GLY F 48 -27.42 30.22 37.78
N HIS F 49 -28.59 30.47 37.21
CA HIS F 49 -29.76 29.63 37.36
C HIS F 49 -30.28 29.24 35.99
N VAL F 50 -30.89 28.05 35.92
CA VAL F 50 -31.62 27.63 34.74
C VAL F 50 -33.06 27.38 35.15
N SER F 51 -34.00 28.01 34.46
CA SER F 51 -35.41 27.83 34.74
C SER F 51 -36.06 27.24 33.50
N VAL F 52 -36.61 26.04 33.63
CA VAL F 52 -37.39 25.44 32.55
C VAL F 52 -38.86 25.60 32.89
N GLY F 53 -39.67 25.77 31.86
CA GLY F 53 -41.08 26.01 32.01
C GLY F 53 -41.79 25.86 30.68
N PHE F 54 -43.03 26.33 30.64
CA PHE F 54 -43.87 26.22 29.46
C PHE F 54 -44.18 27.59 28.88
N LYS F 55 -44.26 27.67 27.56
CA LYS F 55 -44.66 28.91 26.91
C LYS F 55 -45.34 28.60 25.59
N ASP F 56 -46.07 29.59 25.09
CA ASP F 56 -46.80 29.48 23.84
C ASP F 56 -45.86 29.43 22.65
N GLU F 57 -46.40 28.97 21.51
CA GLU F 57 -45.64 28.99 20.28
C GLU F 57 -45.26 30.42 19.90
N SER F 58 -46.15 31.37 20.15
CA SER F 58 -45.90 32.76 19.80
C SER F 58 -45.83 33.67 21.01
N LYS F 59 -46.89 33.74 21.81
CA LYS F 59 -47.01 34.83 22.77
C LYS F 59 -46.24 34.52 24.05
N LYS F 60 -46.06 35.55 24.87
CA LYS F 60 -45.06 35.56 25.93
C LYS F 60 -45.54 34.85 27.19
N ASN F 61 -46.01 33.62 27.07
CA ASN F 61 -46.62 32.92 28.20
C ASN F 61 -45.62 32.03 28.91
N TYR F 62 -44.48 32.58 29.30
CA TYR F 62 -43.47 31.77 29.97
C TYR F 62 -43.73 31.71 31.46
N SER F 63 -43.56 30.52 32.03
CA SER F 63 -43.74 30.31 33.46
C SER F 63 -42.87 29.15 33.88
N SER F 64 -41.89 29.42 34.74
CA SER F 64 -40.94 28.40 35.15
C SER F 64 -41.62 27.29 35.93
N ILE F 65 -41.22 26.06 35.66
CA ILE F 65 -41.68 24.91 36.42
C ILE F 65 -40.57 24.20 37.17
N LEU F 66 -39.31 24.39 36.78
CA LEU F 66 -38.19 23.79 37.49
C LEU F 66 -37.01 24.76 37.45
N THR F 67 -36.52 25.13 38.63
CA THR F 67 -35.37 26.01 38.76
C THR F 67 -34.17 25.23 39.28
N LEU F 68 -33.02 25.44 38.64
CA LEU F 68 -31.78 24.76 38.99
C LEU F 68 -30.70 25.78 39.28
N PRO F 69 -30.26 25.90 40.54
CA PRO F 69 -29.05 26.69 40.84
C PRO F 69 -27.79 25.97 40.37
N VAL F 70 -26.63 26.51 40.72
CA VAL F 70 -25.37 25.98 40.20
C VAL F 70 -25.08 24.61 40.80
N ASN F 71 -25.38 24.43 42.09
CA ASN F 71 -24.75 23.35 42.84
C ASN F 71 -25.23 21.96 42.41
N GLU F 72 -26.54 21.75 42.29
CA GLU F 72 -26.98 20.36 42.17
C GLU F 72 -26.77 19.78 40.77
N THR F 73 -26.79 20.62 39.74
CA THR F 73 -26.44 20.26 38.37
C THR F 73 -27.38 19.23 37.74
N SER F 74 -28.49 18.90 38.39
CA SER F 74 -29.45 18.00 37.79
C SER F 74 -30.79 18.16 38.47
N GLY F 75 -31.86 17.99 37.69
CA GLY F 75 -33.19 18.14 38.24
C GLY F 75 -34.23 17.46 37.38
N VAL F 76 -35.37 17.19 38.01
CA VAL F 76 -36.51 16.56 37.34
C VAL F 76 -37.77 17.24 37.86
N VAL F 77 -38.72 17.53 36.96
CA VAL F 77 -39.96 18.15 37.38
C VAL F 77 -40.74 17.17 38.25
N THR F 78 -41.37 17.69 39.30
CA THR F 78 -42.07 16.87 40.29
C THR F 78 -43.53 16.65 39.93
N LYS F 79 -43.95 17.05 38.74
CA LYS F 79 -45.35 17.18 38.42
C LYS F 79 -45.57 16.65 37.00
N ASP F 80 -46.78 16.20 36.72
CA ASP F 80 -47.10 15.68 35.40
C ASP F 80 -48.13 16.59 34.72
N TYR F 81 -48.05 16.63 33.41
CA TYR F 81 -48.63 17.71 32.62
C TYR F 81 -49.36 17.17 31.41
N THR F 82 -50.55 17.70 31.17
CA THR F 82 -51.26 17.50 29.93
C THR F 82 -51.18 18.80 29.14
N VAL F 83 -50.72 18.73 27.90
CA VAL F 83 -50.46 19.93 27.13
C VAL F 83 -51.77 20.58 26.73
N LYS F 84 -51.99 21.80 27.21
CA LYS F 84 -53.18 22.59 26.92
C LYS F 84 -52.69 23.94 26.41
N SER F 85 -52.44 24.02 25.11
CA SER F 85 -52.01 25.21 24.39
C SER F 85 -50.64 25.73 24.78
N ASP F 86 -50.01 25.22 25.84
CA ASP F 86 -48.65 25.59 26.21
C ASP F 86 -47.73 24.55 25.56
N LYS F 87 -47.48 24.75 24.27
CA LYS F 87 -46.90 23.71 23.43
C LYS F 87 -45.40 23.88 23.25
N ILE F 88 -44.75 24.73 24.06
CA ILE F 88 -43.30 24.88 24.04
C ILE F 88 -42.78 24.61 25.45
N VAL F 89 -41.87 23.65 25.56
CA VAL F 89 -40.99 23.59 26.71
C VAL F 89 -39.81 24.50 26.45
N ALA F 90 -39.55 25.42 27.37
CA ALA F 90 -38.52 26.42 27.16
C ALA F 90 -37.63 26.50 28.39
N ALA F 91 -36.40 26.93 28.19
CA ALA F 91 -35.46 27.10 29.29
C ALA F 91 -34.78 28.44 29.16
N GLU F 92 -34.64 29.15 30.28
CA GLU F 92 -33.99 30.44 30.28
C GLU F 92 -32.88 30.44 31.31
N VAL F 93 -31.76 31.07 30.96
CA VAL F 93 -30.64 31.27 31.86
C VAL F 93 -30.46 32.77 32.02
N LYS F 94 -30.76 33.29 33.22
CA LYS F 94 -30.71 34.73 33.42
C LYS F 94 -29.32 35.18 33.85
N ASP F 95 -28.65 34.39 34.67
CA ASP F 95 -27.29 34.68 35.09
C ASP F 95 -26.38 33.59 34.56
N ALA F 96 -25.34 33.98 33.83
CA ALA F 96 -24.28 33.07 33.43
C ALA F 96 -23.19 33.87 32.73
N LEU F 97 -21.96 33.55 33.04
CA LEU F 97 -20.78 34.06 32.35
C LEU F 97 -20.10 32.87 31.69
N ALA F 98 -18.85 33.07 31.27
CA ALA F 98 -18.12 32.01 30.60
C ALA F 98 -18.00 30.79 31.50
N GLU F 99 -17.49 29.69 30.93
CA GLU F 99 -17.57 28.37 31.55
C GLU F 99 -17.20 28.33 33.02
N GLY F 100 -15.98 28.74 33.35
CA GLY F 100 -15.60 28.78 34.75
C GLY F 100 -15.04 27.47 35.27
N SER F 101 -13.83 27.54 35.83
CA SER F 101 -13.13 26.46 36.54
C SER F 101 -12.75 25.30 35.62
N ASP F 102 -13.10 25.37 34.34
CA ASP F 102 -12.88 24.26 33.42
C ASP F 102 -12.13 24.66 32.15
N GLY F 103 -12.46 25.80 31.54
CA GLY F 103 -11.93 26.16 30.25
C GLY F 103 -12.72 25.60 29.09
N ARG F 104 -13.65 24.70 29.36
CA ARG F 104 -14.48 24.01 28.39
C ARG F 104 -15.93 24.40 28.63
N PRO F 105 -16.66 24.70 27.57
CA PRO F 105 -17.99 25.31 27.72
C PRO F 105 -18.99 24.38 28.37
N VAL F 106 -19.91 25.00 29.12
CA VAL F 106 -20.86 24.28 29.95
C VAL F 106 -22.12 24.00 29.14
N LYS F 107 -22.57 22.75 29.19
CA LYS F 107 -23.69 22.27 28.42
C LYS F 107 -24.89 22.06 29.34
N CYS F 108 -26.09 22.15 28.78
CA CYS F 108 -27.30 21.75 29.46
C CYS F 108 -28.12 20.90 28.50
N VAL F 109 -28.59 19.75 29.00
CA VAL F 109 -29.33 18.77 28.22
C VAL F 109 -30.70 18.62 28.85
N LEU F 110 -31.74 18.73 28.02
CA LEU F 110 -33.11 18.55 28.49
C LEU F 110 -33.72 17.38 27.75
N ARG F 111 -34.28 16.43 28.50
CA ARG F 111 -34.96 15.28 27.95
C ARG F 111 -36.41 15.31 28.39
N ALA F 112 -37.32 15.17 27.43
CA ALA F 112 -38.75 15.24 27.65
C ALA F 112 -39.37 13.95 27.14
N LEU F 113 -39.89 13.14 28.05
CA LEU F 113 -40.62 11.93 27.71
C LEU F 113 -42.11 12.22 27.82
N TYR F 114 -42.82 12.08 26.70
CA TYR F 114 -44.23 12.43 26.67
C TYR F 114 -45.00 11.44 25.81
N PHE F 115 -46.26 11.22 26.17
CA PHE F 115 -47.12 10.30 25.44
C PHE F 115 -48.06 11.08 24.53
N LEU F 116 -48.26 10.55 23.34
CA LEU F 116 -49.06 11.25 22.34
C LEU F 116 -50.54 11.22 22.73
N PRO F 117 -51.33 12.18 22.26
CA PRO F 117 -52.73 12.24 22.68
C PRO F 117 -53.57 11.06 22.23
N SER F 118 -53.10 10.29 21.25
CA SER F 118 -53.88 9.16 20.76
C SER F 118 -54.12 8.13 21.84
N VAL F 119 -55.29 7.50 21.80
CA VAL F 119 -55.67 6.46 22.76
C VAL F 119 -56.14 5.24 21.99
N ILE F 120 -56.02 4.08 22.62
CA ILE F 120 -56.57 2.83 22.12
C ILE F 120 -57.28 2.14 23.27
N GLU F 121 -58.20 1.25 22.93
CA GLU F 121 -59.00 0.55 23.92
C GLU F 121 -58.45 -0.85 24.17
N VAL F 122 -58.25 -1.19 25.44
CA VAL F 122 -57.72 -2.48 25.83
C VAL F 122 -58.49 -3.00 27.04
N GLU F 123 -58.75 -4.30 27.05
CA GLU F 123 -59.33 -4.95 28.22
C GLU F 123 -58.45 -6.11 28.62
N TYR F 124 -58.27 -6.28 29.92
CA TYR F 124 -57.35 -7.24 30.51
C TYR F 124 -58.07 -8.33 31.29
N MET G 1 -11.68 -39.32 31.23
CA MET G 1 -10.29 -39.68 31.48
C MET G 1 -9.65 -40.25 30.23
N LYS G 2 -8.75 -39.48 29.62
CA LYS G 2 -8.09 -39.91 28.40
C LYS G 2 -6.71 -39.27 28.33
N GLN G 3 -5.74 -40.02 27.80
CA GLN G 3 -4.36 -39.60 27.87
C GLN G 3 -3.56 -40.29 26.77
N LYS G 4 -2.30 -39.89 26.64
CA LYS G 4 -1.33 -40.61 25.83
C LYS G 4 -0.18 -41.10 26.69
N VAL G 5 0.19 -42.36 26.49
CA VAL G 5 1.16 -43.04 27.32
C VAL G 5 2.20 -43.71 26.43
N HIS G 6 3.37 -43.96 27.00
CA HIS G 6 4.41 -44.72 26.35
C HIS G 6 4.18 -46.20 26.61
N SER G 7 4.00 -46.97 25.56
CA SER G 7 3.66 -48.38 25.67
C SER G 7 4.83 -49.32 25.38
N VAL G 8 6.01 -48.81 25.05
CA VAL G 8 7.14 -49.63 24.67
C VAL G 8 8.30 -49.33 25.62
N SER G 9 8.88 -50.37 26.19
CA SER G 9 9.91 -50.20 27.19
C SER G 9 11.02 -51.21 26.94
N TYR G 10 12.26 -50.76 27.10
CA TYR G 10 13.43 -51.61 26.91
C TYR G 10 14.32 -51.54 28.14
N LEU G 11 15.09 -52.60 28.33
CA LEU G 11 16.12 -52.66 29.35
C LEU G 11 17.44 -53.01 28.69
N ALA G 12 18.46 -52.19 28.92
CA ALA G 12 19.79 -52.42 28.40
C ALA G 12 20.73 -52.72 29.54
N LYS G 13 21.47 -53.82 29.44
CA LYS G 13 22.41 -54.26 30.46
C LYS G 13 23.80 -54.33 29.83
N ALA G 14 24.78 -53.72 30.47
CA ALA G 14 26.13 -53.68 29.95
C ALA G 14 27.16 -53.80 31.05
N GLU G 15 28.20 -54.59 30.80
CA GLU G 15 29.24 -54.80 31.78
C GLU G 15 30.53 -54.14 31.32
N PHE G 16 31.28 -53.60 32.28
CA PHE G 16 32.66 -53.19 32.10
C PHE G 16 33.48 -53.66 33.31
N GLU G 17 34.82 -53.59 33.21
CA GLU G 17 35.65 -54.36 34.13
C GLU G 17 36.34 -53.47 35.16
N TYR G 18 35.78 -52.29 35.42
CA TYR G 18 36.16 -51.48 36.57
C TYR G 18 37.66 -51.21 36.64
N LYS G 19 38.19 -50.54 35.62
CA LYS G 19 39.49 -49.90 35.73
C LYS G 19 39.52 -48.67 34.83
N ASN G 20 40.44 -47.76 35.13
CA ASN G 20 40.39 -46.39 34.64
C ASN G 20 40.06 -46.35 33.14
N GLY G 21 39.15 -45.46 32.79
CA GLY G 21 38.74 -45.31 31.42
C GLY G 21 37.32 -44.79 31.33
N VAL G 22 36.85 -44.68 30.09
CA VAL G 22 35.51 -44.22 29.77
C VAL G 22 34.85 -45.29 28.91
N TYR G 23 33.61 -45.62 29.24
CA TYR G 23 32.85 -46.66 28.55
C TYR G 23 31.50 -46.11 28.16
N ASP G 24 31.06 -46.44 26.95
CA ASP G 24 29.76 -46.03 26.43
C ASP G 24 28.80 -47.20 26.59
N LEU G 25 28.00 -47.16 27.66
CA LEU G 25 27.24 -48.31 28.11
C LEU G 25 25.94 -48.47 27.33
N VAL G 26 25.08 -47.46 27.35
CA VAL G 26 23.72 -47.56 26.82
C VAL G 26 23.50 -46.46 25.80
N ALA G 27 22.88 -46.81 24.68
CA ALA G 27 22.48 -45.86 23.66
C ALA G 27 20.98 -45.63 23.78
N LEU G 28 20.56 -44.37 23.73
CA LEU G 28 19.17 -44.00 23.90
C LEU G 28 18.70 -43.17 22.71
N PRO G 29 17.45 -43.32 22.29
CA PRO G 29 16.93 -42.50 21.20
C PRO G 29 16.49 -41.14 21.72
N THR G 30 16.32 -40.19 20.79
CA THR G 30 15.78 -38.90 21.17
C THR G 30 14.33 -39.06 21.58
N GLY G 31 13.97 -38.46 22.70
CA GLY G 31 12.64 -38.64 23.24
C GLY G 31 12.46 -39.86 24.10
N ALA G 32 13.52 -40.63 24.36
CA ALA G 32 13.41 -41.78 25.23
C ALA G 32 13.09 -41.33 26.64
N GLU G 33 12.35 -42.17 27.36
CA GLU G 33 11.89 -41.85 28.70
C GLU G 33 12.68 -42.72 29.67
N VAL G 34 13.86 -42.22 30.05
CA VAL G 34 14.72 -42.98 30.96
C VAL G 34 14.12 -42.92 32.35
N ILE G 35 13.71 -44.08 32.86
CA ILE G 35 13.05 -44.13 34.16
C ILE G 35 13.83 -44.92 35.20
N LYS G 36 14.88 -45.64 34.82
CA LYS G 36 15.72 -46.24 35.86
C LYS G 36 17.13 -46.45 35.34
N ILE G 37 18.11 -46.00 36.10
CA ILE G 37 19.52 -46.29 35.83
C ILE G 37 20.10 -46.88 37.11
N SER G 38 20.64 -48.08 37.02
CA SER G 38 21.19 -48.75 38.19
C SER G 38 22.59 -49.24 37.87
N LEU G 39 23.51 -49.02 38.81
CA LEU G 39 24.89 -49.45 38.69
C LEU G 39 25.26 -50.36 39.84
N GLU G 40 25.97 -51.43 39.52
CA GLU G 40 26.30 -52.47 40.48
C GLU G 40 27.76 -52.86 40.34
N VAL G 41 28.41 -53.11 41.46
CA VAL G 41 29.82 -53.51 41.47
C VAL G 41 29.88 -54.96 41.95
N VAL G 42 30.32 -55.85 41.07
CA VAL G 42 30.45 -57.26 41.37
C VAL G 42 31.92 -57.52 41.72
N GLY G 43 32.20 -57.72 43.01
CA GLY G 43 33.55 -57.94 43.47
C GLY G 43 33.86 -57.05 44.64
N LEU G 44 35.13 -57.05 45.04
CA LEU G 44 35.58 -56.26 46.18
C LEU G 44 36.64 -55.28 45.72
N PRO G 45 36.24 -54.09 45.29
CA PRO G 45 37.22 -53.04 44.96
C PRO G 45 37.96 -52.59 46.21
N THR G 46 39.16 -52.06 45.97
CA THR G 46 39.97 -51.49 47.04
C THR G 46 40.12 -49.98 46.97
N ALA G 47 40.08 -49.40 45.78
CA ALA G 47 40.20 -47.95 45.65
C ALA G 47 39.61 -47.51 44.33
N GLY G 48 38.85 -46.42 44.36
CA GLY G 48 38.35 -45.85 43.14
C GLY G 48 36.91 -45.40 43.15
N HIS G 49 36.54 -44.62 42.13
CA HIS G 49 35.19 -44.12 41.97
C HIS G 49 34.67 -44.50 40.59
N VAL G 50 33.37 -44.69 40.47
CA VAL G 50 32.71 -44.85 39.19
C VAL G 50 31.69 -43.73 39.05
N SER G 51 31.77 -42.98 37.96
CA SER G 51 30.82 -41.91 37.70
C SER G 51 30.08 -42.23 36.42
N VAL G 52 28.76 -42.40 36.52
CA VAL G 52 27.92 -42.56 35.35
C VAL G 52 27.24 -41.24 35.06
N GLY G 53 27.03 -40.97 33.77
CA GLY G 53 26.45 -39.73 33.33
C GLY G 53 26.05 -39.82 31.88
N PHE G 54 25.79 -38.67 31.28
CA PHE G 54 25.32 -38.59 29.91
C PHE G 54 26.35 -37.87 29.04
N LYS G 55 26.48 -38.31 27.79
CA LYS G 55 27.36 -37.64 26.86
C LYS G 55 26.82 -37.83 25.44
N ASP G 56 27.31 -36.97 24.54
CA ASP G 56 26.91 -37.00 23.15
C ASP G 56 27.47 -38.22 22.44
N GLU G 57 26.88 -38.51 21.28
CA GLU G 57 27.42 -39.57 20.43
C GLU G 57 28.85 -39.27 20.01
N SER G 58 29.14 -38.01 19.74
CA SER G 58 30.47 -37.61 19.29
C SER G 58 31.18 -36.70 20.27
N LYS G 59 30.60 -35.54 20.59
CA LYS G 59 31.38 -34.49 21.22
C LYS G 59 31.42 -34.70 22.74
N LYS G 60 32.31 -33.96 23.38
CA LYS G 60 32.79 -34.27 24.72
C LYS G 60 31.84 -33.77 25.80
N ASN G 61 30.57 -34.10 25.71
CA ASN G 61 29.55 -33.55 26.62
C ASN G 61 29.29 -34.47 27.80
N TYR G 62 30.34 -34.87 28.50
CA TYR G 62 30.16 -35.78 29.62
C TYR G 62 29.84 -35.00 30.88
N SER G 63 28.90 -35.51 31.67
CA SER G 63 28.51 -34.89 32.92
C SER G 63 27.98 -35.99 33.84
N SER G 64 28.67 -36.23 34.95
CA SER G 64 28.29 -37.30 35.85
C SER G 64 26.93 -37.06 36.48
N ILE G 65 26.14 -38.11 36.59
CA ILE G 65 24.86 -38.04 37.29
C ILE G 65 24.82 -38.94 38.51
N LEU G 66 25.68 -39.94 38.61
CA LEU G 66 25.74 -40.80 39.79
C LEU G 66 27.17 -41.20 40.06
N THR G 67 27.66 -40.89 41.25
CA THR G 67 29.01 -41.23 41.67
C THR G 67 28.97 -42.32 42.73
N LEU G 68 29.81 -43.34 42.55
CA LEU G 68 29.89 -44.48 43.45
C LEU G 68 31.31 -44.64 43.97
N PRO G 69 31.54 -44.38 45.26
CA PRO G 69 32.83 -44.76 45.87
C PRO G 69 32.94 -46.27 46.06
N VAL G 70 34.00 -46.71 46.72
CA VAL G 70 34.27 -48.15 46.82
C VAL G 70 33.23 -48.83 47.71
N ASN G 71 32.83 -48.17 48.79
CA ASN G 71 32.20 -48.90 49.89
C ASN G 71 30.81 -49.44 49.55
N GLU G 72 29.93 -48.62 48.96
CA GLU G 72 28.54 -49.06 48.91
C GLU G 72 28.28 -50.08 47.82
N THR G 73 29.06 -50.06 46.73
CA THR G 73 29.04 -51.07 45.67
C THR G 73 27.73 -51.16 44.92
N SER G 74 26.80 -50.23 45.13
CA SER G 74 25.57 -50.24 44.36
C SER G 74 24.93 -48.87 44.43
N GLY G 75 24.28 -48.48 43.35
CA GLY G 75 23.63 -47.18 43.31
C GLY G 75 22.57 -47.11 42.25
N VAL G 76 21.68 -46.14 42.42
CA VAL G 76 20.59 -45.88 41.48
C VAL G 76 20.43 -44.37 41.35
N VAL G 77 20.23 -43.89 40.13
CA VAL G 77 20.06 -42.46 39.93
C VAL G 77 18.74 -42.03 40.57
N THR G 78 18.76 -40.85 41.21
CA THR G 78 17.61 -40.35 41.95
C THR G 78 16.67 -39.52 41.11
N LYS G 79 16.88 -39.49 39.80
CA LYS G 79 16.24 -38.50 38.95
C LYS G 79 15.81 -39.20 37.68
N ASP G 80 14.79 -38.64 37.02
CA ASP G 80 14.28 -39.20 35.78
C ASP G 80 14.54 -38.25 34.63
N TYR G 81 14.73 -38.82 33.45
CA TYR G 81 15.38 -38.14 32.34
C TYR G 81 14.63 -38.38 31.05
N THR G 82 14.45 -37.32 30.29
CA THR G 82 14.00 -37.39 28.91
C THR G 82 15.19 -37.09 28.02
N VAL G 83 15.46 -37.99 27.08
CA VAL G 83 16.68 -37.87 26.29
C VAL G 83 16.55 -36.72 25.31
N LYS G 84 17.42 -35.72 25.47
CA LYS G 84 17.45 -34.54 24.60
C LYS G 84 18.89 -34.41 24.12
N SER G 85 19.20 -35.09 23.02
CA SER G 85 20.48 -35.08 22.33
C SER G 85 21.63 -35.69 23.14
N ASP G 86 21.45 -35.98 24.41
CA ASP G 86 22.47 -36.67 25.21
C ASP G 86 22.16 -38.15 25.16
N LYS G 87 22.55 -38.78 24.05
CA LYS G 87 22.07 -40.09 23.68
C LYS G 87 23.04 -41.21 24.06
N ILE G 88 24.02 -40.91 24.91
CA ILE G 88 24.93 -41.92 25.43
C ILE G 88 24.88 -41.88 26.94
N VAL G 89 24.56 -43.01 27.56
CA VAL G 89 24.89 -43.23 28.96
C VAL G 89 26.32 -43.73 29.01
N ALA G 90 27.16 -43.09 29.80
CA ALA G 90 28.57 -43.43 29.85
C ALA G 90 29.01 -43.53 31.29
N ALA G 91 30.06 -44.32 31.52
CA ALA G 91 30.62 -44.49 32.86
C ALA G 91 32.12 -44.36 32.78
N GLU G 92 32.70 -43.62 33.72
CA GLU G 92 34.14 -43.44 33.77
C GLU G 92 34.66 -43.85 35.13
N VAL G 93 35.81 -44.50 35.14
CA VAL G 93 36.51 -44.87 36.36
C VAL G 93 37.86 -44.15 36.33
N LYS G 94 38.04 -43.18 37.22
CA LYS G 94 39.25 -42.38 37.19
C LYS G 94 40.34 -43.00 38.03
N ASP G 95 39.99 -43.58 39.17
CA ASP G 95 40.93 -44.28 40.04
C ASP G 95 40.54 -45.75 40.08
N ALA G 96 41.50 -46.62 39.75
CA ALA G 96 41.33 -48.05 39.94
C ALA G 96 42.64 -48.73 39.58
N LEU G 97 43.03 -49.70 40.41
CA LEU G 97 44.13 -50.60 40.14
C LEU G 97 43.56 -51.99 40.00
N ALA G 98 44.44 -52.99 40.07
CA ALA G 98 44.00 -54.38 39.91
C ALA G 98 42.97 -54.74 40.97
N GLU G 99 42.36 -55.92 40.83
CA GLU G 99 41.16 -56.29 41.57
C GLU G 99 41.22 -55.98 43.06
N GLY G 100 42.19 -56.54 43.77
CA GLY G 100 42.33 -56.24 45.17
C GLY G 100 41.50 -57.13 46.08
N SER G 101 42.16 -57.77 47.05
CA SER G 101 41.58 -58.57 48.13
C SER G 101 40.88 -59.82 47.62
N ASP G 102 40.84 -60.05 46.32
CA ASP G 102 40.12 -61.18 45.74
C ASP G 102 40.95 -62.04 44.82
N GLY G 103 41.78 -61.46 43.96
CA GLY G 103 42.47 -62.19 42.92
C GLY G 103 41.66 -62.37 41.65
N ARG G 104 40.38 -62.04 41.70
CA ARG G 104 39.43 -62.17 40.61
C ARG G 104 38.96 -60.78 40.21
N PRO G 105 38.90 -60.51 38.90
CA PRO G 105 38.69 -59.14 38.43
C PRO G 105 37.31 -58.61 38.79
N VAL G 106 37.27 -57.29 39.03
CA VAL G 106 36.08 -56.61 39.53
C VAL G 106 35.23 -56.15 38.35
N LYS G 107 33.94 -56.45 38.42
CA LYS G 107 32.99 -56.16 37.37
C LYS G 107 32.10 -55.00 37.78
N CYS G 108 31.58 -54.29 36.79
CA CYS G 108 30.53 -53.31 37.00
C CYS G 108 29.45 -53.53 35.97
N VAL G 109 28.20 -53.57 36.43
CA VAL G 109 27.04 -53.85 35.60
C VAL G 109 26.12 -52.65 35.66
N LEU G 110 25.71 -52.15 34.50
CA LEU G 110 24.79 -51.03 34.42
C LEU G 110 23.53 -51.48 33.70
N ARG G 111 22.38 -51.25 34.33
CA ARG G 111 21.09 -51.57 33.74
C ARG G 111 20.29 -50.29 33.59
N ALA G 112 19.77 -50.07 32.38
CA ALA G 112 19.02 -48.87 32.03
C ALA G 112 17.65 -49.29 31.53
N LEU G 113 16.62 -48.94 32.29
CA LEU G 113 15.25 -49.16 31.90
C LEU G 113 14.68 -47.86 31.37
N TYR G 114 14.27 -47.86 30.12
CA TYR G 114 13.80 -46.63 29.49
C TYR G 114 12.61 -46.94 28.57
N PHE G 115 11.73 -45.96 28.44
CA PHE G 115 10.55 -46.08 27.61
C PHE G 115 10.76 -45.35 26.29
N LEU G 116 10.31 -45.96 25.21
CA LEU G 116 10.53 -45.42 23.89
C LEU G 116 9.67 -44.16 23.68
N PRO G 117 10.10 -43.26 22.79
CA PRO G 117 9.36 -42.00 22.62
C PRO G 117 7.96 -42.19 22.08
N SER G 118 7.63 -43.33 21.50
CA SER G 118 6.31 -43.54 20.93
C SER G 118 5.23 -43.45 22.00
N VAL G 119 4.07 -42.92 21.60
CA VAL G 119 2.92 -42.79 22.50
C VAL G 119 1.70 -43.37 21.82
N ILE G 120 0.75 -43.82 22.64
CA ILE G 120 -0.56 -44.25 22.17
C ILE G 120 -1.61 -43.63 23.05
N GLU G 121 -2.82 -43.54 22.54
CA GLU G 121 -3.92 -42.89 23.24
C GLU G 121 -4.81 -43.94 23.90
N VAL G 122 -5.09 -43.73 25.19
CA VAL G 122 -5.91 -44.66 25.97
C VAL G 122 -6.86 -43.84 26.85
N GLU G 123 -8.10 -44.32 26.96
CA GLU G 123 -9.04 -43.75 27.91
C GLU G 123 -9.57 -44.86 28.81
N TYR G 124 -9.72 -44.53 30.09
CA TYR G 124 -10.07 -45.48 31.13
C TYR G 124 -11.43 -45.19 31.74
N MET H 1 25.65 -45.86 17.03
CA MET H 1 24.97 -46.27 18.24
C MET H 1 24.08 -47.46 17.97
N LYS H 2 24.47 -48.64 18.45
CA LYS H 2 23.69 -49.85 18.23
C LYS H 2 23.92 -50.79 19.39
N GLN H 3 22.86 -51.51 19.77
CA GLN H 3 22.89 -52.30 20.99
C GLN H 3 21.85 -53.40 20.91
N LYS H 4 21.86 -54.29 21.91
CA LYS H 4 20.81 -55.26 22.13
C LYS H 4 20.16 -55.01 23.48
N VAL H 5 18.83 -55.03 23.50
CA VAL H 5 18.04 -54.67 24.66
C VAL H 5 16.99 -55.74 24.90
N HIS H 6 16.52 -55.82 26.13
CA HIS H 6 15.41 -56.69 26.49
C HIS H 6 14.12 -55.93 26.25
N SER H 7 13.26 -56.48 25.39
CA SER H 7 12.03 -55.83 24.99
C SER H 7 10.78 -56.40 25.63
N VAL H 8 10.90 -57.43 26.46
CA VAL H 8 9.75 -58.10 27.06
C VAL H 8 9.87 -58.02 28.56
N SER H 9 8.81 -57.57 29.22
CA SER H 9 8.83 -57.34 30.65
C SER H 9 7.53 -57.85 31.26
N TYR H 10 7.65 -58.50 32.42
CA TYR H 10 6.50 -59.02 33.14
C TYR H 10 6.51 -58.50 34.57
N LEU H 11 5.32 -58.46 35.15
CA LEU H 11 5.13 -58.16 36.57
C LEU H 11 4.35 -59.30 37.20
N ALA H 12 4.88 -59.85 38.27
CA ALA H 12 4.22 -60.92 39.02
C ALA H 12 3.86 -60.39 40.39
N LYS H 13 2.59 -60.56 40.77
CA LYS H 13 2.06 -60.11 42.06
C LYS H 13 1.54 -61.32 42.80
N ALA H 14 1.95 -61.48 44.05
CA ALA H 14 1.54 -62.61 44.85
C ALA H 14 1.30 -62.22 46.31
N GLU H 15 0.24 -62.76 46.89
CA GLU H 15 -0.10 -62.44 48.26
C GLU H 15 0.11 -63.67 49.13
N PHE H 16 0.56 -63.43 50.36
CA PHE H 16 0.54 -64.41 51.44
C PHE H 16 0.06 -63.74 52.72
N GLU H 17 -0.25 -64.53 53.75
CA GLU H 17 -1.07 -64.01 54.85
C GLU H 17 -0.26 -63.78 56.12
N TYR H 18 1.05 -63.62 55.98
CA TYR H 18 1.89 -63.11 57.06
C TYR H 18 1.75 -63.91 58.34
N LYS H 19 2.09 -65.19 58.29
CA LYS H 19 2.37 -65.96 59.50
C LYS H 19 3.39 -67.04 59.18
N ASN H 20 4.04 -67.53 60.22
CA ASN H 20 5.29 -68.28 60.09
C ASN H 20 5.20 -69.33 58.99
N GLY H 21 6.23 -69.39 58.16
CA GLY H 21 6.28 -70.32 57.07
C GLY H 21 7.15 -69.79 55.95
N VAL H 22 7.19 -70.58 54.88
CA VAL H 22 7.94 -70.27 53.67
C VAL H 22 6.98 -70.32 52.50
N TYR H 23 7.05 -69.32 51.63
CA TYR H 23 6.16 -69.20 50.49
C TYR H 23 7.00 -68.95 49.25
N ASP H 24 6.62 -69.61 48.15
CA ASP H 24 7.29 -69.46 46.86
C ASP H 24 6.46 -68.51 46.02
N LEU H 25 6.88 -67.24 45.98
CA LEU H 25 6.06 -66.16 45.46
C LEU H 25 6.14 -66.06 43.94
N VAL H 26 7.34 -65.89 43.40
CA VAL H 26 7.53 -65.58 41.98
C VAL H 26 8.49 -66.59 41.38
N ALA H 27 8.15 -67.08 40.18
CA ALA H 27 9.02 -67.95 39.41
C ALA H 27 9.66 -67.14 38.29
N LEU H 28 10.96 -67.32 38.11
CA LEU H 28 11.72 -66.55 37.13
C LEU H 28 12.45 -67.49 36.19
N PRO H 29 12.59 -67.14 34.92
CA PRO H 29 13.35 -67.98 34.00
C PRO H 29 14.83 -67.71 34.12
N THR H 30 15.64 -68.62 33.59
CA THR H 30 17.07 -68.40 33.55
C THR H 30 17.38 -67.26 32.59
N GLY H 31 18.21 -66.33 33.02
CA GLY H 31 18.49 -65.16 32.23
C GLY H 31 17.50 -64.03 32.41
N ALA H 32 16.53 -64.17 33.31
CA ALA H 32 15.60 -63.09 33.55
C ALA H 32 16.32 -61.90 34.16
N GLU H 33 15.83 -60.72 33.85
CA GLU H 33 16.46 -59.47 34.29
C GLU H 33 15.57 -58.86 35.37
N VAL H 34 15.78 -59.31 36.60
CA VAL H 34 14.96 -58.82 37.70
C VAL H 34 15.39 -57.40 38.03
N ILE H 35 14.48 -56.45 37.83
CA ILE H 35 14.80 -55.04 38.02
C ILE H 35 13.99 -54.39 39.14
N LYS H 36 12.97 -55.05 39.67
CA LYS H 36 12.33 -54.47 40.85
C LYS H 36 11.67 -55.57 41.67
N ILE H 37 11.94 -55.59 42.97
CA ILE H 37 11.24 -56.47 43.91
C ILE H 37 10.72 -55.57 45.01
N SER H 38 9.42 -55.60 45.24
CA SER H 38 8.80 -54.76 46.25
C SER H 38 7.91 -55.60 47.14
N LEU H 39 8.01 -55.38 48.44
CA LEU H 39 7.21 -56.09 49.43
C LEU H 39 6.42 -55.09 50.27
N GLU H 40 5.16 -55.42 50.50
CA GLU H 40 4.22 -54.54 51.17
C GLU H 40 3.44 -55.31 52.22
N VAL H 41 3.19 -54.67 53.36
CA VAL H 41 2.42 -55.29 54.44
C VAL H 41 1.11 -54.53 54.56
N VAL H 42 0.01 -55.22 54.28
CA VAL H 42 -1.33 -54.65 54.36
C VAL H 42 -1.91 -55.06 55.71
N GLY H 43 -1.99 -54.12 56.64
CA GLY H 43 -2.50 -54.38 57.97
C GLY H 43 -1.56 -53.85 59.01
N LEU H 44 -1.84 -54.18 60.27
CA LEU H 44 -1.04 -53.72 61.41
C LEU H 44 -0.46 -54.92 62.13
N PRO H 45 0.70 -55.39 61.73
CA PRO H 45 1.39 -56.44 62.48
C PRO H 45 1.80 -55.96 63.85
N THR H 46 1.95 -56.92 64.77
CA THR H 46 2.42 -56.63 66.12
C THR H 46 3.81 -57.19 66.41
N ALA H 47 4.20 -58.28 65.77
CA ALA H 47 5.52 -58.85 66.01
C ALA H 47 5.90 -59.74 64.84
N GLY H 48 7.15 -59.63 64.39
CA GLY H 48 7.65 -60.51 63.37
C GLY H 48 8.46 -59.87 62.27
N HIS H 49 9.15 -60.70 61.50
CA HIS H 49 9.97 -60.29 60.38
C HIS H 49 9.54 -61.02 59.14
N VAL H 50 9.69 -60.37 57.99
CA VAL H 50 9.53 -61.03 56.69
C VAL H 50 10.85 -60.93 55.95
N SER H 51 11.37 -62.05 55.50
CA SER H 51 12.61 -62.07 54.74
C SER H 51 12.31 -62.62 53.36
N VAL H 52 12.52 -61.82 52.33
CA VAL H 52 12.42 -62.27 50.95
C VAL H 52 13.82 -62.51 50.41
N GLY H 53 13.95 -63.51 49.56
CA GLY H 53 15.21 -63.91 49.01
C GLY H 53 15.02 -64.85 47.84
N PHE H 54 16.09 -65.51 47.45
CA PHE H 54 16.09 -66.40 46.31
C PHE H 54 16.37 -67.83 46.75
N LYS H 55 15.72 -68.79 46.07
CA LYS H 55 15.99 -70.19 46.34
C LYS H 55 15.73 -71.00 45.08
N ASP H 56 16.28 -72.22 45.07
CA ASP H 56 16.16 -73.13 43.96
C ASP H 56 14.74 -73.66 43.83
N GLU H 57 14.44 -74.21 42.65
CA GLU H 57 13.15 -74.87 42.45
C GLU H 57 12.99 -76.04 43.40
N SER H 58 14.07 -76.76 43.67
CA SER H 58 14.02 -77.92 44.54
C SER H 58 14.85 -77.76 45.80
N LYS H 59 16.15 -77.53 45.67
CA LYS H 59 17.03 -77.71 46.82
C LYS H 59 17.05 -76.46 47.69
N LYS H 60 17.60 -76.61 48.89
CA LYS H 60 17.38 -75.68 49.99
C LYS H 60 18.28 -74.45 49.91
N ASN H 61 18.30 -73.76 48.77
CA ASN H 61 19.24 -72.67 48.56
C ASN H 61 18.61 -71.31 48.89
N TYR H 62 18.05 -71.19 50.08
CA TYR H 62 17.40 -69.93 50.44
C TYR H 62 18.42 -68.97 51.03
N SER H 63 18.30 -67.70 50.63
CA SER H 63 19.18 -66.65 51.13
C SER H 63 18.43 -65.33 51.06
N SER H 64 18.18 -64.74 52.22
CA SER H 64 17.40 -63.51 52.28
C SER H 64 18.10 -62.36 51.58
N ILE H 65 17.33 -61.57 50.84
CA ILE H 65 17.85 -60.36 50.22
C ILE H 65 17.19 -59.10 50.76
N LEU H 66 16.01 -59.20 51.38
CA LEU H 66 15.37 -58.03 51.96
C LEU H 66 14.64 -58.46 53.23
N THR H 67 14.98 -57.83 54.35
CA THR H 67 14.34 -58.11 55.63
C THR H 67 13.48 -56.93 56.04
N LEU H 68 12.27 -57.23 56.48
CA LEU H 68 11.28 -56.22 56.90
C LEU H 68 10.83 -56.50 58.32
N PRO H 69 11.19 -55.65 59.28
CA PRO H 69 10.59 -55.73 60.62
C PRO H 69 9.15 -55.22 60.60
N VAL H 70 8.54 -55.11 61.78
CA VAL H 70 7.13 -54.77 61.84
C VAL H 70 6.89 -53.32 61.42
N ASN H 71 7.79 -52.42 61.80
CA ASN H 71 7.43 -51.00 61.82
C ASN H 71 7.24 -50.41 60.43
N GLU H 72 8.18 -50.66 59.49
CA GLU H 72 8.13 -49.84 58.28
C GLU H 72 7.06 -50.31 57.30
N THR H 73 6.71 -51.59 57.31
CA THR H 73 5.58 -52.16 56.55
C THR H 73 5.75 -52.07 55.05
N SER H 74 6.92 -51.66 54.54
CA SER H 74 7.12 -51.64 53.11
C SER H 74 8.62 -51.62 52.82
N GLY H 75 9.00 -52.27 51.73
CA GLY H 75 10.41 -52.32 51.38
C GLY H 75 10.61 -52.65 49.92
N VAL H 76 11.80 -52.31 49.43
CA VAL H 76 12.19 -52.58 48.06
C VAL H 76 13.64 -53.02 48.07
N VAL H 77 13.98 -54.04 47.27
CA VAL H 77 15.36 -54.50 47.22
C VAL H 77 16.22 -53.42 46.59
N THR H 78 17.42 -53.24 47.12
CA THR H 78 18.32 -52.17 46.69
C THR H 78 19.24 -52.59 45.57
N LYS H 79 19.02 -53.77 45.00
CA LYS H 79 20.00 -54.40 44.13
C LYS H 79 19.27 -55.00 42.95
N ASP H 80 19.97 -55.16 41.84
CA ASP H 80 19.39 -55.74 40.64
C ASP H 80 20.05 -57.08 40.33
N TYR H 81 19.28 -57.97 39.72
CA TYR H 81 19.59 -59.38 39.71
C TYR H 81 19.37 -59.96 38.33
N THR H 82 20.31 -60.79 37.90
CA THR H 82 20.15 -61.64 36.74
C THR H 82 19.98 -63.06 37.24
N VAL H 83 18.92 -63.71 36.80
CA VAL H 83 18.58 -65.02 37.35
C VAL H 83 19.56 -66.06 36.85
N LYS H 84 20.29 -66.67 37.78
CA LYS H 84 21.28 -67.70 37.48
C LYS H 84 20.94 -68.88 38.38
N SER H 85 20.04 -69.74 37.91
CA SER H 85 19.60 -70.96 38.56
C SER H 85 18.83 -70.75 39.86
N ASP H 86 18.79 -69.54 40.40
CA ASP H 86 17.98 -69.24 41.58
C ASP H 86 16.65 -68.71 41.09
N LYS H 87 15.78 -69.64 40.69
CA LYS H 87 14.61 -69.32 39.90
C LYS H 87 13.35 -69.21 40.75
N ILE H 88 13.48 -69.12 42.07
CA ILE H 88 12.35 -68.89 42.95
C ILE H 88 12.64 -67.66 43.79
N VAL H 89 11.74 -66.68 43.72
CA VAL H 89 11.66 -65.66 44.76
C VAL H 89 10.79 -66.22 45.87
N ALA H 90 11.31 -66.21 47.09
CA ALA H 90 10.60 -66.80 48.21
C ALA H 90 10.59 -65.84 49.38
N ALA H 91 9.60 -65.99 50.25
CA ALA H 91 9.49 -65.15 51.43
C ALA H 91 9.19 -66.03 52.63
N GLU H 92 9.88 -65.78 53.74
CA GLU H 92 9.66 -66.54 54.96
C GLU H 92 9.35 -65.59 56.10
N VAL H 93 8.40 -66.01 56.94
CA VAL H 93 8.04 -65.29 58.16
C VAL H 93 8.36 -66.22 59.32
N LYS H 94 9.37 -65.86 60.12
CA LYS H 94 9.80 -66.74 61.19
C LYS H 94 9.04 -66.46 62.47
N ASP H 95 8.75 -65.19 62.74
CA ASP H 95 7.96 -64.80 63.91
C ASP H 95 6.68 -64.15 63.42
N ALA H 96 5.54 -64.68 63.87
CA ALA H 96 4.25 -64.04 63.66
C ALA H 96 3.20 -64.81 64.42
N LEU H 97 2.30 -64.09 65.05
CA LEU H 97 1.11 -64.62 65.68
C LEU H 97 -0.09 -64.06 64.93
N ALA H 98 -1.28 -64.17 65.53
CA ALA H 98 -2.48 -63.70 64.89
C ALA H 98 -2.39 -62.20 64.62
N GLU H 99 -3.37 -61.67 63.88
CA GLU H 99 -3.28 -60.33 63.28
C GLU H 99 -2.78 -59.26 64.22
N GLY H 100 -3.48 -59.04 65.33
CA GLY H 100 -3.01 -58.05 66.28
C GLY H 100 -3.49 -56.64 66.00
N SER H 101 -4.13 -56.03 67.00
CA SER H 101 -4.57 -54.64 67.03
C SER H 101 -5.65 -54.32 66.01
N ASP H 102 -6.05 -55.30 65.20
CA ASP H 102 -7.01 -55.07 64.13
C ASP H 102 -8.21 -56.02 64.15
N GLY H 103 -8.00 -57.30 64.41
CA GLY H 103 -9.05 -58.30 64.27
C GLY H 103 -9.19 -58.85 62.87
N ARG H 104 -8.51 -58.24 61.91
CA ARG H 104 -8.55 -58.59 60.50
C ARG H 104 -7.16 -59.05 60.08
N PRO H 105 -7.08 -60.15 59.34
CA PRO H 105 -5.80 -60.79 59.09
C PRO H 105 -4.86 -59.94 58.25
N VAL H 106 -3.56 -60.09 58.53
CA VAL H 106 -2.51 -59.25 57.95
C VAL H 106 -2.02 -59.89 56.67
N LYS H 107 -1.94 -59.08 55.62
CA LYS H 107 -1.58 -59.51 54.29
C LYS H 107 -0.17 -59.04 53.96
N CYS H 108 0.50 -59.76 53.08
CA CYS H 108 1.75 -59.31 52.49
C CYS H 108 1.68 -59.52 50.99
N VAL H 109 2.05 -58.49 50.24
CA VAL H 109 1.97 -58.48 48.79
C VAL H 109 3.38 -58.29 48.25
N LEU H 110 3.79 -59.14 47.33
CA LEU H 110 5.09 -59.03 46.69
C LEU H 110 4.89 -58.84 45.20
N ARG H 111 5.52 -57.80 44.66
CA ARG H 111 5.48 -57.50 43.24
C ARG H 111 6.90 -57.57 42.68
N ALA H 112 7.06 -58.33 41.61
CA ALA H 112 8.35 -58.56 40.97
C ALA H 112 8.25 -58.13 39.52
N LEU H 113 8.97 -57.08 39.16
CA LEU H 113 9.07 -56.62 37.80
C LEU H 113 10.40 -57.10 37.23
N TYR H 114 10.32 -57.91 36.17
CA TYR H 114 11.51 -58.51 35.60
C TYR H 114 11.41 -58.55 34.08
N PHE H 115 12.56 -58.46 33.44
CA PHE H 115 12.64 -58.48 31.98
C PHE H 115 13.08 -59.86 31.51
N LEU H 116 12.46 -60.33 30.44
CA LEU H 116 12.72 -61.67 29.94
C LEU H 116 14.11 -61.73 29.31
N PRO H 117 14.72 -62.92 29.27
CA PRO H 117 16.09 -63.02 28.75
C PRO H 117 16.22 -62.67 27.28
N SER H 118 15.12 -62.65 26.53
CA SER H 118 15.21 -62.38 25.10
C SER H 118 15.74 -60.97 24.85
N VAL H 119 16.50 -60.82 23.76
CA VAL H 119 17.07 -59.55 23.36
C VAL H 119 16.75 -59.30 21.90
N ILE H 120 16.70 -58.02 21.53
CA ILE H 120 16.57 -57.60 20.15
C ILE H 120 17.60 -56.50 19.89
N GLU H 121 17.93 -56.32 18.63
CA GLU H 121 18.95 -55.35 18.24
C GLU H 121 18.30 -54.06 17.75
N VAL H 122 18.76 -52.94 18.28
CA VAL H 122 18.23 -51.62 17.94
C VAL H 122 19.38 -50.64 17.79
N GLU H 123 19.29 -49.77 16.78
CA GLU H 123 20.23 -48.67 16.63
C GLU H 123 19.46 -47.37 16.56
N TYR H 124 20.00 -46.35 17.22
CA TYR H 124 19.36 -45.06 17.40
C TYR H 124 20.09 -43.94 16.69
N MET I 1 6.69 -74.96 37.90
CA MET I 1 6.71 -73.50 38.01
C MET I 1 5.77 -72.89 36.99
N LYS I 2 4.64 -72.36 37.45
CA LYS I 2 3.67 -71.76 36.55
C LYS I 2 2.92 -70.67 37.29
N GLN I 3 2.60 -69.59 36.58
CA GLN I 3 2.07 -68.40 37.23
C GLN I 3 1.28 -67.58 36.21
N LYS I 4 0.63 -66.52 36.70
CA LYS I 4 0.04 -65.50 35.86
C LYS I 4 0.69 -64.16 36.14
N VAL I 5 1.04 -63.45 35.07
CA VAL I 5 1.79 -62.22 35.15
C VAL I 5 1.11 -61.15 34.32
N HIS I 6 1.39 -59.90 34.65
CA HIS I 6 0.94 -58.76 33.86
C HIS I 6 1.95 -58.50 32.76
N SER I 7 1.49 -58.56 31.51
CA SER I 7 2.37 -58.44 30.36
C SER I 7 2.28 -57.11 29.65
N VAL I 8 1.44 -56.18 30.12
CA VAL I 8 1.21 -54.91 29.45
C VAL I 8 1.53 -53.80 30.43
N SER I 9 2.37 -52.85 30.01
CA SER I 9 2.84 -51.79 30.88
C SER I 9 2.82 -50.48 30.13
N TYR I 10 2.40 -49.42 30.82
CA TYR I 10 2.34 -48.09 30.24
C TYR I 10 3.08 -47.11 31.13
N LEU I 11 3.55 -46.03 30.52
CA LEU I 11 4.14 -44.91 31.22
C LEU I 11 3.40 -43.65 30.82
N ALA I 12 2.92 -42.90 31.81
CA ALA I 12 2.23 -41.65 31.59
C ALA I 12 3.09 -40.51 32.15
N LYS I 13 3.33 -39.51 31.33
CA LYS I 13 4.13 -38.34 31.70
C LYS I 13 3.27 -37.10 31.57
N ALA I 14 3.23 -36.28 32.61
CA ALA I 14 2.42 -35.07 32.60
C ALA I 14 3.12 -33.93 33.30
N GLU I 15 3.00 -32.74 32.72
CA GLU I 15 3.64 -31.56 33.27
C GLU I 15 2.59 -30.60 33.80
N PHE I 16 2.91 -29.94 34.91
CA PHE I 16 2.19 -28.78 35.40
C PHE I 16 3.20 -27.71 35.83
N GLU I 17 2.73 -26.48 36.08
CA GLU I 17 3.64 -25.34 36.12
C GLU I 17 3.87 -24.83 37.54
N TYR I 18 3.66 -25.68 38.54
CA TYR I 18 4.10 -25.42 39.90
C TYR I 18 3.62 -24.09 40.44
N LYS I 19 2.31 -23.91 40.53
CA LYS I 19 1.73 -22.87 41.36
C LYS I 19 0.38 -23.34 41.88
N ASN I 20 -0.07 -22.70 42.96
CA ASN I 20 -1.14 -23.23 43.79
C ASN I 20 -2.31 -23.74 42.96
N GLY I 21 -2.79 -24.92 43.31
CA GLY I 21 -3.89 -25.53 42.61
C GLY I 21 -3.83 -27.03 42.72
N VAL I 22 -4.78 -27.68 42.06
CA VAL I 22 -4.91 -29.12 42.00
C VAL I 22 -4.92 -29.53 40.53
N TYR I 23 -4.15 -30.55 40.20
CA TYR I 23 -4.00 -31.04 38.84
C TYR I 23 -4.23 -32.54 38.82
N ASP I 24 -4.95 -33.01 37.81
CA ASP I 24 -5.23 -34.43 37.62
C ASP I 24 -4.26 -34.96 36.57
N LEU I 25 -3.17 -35.58 37.04
CA LEU I 25 -2.03 -35.90 36.20
C LEU I 25 -2.25 -37.17 35.39
N VAL I 26 -2.50 -38.30 36.06
CA VAL I 26 -2.52 -39.61 35.44
C VAL I 26 -3.85 -40.29 35.74
N ALA I 27 -4.43 -40.91 34.73
CA ALA I 27 -5.63 -41.72 34.87
C ALA I 27 -5.25 -43.19 34.84
N LEU I 28 -5.80 -43.97 35.77
CA LEU I 28 -5.45 -45.38 35.90
C LEU I 28 -6.71 -46.22 35.84
N PRO I 29 -6.65 -47.41 35.26
CA PRO I 29 -7.82 -48.29 35.23
C PRO I 29 -7.94 -49.06 36.54
N THR I 30 -9.11 -49.61 36.77
CA THR I 30 -9.29 -50.47 37.94
C THR I 30 -8.47 -51.75 37.75
N GLY I 31 -7.74 -52.12 38.79
CA GLY I 31 -6.84 -53.25 38.70
C GLY I 31 -5.48 -52.94 38.12
N ALA I 32 -5.20 -51.67 37.84
CA ALA I 32 -3.87 -51.31 37.35
C ALA I 32 -2.83 -51.57 38.43
N GLU I 33 -1.63 -51.91 37.99
CA GLU I 33 -0.55 -52.28 38.89
C GLU I 33 0.46 -51.14 38.87
N VAL I 34 0.22 -50.14 39.70
CA VAL I 34 1.10 -48.97 39.74
C VAL I 34 2.39 -49.37 40.43
N ILE I 35 3.49 -49.34 39.69
CA ILE I 35 4.78 -49.78 40.23
C ILE I 35 5.81 -48.68 40.30
N LYS I 36 5.57 -47.51 39.71
CA LYS I 36 6.48 -46.40 39.94
C LYS I 36 5.78 -45.08 39.75
N ILE I 37 5.92 -44.18 40.72
CA ILE I 37 5.46 -42.80 40.61
C ILE I 37 6.65 -41.92 40.93
N SER I 38 7.02 -41.05 40.00
CA SER I 38 8.16 -40.18 40.19
C SER I 38 7.77 -38.75 39.89
N LEU I 39 8.19 -37.82 40.75
CA LEU I 39 7.92 -36.40 40.58
C LEU I 39 9.22 -35.63 40.55
N GLU I 40 9.29 -34.67 39.62
CA GLU I 40 10.50 -33.93 39.36
C GLU I 40 10.18 -32.44 39.25
N VAL I 41 11.05 -31.60 39.77
CA VAL I 41 10.88 -30.16 39.72
C VAL I 41 11.96 -29.61 38.81
N VAL I 42 11.56 -29.03 37.68
CA VAL I 42 12.48 -28.43 36.72
C VAL I 42 12.48 -26.93 36.98
N GLY I 43 13.57 -26.44 37.56
CA GLY I 43 13.70 -25.03 37.88
C GLY I 43 14.15 -24.86 39.31
N LEU I 44 14.13 -23.61 39.77
CA LEU I 44 14.57 -23.27 41.13
C LEU I 44 13.41 -22.64 41.88
N PRO I 45 12.58 -23.43 42.54
CA PRO I 45 11.54 -22.86 43.40
C PRO I 45 12.14 -22.14 44.59
N THR I 46 11.36 -21.21 45.12
CA THR I 46 11.75 -20.46 46.31
C THR I 46 10.92 -20.80 47.54
N ALA I 47 9.65 -21.17 47.36
CA ALA I 47 8.81 -21.51 48.50
C ALA I 47 7.65 -22.37 48.03
N GLY I 48 7.34 -23.42 48.79
CA GLY I 48 6.18 -24.23 48.49
C GLY I 48 6.37 -25.71 48.60
N HIS I 49 5.25 -26.44 48.61
CA HIS I 49 5.22 -27.89 48.67
C HIS I 49 4.41 -28.43 47.51
N VAL I 50 4.77 -29.62 47.04
CA VAL I 50 3.96 -30.36 46.10
C VAL I 50 3.57 -31.68 46.73
N SER I 51 2.28 -31.97 46.77
CA SER I 51 1.79 -33.23 47.32
C SER I 51 1.10 -34.00 46.22
N VAL I 52 1.62 -35.17 45.90
CA VAL I 52 0.95 -36.06 44.96
C VAL I 52 0.26 -37.16 45.75
N GLY I 53 -0.88 -37.60 45.23
CA GLY I 53 -1.71 -38.58 45.90
C GLY I 53 -2.76 -39.11 44.96
N PHE I 54 -3.74 -39.79 45.53
CA PHE I 54 -4.80 -40.44 44.76
C PHE I 54 -6.14 -39.79 45.07
N LYS I 55 -6.99 -39.70 44.05
CA LYS I 55 -8.34 -39.20 44.25
C LYS I 55 -9.27 -39.82 43.22
N ASP I 56 -10.57 -39.74 43.53
CA ASP I 56 -11.61 -40.30 42.67
C ASP I 56 -11.75 -39.49 41.39
N GLU I 57 -12.41 -40.10 40.41
CA GLU I 57 -12.73 -39.38 39.18
C GLU I 57 -13.61 -38.18 39.46
N SER I 58 -14.54 -38.32 40.40
CA SER I 58 -15.46 -37.25 40.73
C SER I 58 -15.29 -36.73 42.15
N LYS I 59 -15.45 -37.58 43.15
CA LYS I 59 -15.64 -37.09 44.50
C LYS I 59 -14.30 -36.78 45.16
N LYS I 60 -14.38 -36.08 46.30
CA LYS I 60 -13.23 -35.37 46.86
C LYS I 60 -12.32 -36.28 47.68
N ASN I 61 -11.89 -37.40 47.12
CA ASN I 61 -11.14 -38.39 47.88
C ASN I 61 -9.64 -38.21 47.72
N TYR I 62 -9.14 -37.01 47.96
CA TYR I 62 -7.72 -36.76 47.80
C TYR I 62 -6.97 -37.13 49.07
N SER I 63 -5.82 -37.77 48.90
CA SER I 63 -4.96 -38.16 50.02
C SER I 63 -3.53 -38.21 49.52
N SER I 64 -2.69 -37.35 50.06
CA SER I 64 -1.30 -37.25 49.61
C SER I 64 -0.54 -38.53 49.90
N ILE I 65 0.29 -38.95 48.94
CA ILE I 65 1.17 -40.08 49.14
C ILE I 65 2.64 -39.69 49.07
N LEU I 66 2.98 -38.56 48.46
CA LEU I 66 4.37 -38.10 48.41
C LEU I 66 4.38 -36.59 48.51
N THR I 67 5.09 -36.06 49.50
CA THR I 67 5.25 -34.63 49.70
C THR I 67 6.67 -34.20 49.38
N LEU I 68 6.78 -33.12 48.61
CA LEU I 68 8.07 -32.58 48.18
C LEU I 68 8.20 -31.13 48.60
N PRO I 69 9.08 -30.81 49.56
CA PRO I 69 9.42 -29.41 49.82
C PRO I 69 10.28 -28.83 48.72
N VAL I 70 10.76 -27.60 48.92
CA VAL I 70 11.48 -26.90 47.86
C VAL I 70 12.82 -27.55 47.58
N ASN I 71 13.51 -28.00 48.63
CA ASN I 71 14.95 -28.23 48.52
C ASN I 71 15.30 -29.42 47.64
N GLU I 72 14.65 -30.57 47.82
CA GLU I 72 15.20 -31.76 47.17
C GLU I 72 14.87 -31.83 45.68
N THR I 73 13.76 -31.25 45.26
CA THR I 73 13.38 -31.09 43.86
C THR I 73 13.15 -32.41 43.12
N SER I 74 13.13 -33.54 43.82
CA SER I 74 12.82 -34.80 43.16
C SER I 74 12.39 -35.81 44.20
N GLY I 75 11.48 -36.68 43.81
CA GLY I 75 10.99 -37.68 44.73
C GLY I 75 10.35 -38.85 44.01
N VAL I 76 10.26 -39.97 44.73
CA VAL I 76 9.65 -41.19 44.21
C VAL I 76 8.84 -41.81 45.34
N VAL I 77 7.65 -42.31 45.03
CA VAL I 77 6.84 -42.94 46.07
C VAL I 77 7.51 -44.22 46.53
N THR I 78 7.46 -44.48 47.83
CA THR I 78 8.15 -45.61 48.43
C THR I 78 7.29 -46.87 48.46
N LYS I 79 6.13 -46.85 47.82
CA LYS I 79 5.12 -47.86 48.04
C LYS I 79 4.53 -48.23 46.69
N ASP I 80 3.98 -49.43 46.60
CA ASP I 80 3.36 -49.91 45.37
C ASP I 80 1.87 -50.10 45.57
N TYR I 81 1.12 -49.90 44.50
CA TYR I 81 -0.30 -49.64 44.57
C TYR I 81 -1.05 -50.45 43.53
N THR I 82 -2.16 -51.04 43.95
CA THR I 82 -3.13 -51.62 43.05
C THR I 82 -4.34 -50.70 43.03
N VAL I 83 -4.76 -50.29 41.84
CA VAL I 83 -5.80 -49.27 41.74
C VAL I 83 -7.14 -49.88 42.13
N LYS I 84 -7.73 -49.34 43.18
CA LYS I 84 -9.03 -49.78 43.68
C LYS I 84 -9.90 -48.52 43.80
N SER I 85 -10.55 -48.16 42.70
CA SER I 85 -11.48 -47.04 42.57
C SER I 85 -10.83 -45.68 42.73
N ASP I 86 -9.57 -45.59 43.15
CA ASP I 86 -8.84 -44.32 43.23
C ASP I 86 -8.08 -44.16 41.92
N LYS I 87 -8.80 -43.75 40.88
CA LYS I 87 -8.33 -43.85 39.51
C LYS I 87 -7.73 -42.56 39.00
N ILE I 88 -7.45 -41.60 39.88
CA ILE I 88 -6.76 -40.37 39.51
C ILE I 88 -5.51 -40.23 40.37
N VAL I 89 -4.37 -40.11 39.72
CA VAL I 89 -3.19 -39.56 40.36
C VAL I 89 -3.28 -38.04 40.24
N ALA I 90 -3.18 -37.35 41.36
CA ALA I 90 -3.35 -35.91 41.38
C ALA I 90 -2.22 -35.27 42.16
N ALA I 91 -1.94 -34.01 41.85
CA ALA I 91 -0.90 -33.26 42.53
C ALA I 91 -1.43 -31.89 42.89
N GLU I 92 -1.17 -31.44 44.11
CA GLU I 92 -1.61 -30.14 44.56
C GLU I 92 -0.41 -29.35 45.07
N VAL I 93 -0.41 -28.06 44.75
CA VAL I 93 0.60 -27.12 45.25
C VAL I 93 -0.14 -26.07 46.07
N LYS I 94 0.07 -26.09 47.38
CA LYS I 94 -0.68 -25.19 48.26
C LYS I 94 0.03 -23.85 48.41
N ASP I 95 1.35 -23.88 48.49
CA ASP I 95 2.15 -22.66 48.57
C ASP I 95 3.00 -22.58 47.32
N ALA I 96 2.90 -21.45 46.61
CA ALA I 96 3.81 -21.14 45.52
C ALA I 96 3.50 -19.75 45.01
N LEU I 97 4.54 -18.99 44.74
CA LEU I 97 4.47 -17.70 44.07
C LEU I 97 5.19 -17.84 42.74
N ALA I 98 5.50 -16.69 42.13
CA ALA I 98 6.16 -16.72 40.84
C ALA I 98 7.50 -17.44 40.92
N GLU I 99 8.14 -17.67 39.77
CA GLU I 99 9.25 -18.60 39.64
C GLU I 99 10.31 -18.44 40.72
N GLY I 100 10.91 -17.27 40.82
CA GLY I 100 11.89 -17.05 41.86
C GLY I 100 13.30 -17.44 41.48
N SER I 101 14.24 -16.50 41.61
CA SER I 101 15.68 -16.67 41.43
C SER I 101 16.07 -17.01 40.01
N ASP I 102 15.12 -17.14 39.09
CA ASP I 102 15.39 -17.55 37.73
C ASP I 102 14.82 -16.63 36.67
N GLY I 103 13.59 -16.14 36.84
CA GLY I 103 12.91 -15.40 35.80
C GLY I 103 12.17 -16.27 34.81
N ARG I 104 12.38 -17.57 34.87
CA ARG I 104 11.80 -18.56 33.99
C ARG I 104 10.91 -19.49 34.81
N PRO I 105 9.72 -19.78 34.31
CA PRO I 105 8.73 -20.48 35.13
C PRO I 105 9.13 -21.89 35.50
N VAL I 106 8.69 -22.29 36.69
CA VAL I 106 9.09 -23.56 37.30
C VAL I 106 8.12 -24.66 36.88
N LYS I 107 8.68 -25.77 36.44
CA LYS I 107 7.92 -26.89 35.91
C LYS I 107 7.94 -28.03 36.92
N CYS I 108 6.92 -28.87 36.86
CA CYS I 108 6.89 -30.13 37.58
C CYS I 108 6.43 -31.21 36.62
N VAL I 109 7.18 -32.31 36.61
CA VAL I 109 6.94 -33.43 35.71
C VAL I 109 6.65 -34.67 36.56
N LEU I 110 5.55 -35.35 36.25
CA LEU I 110 5.19 -36.57 36.95
C LEU I 110 5.16 -37.71 35.95
N ARG I 111 5.87 -38.79 36.27
CA ARG I 111 5.90 -39.99 35.44
C ARG I 111 5.35 -41.15 36.25
N ALA I 112 4.40 -41.87 35.68
CA ALA I 112 3.71 -42.98 36.32
C ALA I 112 3.88 -44.21 35.45
N LEU I 113 4.62 -45.18 35.95
CA LEU I 113 4.78 -46.47 35.30
C LEU I 113 3.85 -47.47 35.98
N TYR I 114 2.92 -48.03 35.21
CA TYR I 114 1.92 -48.92 35.77
C TYR I 114 1.64 -50.06 34.81
N PHE I 115 1.29 -51.21 35.37
CA PHE I 115 0.99 -52.40 34.59
C PHE I 115 -0.53 -52.59 34.52
N LEU I 116 -1.00 -52.98 33.35
CA LEU I 116 -2.42 -53.10 33.11
C LEU I 116 -2.97 -54.31 33.86
N PRO I 117 -4.27 -54.30 34.19
CA PRO I 117 -4.82 -55.40 34.98
C PRO I 117 -4.80 -56.74 34.28
N SER I 118 -4.63 -56.78 32.96
CA SER I 118 -4.65 -58.03 32.23
C SER I 118 -3.51 -58.94 32.69
N VAL I 119 -3.78 -60.24 32.68
CA VAL I 119 -2.79 -61.26 33.05
C VAL I 119 -2.73 -62.32 31.98
N ILE I 120 -1.58 -62.97 31.88
CA ILE I 120 -1.41 -64.13 31.03
C ILE I 120 -0.70 -65.21 31.83
N GLU I 121 -0.84 -66.45 31.39
CA GLU I 121 -0.27 -67.59 32.09
C GLU I 121 1.03 -68.03 31.43
N VAL I 122 2.07 -68.19 32.24
CA VAL I 122 3.39 -68.58 31.77
C VAL I 122 3.98 -69.61 32.72
N GLU I 123 4.65 -70.62 32.17
CA GLU I 123 5.40 -71.56 32.97
C GLU I 123 6.84 -71.61 32.46
N TYR I 124 7.78 -71.69 33.39
CA TYR I 124 9.20 -71.59 33.13
C TYR I 124 9.94 -72.88 33.44
N ASN J 6 79.13 26.04 -64.35
CA ASN J 6 78.18 24.99 -64.07
C ASN J 6 77.92 24.87 -62.58
N ASN J 7 77.50 25.97 -61.97
CA ASN J 7 77.29 25.96 -60.54
C ASN J 7 75.95 25.30 -60.20
N ILE J 8 75.72 25.15 -58.90
CA ILE J 8 74.57 24.39 -58.43
C ILE J 8 73.31 25.20 -58.67
N ASN J 9 72.32 24.59 -59.31
CA ASN J 9 71.03 25.23 -59.57
C ASN J 9 70.05 24.67 -58.54
N PHE J 10 69.89 25.41 -57.43
CA PHE J 10 69.01 24.94 -56.37
C PHE J 10 67.55 24.93 -56.77
N ASN J 11 67.22 25.53 -57.91
CA ASN J 11 65.84 25.60 -58.39
C ASN J 11 65.70 24.61 -59.54
N ASN J 12 64.79 23.65 -59.39
CA ASN J 12 64.75 22.51 -60.31
C ASN J 12 63.80 22.75 -61.47
N ILE J 13 62.52 22.95 -61.18
CA ILE J 13 61.51 23.09 -62.21
C ILE J 13 61.03 24.52 -62.38
N SER J 14 60.94 25.30 -61.32
CA SER J 14 60.44 26.66 -61.44
C SER J 14 61.38 27.57 -62.23
N ASN J 15 62.61 27.13 -62.50
CA ASN J 15 63.52 27.90 -63.35
C ASN J 15 63.56 27.39 -64.78
N ASN J 16 62.84 26.33 -65.09
CA ASN J 16 62.90 25.76 -66.42
C ASN J 16 62.02 26.57 -67.37
N PRO J 17 62.58 27.19 -68.41
CA PRO J 17 61.77 28.01 -69.32
C PRO J 17 61.07 27.23 -70.43
N ASN J 18 61.13 25.90 -70.42
CA ASN J 18 60.42 25.11 -71.41
C ASN J 18 59.00 24.78 -70.98
N LEU J 19 58.64 25.08 -69.75
CA LEU J 19 57.32 24.81 -69.22
C LEU J 19 56.73 26.08 -68.62
N GLY J 20 55.43 26.26 -68.81
CA GLY J 20 54.78 27.47 -68.38
C GLY J 20 53.64 27.25 -67.41
N ILE J 21 53.33 28.27 -66.61
CA ILE J 21 52.31 28.14 -65.58
C ILE J 21 50.93 28.24 -66.20
N GLU J 22 50.08 27.27 -65.90
CA GLU J 22 48.64 27.37 -66.17
C GLU J 22 47.95 27.91 -64.93
N VAL J 23 47.35 29.08 -65.05
CA VAL J 23 46.61 29.67 -63.95
C VAL J 23 45.19 29.14 -63.97
N GLY J 24 44.73 28.65 -62.82
CA GLY J 24 43.38 28.13 -62.70
C GLY J 24 42.33 29.18 -62.99
N ARG J 25 41.39 28.84 -63.87
CA ARG J 25 40.35 29.79 -64.23
C ARG J 25 39.49 30.14 -63.03
N GLU J 26 39.03 29.13 -62.29
CA GLU J 26 38.17 29.35 -61.15
C GLU J 26 38.94 30.03 -60.03
N ILE J 27 38.37 31.08 -59.48
CA ILE J 27 38.87 31.70 -58.27
C ILE J 27 37.91 31.30 -57.16
N GLN J 28 38.26 30.25 -56.41
CA GLN J 28 37.40 29.81 -55.32
C GLN J 28 37.38 30.87 -54.25
N ASN J 29 36.20 31.40 -53.94
CA ASN J 29 36.10 32.41 -52.90
C ASN J 29 36.29 31.77 -51.53
N ALA J 30 36.82 32.57 -50.61
CA ALA J 30 37.11 32.12 -49.26
C ALA J 30 35.98 32.43 -48.29
N SER J 31 34.74 32.43 -48.75
CA SER J 31 33.57 32.69 -47.92
C SER J 31 32.73 31.43 -47.86
N TRP J 32 32.47 30.96 -46.64
CA TRP J 32 31.57 29.82 -46.46
C TRP J 32 30.62 29.98 -45.29
N VAL J 33 30.84 30.93 -44.39
CA VAL J 33 30.05 31.01 -43.17
C VAL J 33 28.66 31.55 -43.48
N LYS J 34 27.65 30.85 -42.99
CA LYS J 34 26.28 31.34 -43.01
C LYS J 34 25.86 31.58 -41.57
N SER J 35 25.68 32.85 -41.21
CA SER J 35 25.26 33.17 -39.86
C SER J 35 23.82 32.75 -39.63
N PRO J 36 23.46 32.34 -38.42
CA PRO J 36 22.12 31.78 -38.20
C PRO J 36 21.06 32.84 -37.97
N PHE J 37 21.08 33.91 -38.76
CA PHE J 37 20.16 35.02 -38.55
C PHE J 37 19.14 35.18 -39.64
N PHE J 38 19.42 34.68 -40.85
CA PHE J 38 18.41 34.75 -41.89
C PHE J 38 17.20 33.89 -41.56
N SER J 39 17.40 32.84 -40.76
CA SER J 39 16.27 32.02 -40.34
C SER J 39 15.44 32.72 -39.29
N ILE J 40 16.09 33.39 -38.34
CA ILE J 40 15.37 34.13 -37.32
C ILE J 40 14.60 35.29 -37.93
N THR J 41 15.23 36.03 -38.85
CA THR J 41 14.63 37.22 -39.41
C THR J 41 13.43 36.86 -40.28
N GLY J 42 12.38 37.65 -40.16
CA GLY J 42 11.19 37.45 -40.96
C GLY J 42 10.20 38.56 -40.69
N THR J 43 9.22 38.65 -41.58
CA THR J 43 8.19 39.67 -41.47
C THR J 43 7.08 39.29 -40.51
N GLY J 44 7.08 38.07 -39.98
CA GLY J 44 6.02 37.65 -39.09
C GLY J 44 6.04 38.40 -37.78
N ALA J 45 4.90 38.40 -37.12
CA ALA J 45 4.80 39.05 -35.81
C ALA J 45 5.52 38.29 -34.72
N ASP J 46 5.87 37.04 -34.97
CA ASP J 46 6.42 36.15 -33.94
C ASP J 46 7.92 35.92 -34.10
N ARG J 47 8.54 36.43 -35.15
CA ARG J 47 9.95 36.16 -35.37
C ARG J 47 10.80 36.86 -34.31
N GLY J 48 11.96 36.28 -34.04
CA GLY J 48 12.87 36.90 -33.09
C GLY J 48 13.41 38.23 -33.57
N VAL J 49 13.63 38.35 -34.87
CA VAL J 49 14.00 39.59 -35.52
C VAL J 49 12.92 39.90 -36.55
N ARG J 50 12.22 41.00 -36.36
CA ARG J 50 11.04 41.28 -37.15
C ARG J 50 11.31 42.35 -38.21
N LEU J 51 10.77 42.13 -39.40
CA LEU J 51 10.83 43.12 -40.47
C LEU J 51 9.59 43.99 -40.45
N PHE J 52 9.80 45.28 -40.66
CA PHE J 52 8.76 46.29 -40.60
C PHE J 52 8.74 47.06 -41.91
N SER J 53 8.65 46.34 -43.03
CA SER J 53 8.70 46.96 -44.34
C SER J 53 7.79 48.18 -44.41
N VAL J 54 8.39 49.35 -44.58
CA VAL J 54 7.69 50.62 -44.54
C VAL J 54 7.80 51.27 -45.91
N ALA J 55 6.67 51.42 -46.58
CA ALA J 55 6.64 52.22 -47.79
C ALA J 55 7.00 53.65 -47.44
N SER J 56 7.78 54.29 -48.32
CA SER J 56 8.39 55.60 -48.13
C SER J 56 9.54 55.56 -47.15
N GLN J 57 9.83 54.41 -46.54
CA GLN J 57 10.99 54.18 -45.66
C GLN J 57 11.29 55.38 -44.77
N GLN J 58 10.26 55.89 -44.12
CA GLN J 58 10.42 56.92 -43.11
C GLN J 58 10.84 56.27 -41.80
N PRO J 59 11.22 57.06 -40.80
CA PRO J 59 11.34 56.50 -39.46
C PRO J 59 10.02 55.88 -39.04
N PHE J 60 10.10 54.75 -38.36
CA PHE J 60 8.92 54.02 -37.95
C PHE J 60 8.67 54.20 -36.46
N ARG J 61 7.45 53.94 -36.04
CA ARG J 61 7.10 54.00 -34.61
C ARG J 61 6.17 52.86 -34.28
N PRO J 62 6.72 51.68 -34.00
CA PRO J 62 5.89 50.58 -33.50
C PRO J 62 5.37 50.85 -32.10
N ARG J 63 4.19 50.31 -31.84
CA ARG J 63 3.45 50.55 -30.62
C ARG J 63 2.89 49.23 -30.10
N ILE J 64 2.82 49.13 -28.77
CA ILE J 64 2.19 48.03 -28.08
C ILE J 64 1.16 48.60 -27.10
N LYS J 65 0.21 47.76 -26.70
CA LYS J 65 -0.73 48.14 -25.67
C LYS J 65 -0.59 47.18 -24.50
N ALA J 66 -0.66 47.72 -23.28
CA ALA J 66 -0.42 46.96 -22.08
C ALA J 66 -1.68 46.22 -21.64
N GLN J 67 -1.59 45.54 -20.50
CA GLN J 67 -2.74 44.88 -19.91
C GLN J 67 -3.68 45.90 -19.30
N LEU J 68 -4.97 45.53 -19.24
CA LEU J 68 -5.96 46.34 -18.55
C LEU J 68 -5.99 45.89 -17.10
N THR J 69 -5.24 46.58 -16.25
CA THR J 69 -5.17 46.24 -14.84
C THR J 69 -6.13 47.15 -14.05
N GLY J 70 -7.41 46.95 -14.31
CA GLY J 70 -8.40 47.76 -13.65
C GLY J 70 -9.55 46.95 -13.09
N SER J 71 -9.94 47.25 -11.86
CA SER J 71 -11.14 46.64 -11.31
C SER J 71 -12.36 47.27 -11.97
N GLY J 72 -13.22 46.44 -12.53
CA GLY J 72 -14.29 46.99 -13.34
C GLY J 72 -15.44 47.53 -12.52
N VAL J 73 -16.65 47.20 -12.92
CA VAL J 73 -17.86 47.55 -12.18
C VAL J 73 -18.59 46.26 -11.86
N SER J 74 -19.25 46.23 -10.71
CA SER J 74 -19.91 45.03 -10.22
C SER J 74 -21.42 45.25 -10.15
N GLY J 75 -22.14 44.38 -10.81
CA GLY J 75 -23.59 44.39 -10.70
C GLY J 75 -24.23 45.48 -11.52
N ASN J 76 -25.26 46.09 -10.96
CA ASN J 76 -26.02 47.12 -11.68
C ASN J 76 -25.26 48.42 -11.81
N THR J 77 -24.11 48.56 -11.17
CA THR J 77 -23.34 49.79 -11.29
C THR J 77 -23.04 50.07 -12.75
N ASP J 78 -23.24 51.31 -13.15
CA ASP J 78 -23.03 51.69 -14.54
C ASP J 78 -21.57 51.56 -14.91
N PHE J 79 -21.31 51.11 -16.14
CA PHE J 79 -19.94 50.94 -16.62
C PHE J 79 -19.08 52.12 -16.24
N GLU J 80 -19.63 53.30 -16.44
CA GLU J 80 -18.92 54.55 -16.37
C GLU J 80 -18.49 54.92 -14.97
N ALA J 81 -19.03 54.28 -13.94
CA ALA J 81 -18.58 54.56 -12.57
C ALA J 81 -17.13 54.14 -12.34
N ASN J 82 -16.58 53.32 -13.22
CA ASN J 82 -15.16 52.97 -13.17
C ASN J 82 -14.71 52.70 -14.61
N TYR J 83 -14.15 53.72 -15.24
CA TYR J 83 -13.60 53.59 -16.57
C TYR J 83 -12.20 53.01 -16.50
N ASP J 84 -11.86 52.18 -17.46
CA ASP J 84 -10.49 51.69 -17.52
C ASP J 84 -9.69 52.53 -18.51
N ASN J 85 -8.37 52.42 -18.44
CA ASN J 85 -7.49 53.23 -19.25
C ASN J 85 -6.62 52.34 -20.12
N LEU J 86 -6.63 52.61 -21.42
CA LEU J 86 -5.83 51.86 -22.38
C LEU J 86 -4.52 52.60 -22.59
N GLU J 87 -3.45 52.06 -22.03
CA GLU J 87 -2.14 52.70 -22.17
C GLU J 87 -1.38 52.09 -23.33
N ILE J 88 -0.77 52.96 -24.13
CA ILE J 88 -0.01 52.57 -25.30
C ILE J 88 1.44 52.99 -25.12
N LEU J 89 2.35 52.13 -25.55
CA LEU J 89 3.79 52.32 -25.45
C LEU J 89 4.35 52.30 -26.85
N SER J 90 5.38 53.10 -27.12
CA SER J 90 5.88 53.21 -28.48
C SER J 90 7.39 53.39 -28.47
N GLN J 91 7.99 53.11 -29.63
CA GLN J 91 9.39 53.48 -29.80
C GLN J 91 9.64 53.79 -31.27
N THR J 92 10.68 54.57 -31.52
CA THR J 92 10.97 55.08 -32.86
C THR J 92 12.22 54.39 -33.43
N ILE J 93 12.12 53.94 -34.68
CA ILE J 93 13.20 53.31 -35.41
C ILE J 93 13.65 54.27 -36.49
N TYR J 94 14.92 54.63 -36.47
CA TYR J 94 15.48 55.55 -37.43
C TYR J 94 16.36 54.83 -38.43
N PRO J 95 16.35 55.23 -39.70
CA PRO J 95 17.14 54.53 -40.70
C PRO J 95 18.62 54.87 -40.61
N ASP J 96 19.41 54.03 -41.26
CA ASP J 96 20.86 54.18 -41.29
C ASP J 96 21.37 53.72 -42.64
N ALA J 97 22.24 54.52 -43.25
CA ALA J 97 22.72 54.28 -44.61
C ALA J 97 24.16 53.83 -44.56
N PHE J 98 24.47 52.76 -45.29
CA PHE J 98 25.83 52.29 -45.39
C PHE J 98 26.00 51.59 -46.74
N GLY J 99 27.26 51.44 -47.14
CA GLY J 99 27.52 50.82 -48.42
C GLY J 99 29.01 50.64 -48.62
N ASN J 100 29.35 49.90 -49.68
CA ASN J 100 30.72 49.62 -50.03
C ASN J 100 30.85 49.68 -51.54
N SER J 101 32.08 49.65 -52.03
CA SER J 101 32.28 49.66 -53.47
C SER J 101 33.62 49.04 -53.82
N LEU J 102 33.72 48.58 -55.07
CA LEU J 102 34.94 48.08 -55.67
C LEU J 102 35.15 48.78 -57.00
N ARG J 103 36.39 49.10 -57.30
CA ARG J 103 36.77 49.67 -58.58
C ARG J 103 37.64 48.68 -59.33
N SER J 104 37.35 48.46 -60.60
CA SER J 104 38.05 47.46 -61.37
C SER J 104 39.34 48.03 -61.95
N LYS J 105 40.01 47.22 -62.75
CA LYS J 105 41.10 47.67 -63.61
C LYS J 105 40.58 47.75 -65.04
N ILE J 106 41.44 48.15 -65.96
CA ILE J 106 41.00 48.29 -67.33
C ILE J 106 40.58 46.92 -67.87
N LYS J 107 39.73 46.95 -68.90
CA LYS J 107 39.13 45.71 -69.39
C LYS J 107 40.19 44.73 -69.88
N ALA J 108 41.25 45.24 -70.51
CA ALA J 108 42.32 44.36 -70.98
C ALA J 108 42.97 43.63 -69.83
N TYR J 109 43.20 44.32 -68.71
CA TYR J 109 43.80 43.67 -67.55
C TYR J 109 42.83 42.71 -66.89
N SER J 110 41.55 43.06 -66.86
CA SER J 110 40.56 42.13 -66.33
C SER J 110 40.43 40.87 -67.18
N GLU J 111 40.76 40.95 -68.46
CA GLU J 111 40.73 39.76 -69.29
C GLU J 111 42.07 39.03 -69.33
N LEU J 112 43.16 39.70 -68.99
CA LEU J 112 44.42 39.00 -68.79
C LEU J 112 44.35 38.13 -67.54
N GLU J 113 43.91 38.71 -66.43
CA GLU J 113 43.81 37.99 -65.17
C GLU J 113 42.60 37.06 -65.12
N ARG J 114 41.74 37.08 -66.13
CA ARG J 114 40.57 36.22 -66.19
C ARG J 114 39.68 36.39 -64.97
N ILE J 115 39.48 37.64 -64.58
CA ILE J 115 38.63 37.99 -63.44
C ILE J 115 37.40 38.69 -64.00
N ASP J 116 36.23 38.06 -63.88
CA ASP J 116 35.02 38.61 -64.47
C ASP J 116 34.44 39.63 -63.49
N PHE J 117 35.13 40.77 -63.39
CA PHE J 117 35.00 41.68 -62.25
C PHE J 117 33.57 41.88 -61.79
N ILE J 118 32.60 41.89 -62.69
CA ILE J 118 31.23 42.14 -62.27
C ILE J 118 30.73 41.04 -61.33
N LYS J 119 30.95 39.78 -61.71
CA LYS J 119 30.44 38.68 -60.90
C LYS J 119 31.11 38.62 -59.53
N GLU J 120 32.44 38.64 -59.50
CA GLU J 120 33.12 38.57 -58.21
C GLU J 120 32.82 39.79 -57.36
N SER J 121 32.71 40.96 -57.97
CA SER J 121 32.37 42.16 -57.22
C SER J 121 31.00 42.04 -56.59
N VAL J 122 30.01 41.59 -57.37
CA VAL J 122 28.65 41.48 -56.85
C VAL J 122 28.60 40.43 -55.74
N ASP J 123 29.27 39.29 -55.93
CA ASP J 123 29.29 38.26 -54.91
C ASP J 123 29.94 38.76 -53.63
N SER J 124 31.13 39.36 -53.75
CA SER J 124 31.83 39.84 -52.57
C SER J 124 31.03 40.89 -51.84
N LEU J 125 30.40 41.80 -52.59
CA LEU J 125 29.66 42.86 -51.93
C LEU J 125 28.37 42.35 -51.31
N THR J 126 27.74 41.34 -51.92
CA THR J 126 26.60 40.70 -51.27
C THR J 126 27.00 40.09 -49.95
N THR J 127 28.14 39.40 -49.92
CA THR J 127 28.64 38.85 -48.67
C THR J 127 28.90 39.96 -47.66
N TRP J 128 29.50 41.04 -48.11
CA TRP J 128 29.79 42.16 -47.22
C TRP J 128 28.52 42.74 -46.65
N MET J 129 27.47 42.84 -47.45
CA MET J 129 26.22 43.41 -46.98
C MET J 129 25.55 42.50 -45.95
N ASN J 130 25.55 41.20 -46.21
CA ASN J 130 25.00 40.27 -45.22
C ASN J 130 25.76 40.39 -43.91
N GLU J 131 27.09 40.45 -44.00
CA GLU J 131 27.92 40.62 -42.82
C GLU J 131 27.53 41.88 -42.06
N GLU J 132 27.33 42.98 -42.78
CA GLU J 132 27.10 44.26 -42.12
C GLU J 132 25.72 44.33 -41.50
N ARG J 133 24.69 43.83 -42.18
CA ARG J 133 23.38 43.71 -41.54
C ARG J 133 23.44 42.89 -40.28
N ASP J 134 24.06 41.71 -40.35
CA ASP J 134 24.03 40.85 -39.18
C ASP J 134 24.80 41.47 -38.03
N LYS J 135 25.89 42.17 -38.32
CA LYS J 135 26.61 42.87 -37.26
C LYS J 135 25.77 44.00 -36.68
N ARG J 136 24.99 44.70 -37.51
CA ARG J 136 24.05 45.68 -36.99
C ARG J 136 23.09 45.03 -36.02
N ILE J 137 22.50 43.90 -36.43
CA ILE J 137 21.51 43.21 -35.59
C ILE J 137 22.12 42.79 -34.27
N VAL J 138 23.31 42.19 -34.32
CA VAL J 138 23.95 41.70 -33.10
C VAL J 138 24.34 42.86 -32.20
N ALA J 139 24.91 43.92 -32.76
CA ALA J 139 25.33 45.05 -31.94
C ALA J 139 24.13 45.71 -31.27
N SER J 140 23.04 45.87 -32.00
CA SER J 140 21.82 46.39 -31.39
C SER J 140 21.30 45.46 -30.30
N LEU J 141 21.32 44.17 -30.58
CA LEU J 141 20.69 43.18 -29.71
C LEU J 141 21.43 43.04 -28.38
N THR J 142 22.75 43.09 -28.41
CA THR J 142 23.57 42.86 -27.22
C THR J 142 24.07 44.16 -26.61
N ASN J 143 23.24 45.20 -26.65
CA ASN J 143 23.59 46.51 -26.14
C ASN J 143 22.64 46.89 -25.01
N ASP J 144 23.19 47.46 -23.95
CA ASP J 144 22.40 48.03 -22.86
C ASP J 144 21.34 47.04 -22.36
N PHE J 145 21.84 45.97 -21.75
CA PHE J 145 20.97 44.95 -21.20
C PHE J 145 20.22 45.50 -19.99
N THR J 146 18.90 45.52 -20.09
CA THR J 146 18.10 45.80 -18.90
C THR J 146 18.02 44.58 -18.00
N ASN J 147 17.97 43.39 -18.58
CA ASN J 147 17.85 42.14 -17.83
C ASN J 147 18.90 41.18 -18.36
N TYR J 148 19.88 40.83 -17.53
CA TYR J 148 20.92 39.91 -17.94
C TYR J 148 21.41 39.10 -16.76
N LEU J 149 21.71 37.83 -16.99
CA LEU J 149 22.24 36.94 -15.98
C LEU J 149 23.72 36.66 -16.27
N TYR J 150 24.54 36.73 -15.24
CA TYR J 150 25.96 36.44 -15.37
C TYR J 150 26.32 35.19 -14.57
N ASN J 151 26.96 34.24 -15.24
CA ASN J 151 27.56 33.10 -14.58
C ASN J 151 28.97 32.93 -15.08
N ALA J 152 29.86 32.44 -14.21
CA ALA J 152 31.25 32.24 -14.61
C ALA J 152 31.37 31.27 -15.78
N ALA J 153 30.38 30.40 -15.97
CA ALA J 153 30.33 29.54 -17.14
C ALA J 153 28.87 29.26 -17.46
N MET J 154 28.63 28.89 -18.71
CA MET J 154 27.31 28.51 -19.18
C MET J 154 27.00 27.06 -18.84
N ASN J 155 26.24 26.89 -17.76
CA ASN J 155 25.67 25.63 -17.35
C ASN J 155 24.19 25.60 -17.70
N VAL J 156 23.61 24.40 -17.62
CA VAL J 156 22.17 24.26 -17.88
C VAL J 156 21.37 24.96 -16.80
N ALA J 157 21.94 25.12 -15.60
CA ALA J 157 21.24 25.84 -14.55
C ALA J 157 20.94 27.27 -14.96
N THR J 158 21.93 27.96 -15.53
CA THR J 158 21.72 29.34 -15.93
C THR J 158 20.79 29.45 -17.13
N ILE J 159 20.89 28.51 -18.07
CA ILE J 159 19.96 28.51 -19.21
C ILE J 159 18.54 28.38 -18.72
N ARG J 160 18.29 27.43 -17.81
CA ARG J 160 16.94 27.23 -17.32
C ARG J 160 16.49 28.38 -16.44
N LYS J 161 17.41 29.00 -15.70
CA LYS J 161 17.04 30.19 -14.93
C LYS J 161 16.59 31.31 -15.85
N ALA J 162 17.29 31.51 -16.96
CA ALA J 162 16.88 32.52 -17.93
C ALA J 162 15.53 32.18 -18.53
N ILE J 163 15.30 30.90 -18.85
CA ILE J 163 13.98 30.51 -19.35
C ILE J 163 12.91 30.83 -18.33
N PHE J 164 13.19 30.57 -17.05
CA PHE J 164 12.22 30.83 -16.01
C PHE J 164 11.92 32.32 -15.90
N HIS J 165 12.96 33.16 -15.93
CA HIS J 165 12.75 34.60 -15.86
C HIS J 165 11.97 35.11 -17.05
N ALA J 166 12.22 34.56 -18.24
CA ALA J 166 11.46 34.96 -19.41
C ALA J 166 9.99 34.56 -19.27
N ARG J 167 9.74 33.29 -18.91
CA ARG J 167 8.38 32.79 -18.87
C ARG J 167 7.56 33.48 -17.80
N ASN J 168 8.13 33.69 -16.63
CA ASN J 168 7.37 34.23 -15.52
C ASN J 168 7.56 35.72 -15.34
N GLY J 169 8.61 36.29 -15.91
CA GLY J 169 8.76 37.72 -15.88
C GLY J 169 9.43 38.27 -14.65
N LEU J 170 10.65 37.83 -14.38
CA LEU J 170 11.40 38.32 -13.24
C LEU J 170 12.67 39.00 -13.74
N LYS J 171 13.10 40.03 -13.02
CA LYS J 171 14.33 40.70 -13.36
C LYS J 171 15.52 39.88 -12.88
N ALA J 172 16.72 40.34 -13.25
CA ALA J 172 17.93 39.62 -12.88
C ALA J 172 18.12 39.56 -11.37
N ASP J 173 17.53 40.47 -10.62
CA ASP J 173 17.50 40.41 -9.17
C ASP J 173 16.18 39.85 -8.66
N ASN J 174 15.66 38.86 -9.40
CA ASN J 174 14.36 38.20 -9.21
C ASN J 174 13.30 39.15 -8.69
N SER J 175 13.18 40.31 -9.33
CA SER J 175 12.08 41.24 -9.16
C SER J 175 11.18 41.20 -10.39
N LYS J 176 9.92 41.54 -10.19
CA LYS J 176 8.89 41.24 -11.17
C LYS J 176 8.88 42.30 -12.27
N ALA J 177 9.27 41.92 -13.49
CA ALA J 177 9.05 42.83 -14.61
C ALA J 177 7.82 42.49 -15.45
N PHE J 178 7.89 41.42 -16.26
CA PHE J 178 6.78 40.95 -17.09
C PHE J 178 7.20 39.73 -17.90
N PRO J 179 6.26 38.86 -18.26
CA PRO J 179 6.63 37.65 -19.02
C PRO J 179 7.03 37.98 -20.46
N ILE J 180 8.23 37.54 -20.84
CA ILE J 180 8.73 37.79 -22.19
C ILE J 180 7.89 37.00 -23.19
N LYS J 181 7.48 37.67 -24.26
CA LYS J 181 6.76 37.02 -25.33
C LYS J 181 7.62 35.93 -25.95
N PRO J 182 7.09 34.75 -26.21
CA PRO J 182 7.90 33.65 -26.76
C PRO J 182 7.99 33.69 -28.28
N ILE J 183 9.04 33.04 -28.79
CA ILE J 183 9.11 32.78 -30.22
C ILE J 183 7.94 31.92 -30.66
N ARG J 184 7.66 30.85 -29.92
CA ARG J 184 6.47 30.06 -30.15
C ARG J 184 5.76 29.80 -28.83
N ALA J 185 4.45 29.71 -28.91
CA ALA J 185 3.63 29.33 -27.77
C ALA J 185 2.63 28.30 -28.25
N THR J 186 2.70 27.09 -27.69
CA THR J 186 1.88 25.99 -28.14
C THR J 186 1.10 25.44 -26.96
N MET J 187 0.18 24.53 -27.26
CA MET J 187 -0.62 23.85 -26.25
C MET J 187 -0.15 22.41 -26.16
N GLN J 188 0.26 21.99 -24.97
CA GLN J 188 0.70 20.62 -24.74
C GLN J 188 -0.12 20.01 -23.62
N SER J 189 -0.53 18.76 -23.82
CA SER J 189 -1.35 18.08 -22.83
C SER J 189 -0.44 17.38 -21.83
N VAL J 190 -0.53 17.80 -20.58
CA VAL J 190 0.00 17.04 -19.45
C VAL J 190 -1.15 16.19 -18.92
N GLY J 191 -1.09 14.89 -19.17
CA GLY J 191 -2.24 14.06 -18.87
C GLY J 191 -3.45 14.55 -19.64
N ASN J 192 -4.57 14.70 -18.95
CA ASN J 192 -5.74 15.29 -19.56
C ASN J 192 -5.69 16.81 -19.59
N VAL J 193 -4.93 17.42 -18.68
CA VAL J 193 -4.83 18.87 -18.65
C VAL J 193 -4.08 19.35 -19.89
N VAL J 194 -4.39 20.55 -20.35
CA VAL J 194 -3.69 21.17 -21.47
C VAL J 194 -3.11 22.49 -20.98
N VAL J 195 -1.79 22.62 -21.03
CA VAL J 195 -1.12 23.83 -20.61
C VAL J 195 -0.46 24.48 -21.83
N GLN J 196 0.11 25.65 -21.61
CA GLN J 196 0.73 26.42 -22.66
C GLN J 196 2.23 26.43 -22.45
N ASN J 197 2.97 26.01 -23.46
CA ASN J 197 4.42 25.95 -23.41
C ASN J 197 5.02 27.01 -24.31
N THR J 198 6.15 27.56 -23.85
CA THR J 198 6.80 28.70 -24.48
C THR J 198 8.18 28.28 -24.95
N SER J 199 8.47 28.53 -26.22
CA SER J 199 9.76 28.27 -26.82
C SER J 199 10.42 29.60 -27.18
N TYR J 200 11.57 29.85 -26.57
CA TYR J 200 12.41 31.00 -26.90
C TYR J 200 13.55 30.54 -27.79
N ILE J 201 14.39 31.48 -28.19
CA ILE J 201 15.62 31.16 -28.91
C ILE J 201 16.77 31.70 -28.08
N ILE J 202 17.66 30.82 -27.68
CA ILE J 202 18.78 31.23 -26.85
C ILE J 202 20.05 31.11 -27.67
N LEU J 203 20.65 32.25 -27.99
CA LEU J 203 21.80 32.34 -28.85
C LEU J 203 23.04 32.43 -27.98
N LEU J 204 23.92 31.45 -28.12
CA LEU J 204 25.10 31.33 -27.28
C LEU J 204 26.33 31.68 -28.11
N ASP J 205 27.19 32.51 -27.54
CA ASP J 205 28.52 32.67 -28.07
C ASP J 205 29.22 31.31 -28.08
N SER J 206 30.09 31.10 -29.05
CA SER J 206 30.68 29.78 -29.23
C SER J 206 31.58 29.40 -28.07
N TYR J 207 32.18 30.38 -27.40
CA TYR J 207 32.84 30.10 -26.13
C TYR J 207 31.85 29.52 -25.13
N GLN J 208 30.66 30.11 -25.06
CA GLN J 208 29.63 29.58 -24.19
C GLN J 208 29.14 28.22 -24.64
N ALA J 209 29.07 27.98 -25.95
CA ALA J 209 28.69 26.65 -26.42
C ALA J 209 29.69 25.60 -25.98
N ASN J 210 30.99 25.91 -26.04
CA ASN J 210 31.97 24.99 -25.49
C ASN J 210 31.79 24.80 -23.99
N GLN J 211 31.62 25.90 -23.25
CA GLN J 211 31.43 25.77 -21.81
C GLN J 211 30.23 24.90 -21.48
N LEU J 212 29.21 24.93 -22.32
CA LEU J 212 28.02 24.11 -22.08
C LEU J 212 28.29 22.67 -22.43
N LYS J 213 29.02 22.41 -23.52
CA LYS J 213 29.33 21.02 -23.85
C LYS J 213 30.16 20.35 -22.77
N ALA J 214 30.92 21.13 -22.01
CA ALA J 214 31.73 20.63 -20.90
C ALA J 214 31.01 20.78 -19.57
N ASP J 215 29.69 20.64 -19.57
CA ASP J 215 28.86 20.79 -18.38
C ASP J 215 28.33 19.42 -18.00
N SER J 216 28.55 19.02 -16.74
CA SER J 216 28.10 17.71 -16.30
C SER J 216 26.59 17.58 -16.44
N GLU J 217 25.86 18.62 -16.02
CA GLU J 217 24.40 18.57 -16.11
C GLU J 217 23.94 18.52 -17.56
N PHE J 218 24.66 19.18 -18.47
CA PHE J 218 24.32 19.04 -19.88
C PHE J 218 24.47 17.61 -20.34
N LYS J 219 25.53 16.92 -19.87
CA LYS J 219 25.70 15.53 -20.25
C LYS J 219 24.61 14.65 -19.65
N GLU J 220 24.20 14.92 -18.41
CA GLU J 220 23.08 14.19 -17.83
C GLU J 220 21.81 14.39 -18.64
N LEU J 221 21.54 15.63 -19.04
CA LEU J 221 20.36 15.92 -19.82
C LEU J 221 20.41 15.25 -21.19
N ARG J 222 21.60 15.22 -21.80
CA ARG J 222 21.73 14.55 -23.09
C ARG J 222 21.53 13.05 -22.95
N LYS J 223 22.03 12.46 -21.86
CA LYS J 223 21.79 11.06 -21.59
C LYS J 223 20.30 10.78 -21.45
N LEU J 224 19.60 11.63 -20.71
CA LEU J 224 18.16 11.46 -20.54
C LEU J 224 17.42 11.60 -21.87
N TYR J 225 17.82 12.58 -22.69
CA TYR J 225 17.22 12.72 -24.01
C TYR J 225 17.44 11.47 -24.84
N ALA J 226 18.64 10.90 -24.76
CA ALA J 226 18.96 9.67 -25.50
C ALA J 226 18.09 8.51 -25.04
N PHE J 227 17.95 8.35 -23.72
CA PHE J 227 17.12 7.29 -23.19
C PHE J 227 15.67 7.44 -23.64
N ALA J 228 15.13 8.65 -23.57
CA ALA J 228 13.75 8.89 -23.92
C ALA J 228 13.51 8.96 -25.42
N GLY J 229 14.56 8.92 -26.23
CA GLY J 229 14.41 9.07 -27.66
C GLY J 229 13.98 10.47 -28.07
N GLU J 230 14.45 11.49 -27.37
CA GLU J 230 14.17 12.87 -27.71
C GLU J 230 15.13 13.34 -28.79
N ASP J 231 15.25 14.65 -28.97
CA ASP J 231 15.99 15.23 -30.09
C ASP J 231 17.33 14.52 -30.29
N LYS J 232 17.47 13.88 -31.44
CA LYS J 232 18.57 12.97 -31.70
C LYS J 232 19.47 13.52 -32.79
N GLY J 233 20.70 13.02 -32.80
CA GLY J 233 21.69 13.53 -33.73
C GLY J 233 22.13 14.94 -33.42
N MET J 234 22.26 15.28 -32.14
CA MET J 234 22.78 16.58 -31.74
C MET J 234 24.21 16.49 -31.22
N LEU J 235 24.46 15.59 -30.26
CA LEU J 235 25.85 15.32 -29.87
C LEU J 235 26.63 14.70 -31.03
N TYR J 236 25.99 13.81 -31.78
CA TYR J 236 26.66 13.24 -32.94
C TYR J 236 27.02 14.33 -33.94
N SER J 237 26.09 15.22 -34.24
CA SER J 237 26.30 16.30 -35.18
C SER J 237 26.79 17.57 -34.51
N GLY J 238 27.15 17.51 -33.23
CA GLY J 238 27.87 18.60 -32.61
C GLY J 238 27.04 19.78 -32.18
N LEU J 239 25.72 19.72 -32.35
CA LEU J 239 24.86 20.84 -31.99
C LEU J 239 24.62 20.83 -30.48
N LEU J 240 23.67 21.64 -30.03
CA LEU J 240 23.39 21.76 -28.60
C LEU J 240 21.96 21.41 -28.25
N GLY J 241 21.15 21.01 -29.22
CA GLY J 241 19.80 20.57 -28.92
C GLY J 241 18.92 21.68 -28.38
N VAL J 242 17.96 21.30 -27.54
CA VAL J 242 17.04 22.24 -26.92
C VAL J 242 17.08 22.03 -25.42
N ILE J 243 16.59 23.02 -24.69
CA ILE J 243 16.55 23.00 -23.24
C ILE J 243 15.28 23.73 -22.83
N ASP J 244 14.37 23.04 -22.16
CA ASP J 244 13.09 23.62 -21.76
C ASP J 244 12.32 24.15 -22.97
N ASN J 245 12.30 23.35 -24.03
CA ASN J 245 11.59 23.64 -25.27
C ASN J 245 12.28 24.74 -26.08
N CYS J 246 13.47 25.19 -25.68
CA CYS J 246 14.09 26.35 -26.29
C CYS J 246 15.36 25.97 -27.01
N PRO J 247 15.44 26.14 -28.33
CA PRO J 247 16.66 25.77 -29.06
C PRO J 247 17.85 26.60 -28.59
N VAL J 248 18.95 25.92 -28.31
CA VAL J 248 20.20 26.57 -27.92
C VAL J 248 21.08 26.63 -29.16
N ILE J 249 21.53 27.83 -29.51
CA ILE J 249 22.21 28.06 -30.77
C ILE J 249 23.64 28.47 -30.49
N ASP J 250 24.58 27.83 -31.18
CA ASP J 250 25.95 28.30 -31.27
C ASP J 250 26.02 29.34 -32.38
N ALA J 251 26.16 30.60 -32.00
CA ALA J 251 26.11 31.69 -32.98
C ALA J 251 27.46 31.95 -33.62
N GLY J 252 28.53 31.95 -32.85
CA GLY J 252 29.85 32.20 -33.34
C GLY J 252 30.54 33.27 -32.53
N VAL J 253 31.63 33.78 -33.07
CA VAL J 253 32.44 34.80 -32.40
C VAL J 253 32.55 36.00 -33.32
N TRP J 254 32.33 37.19 -32.76
CA TRP J 254 32.43 38.44 -33.51
C TRP J 254 33.87 38.73 -33.83
N ASN J 255 34.21 38.70 -35.12
CA ASN J 255 35.54 39.04 -35.58
C ASN J 255 35.41 39.89 -36.84
N LYS J 256 36.54 40.34 -37.37
CA LYS J 256 36.52 41.13 -38.60
C LYS J 256 35.96 40.35 -39.78
N LEU J 257 35.98 39.03 -39.73
CA LEU J 257 35.65 38.22 -40.90
C LEU J 257 34.17 37.86 -40.95
N ASN J 258 33.67 37.18 -39.94
CA ASN J 258 32.26 36.80 -39.86
C ASN J 258 31.64 37.37 -38.59
N VAL J 259 30.32 37.23 -38.49
CA VAL J 259 29.56 37.78 -37.39
C VAL J 259 29.26 36.69 -36.38
N GLY J 260 29.34 37.05 -35.10
CA GLY J 260 28.92 36.17 -34.02
C GLY J 260 28.67 37.02 -32.80
N MET J 261 28.33 36.35 -31.71
CA MET J 261 28.04 37.07 -30.48
C MET J 261 29.29 37.79 -29.99
N PRO J 262 29.16 38.98 -29.43
CA PRO J 262 30.34 39.78 -29.09
C PRO J 262 31.09 39.24 -27.89
N ASN J 263 32.35 39.67 -27.80
CA ASN J 263 33.21 39.40 -26.67
C ASN J 263 33.54 40.70 -25.98
N SER J 264 34.16 40.59 -24.80
CA SER J 264 34.72 41.78 -24.19
C SER J 264 35.97 42.26 -24.90
N SER J 265 36.41 41.55 -25.94
CA SER J 265 37.56 41.95 -26.72
C SER J 265 37.22 42.90 -27.88
N ILE J 266 35.94 43.06 -28.19
CA ILE J 266 35.54 43.95 -29.27
C ILE J 266 35.73 45.39 -28.81
N SER J 267 36.41 46.19 -29.63
CA SER J 267 36.69 47.56 -29.26
C SER J 267 35.40 48.36 -29.15
N ASP J 268 35.42 49.37 -28.27
CA ASP J 268 34.24 50.22 -28.11
C ASP J 268 33.90 50.91 -29.42
N SER J 269 34.91 51.42 -30.11
CA SER J 269 34.67 52.08 -31.40
C SER J 269 34.10 51.08 -32.40
N ASP J 270 34.67 49.89 -32.46
CA ASP J 270 34.20 48.88 -33.40
C ASP J 270 32.78 48.48 -33.08
N PHE J 271 32.46 48.26 -31.81
CA PHE J 271 31.11 47.87 -31.45
C PHE J 271 30.12 48.97 -31.78
N THR J 272 30.45 50.23 -31.43
CA THR J 272 29.54 51.32 -31.70
C THR J 272 29.32 51.54 -33.20
N ARG J 273 30.33 51.25 -34.02
CA ARG J 273 30.19 51.43 -35.46
C ARG J 273 28.92 50.83 -36.01
N TYR J 274 28.38 49.81 -35.36
CA TYR J 274 27.17 49.15 -35.81
C TYR J 274 25.96 49.50 -34.96
N LEU J 275 26.09 50.52 -34.12
CA LEU J 275 24.96 51.06 -33.37
C LEU J 275 24.48 52.34 -34.02
N ASN J 276 23.17 52.52 -34.08
CA ASN J 276 22.62 53.66 -34.80
C ASN J 276 22.79 54.94 -34.00
N LYS J 277 22.66 54.86 -32.67
CA LYS J 277 22.82 55.99 -31.75
C LYS J 277 21.63 56.93 -31.85
N ALA J 278 20.79 56.73 -32.86
CA ALA J 278 19.48 57.34 -32.90
C ALA J 278 18.40 56.39 -32.42
N ASN J 279 18.72 55.10 -32.38
CA ASN J 279 17.80 54.05 -31.97
C ASN J 279 18.15 53.48 -30.62
N VAL J 280 19.00 54.15 -29.85
CA VAL J 280 19.41 53.66 -28.54
C VAL J 280 19.18 54.76 -27.51
N SER J 281 19.00 54.34 -26.27
CA SER J 281 18.93 55.25 -25.14
C SER J 281 20.31 55.48 -24.53
N ASN J 282 21.08 54.41 -24.37
CA ASN J 282 22.44 54.50 -23.87
C ASN J 282 23.27 53.42 -24.53
N ILE J 283 24.58 53.63 -24.52
CA ILE J 283 25.54 52.73 -25.15
C ILE J 283 26.26 51.97 -24.04
N VAL J 284 26.15 50.64 -24.07
CA VAL J 284 26.88 49.78 -23.15
C VAL J 284 27.59 48.75 -24.02
N THR J 285 28.83 49.05 -24.41
CA THR J 285 29.60 48.11 -25.19
C THR J 285 30.11 46.99 -24.30
N PRO J 286 30.50 45.86 -24.89
CA PRO J 286 30.95 44.74 -24.07
C PRO J 286 32.06 45.06 -23.11
N MET J 287 33.02 45.92 -23.47
CA MET J 287 34.02 46.34 -22.49
C MET J 287 33.38 47.09 -21.34
N GLN J 288 32.41 47.95 -21.63
CA GLN J 288 31.69 48.64 -20.57
C GLN J 288 30.92 47.65 -19.71
N LEU J 289 30.35 46.62 -20.31
CA LEU J 289 29.64 45.61 -19.53
C LEU J 289 30.59 44.83 -18.63
N LYS J 290 31.78 44.52 -19.14
CA LYS J 290 32.78 43.85 -18.32
C LYS J 290 33.17 44.72 -17.14
N GLU J 291 33.35 46.01 -17.37
CA GLU J 291 33.62 46.91 -16.25
C GLU J 291 32.44 46.93 -15.28
N LYS J 292 31.22 46.92 -15.81
CA LYS J 292 30.03 46.99 -14.96
C LYS J 292 29.99 45.81 -14.00
N LEU J 293 30.15 44.60 -14.53
CA LEU J 293 30.10 43.42 -13.68
C LEU J 293 31.45 43.06 -13.09
N ASN J 294 32.47 43.88 -13.30
CA ASN J 294 33.76 43.71 -12.65
C ASN J 294 33.92 44.60 -11.42
N GLN J 295 33.03 45.57 -11.21
CA GLN J 295 33.11 46.39 -10.01
C GLN J 295 32.83 45.57 -8.76
N GLU J 296 31.86 44.67 -8.82
CA GLU J 296 31.55 43.80 -7.70
C GLU J 296 32.40 42.53 -7.74
N LYS J 311 39.00 38.45 -15.99
CA LYS J 311 38.92 37.81 -17.29
C LYS J 311 38.02 38.59 -18.23
N ASP J 312 37.88 38.09 -19.45
CA ASP J 312 37.07 38.74 -20.48
C ASP J 312 35.77 38.00 -20.65
N ILE J 313 34.67 38.75 -20.64
CA ILE J 313 33.34 38.17 -20.69
C ILE J 313 32.94 37.91 -22.12
N SER J 314 31.89 37.13 -22.27
CA SER J 314 31.32 36.75 -23.55
C SER J 314 29.81 36.84 -23.43
N ILE J 315 29.16 37.36 -24.46
CA ILE J 315 27.77 37.79 -24.40
C ILE J 315 26.93 36.89 -25.28
N GLY J 316 25.90 36.29 -24.69
CA GLY J 316 24.85 35.64 -25.43
C GLY J 316 23.51 36.20 -24.99
N CYS J 317 22.44 35.65 -25.55
CA CYS J 317 21.14 36.23 -25.30
C CYS J 317 20.07 35.15 -25.27
N LEU J 318 18.98 35.47 -24.58
CA LEU J 318 17.73 34.75 -24.68
C LEU J 318 16.72 35.67 -25.33
N ILE J 319 16.04 35.18 -26.37
CA ILE J 319 15.37 36.02 -27.35
C ILE J 319 13.95 35.54 -27.51
N GLY J 320 13.01 36.47 -27.39
CA GLY J 320 11.61 36.22 -27.65
C GLY J 320 11.16 36.85 -28.95
N ALA J 321 9.86 36.83 -29.16
CA ALA J 321 9.30 37.33 -30.40
C ALA J 321 9.52 38.83 -30.51
N SER J 322 9.96 39.26 -31.69
CA SER J 322 10.14 40.68 -32.01
C SER J 322 11.07 41.34 -31.01
N ALA J 323 12.18 40.68 -30.70
CA ALA J 323 13.18 41.24 -29.81
C ALA J 323 13.98 42.35 -30.47
N VAL J 324 14.20 42.24 -31.78
CA VAL J 324 14.91 43.24 -32.56
C VAL J 324 14.07 43.55 -33.78
N LEU J 325 13.87 44.84 -34.04
CA LEU J 325 13.02 45.31 -35.12
C LEU J 325 13.89 45.92 -36.21
N LEU J 326 13.60 45.53 -37.44
CA LEU J 326 14.19 46.12 -38.64
C LEU J 326 13.10 46.90 -39.36
N ALA J 327 13.33 48.19 -39.53
CA ALA J 327 12.41 49.05 -40.27
C ALA J 327 12.92 49.24 -41.69
N GLY J 328 12.02 49.66 -42.55
CA GLY J 328 12.36 49.90 -43.94
C GLY J 328 12.53 48.61 -44.71
N SER J 329 12.80 48.76 -46.00
CA SER J 329 12.99 47.63 -46.89
C SER J 329 14.46 47.21 -46.87
N LYS J 330 14.71 45.92 -46.71
CA LYS J 330 16.11 45.49 -46.66
C LYS J 330 16.63 44.97 -48.00
N GLU J 331 15.81 44.85 -49.03
CA GLU J 331 16.35 44.51 -50.33
C GLU J 331 17.45 45.49 -50.69
N THR J 332 18.65 44.97 -50.94
CA THR J 332 19.85 45.77 -51.12
C THR J 332 19.89 46.34 -52.53
N ARG J 333 20.52 47.51 -52.66
CA ARG J 333 20.61 48.17 -53.95
C ARG J 333 22.03 48.09 -54.51
N PHE J 334 22.13 47.78 -55.79
CA PHE J 334 23.41 47.60 -56.47
C PHE J 334 23.58 48.68 -57.52
N TYR J 335 24.78 49.24 -57.59
CA TYR J 335 25.10 50.35 -58.47
C TYR J 335 26.28 49.94 -59.34
N ILE J 336 26.00 49.62 -60.60
CA ILE J 336 27.01 49.10 -61.51
C ILE J 336 27.29 50.19 -62.54
N ASP J 337 28.39 50.91 -62.35
CA ASP J 337 28.81 51.97 -63.25
C ASP J 337 29.84 51.37 -64.20
N GLU J 338 29.42 51.09 -65.42
CA GLU J 338 30.33 50.58 -66.44
C GLU J 338 30.90 51.68 -67.32
N THR J 339 31.02 52.89 -66.78
CA THR J 339 31.48 54.03 -67.55
C THR J 339 32.60 54.80 -66.86
N VAL J 340 33.28 54.17 -65.92
CA VAL J 340 34.45 54.79 -65.30
C VAL J 340 35.59 54.77 -66.30
N ASP J 341 36.41 55.81 -66.29
CA ASP J 341 37.52 55.96 -67.24
C ASP J 341 37.03 55.80 -68.67
N ALA J 342 35.95 56.50 -68.99
CA ALA J 342 35.35 56.48 -70.32
C ALA J 342 34.93 55.08 -70.72
N GLY J 343 34.43 54.31 -69.75
CA GLY J 343 33.96 52.97 -70.04
C GLY J 343 35.04 51.92 -70.05
N ARG J 344 36.27 52.27 -69.72
CA ARG J 344 37.36 51.30 -69.67
C ARG J 344 37.42 50.55 -68.35
N LYS J 345 36.92 51.14 -67.27
CA LYS J 345 36.87 50.50 -65.97
C LYS J 345 35.43 50.23 -65.59
N SER J 346 35.25 49.70 -64.38
CA SER J 346 33.93 49.43 -63.84
C SER J 346 33.96 49.70 -62.35
N LEU J 347 32.91 50.31 -61.84
CA LEU J 347 32.70 50.46 -60.42
C LEU J 347 31.46 49.68 -60.02
N VAL J 348 31.57 48.89 -58.98
CA VAL J 348 30.42 48.15 -58.47
C VAL J 348 30.26 48.55 -57.01
N GLY J 349 29.21 49.28 -56.70
CA GLY J 349 28.92 49.64 -55.35
C GLY J 349 27.66 48.97 -54.87
N VAL J 350 27.51 48.86 -53.56
CA VAL J 350 26.34 48.26 -52.94
C VAL J 350 25.92 49.15 -51.79
N ASP J 351 24.62 49.32 -51.61
CA ASP J 351 24.09 50.28 -50.65
C ASP J 351 22.86 49.72 -49.97
N CYS J 352 22.71 50.08 -48.68
CA CYS J 352 21.51 49.80 -47.92
C CYS J 352 21.17 50.99 -47.03
N LEU J 353 19.87 51.15 -46.78
CA LEU J 353 19.34 52.12 -45.83
C LEU J 353 18.44 51.36 -44.87
N LEU J 354 18.94 51.06 -43.68
CA LEU J 354 18.26 50.17 -42.76
C LEU J 354 18.25 50.76 -41.36
N GLY J 355 17.11 50.62 -40.68
CA GLY J 355 16.98 50.99 -39.29
C GLY J 355 16.84 49.74 -38.45
N VAL J 356 17.70 49.62 -37.44
CA VAL J 356 17.76 48.45 -36.57
C VAL J 356 17.64 48.94 -35.13
N SER J 357 16.77 48.29 -34.36
CA SER J 357 16.66 48.71 -32.97
C SER J 357 16.13 47.56 -32.13
N LYS J 358 16.70 47.40 -30.93
CA LYS J 358 16.18 46.45 -29.97
C LYS J 358 14.90 47.00 -29.36
N ALA J 359 13.86 46.18 -29.33
CA ALA J 359 12.54 46.62 -28.88
C ALA J 359 12.56 47.04 -27.43
N ARG J 360 12.37 48.34 -27.18
CA ARG J 360 12.42 48.91 -25.84
C ARG J 360 11.33 49.95 -25.67
N TYR J 361 10.10 49.60 -26.03
CA TYR J 361 8.96 50.51 -26.03
C TYR J 361 8.91 51.40 -24.81
N GLN J 362 8.77 52.70 -25.02
CA GLN J 362 8.63 53.70 -23.98
C GLN J 362 7.18 54.14 -23.87
N SER J 363 6.89 54.89 -22.80
CA SER J 363 5.52 55.28 -22.50
C SER J 363 5.10 56.51 -23.29
N THR J 364 3.99 56.39 -24.03
CA THR J 364 3.49 57.54 -24.77
C THR J 364 3.07 58.66 -23.82
N ASP J 365 2.29 58.33 -22.81
CA ASP J 365 1.93 59.25 -21.74
C ASP J 365 2.86 59.04 -20.55
N GLY J 366 2.52 59.66 -19.43
CA GLY J 366 3.34 59.53 -18.24
C GLY J 366 3.04 58.36 -17.34
N VAL J 367 2.17 57.45 -17.79
CA VAL J 367 1.75 56.35 -16.92
C VAL J 367 2.86 55.32 -16.78
N VAL J 368 3.09 54.89 -15.55
CA VAL J 368 4.11 53.88 -15.27
C VAL J 368 3.53 52.50 -15.52
N THR J 369 4.34 51.64 -16.14
CA THR J 369 3.95 50.32 -16.58
C THR J 369 5.18 49.43 -16.46
N PRO J 370 5.00 48.12 -16.23
CA PRO J 370 6.16 47.24 -16.18
C PRO J 370 6.92 47.09 -17.50
N TYR J 371 6.51 47.78 -18.57
CA TYR J 371 7.20 47.66 -19.85
C TYR J 371 8.01 48.90 -20.21
N ASP J 372 8.19 49.85 -19.29
CA ASP J 372 8.62 51.20 -19.68
C ASP J 372 9.99 51.21 -20.33
N ASN J 373 11.04 50.86 -19.59
CA ASN J 373 12.39 50.96 -20.12
C ASN J 373 13.02 49.60 -20.39
N GLN J 374 12.25 48.53 -20.32
CA GLN J 374 12.83 47.20 -20.38
C GLN J 374 12.88 46.70 -21.81
N ASP J 375 13.95 45.97 -22.13
CA ASP J 375 14.02 45.29 -23.40
C ASP J 375 12.83 44.35 -23.53
N TYR J 376 12.13 44.44 -24.66
CA TYR J 376 10.87 43.74 -24.78
C TYR J 376 11.04 42.24 -24.67
N ALA J 377 12.01 41.67 -25.38
CA ALA J 377 12.11 40.22 -25.45
C ALA J 377 13.56 39.76 -25.41
N VAL J 378 14.37 40.35 -24.55
CA VAL J 378 15.79 40.04 -24.49
C VAL J 378 16.21 39.86 -23.05
N ILE J 379 16.96 38.79 -22.77
CA ILE J 379 17.63 38.59 -21.50
C ILE J 379 19.09 38.26 -21.77
N GLY J 380 20.00 39.10 -21.29
CA GLY J 380 21.40 38.88 -21.56
C GLY J 380 21.98 37.73 -20.77
N LEU J 381 23.07 37.17 -21.29
CA LEU J 381 23.72 36.00 -20.69
C LEU J 381 25.23 36.17 -20.81
N VAL J 382 25.88 36.51 -19.72
CA VAL J 382 27.30 36.81 -19.70
C VAL J 382 28.04 35.65 -19.08
N SER J 383 29.14 35.24 -19.71
CA SER J 383 30.00 34.21 -19.12
C SER J 383 31.43 34.46 -19.53
N ASN J 384 32.36 34.21 -18.62
CA ASN J 384 33.77 34.33 -18.97
C ASN J 384 34.09 33.41 -20.14
N MET J 385 34.76 33.94 -21.15
CA MET J 385 34.95 33.18 -22.38
C MET J 385 36.14 32.24 -22.34
N GLU J 386 36.89 32.22 -21.23
CA GLU J 386 37.95 31.26 -21.04
C GLU J 386 38.08 30.93 -19.55
N ASN K 9 77.17 -29.95 -31.08
CA ASN K 9 77.17 -31.41 -31.02
C ASN K 9 76.46 -31.93 -29.78
N PHE K 10 75.74 -31.05 -29.09
CA PHE K 10 75.07 -31.46 -27.87
C PHE K 10 74.05 -32.54 -28.17
N ASN K 11 72.93 -32.15 -28.76
CA ASN K 11 71.87 -33.05 -29.19
C ASN K 11 70.93 -32.26 -30.09
N ASN K 12 70.79 -32.66 -31.36
CA ASN K 12 69.94 -31.92 -32.28
C ASN K 12 69.82 -32.67 -33.59
N ILE K 13 68.61 -32.61 -34.16
CA ILE K 13 68.37 -33.19 -35.48
C ILE K 13 68.96 -32.32 -36.57
N SER K 14 69.32 -31.07 -36.25
CA SER K 14 70.23 -30.35 -37.12
C SER K 14 71.62 -30.99 -37.03
N ASN K 15 72.53 -30.52 -37.87
CA ASN K 15 73.84 -31.12 -38.04
C ASN K 15 73.77 -32.57 -38.49
N ASN K 16 72.61 -33.03 -38.93
CA ASN K 16 72.48 -34.37 -39.46
C ASN K 16 72.60 -34.29 -40.98
N PRO K 17 73.69 -34.78 -41.56
CA PRO K 17 73.87 -34.66 -43.02
C PRO K 17 72.85 -35.42 -43.83
N ASN K 18 72.08 -36.32 -43.22
CA ASN K 18 71.08 -37.05 -43.98
C ASN K 18 69.80 -36.25 -44.20
N LEU K 19 69.71 -35.05 -43.65
CA LEU K 19 68.54 -34.20 -43.79
C LEU K 19 68.83 -33.08 -44.78
N GLY K 20 67.83 -32.75 -45.59
CA GLY K 20 67.97 -31.69 -46.55
C GLY K 20 66.97 -30.57 -46.37
N ILE K 21 67.47 -29.33 -46.35
CA ILE K 21 66.58 -28.18 -46.24
C ILE K 21 65.63 -28.16 -47.42
N GLU K 22 64.40 -27.71 -47.18
CA GLU K 22 63.42 -27.53 -48.24
C GLU K 22 62.75 -26.17 -47.99
N VAL K 23 63.10 -25.18 -48.82
CA VAL K 23 62.62 -23.82 -48.60
C VAL K 23 61.27 -23.65 -49.31
N GLY K 24 60.58 -22.55 -49.00
CA GLY K 24 59.25 -22.33 -49.54
C GLY K 24 59.28 -21.70 -50.92
N ARG K 25 58.43 -22.19 -51.80
CA ARG K 25 58.27 -21.60 -53.12
C ARG K 25 57.78 -20.16 -53.02
N GLU K 26 56.87 -19.90 -52.09
CA GLU K 26 56.23 -18.59 -51.96
C GLU K 26 56.96 -17.78 -50.89
N ILE K 27 57.43 -16.60 -51.28
CA ILE K 27 57.97 -15.62 -50.35
C ILE K 27 56.85 -14.65 -50.04
N GLN K 28 56.32 -14.69 -48.83
CA GLN K 28 55.25 -13.77 -48.47
C GLN K 28 55.83 -12.43 -48.08
N ASN K 29 55.15 -11.36 -48.47
CA ASN K 29 55.62 -10.02 -48.15
C ASN K 29 55.10 -9.59 -46.79
N ALA K 30 55.92 -8.82 -46.09
CA ALA K 30 55.55 -8.32 -44.78
C ALA K 30 54.69 -7.08 -44.85
N SER K 31 54.21 -6.70 -46.02
CA SER K 31 53.48 -5.46 -46.21
C SER K 31 51.99 -5.71 -46.09
N TRP K 32 51.35 -5.04 -45.15
CA TRP K 32 49.90 -5.12 -45.02
C TRP K 32 49.23 -3.79 -44.73
N VAL K 33 49.97 -2.75 -44.35
CA VAL K 33 49.36 -1.54 -43.81
C VAL K 33 48.83 -0.69 -44.94
N LYS K 34 47.69 -0.06 -44.70
CA LYS K 34 47.06 0.85 -45.65
C LYS K 34 46.70 2.14 -44.93
N SER K 35 47.23 3.26 -45.40
CA SER K 35 46.92 4.55 -44.82
C SER K 35 45.55 5.03 -45.29
N PRO K 36 44.89 5.89 -44.52
CA PRO K 36 43.58 6.39 -44.92
C PRO K 36 43.62 7.45 -46.01
N PHE K 37 44.80 7.90 -46.40
CA PHE K 37 44.90 9.11 -47.21
C PHE K 37 44.28 8.94 -48.58
N PHE K 38 44.34 7.74 -49.16
CA PHE K 38 43.70 7.51 -50.44
C PHE K 38 42.23 7.89 -50.42
N SER K 39 41.57 7.71 -49.27
CA SER K 39 40.16 8.05 -49.19
C SER K 39 39.95 9.55 -49.10
N ILE K 40 40.87 10.26 -48.46
CA ILE K 40 40.77 11.71 -48.38
C ILE K 40 40.92 12.33 -49.77
N THR K 41 41.86 11.82 -50.56
CA THR K 41 42.14 12.40 -51.86
C THR K 41 40.93 12.32 -52.78
N GLY K 42 40.95 13.13 -53.82
CA GLY K 42 39.87 13.14 -54.78
C GLY K 42 39.88 14.42 -55.58
N THR K 43 39.06 14.42 -56.62
CA THR K 43 39.04 15.54 -57.56
C THR K 43 37.98 16.57 -57.23
N GLY K 44 37.14 16.33 -56.24
CA GLY K 44 36.17 17.32 -55.84
C GLY K 44 36.81 18.49 -55.12
N ALA K 45 36.03 19.56 -54.97
CA ALA K 45 36.52 20.74 -54.29
C ALA K 45 36.39 20.65 -52.78
N ASP K 46 35.73 19.63 -52.26
CA ASP K 46 35.41 19.52 -50.84
C ASP K 46 36.22 18.45 -50.13
N ARG K 47 37.39 18.10 -50.66
CA ARG K 47 38.17 16.99 -50.15
C ARG K 47 39.47 17.48 -49.55
N GLY K 48 39.86 16.87 -48.44
CA GLY K 48 41.01 17.36 -47.69
C GLY K 48 42.30 17.35 -48.48
N VAL K 49 42.42 16.43 -49.42
CA VAL K 49 43.51 16.42 -50.38
C VAL K 49 42.88 16.47 -51.76
N ARG K 50 43.12 17.54 -52.50
CA ARG K 50 42.44 17.78 -53.76
C ARG K 50 43.39 17.52 -54.92
N LEU K 51 42.91 16.78 -55.89
CA LEU K 51 43.70 16.42 -57.06
C LEU K 51 43.30 17.31 -58.23
N PHE K 52 44.27 18.01 -58.79
CA PHE K 52 44.05 18.89 -59.93
C PHE K 52 44.48 18.17 -61.20
N SER K 53 43.53 17.94 -62.10
CA SER K 53 43.83 17.31 -63.38
C SER K 53 44.32 18.37 -64.36
N VAL K 54 45.53 18.86 -64.09
CA VAL K 54 46.12 19.89 -64.93
C VAL K 54 46.40 19.34 -66.31
N ALA K 55 45.82 19.97 -67.32
CA ALA K 55 46.08 19.58 -68.70
C ALA K 55 47.51 19.91 -69.07
N SER K 56 48.16 19.01 -69.79
CA SER K 56 49.55 19.14 -70.22
C SER K 56 50.52 19.16 -69.04
N GLN K 57 50.04 18.90 -67.83
CA GLN K 57 50.88 18.59 -66.67
C GLN K 57 51.93 19.67 -66.42
N GLN K 58 51.54 20.92 -66.63
CA GLN K 58 52.39 22.05 -66.30
C GLN K 58 52.16 22.45 -64.86
N PRO K 59 53.01 23.32 -64.31
CA PRO K 59 52.74 23.86 -62.98
C PRO K 59 51.40 24.56 -62.94
N PHE K 60 50.74 24.45 -61.79
CA PHE K 60 49.39 24.98 -61.63
C PHE K 60 49.43 26.18 -60.71
N ARG K 61 48.54 27.14 -60.91
CA ARG K 61 48.44 28.30 -60.04
C ARG K 61 46.99 28.50 -59.63
N PRO K 62 46.54 27.80 -58.58
CA PRO K 62 45.22 28.09 -58.03
C PRO K 62 45.19 29.42 -57.30
N ARG K 63 43.99 30.01 -57.29
CA ARG K 63 43.74 31.33 -56.74
C ARG K 63 42.49 31.32 -55.88
N ILE K 64 42.51 32.13 -54.81
CA ILE K 64 41.38 32.35 -53.93
C ILE K 64 41.15 33.85 -53.80
N LYS K 65 40.12 34.20 -53.05
CA LYS K 65 39.65 35.58 -52.94
C LYS K 65 39.27 35.86 -51.50
N ALA K 66 40.03 36.75 -50.82
CA ALA K 66 39.63 37.21 -49.50
C ALA K 66 38.26 37.89 -49.59
N GLN K 67 37.62 38.11 -48.44
CA GLN K 67 36.23 38.49 -48.62
C GLN K 67 36.06 39.94 -49.02
N LEU K 68 35.94 40.85 -48.04
CA LEU K 68 36.03 42.29 -48.22
C LEU K 68 36.34 43.03 -46.95
N THR K 69 37.20 42.53 -46.08
CA THR K 69 37.25 43.03 -44.71
C THR K 69 37.76 44.47 -44.75
N GLY K 70 36.83 45.38 -44.99
CA GLY K 70 37.10 46.80 -45.02
C GLY K 70 35.83 47.60 -44.85
N SER K 71 35.85 48.61 -43.97
CA SER K 71 34.66 49.38 -43.69
C SER K 71 34.24 50.16 -44.92
N GLY K 72 32.94 50.15 -45.21
CA GLY K 72 32.47 50.80 -46.40
C GLY K 72 32.36 52.29 -46.21
N VAL K 73 31.32 52.89 -46.76
CA VAL K 73 31.06 54.31 -46.60
C VAL K 73 29.71 54.46 -45.91
N SER K 74 29.60 55.47 -45.06
CA SER K 74 28.39 55.68 -44.28
C SER K 74 27.80 57.05 -44.60
N GLY K 75 26.48 57.13 -44.54
CA GLY K 75 25.79 58.37 -44.81
C GLY K 75 25.72 58.65 -46.29
N ASN K 76 25.90 59.91 -46.67
CA ASN K 76 25.93 60.31 -48.07
C ASN K 76 27.34 60.67 -48.51
N THR K 77 28.35 59.97 -47.98
CA THR K 77 29.71 60.43 -48.17
C THR K 77 30.14 60.38 -49.63
N ASP K 78 30.46 59.18 -50.13
CA ASP K 78 30.67 58.88 -51.53
C ASP K 78 31.21 57.47 -51.63
N PHE K 79 31.07 56.79 -52.77
CA PHE K 79 31.83 55.55 -52.94
C PHE K 79 33.31 55.79 -53.07
N GLU K 80 33.73 56.98 -53.49
CA GLU K 80 35.15 57.25 -53.69
C GLU K 80 35.93 57.31 -52.38
N ALA K 81 35.24 57.40 -51.25
CA ALA K 81 35.94 57.65 -50.01
C ALA K 81 36.70 56.41 -49.52
N ASN K 82 36.24 55.21 -49.83
CA ASN K 82 36.96 54.01 -49.43
C ASN K 82 37.44 53.12 -50.57
N TYR K 83 36.57 52.74 -51.51
CA TYR K 83 37.01 51.87 -52.60
C TYR K 83 37.66 50.61 -52.07
N ASP K 84 36.85 49.75 -51.45
CA ASP K 84 37.37 48.46 -51.03
C ASP K 84 38.10 47.80 -52.18
N ASN K 85 39.14 47.05 -51.86
CA ASN K 85 39.95 46.38 -52.87
C ASN K 85 39.58 44.91 -52.99
N LEU K 86 39.59 44.41 -54.22
CA LEU K 86 39.29 43.01 -54.47
C LEU K 86 40.61 42.24 -54.46
N GLU K 87 40.81 41.42 -53.45
CA GLU K 87 42.08 40.75 -53.23
C GLU K 87 42.02 39.34 -53.79
N ILE K 88 42.99 38.99 -54.62
CA ILE K 88 43.16 37.64 -55.13
C ILE K 88 44.51 37.15 -54.65
N LEU K 89 44.52 35.98 -54.03
CA LEU K 89 45.74 35.32 -53.61
C LEU K 89 45.92 34.06 -54.43
N SER K 90 47.17 33.59 -54.53
CA SER K 90 47.43 32.46 -55.38
C SER K 90 48.65 31.72 -54.88
N GLN K 91 48.81 30.49 -55.38
CA GLN K 91 50.08 29.80 -55.15
C GLN K 91 50.35 28.84 -56.31
N THR K 92 51.61 28.47 -56.45
CA THR K 92 52.07 27.69 -57.59
C THR K 92 52.48 26.29 -57.14
N ILE K 93 52.01 25.29 -57.87
CA ILE K 93 52.29 23.89 -57.62
C ILE K 93 53.21 23.44 -58.74
N TYR K 94 54.44 23.10 -58.39
CA TYR K 94 55.42 22.58 -59.33
C TYR K 94 55.55 21.08 -59.19
N PRO K 95 55.64 20.35 -60.28
CA PRO K 95 55.81 18.90 -60.19
C PRO K 95 57.19 18.53 -59.69
N ASP K 96 57.33 17.26 -59.36
CA ASP K 96 58.60 16.69 -58.91
C ASP K 96 58.64 15.23 -59.32
N ALA K 97 59.70 14.83 -60.00
CA ALA K 97 59.86 13.46 -60.43
C ALA K 97 60.70 12.69 -59.42
N PHE K 98 60.33 11.43 -59.21
CA PHE K 98 61.03 10.58 -58.26
C PHE K 98 60.74 9.12 -58.60
N GLY K 99 61.70 8.25 -58.29
CA GLY K 99 61.52 6.85 -58.58
C GLY K 99 62.53 6.00 -57.84
N ASN K 100 62.38 4.69 -58.01
CA ASN K 100 63.30 3.70 -57.46
C ASN K 100 63.44 2.55 -58.43
N SER K 101 64.57 1.86 -58.34
CA SER K 101 64.81 0.72 -59.21
C SER K 101 65.48 -0.40 -58.46
N LEU K 102 65.30 -1.61 -58.96
CA LEU K 102 65.91 -2.83 -58.45
C LEU K 102 66.63 -3.53 -59.59
N ARG K 103 67.87 -3.93 -59.37
CA ARG K 103 68.58 -4.79 -60.30
C ARG K 103 68.72 -6.17 -59.69
N SER K 104 68.64 -7.19 -60.54
CA SER K 104 68.66 -8.55 -60.05
C SER K 104 70.09 -9.07 -59.95
N LYS K 105 70.21 -10.35 -59.64
CA LYS K 105 71.45 -11.06 -59.84
C LYS K 105 71.33 -11.85 -61.13
N ILE K 106 72.43 -12.46 -61.58
CA ILE K 106 72.42 -13.21 -62.81
C ILE K 106 71.28 -14.21 -62.78
N LYS K 107 70.70 -14.47 -63.94
CA LYS K 107 69.47 -15.26 -63.99
C LYS K 107 69.68 -16.67 -63.43
N ALA K 108 70.91 -17.18 -63.50
CA ALA K 108 71.21 -18.48 -62.92
C ALA K 108 70.98 -18.48 -61.42
N TYR K 109 71.50 -17.47 -60.73
CA TYR K 109 71.25 -17.36 -59.29
C TYR K 109 69.79 -17.08 -59.01
N SER K 110 69.14 -16.28 -59.85
CA SER K 110 67.74 -15.95 -59.63
C SER K 110 66.87 -17.20 -59.65
N GLU K 111 67.12 -18.09 -60.60
CA GLU K 111 66.40 -19.36 -60.59
C GLU K 111 67.00 -20.37 -59.63
N LEU K 112 68.18 -20.08 -59.07
CA LEU K 112 68.77 -20.97 -58.09
C LEU K 112 68.09 -20.83 -56.74
N GLU K 113 68.12 -19.63 -56.16
CA GLU K 113 67.34 -19.35 -54.96
C GLU K 113 65.88 -19.03 -55.29
N ARG K 114 65.40 -19.45 -56.47
CA ARG K 114 63.97 -19.57 -56.77
C ARG K 114 63.16 -18.35 -56.35
N ILE K 115 63.61 -17.19 -56.82
CA ILE K 115 62.88 -15.94 -56.67
C ILE K 115 62.51 -15.43 -58.05
N ASP K 116 61.24 -15.06 -58.21
CA ASP K 116 60.76 -14.48 -59.47
C ASP K 116 61.02 -12.98 -59.39
N PHE K 117 62.14 -12.54 -59.99
CA PHE K 117 62.58 -11.18 -59.76
C PHE K 117 61.59 -10.16 -60.28
N ILE K 118 60.98 -10.42 -61.44
CA ILE K 118 60.07 -9.43 -62.01
C ILE K 118 58.86 -9.24 -61.11
N LYS K 119 58.22 -10.34 -60.71
CA LYS K 119 57.01 -10.24 -59.91
C LYS K 119 57.29 -9.62 -58.56
N GLU K 120 58.28 -10.14 -57.84
CA GLU K 120 58.58 -9.62 -56.52
C GLU K 120 59.04 -8.17 -56.60
N SER K 121 59.85 -7.84 -57.61
CA SER K 121 60.36 -6.48 -57.73
C SER K 121 59.25 -5.50 -58.06
N VAL K 122 58.33 -5.87 -58.95
CA VAL K 122 57.22 -4.98 -59.27
C VAL K 122 56.35 -4.76 -58.04
N ASP K 123 56.08 -5.83 -57.29
CA ASP K 123 55.28 -5.66 -56.06
C ASP K 123 55.99 -4.77 -55.06
N SER K 124 57.30 -4.99 -54.85
CA SER K 124 58.04 -4.18 -53.91
C SER K 124 58.04 -2.72 -54.31
N LEU K 125 58.26 -2.45 -55.59
CA LEU K 125 58.31 -1.06 -56.04
C LEU K 125 56.94 -0.41 -56.02
N THR K 126 55.88 -1.16 -56.30
CA THR K 126 54.54 -0.61 -56.18
C THR K 126 54.25 -0.20 -54.75
N THR K 127 54.60 -1.05 -53.79
CA THR K 127 54.40 -0.67 -52.40
C THR K 127 55.27 0.52 -52.02
N TRP K 128 56.51 0.54 -52.51
CA TRP K 128 57.40 1.66 -52.22
C TRP K 128 56.82 2.96 -52.73
N MET K 129 56.22 2.94 -53.91
CA MET K 129 55.62 4.15 -54.47
C MET K 129 54.39 4.57 -53.69
N ASN K 130 53.50 3.62 -53.39
CA ASN K 130 52.32 3.95 -52.62
C ASN K 130 52.69 4.56 -51.29
N GLU K 131 53.79 4.08 -50.72
CA GLU K 131 54.25 4.60 -49.44
C GLU K 131 54.93 5.95 -49.60
N GLU K 132 55.64 6.16 -50.71
CA GLU K 132 56.40 7.39 -50.89
C GLU K 132 55.50 8.57 -51.19
N ARG K 133 54.49 8.38 -52.03
CA ARG K 133 53.61 9.51 -52.32
C ARG K 133 52.85 9.94 -51.09
N ASP K 134 52.41 8.98 -50.26
CA ASP K 134 51.73 9.33 -49.03
C ASP K 134 52.69 10.00 -48.04
N LYS K 135 53.94 9.56 -48.02
CA LYS K 135 54.93 10.24 -47.21
C LYS K 135 55.09 11.69 -47.67
N ARG K 136 55.07 11.92 -48.98
CA ARG K 136 55.10 13.29 -49.49
C ARG K 136 53.91 14.09 -48.98
N ILE K 137 52.72 13.50 -49.06
CA ILE K 137 51.51 14.19 -48.63
C ILE K 137 51.62 14.59 -47.17
N VAL K 138 52.01 13.65 -46.31
CA VAL K 138 52.06 13.93 -44.88
C VAL K 138 53.16 14.90 -44.54
N ALA K 139 54.30 14.80 -45.22
CA ALA K 139 55.39 15.72 -44.94
C ALA K 139 55.02 17.15 -45.32
N SER K 140 54.34 17.33 -46.45
CA SER K 140 53.89 18.66 -46.81
C SER K 140 52.81 19.13 -45.85
N LEU K 141 51.86 18.26 -45.52
CA LEU K 141 50.73 18.63 -44.69
C LEU K 141 51.14 18.94 -43.26
N THR K 142 52.28 18.44 -42.79
CA THR K 142 52.75 18.69 -41.45
C THR K 142 53.97 19.60 -41.40
N ASN K 143 54.39 20.15 -42.54
CA ASN K 143 55.40 21.19 -42.50
C ASN K 143 54.83 22.42 -41.81
N ASP K 144 55.69 23.42 -41.58
CA ASP K 144 55.47 24.45 -40.57
C ASP K 144 54.01 24.85 -40.46
N PHE K 145 53.49 24.80 -39.24
CA PHE K 145 52.11 25.15 -38.96
C PHE K 145 52.03 26.63 -38.64
N THR K 146 51.07 27.32 -39.26
CA THR K 146 50.87 28.70 -38.89
C THR K 146 50.11 28.82 -37.58
N ASN K 147 49.14 27.95 -37.35
CA ASN K 147 48.50 27.84 -36.04
C ASN K 147 48.43 26.38 -35.64
N TYR K 148 48.93 26.08 -34.45
CA TYR K 148 48.88 24.74 -33.90
C TYR K 148 48.55 24.81 -32.42
N LEU K 149 47.82 23.81 -31.95
CA LEU K 149 47.41 23.72 -30.56
C LEU K 149 48.24 22.66 -29.87
N TYR K 150 48.93 23.02 -28.80
CA TYR K 150 49.73 22.09 -28.04
C TYR K 150 49.03 21.76 -26.73
N ASN K 151 48.74 20.48 -26.53
CA ASN K 151 48.23 19.97 -25.27
C ASN K 151 49.11 18.80 -24.85
N ALA K 152 49.42 18.73 -23.55
CA ALA K 152 50.34 17.69 -23.10
C ALA K 152 49.81 16.28 -23.34
N ALA K 153 48.51 16.13 -23.55
CA ALA K 153 47.94 14.83 -23.89
C ALA K 153 46.59 15.08 -24.53
N MET K 154 46.43 14.66 -25.79
CA MET K 154 45.24 15.02 -26.55
C MET K 154 43.99 14.46 -25.90
N ASN K 155 42.98 15.32 -25.77
CA ASN K 155 41.70 14.95 -25.20
C ASN K 155 40.61 15.62 -26.02
N VAL K 156 39.37 15.22 -25.76
CA VAL K 156 38.25 15.79 -26.50
C VAL K 156 38.15 17.29 -26.28
N ALA K 157 38.67 17.81 -25.17
CA ALA K 157 38.69 19.25 -24.97
C ALA K 157 39.51 19.93 -26.06
N THR K 158 40.68 19.39 -26.37
CA THR K 158 41.51 19.98 -27.41
C THR K 158 40.92 19.75 -28.80
N ILE K 159 40.30 18.60 -29.04
CA ILE K 159 39.64 18.39 -30.32
C ILE K 159 38.53 19.41 -30.52
N ARG K 160 37.74 19.64 -29.48
CA ARG K 160 36.69 20.64 -29.56
C ARG K 160 37.29 22.02 -29.75
N LYS K 161 38.38 22.32 -29.06
CA LYS K 161 39.03 23.62 -29.21
C LYS K 161 39.49 23.84 -30.64
N ALA K 162 40.07 22.81 -31.27
CA ALA K 162 40.56 22.95 -32.63
C ALA K 162 39.42 23.09 -33.62
N ILE K 163 38.38 22.25 -33.49
CA ILE K 163 37.22 22.38 -34.36
C ILE K 163 36.59 23.75 -34.19
N PHE K 164 36.58 24.24 -32.95
CA PHE K 164 36.08 25.56 -32.62
C PHE K 164 36.83 26.66 -33.35
N HIS K 165 38.16 26.65 -33.22
CA HIS K 165 38.99 27.62 -33.93
C HIS K 165 38.78 27.53 -35.43
N ALA K 166 38.67 26.31 -35.96
CA ALA K 166 38.47 26.15 -37.39
C ALA K 166 37.16 26.80 -37.84
N ARG K 167 36.08 26.55 -37.10
CA ARG K 167 34.79 27.12 -37.48
C ARG K 167 34.83 28.63 -37.40
N ASN K 168 35.41 29.18 -36.34
CA ASN K 168 35.32 30.59 -36.06
C ASN K 168 36.57 31.36 -36.42
N GLY K 169 37.59 30.71 -36.95
CA GLY K 169 38.78 31.41 -37.38
C GLY K 169 39.47 32.12 -36.25
N LEU K 170 40.04 31.36 -35.32
CA LEU K 170 40.72 31.90 -34.17
C LEU K 170 42.14 31.35 -34.13
N LYS K 171 43.09 32.20 -33.76
CA LYS K 171 44.47 31.80 -33.69
C LYS K 171 44.74 31.12 -32.35
N ALA K 172 45.88 30.44 -32.25
CA ALA K 172 46.22 29.69 -31.04
C ALA K 172 46.26 30.57 -29.79
N ASP K 173 46.42 31.88 -29.97
CA ASP K 173 46.32 32.85 -28.88
C ASP K 173 45.26 33.89 -29.15
N ASN K 174 44.20 33.50 -29.88
CA ASN K 174 43.06 34.36 -30.19
C ASN K 174 43.50 35.61 -30.96
N SER K 175 44.01 35.36 -32.16
CA SER K 175 44.39 36.44 -33.08
C SER K 175 43.61 36.40 -34.38
N LYS K 176 42.61 35.52 -34.48
CA LYS K 176 41.54 35.63 -35.48
C LYS K 176 42.07 35.59 -36.91
N ALA K 177 42.57 34.42 -37.30
CA ALA K 177 43.06 34.31 -38.66
C ALA K 177 41.93 34.32 -39.67
N PHE K 178 41.16 33.22 -39.77
CA PHE K 178 40.00 33.15 -40.65
C PHE K 178 39.33 31.79 -40.53
N PRO K 179 38.02 31.70 -40.79
CA PRO K 179 37.36 30.39 -40.72
C PRO K 179 37.86 29.43 -41.78
N ILE K 180 38.01 28.16 -41.38
CA ILE K 180 38.57 27.13 -42.26
C ILE K 180 37.42 26.44 -42.99
N LYS K 181 37.53 26.37 -44.31
CA LYS K 181 36.48 25.78 -45.12
C LYS K 181 36.25 24.33 -44.69
N PRO K 182 35.01 23.92 -44.46
CA PRO K 182 34.77 22.55 -43.99
C PRO K 182 34.90 21.53 -45.10
N ILE K 183 35.16 20.29 -44.71
CA ILE K 183 35.05 19.20 -45.66
C ILE K 183 33.61 19.04 -46.10
N ARG K 184 32.67 19.17 -45.17
CA ARG K 184 31.26 19.19 -45.50
C ARG K 184 30.58 20.30 -44.70
N ALA K 185 29.74 21.08 -45.37
CA ALA K 185 28.92 22.08 -44.74
C ALA K 185 27.45 21.69 -44.92
N THR K 186 26.71 21.67 -43.82
CA THR K 186 25.35 21.16 -43.82
C THR K 186 24.44 22.18 -43.14
N MET K 187 23.19 22.22 -43.57
CA MET K 187 22.18 23.06 -42.93
C MET K 187 21.21 22.16 -42.17
N GLN K 188 21.09 22.36 -40.87
CA GLN K 188 20.20 21.56 -40.04
C GLN K 188 19.40 22.45 -39.11
N SER K 189 18.11 22.16 -39.00
CA SER K 189 17.25 22.85 -38.04
C SER K 189 17.33 22.16 -36.69
N VAL K 190 17.49 22.95 -35.63
CA VAL K 190 17.49 22.36 -34.29
C VAL K 190 16.07 22.32 -33.74
N GLY K 191 15.48 23.47 -33.45
CA GLY K 191 14.05 23.49 -33.25
C GLY K 191 13.30 24.01 -34.47
N ASN K 192 13.61 25.25 -34.84
CA ASN K 192 13.03 25.87 -36.02
C ASN K 192 14.03 26.71 -36.78
N VAL K 193 15.18 27.01 -36.21
CA VAL K 193 16.23 27.81 -36.85
C VAL K 193 17.24 26.88 -37.48
N VAL K 194 17.75 27.26 -38.64
CA VAL K 194 18.74 26.46 -39.34
C VAL K 194 20.13 26.94 -38.94
N VAL K 195 21.01 25.99 -38.64
CA VAL K 195 22.39 26.27 -38.32
C VAL K 195 23.26 25.50 -39.30
N GLN K 196 24.53 25.88 -39.33
CA GLN K 196 25.48 25.36 -40.30
C GLN K 196 26.47 24.45 -39.57
N ASN K 197 26.54 23.21 -40.01
CA ASN K 197 27.47 22.22 -39.47
C ASN K 197 28.65 22.03 -40.39
N THR K 198 29.77 21.63 -39.78
CA THR K 198 31.12 21.88 -40.27
C THR K 198 31.96 20.61 -40.19
N SER K 199 31.49 19.53 -40.80
CA SER K 199 32.27 18.30 -40.81
C SER K 199 33.69 18.56 -41.33
N TYR K 200 34.67 18.42 -40.44
CA TYR K 200 36.09 18.49 -40.76
C TYR K 200 36.66 17.08 -40.82
N ILE K 201 37.99 16.97 -40.93
CA ILE K 201 38.65 15.67 -40.81
C ILE K 201 39.86 15.85 -39.93
N ILE K 202 39.88 15.21 -38.78
CA ILE K 202 41.00 15.31 -37.86
C ILE K 202 41.80 14.01 -37.92
N LEU K 203 43.07 14.12 -38.28
CA LEU K 203 43.99 13.01 -38.39
C LEU K 203 44.88 13.03 -37.16
N LEU K 204 44.88 11.94 -36.42
CA LEU K 204 45.63 11.84 -35.18
C LEU K 204 46.82 10.91 -35.36
N ASP K 205 47.94 11.29 -34.76
CA ASP K 205 48.96 10.29 -34.54
C ASP K 205 48.40 9.20 -33.66
N SER K 206 48.92 8.00 -33.82
CA SER K 206 48.41 6.89 -33.04
C SER K 206 48.65 7.10 -31.56
N TYR K 207 49.76 7.75 -31.19
CA TYR K 207 49.97 8.09 -29.79
C TYR K 207 48.83 8.97 -29.27
N GLN K 208 48.38 9.91 -30.09
CA GLN K 208 47.29 10.77 -29.67
C GLN K 208 45.97 10.01 -29.62
N ALA K 209 45.78 9.04 -30.51
CA ALA K 209 44.59 8.19 -30.40
C ALA K 209 44.59 7.42 -29.09
N ASN K 210 45.76 6.94 -28.67
CA ASN K 210 45.87 6.29 -27.38
C ASN K 210 45.55 7.24 -26.25
N GLN K 211 46.11 8.45 -26.29
CA GLN K 211 45.84 9.44 -25.26
C GLN K 211 44.39 9.88 -25.27
N LEU K 212 43.68 9.69 -26.38
CA LEU K 212 42.28 10.09 -26.45
C LEU K 212 41.36 8.98 -25.94
N LYS K 213 41.67 7.72 -26.25
CA LYS K 213 40.89 6.63 -25.70
C LYS K 213 40.97 6.60 -24.17
N ALA K 214 42.05 7.12 -23.61
CA ALA K 214 42.24 7.18 -22.16
C ALA K 214 41.78 8.51 -21.57
N ASP K 215 40.79 9.15 -22.18
CA ASP K 215 40.32 10.46 -21.77
C ASP K 215 38.98 10.32 -21.07
N SER K 216 38.84 10.96 -19.91
CA SER K 216 37.62 10.85 -19.13
C SER K 216 36.42 11.35 -19.90
N GLU K 217 36.51 12.56 -20.45
CA GLU K 217 35.38 13.12 -21.17
C GLU K 217 35.15 12.39 -22.48
N PHE K 218 36.19 11.82 -23.08
CA PHE K 218 35.96 10.98 -24.26
C PHE K 218 35.18 9.74 -23.88
N LYS K 219 35.46 9.16 -22.71
CA LYS K 219 34.68 8.02 -22.25
C LYS K 219 33.23 8.40 -22.00
N GLU K 220 33.01 9.57 -21.38
CA GLU K 220 31.64 10.03 -21.15
C GLU K 220 30.92 10.25 -22.48
N LEU K 221 31.62 10.82 -23.45
CA LEU K 221 31.05 11.01 -24.77
C LEU K 221 30.69 9.67 -25.39
N ARG K 222 31.56 8.67 -25.25
CA ARG K 222 31.26 7.34 -25.77
C ARG K 222 30.04 6.75 -25.11
N LYS K 223 29.89 6.96 -23.80
CA LYS K 223 28.67 6.52 -23.12
C LYS K 223 27.44 7.17 -23.73
N LEU K 224 27.53 8.47 -24.01
CA LEU K 224 26.38 9.18 -24.57
C LEU K 224 26.03 8.64 -25.95
N TYR K 225 27.04 8.37 -26.79
CA TYR K 225 26.74 7.81 -28.10
C TYR K 225 26.13 6.42 -27.97
N ALA K 226 26.63 5.61 -27.05
CA ALA K 226 26.07 4.28 -26.85
C ALA K 226 24.61 4.35 -26.47
N PHE K 227 24.28 5.24 -25.52
CA PHE K 227 22.89 5.40 -25.10
C PHE K 227 22.02 5.91 -26.26
N ALA K 228 22.54 6.85 -27.03
CA ALA K 228 21.75 7.53 -28.04
C ALA K 228 21.54 6.71 -29.31
N GLY K 229 22.22 5.57 -29.44
CA GLY K 229 22.15 4.83 -30.69
C GLY K 229 22.82 5.53 -31.84
N GLU K 230 23.89 6.27 -31.57
CA GLU K 230 24.66 6.96 -32.60
C GLU K 230 25.70 6.00 -33.15
N ASP K 231 26.73 6.53 -33.82
CA ASP K 231 27.72 5.73 -34.54
C ASP K 231 28.06 4.45 -33.82
N LYS K 232 27.83 3.32 -34.47
CA LYS K 232 27.89 2.02 -33.84
C LYS K 232 29.01 1.19 -34.46
N GLY K 233 29.62 0.35 -33.64
CA GLY K 233 30.80 -0.38 -34.03
C GLY K 233 32.09 0.38 -33.85
N MET K 234 32.03 1.64 -33.42
CA MET K 234 33.26 2.39 -33.25
C MET K 234 33.99 2.00 -31.98
N LEU K 235 33.28 1.93 -30.86
CA LEU K 235 33.92 1.46 -29.64
C LEU K 235 34.18 -0.04 -29.71
N TYR K 236 33.26 -0.78 -30.34
CA TYR K 236 33.44 -2.22 -30.47
C TYR K 236 34.69 -2.55 -31.25
N SER K 237 34.93 -1.84 -32.35
CA SER K 237 36.02 -2.12 -33.25
C SER K 237 37.21 -1.19 -33.04
N GLY K 238 37.27 -0.49 -31.92
CA GLY K 238 38.45 0.24 -31.56
C GLY K 238 38.65 1.56 -32.28
N LEU K 239 37.76 1.92 -33.19
CA LEU K 239 37.87 3.18 -33.91
C LEU K 239 37.51 4.35 -32.99
N LEU K 240 37.68 5.56 -33.50
CA LEU K 240 37.53 6.76 -32.69
C LEU K 240 36.23 7.50 -32.98
N GLY K 241 35.42 7.04 -33.92
CA GLY K 241 34.15 7.67 -34.19
C GLY K 241 34.30 9.10 -34.67
N VAL K 242 33.25 9.88 -34.41
CA VAL K 242 33.24 11.30 -34.76
C VAL K 242 33.04 12.10 -33.49
N ILE K 243 33.57 13.32 -33.49
CA ILE K 243 33.40 14.27 -32.40
C ILE K 243 32.99 15.60 -33.01
N ASP K 244 31.85 16.11 -32.60
CA ASP K 244 31.33 17.38 -33.11
C ASP K 244 31.22 17.35 -34.63
N ASN K 245 30.69 16.25 -35.15
CA ASN K 245 30.45 16.01 -36.57
C ASN K 245 31.73 15.72 -37.34
N CYS K 246 32.89 15.73 -36.69
CA CYS K 246 34.17 15.67 -37.39
C CYS K 246 34.82 14.30 -37.20
N PRO K 247 34.95 13.49 -38.24
CA PRO K 247 35.59 12.18 -38.07
C PRO K 247 36.99 12.29 -37.53
N VAL K 248 37.31 11.41 -36.58
CA VAL K 248 38.63 11.34 -35.97
C VAL K 248 39.34 10.10 -36.48
N ILE K 249 40.60 10.24 -36.83
CA ILE K 249 41.35 9.21 -37.55
C ILE K 249 42.61 8.89 -36.79
N ASP K 250 42.88 7.60 -36.63
CA ASP K 250 44.19 7.10 -36.23
C ASP K 250 44.96 6.85 -37.51
N ALA K 251 45.83 7.78 -37.89
CA ALA K 251 46.51 7.70 -39.17
C ALA K 251 47.82 6.96 -39.11
N GLY K 252 48.30 6.62 -37.93
CA GLY K 252 49.48 5.79 -37.79
C GLY K 252 50.65 6.57 -37.23
N VAL K 253 51.82 5.98 -37.33
CA VAL K 253 53.06 6.62 -36.92
C VAL K 253 54.06 6.52 -38.06
N TRP K 254 54.85 7.57 -38.24
CA TRP K 254 55.81 7.64 -39.32
C TRP K 254 57.05 6.83 -38.95
N ASN K 255 57.38 5.83 -39.76
CA ASN K 255 58.62 5.09 -39.64
C ASN K 255 59.21 4.95 -41.03
N LYS K 256 60.25 4.14 -41.15
CA LYS K 256 60.91 3.97 -42.43
C LYS K 256 60.19 3.00 -43.35
N LEU K 257 59.13 2.35 -42.88
CA LEU K 257 58.43 1.34 -43.66
C LEU K 257 57.07 1.78 -44.16
N ASN K 258 56.34 2.57 -43.38
CA ASN K 258 54.99 2.98 -43.75
C ASN K 258 54.80 4.43 -43.36
N VAL K 259 53.73 5.00 -43.87
CA VAL K 259 53.42 6.40 -43.66
C VAL K 259 52.49 6.53 -42.46
N GLY K 260 52.71 7.57 -41.67
CA GLY K 260 51.86 7.89 -40.54
C GLY K 260 52.24 9.26 -40.04
N MET K 261 51.42 9.77 -39.14
CA MET K 261 51.62 11.12 -38.68
C MET K 261 53.00 11.28 -38.04
N PRO K 262 53.75 12.31 -38.37
CA PRO K 262 55.14 12.40 -37.91
C PRO K 262 55.26 12.72 -36.44
N ASN K 263 56.50 12.86 -35.98
CA ASN K 263 56.78 13.16 -34.58
C ASN K 263 58.23 13.62 -34.49
N SER K 264 58.61 14.03 -33.29
CA SER K 264 59.92 14.64 -33.12
C SER K 264 61.02 13.63 -32.96
N SER K 265 60.80 12.39 -33.40
CA SER K 265 61.85 11.40 -33.50
C SER K 265 62.49 11.37 -34.88
N ILE K 266 61.75 11.82 -35.89
CA ILE K 266 62.23 11.79 -37.26
C ILE K 266 63.33 12.84 -37.42
N SER K 267 64.43 12.44 -38.04
CA SER K 267 65.51 13.40 -38.26
C SER K 267 65.10 14.44 -39.30
N ASP K 268 65.83 15.55 -39.30
CA ASP K 268 65.49 16.64 -40.21
C ASP K 268 65.63 16.23 -41.66
N SER K 269 66.72 15.52 -41.99
CA SER K 269 66.92 15.08 -43.37
C SER K 269 65.83 14.12 -43.81
N ASP K 270 65.46 13.19 -42.94
CA ASP K 270 64.42 12.22 -43.28
C ASP K 270 63.10 12.91 -43.60
N PHE K 271 62.78 13.96 -42.84
CA PHE K 271 61.55 14.70 -43.12
C PHE K 271 61.68 15.49 -44.41
N THR K 272 62.71 16.34 -44.51
CA THR K 272 62.83 17.23 -45.65
C THR K 272 63.02 16.49 -46.96
N ARG K 273 63.36 15.20 -46.91
CA ARG K 273 63.46 14.42 -48.13
C ARG K 273 62.15 14.38 -48.90
N TYR K 274 61.02 14.65 -48.26
CA TYR K 274 59.72 14.52 -48.87
C TYR K 274 59.05 15.86 -49.15
N LEU K 275 59.80 16.95 -49.10
CA LEU K 275 59.30 18.28 -49.42
C LEU K 275 59.82 18.71 -50.77
N ASN K 276 58.96 19.34 -51.57
CA ASN K 276 59.38 19.70 -52.93
C ASN K 276 60.37 20.84 -52.91
N LYS K 277 60.29 21.74 -51.93
CA LYS K 277 61.28 22.78 -51.69
C LYS K 277 61.20 23.85 -52.77
N ALA K 278 60.42 23.57 -53.82
CA ALA K 278 59.97 24.58 -54.75
C ALA K 278 58.49 24.88 -54.57
N ASN K 279 57.74 23.96 -54.00
CA ASN K 279 56.37 24.17 -53.59
C ASN K 279 56.25 24.69 -52.18
N VAL K 280 57.34 24.74 -51.43
CA VAL K 280 57.34 25.21 -50.06
C VAL K 280 58.49 26.19 -49.87
N SER K 281 58.24 27.25 -49.13
CA SER K 281 59.24 28.28 -48.86
C SER K 281 59.91 28.10 -47.50
N ASN K 282 59.13 27.89 -46.46
CA ASN K 282 59.64 27.76 -45.10
C ASN K 282 59.50 26.32 -44.64
N ILE K 283 60.54 25.81 -43.97
CA ILE K 283 60.59 24.43 -43.54
C ILE K 283 60.78 24.40 -42.03
N VAL K 284 59.90 23.68 -41.33
CA VAL K 284 60.02 23.44 -39.91
C VAL K 284 59.77 21.95 -39.70
N THR K 285 60.86 21.19 -39.52
CA THR K 285 60.75 19.77 -39.30
C THR K 285 60.26 19.52 -37.87
N PRO K 286 59.71 18.33 -37.61
CA PRO K 286 59.19 18.05 -36.26
C PRO K 286 60.20 18.27 -35.15
N MET K 287 61.48 17.95 -35.38
CA MET K 287 62.51 18.34 -34.43
C MET K 287 62.46 19.84 -34.20
N GLN K 288 62.36 20.62 -35.27
CA GLN K 288 62.37 22.07 -35.14
C GLN K 288 61.08 22.58 -34.51
N LEU K 289 59.95 21.93 -34.77
CA LEU K 289 58.73 22.32 -34.09
C LEU K 289 58.84 22.07 -32.59
N LYS K 290 59.41 20.93 -32.21
CA LYS K 290 59.61 20.65 -30.78
C LYS K 290 60.53 21.70 -30.16
N GLU K 291 61.61 22.05 -30.86
CA GLU K 291 62.51 23.06 -30.35
C GLU K 291 61.82 24.41 -30.22
N LYS K 292 60.96 24.74 -31.18
CA LYS K 292 60.25 26.01 -31.13
C LYS K 292 59.33 26.07 -29.92
N LEU K 293 58.47 25.06 -29.76
CA LEU K 293 57.52 25.12 -28.65
C LEU K 293 58.14 24.77 -27.31
N ASN K 294 59.39 24.32 -27.28
CA ASN K 294 60.05 24.09 -26.01
C ASN K 294 60.40 25.38 -25.30
N GLN K 295 60.60 26.47 -26.06
CA GLN K 295 61.00 27.73 -25.46
C GLN K 295 59.93 28.26 -24.52
N GLU K 296 58.67 28.16 -24.92
CA GLU K 296 57.56 28.67 -24.14
C GLU K 296 57.17 27.68 -23.03
N ASP K 312 59.78 14.20 -26.26
CA ASP K 312 59.39 14.11 -27.65
C ASP K 312 57.93 14.47 -27.84
N ILE K 313 57.58 14.93 -29.05
CA ILE K 313 56.22 15.36 -29.34
C ILE K 313 55.66 14.56 -30.50
N SER K 314 54.43 14.87 -30.87
CA SER K 314 53.68 14.11 -31.84
C SER K 314 52.70 15.04 -32.53
N ILE K 315 52.55 14.85 -33.84
CA ILE K 315 51.93 15.82 -34.73
C ILE K 315 50.66 15.22 -35.32
N GLY K 316 49.55 15.93 -35.16
CA GLY K 316 48.32 15.59 -35.84
C GLY K 316 47.73 16.85 -36.43
N CYS K 317 46.68 16.68 -37.22
CA CYS K 317 46.18 17.81 -37.97
C CYS K 317 44.66 17.83 -38.00
N LEU K 318 44.12 19.04 -38.10
CA LEU K 318 42.73 19.28 -38.44
C LEU K 318 42.71 19.77 -39.88
N ILE K 319 41.84 19.17 -40.68
CA ILE K 319 41.89 19.23 -42.13
C ILE K 319 40.55 19.71 -42.64
N GLY K 320 40.55 20.89 -43.27
CA GLY K 320 39.41 21.37 -44.01
C GLY K 320 39.52 21.05 -45.48
N ALA K 321 38.59 21.60 -46.25
CA ALA K 321 38.55 21.33 -47.67
C ALA K 321 39.81 21.83 -48.35
N SER K 322 40.38 21.01 -49.22
CA SER K 322 41.57 21.36 -49.99
C SER K 322 42.70 21.80 -49.08
N ALA K 323 42.96 21.00 -48.05
CA ALA K 323 44.05 21.30 -47.14
C ALA K 323 45.40 21.16 -47.82
N VAL K 324 45.55 20.15 -48.69
CA VAL K 324 46.78 19.88 -49.41
C VAL K 324 46.42 19.67 -50.86
N LEU K 325 47.16 20.30 -51.76
CA LEU K 325 46.87 20.30 -53.18
C LEU K 325 47.85 19.42 -53.92
N LEU K 326 47.31 18.54 -54.77
CA LEU K 326 48.07 17.72 -55.68
C LEU K 326 47.80 18.16 -57.10
N ALA K 327 48.85 18.42 -57.86
CA ALA K 327 48.76 18.77 -59.26
C ALA K 327 49.57 17.78 -60.07
N GLY K 328 49.08 17.46 -61.26
CA GLY K 328 49.70 16.48 -62.12
C GLY K 328 48.96 15.16 -62.07
N SER K 329 49.54 14.18 -62.77
CA SER K 329 48.99 12.84 -62.82
C SER K 329 49.71 12.00 -61.78
N LYS K 330 48.94 11.44 -60.84
CA LYS K 330 49.49 10.50 -59.88
C LYS K 330 49.73 9.13 -60.49
N GLU K 331 49.61 9.02 -61.82
CA GLU K 331 49.87 7.75 -62.49
C GLU K 331 51.32 7.33 -62.29
N THR K 332 51.52 6.03 -62.13
CA THR K 332 52.83 5.45 -61.91
C THR K 332 53.25 4.64 -63.12
N ARG K 333 54.51 4.76 -63.52
CA ARG K 333 55.03 4.08 -64.70
C ARG K 333 56.13 3.11 -64.33
N PHE K 334 56.12 1.96 -64.99
CA PHE K 334 57.09 0.89 -64.76
C PHE K 334 58.01 0.76 -65.97
N TYR K 335 59.26 0.41 -65.69
CA TYR K 335 60.35 0.47 -66.66
C TYR K 335 61.15 -0.82 -66.64
N ILE K 336 60.45 -1.95 -66.78
CA ILE K 336 61.10 -3.25 -66.85
C ILE K 336 62.12 -3.24 -67.97
N ASP K 337 63.36 -3.58 -67.65
CA ASP K 337 64.45 -3.62 -68.63
C ASP K 337 65.25 -4.91 -68.42
N GLU K 338 65.10 -5.86 -69.34
CA GLU K 338 65.69 -7.17 -69.18
C GLU K 338 67.00 -7.34 -69.93
N THR K 339 67.50 -6.30 -70.59
CA THR K 339 68.73 -6.42 -71.35
C THR K 339 69.96 -6.02 -70.55
N VAL K 340 69.83 -5.88 -69.23
CA VAL K 340 70.97 -5.52 -68.41
C VAL K 340 72.00 -6.63 -68.46
N ASP K 341 73.28 -6.26 -68.54
CA ASP K 341 74.38 -7.21 -68.59
C ASP K 341 74.13 -8.28 -69.65
N ALA K 342 74.00 -7.82 -70.89
CA ALA K 342 73.76 -8.66 -72.06
C ALA K 342 72.46 -9.42 -71.98
N GLY K 343 71.59 -9.10 -71.04
CA GLY K 343 70.38 -9.86 -70.82
C GLY K 343 70.48 -10.86 -69.70
N ARG K 344 71.63 -10.95 -69.05
CA ARG K 344 71.80 -11.90 -67.95
C ARG K 344 71.04 -11.44 -66.72
N LYS K 345 71.12 -10.15 -66.39
CA LYS K 345 70.39 -9.59 -65.27
C LYS K 345 69.18 -8.80 -65.76
N SER K 346 68.45 -8.19 -64.84
CA SER K 346 67.29 -7.38 -65.15
C SER K 346 67.29 -6.14 -64.30
N LEU K 347 66.56 -5.13 -64.77
CA LEU K 347 66.34 -3.90 -64.03
C LEU K 347 64.87 -3.55 -64.10
N VAL K 348 64.24 -3.39 -62.94
CA VAL K 348 62.87 -2.94 -62.84
C VAL K 348 62.86 -1.57 -62.20
N GLY K 349 62.25 -0.60 -62.87
CA GLY K 349 62.20 0.75 -62.37
C GLY K 349 60.77 1.22 -62.23
N VAL K 350 60.57 2.17 -61.31
CA VAL K 350 59.28 2.78 -61.08
C VAL K 350 59.53 4.27 -60.86
N ASP K 351 58.72 5.12 -61.48
CA ASP K 351 58.84 6.54 -61.22
C ASP K 351 57.49 7.22 -61.39
N CYS K 352 57.42 8.44 -60.87
CA CYS K 352 56.22 9.25 -60.94
C CYS K 352 56.64 10.69 -60.76
N LEU K 353 55.93 11.59 -61.41
CA LEU K 353 56.06 13.01 -61.15
C LEU K 353 54.75 13.52 -60.57
N LEU K 354 54.85 14.29 -59.50
CA LEU K 354 53.68 14.67 -58.73
C LEU K 354 53.97 15.95 -57.97
N GLY K 355 53.07 16.92 -58.07
CA GLY K 355 53.23 18.16 -57.35
C GLY K 355 52.38 18.20 -56.11
N VAL K 356 53.01 18.22 -54.94
CA VAL K 356 52.31 18.20 -53.67
C VAL K 356 52.69 19.45 -52.90
N SER K 357 51.69 20.19 -52.43
CA SER K 357 52.01 21.23 -51.46
C SER K 357 50.82 21.52 -50.57
N LYS K 358 51.10 21.86 -49.33
CA LYS K 358 50.06 22.34 -48.42
C LYS K 358 49.55 23.68 -48.92
N ALA K 359 48.23 23.78 -49.08
CA ALA K 359 47.62 24.99 -49.60
C ALA K 359 47.95 26.18 -48.72
N ARG K 360 48.71 27.13 -49.26
CA ARG K 360 49.04 28.36 -48.52
C ARG K 360 49.16 29.47 -49.57
N TYR K 361 48.05 30.18 -49.78
CA TYR K 361 47.96 31.12 -50.88
C TYR K 361 48.60 32.44 -50.52
N GLN K 362 49.49 32.92 -51.38
CA GLN K 362 50.18 34.18 -51.19
C GLN K 362 49.48 35.28 -52.00
N SER K 363 49.54 36.50 -51.49
CA SER K 363 48.85 37.62 -52.12
C SER K 363 49.53 38.02 -53.42
N THR K 364 48.72 38.27 -54.45
CA THR K 364 49.26 38.62 -55.76
C THR K 364 50.00 39.95 -55.72
N ASP K 365 49.51 40.89 -54.94
CA ASP K 365 50.15 42.19 -54.76
C ASP K 365 50.56 42.34 -53.29
N GLY K 366 50.96 43.54 -52.92
CA GLY K 366 51.45 43.79 -51.58
C GLY K 366 50.42 43.99 -50.51
N VAL K 367 49.12 43.87 -50.82
CA VAL K 367 48.10 44.07 -49.79
C VAL K 367 48.18 42.96 -48.76
N VAL K 368 48.36 43.33 -47.49
CA VAL K 368 48.32 42.37 -46.41
C VAL K 368 46.89 41.88 -46.22
N THR K 369 46.76 40.61 -45.84
CA THR K 369 45.49 39.94 -45.75
C THR K 369 45.66 38.82 -44.74
N PRO K 370 44.63 38.48 -43.96
CA PRO K 370 44.78 37.38 -43.00
C PRO K 370 44.99 36.02 -43.65
N TYR K 371 45.02 35.97 -44.97
CA TYR K 371 45.14 34.72 -45.70
C TYR K 371 46.55 34.41 -46.20
N ASP K 372 47.42 35.40 -46.30
CA ASP K 372 48.59 35.27 -47.16
C ASP K 372 49.59 34.20 -46.73
N ASN K 373 50.28 34.38 -45.62
CA ASN K 373 51.25 33.37 -45.20
C ASN K 373 50.66 32.45 -44.14
N GLN K 374 49.53 31.85 -44.45
CA GLN K 374 48.79 31.08 -43.47
C GLN K 374 48.32 29.78 -44.10
N ASP K 375 48.46 28.69 -43.37
CA ASP K 375 47.91 27.42 -43.85
C ASP K 375 46.42 27.59 -44.09
N TYR K 376 46.03 27.44 -45.34
CA TYR K 376 44.67 27.79 -45.73
C TYR K 376 43.63 26.94 -45.02
N ALA K 377 43.89 25.64 -44.88
CA ALA K 377 42.87 24.74 -44.34
C ALA K 377 43.46 23.70 -43.41
N VAL K 378 44.47 24.06 -42.62
CA VAL K 378 45.14 23.11 -41.74
C VAL K 378 45.37 23.74 -40.39
N ILE K 379 45.07 23.00 -39.33
CA ILE K 379 45.42 23.39 -37.96
C ILE K 379 46.26 22.29 -37.34
N GLY K 380 47.32 22.66 -36.64
CA GLY K 380 48.20 21.68 -36.03
C GLY K 380 47.74 21.29 -34.64
N LEU K 381 48.08 20.07 -34.24
CA LEU K 381 47.72 19.53 -32.93
C LEU K 381 48.93 18.77 -32.41
N VAL K 382 49.62 19.33 -31.43
CA VAL K 382 50.87 18.80 -30.94
C VAL K 382 50.66 18.26 -29.54
N SER K 383 51.18 17.07 -29.28
CA SER K 383 51.02 16.48 -27.95
C SER K 383 52.22 15.61 -27.63
N ASN K 384 52.47 15.40 -26.34
CA ASN K 384 53.53 14.49 -25.94
C ASN K 384 53.21 13.09 -26.43
N MET K 385 54.21 12.43 -27.00
CA MET K 385 54.00 11.05 -27.47
C MET K 385 54.16 10.05 -26.34
N GLU K 386 55.17 10.21 -25.49
CA GLU K 386 55.32 9.34 -24.35
C GLU K 386 55.10 10.11 -23.06
N LEU L 5 29.59 -58.36 27.65
CA LEU L 5 29.84 -56.94 27.48
C LEU L 5 29.02 -56.38 26.34
N ASN L 6 27.81 -55.93 26.64
CA ASN L 6 26.93 -55.39 25.62
C ASN L 6 27.08 -53.88 25.51
N ASN L 7 28.30 -53.39 25.35
CA ASN L 7 28.49 -51.97 25.15
C ASN L 7 28.02 -51.58 23.76
N ILE L 8 28.05 -50.29 23.47
CA ILE L 8 27.50 -49.79 22.22
C ILE L 8 28.44 -50.13 21.08
N ASN L 9 27.94 -50.87 20.10
CA ASN L 9 28.72 -51.17 18.90
C ASN L 9 28.65 -49.97 17.97
N PHE L 10 29.76 -49.24 17.85
CA PHE L 10 29.85 -48.12 16.94
C PHE L 10 30.19 -48.54 15.52
N ASN L 11 30.07 -49.83 15.20
CA ASN L 11 30.32 -50.29 13.85
C ASN L 11 29.25 -49.76 12.90
N ASN L 12 29.53 -49.87 11.61
CA ASN L 12 28.58 -49.54 10.56
C ASN L 12 28.47 -50.75 9.64
N ILE L 13 27.84 -50.63 8.48
CA ILE L 13 27.71 -51.81 7.63
C ILE L 13 29.00 -52.13 6.90
N SER L 14 30.03 -51.31 7.05
CA SER L 14 31.39 -51.83 6.92
C SER L 14 31.73 -52.49 8.23
N ASN L 15 32.39 -53.64 8.16
CA ASN L 15 32.41 -54.64 9.23
C ASN L 15 31.09 -55.37 9.29
N ASN L 16 30.50 -55.64 8.13
CA ASN L 16 29.39 -56.59 8.00
C ASN L 16 29.81 -57.62 6.97
N PRO L 17 30.47 -58.69 7.38
CA PRO L 17 31.10 -59.60 6.41
C PRO L 17 30.13 -60.25 5.46
N ASN L 18 28.83 -60.06 5.64
CA ASN L 18 27.86 -60.60 4.69
C ASN L 18 27.71 -59.72 3.46
N LEU L 19 28.36 -58.56 3.42
CA LEU L 19 28.21 -57.62 2.33
C LEU L 19 29.41 -57.73 1.40
N GLY L 20 29.14 -57.88 0.11
CA GLY L 20 30.20 -58.01 -0.88
C GLY L 20 30.34 -56.77 -1.73
N ILE L 21 31.51 -56.15 -1.69
CA ILE L 21 31.76 -54.92 -2.44
C ILE L 21 31.76 -55.22 -3.93
N GLU L 22 31.09 -54.37 -4.69
CA GLU L 22 31.03 -54.48 -6.14
C GLU L 22 31.82 -53.34 -6.77
N VAL L 23 32.67 -53.67 -7.74
CA VAL L 23 33.58 -52.71 -8.34
C VAL L 23 33.17 -52.52 -9.79
N GLY L 24 33.07 -51.26 -10.21
CA GLY L 24 32.52 -50.95 -11.52
C GLY L 24 33.51 -51.23 -12.65
N ARG L 25 32.99 -51.82 -13.72
CA ARG L 25 33.82 -52.14 -14.88
C ARG L 25 34.30 -50.86 -15.58
N GLU L 26 33.47 -49.83 -15.61
CA GLU L 26 33.79 -48.60 -16.30
C GLU L 26 34.51 -47.62 -15.37
N ILE L 27 35.56 -46.98 -15.89
CA ILE L 27 36.35 -46.01 -15.14
C ILE L 27 36.19 -44.66 -15.80
N GLN L 28 35.74 -43.66 -15.03
CA GLN L 28 35.60 -42.31 -15.54
C GLN L 28 36.95 -41.60 -15.47
N ASN L 29 37.39 -41.07 -16.60
CA ASN L 29 38.61 -40.27 -16.59
C ASN L 29 38.36 -38.90 -15.96
N ALA L 30 39.35 -38.41 -15.23
CA ALA L 30 39.23 -37.15 -14.53
C ALA L 30 39.71 -35.98 -15.39
N SER L 31 39.67 -36.11 -16.70
CA SER L 31 40.14 -35.09 -17.62
C SER L 31 38.96 -34.55 -18.41
N TRP L 32 38.76 -33.24 -18.34
CA TRP L 32 37.74 -32.57 -19.13
C TRP L 32 38.23 -31.30 -19.79
N VAL L 33 39.30 -30.68 -19.29
CA VAL L 33 39.73 -29.38 -19.78
C VAL L 33 40.20 -29.49 -21.22
N LYS L 34 39.69 -28.62 -22.07
CA LYS L 34 40.20 -28.45 -23.42
C LYS L 34 40.87 -27.09 -23.53
N SER L 35 41.54 -26.86 -24.64
CA SER L 35 42.35 -25.65 -24.75
C SER L 35 42.07 -24.96 -26.08
N PRO L 36 42.10 -23.62 -26.09
CA PRO L 36 41.65 -22.88 -27.27
C PRO L 36 42.57 -22.99 -28.47
N PHE L 37 43.77 -23.55 -28.31
CA PHE L 37 44.79 -23.44 -29.35
C PHE L 37 44.38 -24.14 -30.63
N PHE L 38 43.62 -25.23 -30.54
CA PHE L 38 43.14 -25.89 -31.75
C PHE L 38 42.38 -24.93 -32.64
N SER L 39 41.67 -23.97 -32.06
CA SER L 39 40.93 -23.02 -32.87
C SER L 39 41.85 -22.02 -33.55
N ILE L 40 42.93 -21.62 -32.87
CA ILE L 40 43.90 -20.74 -33.49
C ILE L 40 44.65 -21.46 -34.60
N THR L 41 44.93 -22.73 -34.40
CA THR L 41 45.77 -23.48 -35.30
C THR L 41 45.06 -23.75 -36.62
N GLY L 42 45.76 -23.52 -37.72
CA GLY L 42 45.16 -23.73 -39.03
C GLY L 42 46.23 -23.64 -40.11
N THR L 43 45.83 -24.01 -41.32
CA THR L 43 46.76 -24.08 -42.44
C THR L 43 46.75 -22.84 -43.31
N GLY L 44 45.77 -21.96 -43.17
CA GLY L 44 45.77 -20.72 -43.92
C GLY L 44 46.85 -19.78 -43.42
N ALA L 45 47.19 -18.80 -44.27
CA ALA L 45 48.26 -17.87 -43.95
C ALA L 45 47.86 -16.84 -42.91
N ASP L 46 46.58 -16.77 -42.55
CA ASP L 46 46.09 -15.78 -41.60
C ASP L 46 45.84 -16.36 -40.22
N ARG L 47 46.30 -17.57 -39.93
CA ARG L 47 46.07 -18.19 -38.64
C ARG L 47 47.17 -17.81 -37.67
N GLY L 48 46.81 -17.78 -36.38
CA GLY L 48 47.79 -17.45 -35.37
C GLY L 48 48.87 -18.51 -35.26
N VAL L 49 48.48 -19.78 -35.38
CA VAL L 49 49.41 -20.90 -35.47
C VAL L 49 49.20 -21.53 -36.82
N ARG L 50 50.26 -21.60 -37.63
CA ARG L 50 50.13 -21.98 -39.03
C ARG L 50 50.79 -23.32 -39.29
N LEU L 51 50.10 -24.17 -40.04
CA LEU L 51 50.64 -25.44 -40.50
C LEU L 51 51.32 -25.29 -41.84
N PHE L 52 52.31 -26.14 -42.08
CA PHE L 52 52.98 -26.23 -43.37
C PHE L 52 52.94 -27.67 -43.84
N SER L 53 52.47 -27.88 -45.06
CA SER L 53 52.49 -29.20 -45.67
C SER L 53 53.87 -29.40 -46.30
N VAL L 54 54.77 -30.03 -45.56
CA VAL L 54 56.14 -30.25 -46.01
C VAL L 54 56.29 -31.70 -46.41
N ALA L 55 56.74 -31.93 -47.65
CA ALA L 55 56.91 -33.28 -48.15
C ALA L 55 58.02 -34.00 -47.39
N SER L 56 57.72 -35.21 -46.93
CA SER L 56 58.66 -36.06 -46.20
C SER L 56 59.24 -35.35 -44.98
N GLN L 57 58.45 -34.46 -44.39
CA GLN L 57 58.74 -33.86 -43.08
C GLN L 57 60.17 -33.35 -43.00
N GLN L 58 60.76 -32.98 -44.13
CA GLN L 58 62.10 -32.45 -44.10
C GLN L 58 62.10 -31.10 -43.40
N PRO L 59 63.22 -30.70 -42.82
CA PRO L 59 63.30 -29.38 -42.20
C PRO L 59 62.88 -28.31 -43.18
N PHE L 60 61.93 -27.48 -42.76
CA PHE L 60 61.33 -26.48 -43.63
C PHE L 60 62.05 -25.15 -43.46
N ARG L 61 61.90 -24.28 -44.45
CA ARG L 61 62.46 -22.93 -44.38
C ARG L 61 61.55 -21.94 -45.07
N PRO L 62 60.65 -21.31 -44.32
CA PRO L 62 59.87 -20.21 -44.89
C PRO L 62 60.66 -18.92 -44.96
N ARG L 63 60.32 -18.12 -45.97
CA ARG L 63 61.01 -16.88 -46.30
C ARG L 63 60.00 -15.75 -46.48
N ILE L 64 60.37 -14.58 -45.98
CA ILE L 64 59.63 -13.34 -46.18
C ILE L 64 60.55 -12.33 -46.85
N LYS L 65 60.00 -11.18 -47.24
CA LYS L 65 60.77 -10.11 -47.84
C LYS L 65 60.48 -8.79 -47.13
N ALA L 66 61.53 -8.01 -46.89
CA ALA L 66 61.35 -6.69 -46.29
C ALA L 66 60.60 -5.78 -47.26
N GLN L 67 60.32 -4.55 -46.83
CA GLN L 67 59.45 -3.77 -47.71
C GLN L 67 60.25 -3.16 -48.85
N LEU L 68 60.86 -2.01 -48.57
CA LEU L 68 61.91 -1.37 -49.34
C LEU L 68 62.25 -0.09 -48.58
N THR L 69 63.52 0.16 -48.30
CA THR L 69 63.90 1.37 -47.58
C THR L 69 65.06 2.00 -48.35
N GLY L 70 64.75 3.00 -49.16
CA GLY L 70 65.77 3.66 -49.95
C GLY L 70 65.26 4.99 -50.45
N SER L 71 66.18 5.95 -50.56
CA SER L 71 65.81 7.27 -51.05
C SER L 71 65.31 7.20 -52.48
N GLY L 72 65.86 6.28 -53.27
CA GLY L 72 65.54 6.26 -54.68
C GLY L 72 66.30 7.34 -55.43
N VAL L 73 65.72 7.78 -56.54
CA VAL L 73 66.29 8.86 -57.32
C VAL L 73 65.22 9.89 -57.61
N SER L 74 65.67 11.11 -57.87
CA SER L 74 64.77 12.24 -58.07
C SER L 74 65.10 12.93 -59.38
N GLY L 75 64.07 13.48 -60.01
CA GLY L 75 64.25 14.21 -61.23
C GLY L 75 64.74 13.35 -62.37
N ASN L 76 65.85 13.76 -62.97
CA ASN L 76 66.39 13.11 -64.15
C ASN L 76 67.68 12.34 -63.86
N THR L 77 67.91 11.96 -62.60
CA THR L 77 69.26 11.56 -62.24
C THR L 77 69.71 10.32 -62.98
N ASP L 78 69.23 9.14 -62.56
CA ASP L 78 69.24 7.89 -63.31
C ASP L 78 68.77 6.80 -62.36
N PHE L 79 68.24 5.70 -62.87
CA PHE L 79 67.98 4.57 -61.97
C PHE L 79 69.26 4.00 -61.39
N GLU L 80 70.35 4.04 -62.15
CA GLU L 80 71.61 3.46 -61.71
C GLU L 80 72.19 4.13 -60.48
N ALA L 81 71.72 5.31 -60.12
CA ALA L 81 72.41 6.10 -59.13
C ALA L 81 72.08 5.70 -57.69
N ASN L 82 70.98 4.99 -57.46
CA ASN L 82 70.65 4.59 -56.10
C ASN L 82 70.61 3.08 -55.92
N TYR L 83 69.86 2.35 -56.74
CA TYR L 83 69.84 0.89 -56.68
C TYR L 83 69.42 0.39 -55.31
N ASP L 84 68.13 0.55 -55.01
CA ASP L 84 67.56 -0.13 -53.87
C ASP L 84 67.82 -1.63 -53.97
N ASN L 85 68.05 -2.26 -52.82
CA ASN L 85 68.34 -3.69 -52.75
C ASN L 85 67.13 -4.45 -52.21
N LEU L 86 66.94 -5.67 -52.70
CA LEU L 86 65.80 -6.49 -52.33
C LEU L 86 66.29 -7.57 -51.37
N GLU L 87 65.77 -7.54 -50.15
CA GLU L 87 66.27 -8.38 -49.06
C GLU L 87 65.26 -9.44 -48.70
N ILE L 88 65.75 -10.67 -48.55
CA ILE L 88 64.94 -11.81 -48.13
C ILE L 88 65.39 -12.25 -46.75
N LEU L 89 64.44 -12.61 -45.91
CA LEU L 89 64.72 -13.20 -44.62
C LEU L 89 64.08 -14.57 -44.58
N SER L 90 64.64 -15.46 -43.77
CA SER L 90 64.09 -16.81 -43.72
C SER L 90 64.44 -17.42 -42.37
N GLN L 91 63.74 -18.49 -42.04
CA GLN L 91 64.12 -19.26 -40.86
C GLN L 91 63.84 -20.73 -41.10
N THR L 92 64.59 -21.58 -40.41
CA THR L 92 64.53 -23.01 -40.59
C THR L 92 63.84 -23.65 -39.37
N ILE L 93 62.85 -24.49 -39.64
CA ILE L 93 62.13 -25.22 -38.62
C ILE L 93 62.46 -26.70 -38.77
N TYR L 94 63.05 -27.27 -37.74
CA TYR L 94 63.52 -28.65 -37.59
C TYR L 94 62.52 -29.47 -36.81
N PRO L 95 62.21 -30.68 -37.25
CA PRO L 95 61.28 -31.53 -36.50
C PRO L 95 61.86 -31.98 -35.18
N ASP L 96 61.06 -32.68 -34.39
CA ASP L 96 61.48 -33.13 -33.07
C ASP L 96 60.59 -34.30 -32.67
N ALA L 97 61.18 -35.30 -32.03
CA ALA L 97 60.48 -36.52 -31.66
C ALA L 97 60.24 -36.56 -30.16
N PHE L 98 59.04 -36.96 -29.78
CA PHE L 98 58.74 -37.09 -28.36
C PHE L 98 57.62 -38.08 -28.18
N GLY L 99 57.58 -38.72 -27.01
CA GLY L 99 56.54 -39.69 -26.76
C GLY L 99 56.54 -40.13 -25.32
N ASN L 100 55.62 -41.04 -25.02
CA ASN L 100 55.47 -41.62 -23.70
C ASN L 100 55.06 -43.07 -23.84
N SER L 101 54.99 -43.77 -22.71
CA SER L 101 54.55 -45.17 -22.73
C SER L 101 54.09 -45.56 -21.33
N LEU L 102 53.25 -46.59 -21.31
CA LEU L 102 52.73 -47.19 -20.09
C LEU L 102 52.96 -48.69 -20.14
N ARG L 103 53.57 -49.23 -19.09
CA ARG L 103 53.75 -50.66 -18.95
C ARG L 103 52.74 -51.20 -17.95
N SER L 104 52.14 -52.34 -18.28
CA SER L 104 51.00 -52.84 -17.53
C SER L 104 51.47 -53.68 -16.34
N LYS L 105 50.50 -54.25 -15.63
CA LYS L 105 50.76 -55.31 -14.68
C LYS L 105 50.55 -56.65 -15.37
N ILE L 106 50.90 -57.72 -14.64
CA ILE L 106 50.78 -59.04 -15.23
C ILE L 106 49.33 -59.30 -15.61
N LYS L 107 49.13 -60.15 -16.61
CA LYS L 107 47.79 -60.32 -17.18
C LYS L 107 46.78 -60.75 -16.12
N ALA L 108 47.20 -61.57 -15.17
CA ALA L 108 46.28 -62.03 -14.13
C ALA L 108 45.78 -60.88 -13.28
N TYR L 109 46.67 -59.98 -12.87
CA TYR L 109 46.25 -58.82 -12.09
C TYR L 109 45.34 -57.91 -12.90
N SER L 110 45.66 -57.69 -14.18
CA SER L 110 44.84 -56.85 -15.03
C SER L 110 43.43 -57.40 -15.13
N GLU L 111 43.28 -58.71 -15.31
CA GLU L 111 41.94 -59.28 -15.31
C GLU L 111 41.32 -59.28 -13.92
N LEU L 112 42.15 -59.24 -12.88
CA LEU L 112 41.61 -59.29 -11.53
C LEU L 112 40.94 -57.98 -11.14
N GLU L 113 41.64 -56.86 -11.29
CA GLU L 113 41.10 -55.57 -10.91
C GLU L 113 40.30 -54.92 -12.04
N ARG L 114 40.10 -55.64 -13.15
CA ARG L 114 39.17 -55.26 -14.21
C ARG L 114 39.56 -53.94 -14.87
N ILE L 115 40.78 -53.88 -15.36
CA ILE L 115 41.25 -52.78 -16.19
C ILE L 115 41.58 -53.33 -17.56
N ASP L 116 40.98 -52.74 -18.60
CA ASP L 116 41.39 -53.01 -19.96
C ASP L 116 42.55 -52.08 -20.25
N PHE L 117 43.76 -52.54 -19.92
CA PHE L 117 44.93 -51.67 -19.94
C PHE L 117 45.14 -51.04 -21.31
N ILE L 118 44.75 -51.70 -22.38
CA ILE L 118 44.93 -51.14 -23.71
C ILE L 118 44.07 -49.90 -23.88
N LYS L 119 42.78 -50.00 -23.56
CA LYS L 119 41.88 -48.88 -23.75
C LYS L 119 42.26 -47.70 -22.87
N GLU L 120 42.45 -47.96 -21.58
CA GLU L 120 42.81 -46.89 -20.66
C GLU L 120 44.15 -46.28 -21.04
N SER L 121 45.10 -47.11 -21.43
CA SER L 121 46.42 -46.60 -21.80
C SER L 121 46.34 -45.72 -23.04
N VAL L 122 45.61 -46.15 -24.06
CA VAL L 122 45.50 -45.35 -25.27
C VAL L 122 44.83 -44.02 -24.96
N ASP L 123 43.74 -44.05 -24.19
CA ASP L 123 43.05 -42.79 -23.89
C ASP L 123 43.93 -41.85 -23.10
N SER L 124 44.55 -42.36 -22.04
CA SER L 124 45.39 -41.51 -21.21
C SER L 124 46.55 -40.95 -22.03
N LEU L 125 47.17 -41.78 -22.87
CA LEU L 125 48.31 -41.33 -23.65
C LEU L 125 47.90 -40.33 -24.71
N THR L 126 46.71 -40.48 -25.30
CA THR L 126 46.22 -39.48 -26.23
C THR L 126 46.03 -38.14 -25.54
N THR L 127 45.46 -38.16 -24.33
CA THR L 127 45.34 -36.90 -23.59
C THR L 127 46.71 -36.32 -23.29
N TRP L 128 47.66 -37.15 -22.89
CA TRP L 128 49.01 -36.67 -22.61
C TRP L 128 49.64 -36.05 -23.84
N MET L 129 49.38 -36.64 -25.00
CA MET L 129 50.00 -36.14 -26.23
C MET L 129 49.39 -34.81 -26.64
N ASN L 130 48.08 -34.68 -26.56
CA ASN L 130 47.45 -33.39 -26.84
C ASN L 130 48.01 -32.32 -25.92
N GLU L 131 48.11 -32.65 -24.63
CA GLU L 131 48.62 -31.71 -23.65
C GLU L 131 50.05 -31.32 -23.96
N GLU L 132 50.86 -32.28 -24.39
CA GLU L 132 52.28 -32.00 -24.65
C GLU L 132 52.46 -31.18 -25.92
N ARG L 133 51.66 -31.44 -26.95
CA ARG L 133 51.74 -30.63 -28.15
C ARG L 133 51.35 -29.18 -27.86
N ASP L 134 50.27 -28.99 -27.12
CA ASP L 134 49.88 -27.64 -26.75
C ASP L 134 50.96 -26.97 -25.91
N LYS L 135 51.60 -27.73 -25.03
CA LYS L 135 52.67 -27.15 -24.21
C LYS L 135 53.87 -26.77 -25.07
N ARG L 136 54.18 -27.56 -26.10
CA ARG L 136 55.21 -27.19 -27.05
C ARG L 136 54.88 -25.85 -27.69
N ILE L 137 53.64 -25.70 -28.17
CA ILE L 137 53.22 -24.48 -28.83
C ILE L 137 53.37 -23.29 -27.88
N VAL L 138 52.90 -23.45 -26.65
CA VAL L 138 52.91 -22.34 -25.70
C VAL L 138 54.32 -21.98 -25.30
N ALA L 139 55.19 -22.98 -25.14
CA ALA L 139 56.56 -22.70 -24.74
C ALA L 139 57.33 -22.00 -25.85
N SER L 140 57.13 -22.42 -27.09
CA SER L 140 57.74 -21.69 -28.19
C SER L 140 57.19 -20.28 -28.28
N LEU L 141 55.88 -20.12 -28.06
CA LEU L 141 55.25 -18.81 -28.13
C LEU L 141 55.80 -17.87 -27.07
N THR L 142 55.80 -18.29 -25.81
CA THR L 142 56.18 -17.44 -24.70
C THR L 142 57.66 -17.51 -24.37
N ASN L 143 58.49 -17.89 -25.35
CA ASN L 143 59.92 -17.96 -25.16
C ASN L 143 60.48 -16.55 -25.20
N ASP L 144 61.78 -16.38 -25.41
CA ASP L 144 62.41 -15.08 -25.48
C ASP L 144 61.53 -14.08 -26.21
N PHE L 145 61.21 -12.99 -25.52
CA PHE L 145 60.30 -11.97 -26.02
C PHE L 145 61.11 -10.80 -26.52
N THR L 146 61.01 -10.52 -27.82
CA THR L 146 61.72 -9.36 -28.36
C THR L 146 61.15 -8.06 -27.81
N ASN L 147 59.83 -7.90 -27.85
CA ASN L 147 59.18 -6.78 -27.18
C ASN L 147 58.02 -7.30 -26.34
N TYR L 148 57.91 -6.76 -25.13
CA TYR L 148 56.87 -7.16 -24.20
C TYR L 148 56.53 -5.98 -23.32
N LEU L 149 55.27 -5.91 -22.90
CA LEU L 149 54.78 -4.86 -22.02
C LEU L 149 54.55 -5.44 -20.64
N TYR L 150 55.03 -4.74 -19.62
CA TYR L 150 54.83 -5.16 -18.24
C TYR L 150 54.00 -4.12 -17.50
N ASN L 151 52.75 -4.46 -17.22
CA ASN L 151 51.91 -3.70 -16.30
C ASN L 151 51.56 -4.60 -15.13
N ALA L 152 51.61 -4.05 -13.91
CA ALA L 152 51.47 -4.88 -12.73
C ALA L 152 50.10 -5.52 -12.62
N ALA L 153 49.13 -5.09 -13.41
CA ALA L 153 47.81 -5.72 -13.44
C ALA L 153 47.19 -5.45 -14.79
N MET L 154 46.85 -6.51 -15.51
CA MET L 154 46.29 -6.36 -16.84
C MET L 154 45.03 -5.52 -16.78
N ASN L 155 44.93 -4.56 -17.69
CA ASN L 155 43.81 -3.64 -17.75
C ASN L 155 43.61 -3.24 -19.20
N VAL L 156 42.48 -2.60 -19.47
CA VAL L 156 42.19 -2.20 -20.84
C VAL L 156 43.25 -1.24 -21.35
N ALA L 157 43.86 -0.46 -20.46
CA ALA L 157 44.95 0.42 -20.85
C ALA L 157 46.08 -0.35 -21.50
N THR L 158 46.53 -1.42 -20.85
CA THR L 158 47.67 -2.16 -21.36
C THR L 158 47.33 -2.97 -22.61
N ILE L 159 46.11 -3.48 -22.69
CA ILE L 159 45.70 -4.18 -23.91
C ILE L 159 45.62 -3.20 -25.07
N ARG L 160 45.11 -1.99 -24.84
CA ARG L 160 45.11 -0.98 -25.90
C ARG L 160 46.53 -0.61 -26.29
N LYS L 161 47.43 -0.50 -25.31
CA LYS L 161 48.82 -0.21 -25.63
C LYS L 161 49.44 -1.33 -26.47
N ALA L 162 49.11 -2.58 -26.16
CA ALA L 162 49.64 -3.69 -26.92
C ALA L 162 49.11 -3.70 -28.34
N ILE L 163 47.80 -3.49 -28.51
CA ILE L 163 47.24 -3.44 -29.86
C ILE L 163 47.83 -2.27 -30.61
N PHE L 164 48.09 -1.18 -29.89
CA PHE L 164 48.76 -0.02 -30.44
C PHE L 164 50.12 -0.37 -31.01
N HIS L 165 50.96 -1.00 -30.19
CA HIS L 165 52.30 -1.35 -30.61
C HIS L 165 52.29 -2.36 -31.75
N ALA L 166 51.39 -3.33 -31.70
CA ALA L 166 51.29 -4.29 -32.80
C ALA L 166 50.86 -3.62 -34.08
N ARG L 167 49.90 -2.71 -33.99
CA ARG L 167 49.36 -2.06 -35.17
C ARG L 167 50.37 -1.14 -35.83
N ASN L 168 51.15 -0.42 -35.02
CA ASN L 168 52.07 0.58 -35.56
C ASN L 168 53.53 0.19 -35.45
N GLY L 169 53.82 -0.99 -34.95
CA GLY L 169 55.20 -1.45 -34.89
C GLY L 169 56.09 -0.73 -33.91
N LEU L 170 55.59 -0.44 -32.72
CA LEU L 170 56.37 0.24 -31.70
C LEU L 170 56.92 -0.77 -30.71
N LYS L 171 57.87 -0.34 -29.91
CA LYS L 171 58.49 -1.16 -28.88
C LYS L 171 58.20 -0.57 -27.51
N ALA L 172 58.73 -1.22 -26.48
CA ALA L 172 58.51 -0.74 -25.12
C ALA L 172 59.07 0.66 -24.95
N ASP L 173 60.27 0.90 -25.48
CA ASP L 173 60.83 2.23 -25.55
C ASP L 173 60.52 2.92 -26.87
N ASN L 174 59.67 2.30 -27.70
CA ASN L 174 59.25 2.86 -28.99
C ASN L 174 60.42 2.95 -29.98
N SER L 175 61.12 1.84 -30.14
CA SER L 175 62.23 1.73 -31.09
C SER L 175 61.76 1.43 -32.50
N LYS L 176 60.46 1.28 -32.71
CA LYS L 176 59.85 1.26 -34.04
C LYS L 176 60.38 0.09 -34.88
N ALA L 177 60.04 -1.12 -34.44
CA ALA L 177 60.54 -2.28 -35.17
C ALA L 177 59.79 -2.45 -36.50
N PHE L 178 58.52 -2.85 -36.44
CA PHE L 178 57.71 -3.00 -37.64
C PHE L 178 56.28 -3.42 -37.30
N PRO L 179 55.30 -3.06 -38.12
CA PRO L 179 53.91 -3.42 -37.80
C PRO L 179 53.67 -4.92 -37.85
N ILE L 180 52.89 -5.40 -36.89
CA ILE L 180 52.61 -6.83 -36.76
C ILE L 180 51.45 -7.20 -37.67
N LYS L 181 51.64 -8.23 -38.47
CA LYS L 181 50.58 -8.68 -39.37
C LYS L 181 49.36 -9.10 -38.56
N PRO L 182 48.17 -8.62 -38.89
CA PRO L 182 46.99 -8.94 -38.08
C PRO L 182 46.48 -10.34 -38.36
N ILE L 183 45.69 -10.84 -37.40
CA ILE L 183 44.92 -12.06 -37.67
C ILE L 183 43.92 -11.79 -38.79
N ARG L 184 43.27 -10.63 -38.74
CA ARG L 184 42.37 -10.27 -39.84
C ARG L 184 42.40 -8.77 -40.02
N ALA L 185 42.45 -8.33 -41.27
CA ALA L 185 42.42 -6.90 -41.59
C ALA L 185 41.24 -6.63 -42.50
N THR L 186 40.52 -5.54 -42.21
CA THR L 186 39.33 -5.13 -42.93
C THR L 186 39.41 -3.64 -43.23
N MET L 187 38.50 -3.16 -44.04
CA MET L 187 38.36 -1.74 -44.31
C MET L 187 37.00 -1.28 -43.83
N GLN L 188 36.97 -0.20 -43.05
CA GLN L 188 35.76 0.28 -42.42
C GLN L 188 35.73 1.79 -42.46
N SER L 189 34.59 2.37 -42.80
CA SER L 189 34.47 3.81 -42.98
C SER L 189 33.97 4.44 -41.69
N VAL L 190 34.87 5.12 -40.97
CA VAL L 190 34.50 5.71 -39.69
C VAL L 190 33.56 6.89 -39.89
N GLY L 191 33.87 7.76 -40.84
CA GLY L 191 32.95 8.82 -41.23
C GLY L 191 32.58 8.62 -42.68
N ASN L 192 33.10 9.49 -43.54
CA ASN L 192 33.13 9.21 -44.97
C ASN L 192 34.50 8.73 -45.43
N VAL L 193 35.44 8.56 -44.50
CA VAL L 193 36.81 8.15 -44.81
C VAL L 193 36.98 6.69 -44.41
N VAL L 194 37.58 5.91 -45.28
CA VAL L 194 37.79 4.49 -45.05
C VAL L 194 39.14 4.28 -44.41
N VAL L 195 39.17 3.55 -43.30
CA VAL L 195 40.38 3.27 -42.55
C VAL L 195 40.50 1.77 -42.41
N GLN L 196 41.74 1.30 -42.25
CA GLN L 196 42.01 -0.12 -42.08
C GLN L 196 41.89 -0.51 -40.61
N ASN L 197 41.15 -1.57 -40.34
CA ASN L 197 40.94 -2.06 -38.99
C ASN L 197 41.49 -3.46 -38.85
N THR L 198 42.17 -3.72 -37.75
CA THR L 198 42.91 -4.95 -37.56
C THR L 198 42.46 -5.66 -36.30
N SER L 199 42.40 -6.98 -36.38
CA SER L 199 42.09 -7.85 -35.26
C SER L 199 43.25 -8.80 -35.05
N TYR L 200 43.83 -8.76 -33.86
CA TYR L 200 44.82 -9.67 -33.33
C TYR L 200 44.13 -10.66 -32.40
N ILE L 201 44.91 -11.44 -31.66
CA ILE L 201 44.35 -12.34 -30.64
C ILE L 201 45.14 -12.15 -29.36
N ILE L 202 44.44 -11.89 -28.26
CA ILE L 202 45.10 -11.78 -26.96
C ILE L 202 44.83 -13.06 -26.18
N LEU L 203 45.90 -13.73 -25.79
CA LEU L 203 45.83 -14.90 -24.93
C LEU L 203 46.32 -14.47 -23.55
N LEU L 204 45.38 -14.36 -22.62
CA LEU L 204 45.69 -13.91 -21.27
C LEU L 204 45.70 -15.09 -20.32
N ASP L 205 46.62 -15.06 -19.37
CA ASP L 205 46.57 -15.99 -18.25
C ASP L 205 45.26 -15.83 -17.50
N SER L 206 44.88 -16.87 -16.77
CA SER L 206 43.64 -16.80 -16.00
C SER L 206 43.73 -15.75 -14.90
N TYR L 207 44.87 -15.67 -14.23
CA TYR L 207 45.07 -14.59 -13.28
C TYR L 207 45.02 -13.23 -13.96
N GLN L 208 45.63 -13.13 -15.14
CA GLN L 208 45.54 -11.90 -15.91
C GLN L 208 44.11 -11.63 -16.35
N ALA L 209 43.39 -12.68 -16.73
CA ALA L 209 41.99 -12.50 -17.12
C ALA L 209 41.18 -11.93 -15.96
N ASN L 210 41.44 -12.40 -14.74
CA ASN L 210 40.71 -11.86 -13.60
C ASN L 210 41.17 -10.45 -13.24
N GLN L 211 42.45 -10.15 -13.42
CA GLN L 211 42.91 -8.78 -13.22
C GLN L 211 42.20 -7.84 -14.18
N LEU L 212 42.05 -8.25 -15.43
CA LEU L 212 41.30 -7.47 -16.40
C LEU L 212 39.83 -7.39 -16.03
N LYS L 213 39.27 -8.47 -15.47
CA LYS L 213 37.86 -8.47 -15.10
C LYS L 213 37.56 -7.43 -14.03
N ALA L 214 38.41 -7.35 -13.02
CA ALA L 214 38.27 -6.34 -11.96
C ALA L 214 38.91 -5.03 -12.36
N ASP L 215 38.55 -4.53 -13.54
CA ASP L 215 39.07 -3.28 -14.06
C ASP L 215 37.92 -2.32 -14.30
N SER L 216 38.03 -1.12 -13.73
CA SER L 216 36.96 -0.14 -13.87
C SER L 216 36.70 0.16 -15.33
N GLU L 217 37.77 0.32 -16.11
CA GLU L 217 37.62 0.55 -17.55
C GLU L 217 36.96 -0.64 -18.22
N PHE L 218 37.34 -1.85 -17.83
CA PHE L 218 36.69 -3.01 -18.42
C PHE L 218 35.23 -3.10 -18.00
N LYS L 219 34.93 -2.77 -16.75
CA LYS L 219 33.55 -2.78 -16.30
C LYS L 219 32.70 -1.82 -17.12
N GLU L 220 33.16 -0.58 -17.24
CA GLU L 220 32.40 0.41 -18.00
C GLU L 220 32.32 0.03 -19.47
N LEU L 221 33.39 -0.54 -20.03
CA LEU L 221 33.37 -0.95 -21.43
C LEU L 221 32.37 -2.07 -21.64
N ARG L 222 32.29 -3.01 -20.71
CA ARG L 222 31.30 -4.07 -20.81
C ARG L 222 29.89 -3.51 -20.70
N LYS L 223 29.70 -2.52 -19.84
CA LYS L 223 28.40 -1.85 -19.75
C LYS L 223 28.01 -1.23 -21.09
N LEU L 224 28.96 -0.52 -21.71
CA LEU L 224 28.70 0.10 -23.01
C LEU L 224 28.42 -0.95 -24.07
N TYR L 225 29.18 -2.04 -24.08
CA TYR L 225 28.91 -3.14 -25.02
C TYR L 225 27.51 -3.69 -24.82
N ALA L 226 27.13 -3.88 -23.56
CA ALA L 226 25.83 -4.44 -23.25
C ALA L 226 24.72 -3.57 -23.79
N PHE L 227 24.82 -2.25 -23.56
CA PHE L 227 23.76 -1.39 -24.06
C PHE L 227 23.75 -1.39 -25.58
N ALA L 228 24.91 -1.21 -26.21
CA ALA L 228 24.97 -1.24 -27.66
C ALA L 228 24.55 -2.60 -28.19
N GLY L 229 24.91 -3.66 -27.48
CA GLY L 229 24.46 -5.00 -27.84
C GLY L 229 25.37 -5.72 -28.81
N GLU L 230 26.67 -5.75 -28.51
CA GLU L 230 27.64 -6.43 -29.38
C GLU L 230 28.03 -7.80 -28.85
N ASP L 231 28.61 -7.85 -27.66
CA ASP L 231 29.06 -9.11 -27.07
C ASP L 231 27.86 -9.81 -26.48
N LYS L 232 27.20 -10.62 -27.31
CA LYS L 232 26.01 -11.34 -26.85
C LYS L 232 26.44 -12.50 -25.97
N GLY L 233 25.93 -12.52 -24.74
CA GLY L 233 26.23 -13.59 -23.82
C GLY L 233 27.70 -13.72 -23.49
N MET L 234 28.34 -12.59 -23.19
CA MET L 234 29.76 -12.61 -22.85
C MET L 234 30.03 -12.29 -21.39
N LEU L 235 29.30 -11.35 -20.81
CA LEU L 235 29.27 -11.24 -19.36
C LEU L 235 28.28 -12.21 -18.75
N TYR L 236 27.29 -12.63 -19.54
CA TYR L 236 26.41 -13.71 -19.13
C TYR L 236 27.19 -14.99 -18.96
N SER L 237 28.19 -15.22 -19.82
CA SER L 237 28.99 -16.44 -19.81
C SER L 237 30.32 -16.27 -19.07
N GLY L 238 30.58 -15.11 -18.49
CA GLY L 238 31.82 -14.94 -17.76
C GLY L 238 33.05 -14.81 -18.61
N LEU L 239 32.91 -14.68 -19.93
CA LEU L 239 34.05 -14.59 -20.83
C LEU L 239 34.60 -13.16 -20.82
N LEU L 240 35.46 -12.84 -21.78
CA LEU L 240 36.06 -11.51 -21.87
C LEU L 240 35.76 -10.79 -23.17
N GLY L 241 35.18 -11.45 -24.17
CA GLY L 241 34.80 -10.76 -25.39
C GLY L 241 35.98 -10.23 -26.17
N VAL L 242 35.73 -9.17 -26.94
CA VAL L 242 36.76 -8.53 -27.74
C VAL L 242 37.00 -7.14 -27.18
N ILE L 243 38.15 -6.58 -27.52
CA ILE L 243 38.56 -5.25 -27.07
C ILE L 243 39.36 -4.63 -28.20
N ASP L 244 38.88 -3.51 -28.74
CA ASP L 244 39.48 -2.90 -29.92
C ASP L 244 39.57 -3.89 -31.07
N ASN L 245 38.48 -4.62 -31.29
CA ASN L 245 38.30 -5.58 -32.38
C ASN L 245 39.08 -6.88 -32.15
N CYS L 246 39.85 -6.98 -31.08
CA CYS L 246 40.76 -8.10 -30.87
C CYS L 246 40.23 -9.02 -29.79
N PRO L 247 39.90 -10.27 -30.10
CA PRO L 247 39.37 -11.18 -29.08
C PRO L 247 40.36 -11.40 -27.95
N VAL L 248 39.85 -11.47 -26.73
CA VAL L 248 40.65 -11.74 -25.56
C VAL L 248 40.25 -13.10 -25.00
N ILE L 249 41.24 -13.90 -24.64
CA ILE L 249 41.04 -15.30 -24.28
C ILE L 249 41.61 -15.54 -22.89
N ASP L 250 40.84 -16.25 -22.08
CA ASP L 250 41.36 -16.87 -20.86
C ASP L 250 42.01 -18.19 -21.28
N ALA L 251 43.33 -18.16 -21.47
CA ALA L 251 44.03 -19.35 -21.94
C ALA L 251 44.22 -20.39 -20.85
N GLY L 252 44.12 -20.01 -19.59
CA GLY L 252 44.33 -20.91 -18.48
C GLY L 252 45.70 -20.70 -17.88
N VAL L 253 45.96 -21.47 -16.82
CA VAL L 253 47.23 -21.42 -16.12
C VAL L 253 48.00 -22.68 -16.45
N TRP L 254 49.31 -22.54 -16.61
CA TRP L 254 50.22 -23.64 -16.91
C TRP L 254 50.51 -24.36 -15.61
N ASN L 255 49.89 -25.52 -15.41
CA ASN L 255 50.17 -26.34 -14.25
C ASN L 255 50.57 -27.74 -14.73
N LYS L 256 50.91 -28.59 -13.77
CA LYS L 256 51.34 -29.94 -14.11
C LYS L 256 50.25 -30.75 -14.77
N LEU L 257 48.99 -30.33 -14.64
CA LEU L 257 47.88 -31.16 -15.11
C LEU L 257 47.48 -30.85 -16.55
N ASN L 258 47.42 -29.59 -16.94
CA ASN L 258 47.01 -29.25 -18.29
C ASN L 258 47.74 -27.98 -18.73
N VAL L 259 47.50 -27.59 -19.97
CA VAL L 259 48.24 -26.54 -20.63
C VAL L 259 47.52 -25.22 -20.46
N GLY L 260 48.29 -24.18 -20.17
CA GLY L 260 47.79 -22.82 -20.14
C GLY L 260 48.96 -21.88 -20.29
N MET L 261 48.69 -20.60 -20.16
CA MET L 261 49.75 -19.63 -20.28
C MET L 261 50.75 -19.79 -19.13
N PRO L 262 52.03 -19.66 -19.40
CA PRO L 262 53.03 -19.88 -18.34
C PRO L 262 53.06 -18.78 -17.31
N ASN L 263 53.95 -18.91 -16.35
CA ASN L 263 54.16 -17.91 -15.31
C ASN L 263 55.50 -18.18 -14.66
N SER L 264 55.88 -17.30 -13.74
CA SER L 264 57.21 -17.36 -13.16
C SER L 264 57.37 -18.49 -12.17
N SER L 265 56.30 -19.20 -11.81
CA SER L 265 56.43 -20.33 -10.90
C SER L 265 57.10 -21.52 -11.58
N ILE L 266 56.98 -21.62 -12.90
CA ILE L 266 57.55 -22.74 -13.63
C ILE L 266 59.06 -22.71 -13.50
N SER L 267 59.66 -23.86 -13.23
CA SER L 267 61.11 -23.91 -13.17
C SER L 267 61.70 -23.78 -14.57
N ASP L 268 63.00 -23.50 -14.63
CA ASP L 268 63.66 -23.34 -15.92
C ASP L 268 63.57 -24.63 -16.73
N SER L 269 63.81 -25.77 -16.08
CA SER L 269 63.86 -27.03 -16.81
C SER L 269 62.48 -27.48 -17.26
N ASP L 270 61.47 -27.31 -16.39
CA ASP L 270 60.10 -27.67 -16.77
C ASP L 270 59.62 -26.86 -17.96
N PHE L 271 60.21 -25.69 -18.20
CA PHE L 271 59.88 -24.93 -19.40
C PHE L 271 60.72 -25.36 -20.59
N THR L 272 62.04 -25.42 -20.42
CA THR L 272 62.92 -25.74 -21.53
C THR L 272 62.70 -27.13 -22.08
N ARG L 273 62.03 -28.01 -21.34
CA ARG L 273 61.71 -29.33 -21.88
C ARG L 273 60.86 -29.24 -23.14
N TYR L 274 60.16 -28.14 -23.35
CA TYR L 274 59.21 -28.01 -24.44
C TYR L 274 59.72 -27.12 -25.56
N LEU L 275 61.00 -26.73 -25.51
CA LEU L 275 61.61 -25.94 -26.57
C LEU L 275 62.46 -26.86 -27.44
N ASN L 276 62.41 -26.64 -28.74
CA ASN L 276 63.11 -27.52 -29.66
C ASN L 276 64.62 -27.41 -29.51
N LYS L 277 65.12 -26.22 -29.18
CA LYS L 277 66.53 -25.97 -28.91
C LYS L 277 67.34 -26.04 -30.20
N ALA L 278 66.70 -26.51 -31.27
CA ALA L 278 67.26 -26.42 -32.61
C ALA L 278 66.58 -25.36 -33.44
N ASN L 279 65.34 -25.02 -33.11
CA ASN L 279 64.64 -23.92 -33.73
C ASN L 279 64.89 -22.61 -33.00
N VAL L 280 64.75 -22.61 -31.69
CA VAL L 280 65.01 -21.40 -30.91
C VAL L 280 66.51 -21.18 -30.84
N SER L 281 66.93 -19.95 -31.14
CA SER L 281 68.32 -19.54 -31.01
C SER L 281 68.62 -18.95 -29.65
N ASN L 282 67.63 -18.91 -28.77
CA ASN L 282 67.82 -18.35 -27.44
C ASN L 282 66.77 -18.93 -26.52
N ILE L 283 67.07 -18.90 -25.22
CA ILE L 283 66.16 -19.43 -24.20
C ILE L 283 66.01 -18.38 -23.12
N VAL L 284 64.78 -17.91 -22.92
CA VAL L 284 64.44 -17.01 -21.82
C VAL L 284 63.17 -17.56 -21.19
N THR L 285 63.32 -18.27 -20.08
CA THR L 285 62.20 -18.85 -19.38
C THR L 285 61.52 -17.81 -18.50
N PRO L 286 60.26 -18.05 -18.12
CA PRO L 286 59.55 -17.04 -17.32
C PRO L 286 60.27 -16.66 -16.05
N MET L 287 61.00 -17.58 -15.42
CA MET L 287 61.82 -17.19 -14.28
C MET L 287 62.92 -16.22 -14.72
N GLN L 288 63.54 -16.50 -15.86
CA GLN L 288 64.55 -15.60 -16.38
C GLN L 288 63.94 -14.26 -16.76
N LEU L 289 62.73 -14.27 -17.31
CA LEU L 289 62.05 -13.02 -17.62
C LEU L 289 61.81 -12.20 -16.36
N LYS L 290 61.34 -12.85 -15.30
CA LYS L 290 61.11 -12.14 -14.04
C LYS L 290 62.41 -11.55 -13.52
N GLU L 291 63.49 -12.32 -13.55
CA GLU L 291 64.77 -11.78 -13.11
C GLU L 291 65.21 -10.62 -13.99
N LYS L 292 64.90 -10.70 -15.29
CA LYS L 292 65.33 -9.66 -16.23
C LYS L 292 64.63 -8.34 -15.93
N LEU L 293 63.31 -8.37 -15.83
CA LEU L 293 62.58 -7.12 -15.62
C LEU L 293 62.59 -6.67 -14.17
N ASN L 294 63.19 -7.46 -13.27
CA ASN L 294 63.38 -6.99 -11.90
C ASN L 294 64.53 -6.01 -11.77
N GLN L 295 65.29 -5.78 -12.84
CA GLN L 295 66.38 -4.82 -12.78
C GLN L 295 65.86 -3.39 -12.86
N GLU L 296 64.78 -3.15 -13.59
CA GLU L 296 64.19 -1.83 -13.69
C GLU L 296 62.96 -1.71 -12.78
N ASP L 312 55.73 -12.98 -8.09
CA ASP L 312 55.71 -13.77 -9.32
C ASP L 312 55.00 -13.07 -10.45
N ILE L 313 55.43 -13.35 -11.68
CA ILE L 313 54.87 -12.73 -12.87
C ILE L 313 54.10 -13.77 -13.65
N SER L 314 53.27 -13.29 -14.55
CA SER L 314 52.46 -14.13 -15.42
C SER L 314 52.54 -13.60 -16.84
N ILE L 315 52.50 -14.53 -17.79
CA ILE L 315 52.82 -14.24 -19.18
C ILE L 315 51.57 -14.40 -20.02
N GLY L 316 51.27 -13.39 -20.84
CA GLY L 316 50.26 -13.51 -21.88
C GLY L 316 50.83 -13.02 -23.20
N CYS L 317 50.06 -13.22 -24.25
CA CYS L 317 50.54 -12.91 -25.59
C CYS L 317 49.53 -12.12 -26.38
N LEU L 318 50.04 -11.32 -27.30
CA LEU L 318 49.28 -10.75 -28.40
C LEU L 318 49.82 -11.37 -29.68
N ILE L 319 48.90 -11.88 -30.50
CA ILE L 319 49.20 -12.82 -31.56
C ILE L 319 48.71 -12.23 -32.88
N GLY L 320 49.60 -12.21 -33.87
CA GLY L 320 49.23 -11.96 -35.24
C GLY L 320 49.25 -13.23 -36.07
N ALA L 321 48.99 -13.06 -37.35
CA ALA L 321 49.00 -14.20 -38.26
C ALA L 321 50.40 -14.77 -38.35
N SER L 322 50.49 -16.11 -38.46
CA SER L 322 51.76 -16.82 -38.57
C SER L 322 52.69 -16.48 -37.41
N ALA L 323 52.14 -16.38 -36.21
CA ALA L 323 52.97 -16.12 -35.04
C ALA L 323 53.80 -17.34 -34.67
N VAL L 324 53.21 -18.52 -34.76
CA VAL L 324 53.89 -19.79 -34.49
C VAL L 324 53.70 -20.69 -35.71
N LEU L 325 54.79 -21.30 -36.16
CA LEU L 325 54.79 -22.12 -37.34
C LEU L 325 54.99 -23.58 -36.95
N LEU L 326 54.14 -24.45 -37.47
CA LEU L 326 54.23 -25.89 -37.27
C LEU L 326 54.69 -26.50 -38.57
N ALA L 327 55.97 -26.83 -38.65
CA ALA L 327 56.51 -27.48 -39.82
C ALA L 327 56.04 -28.92 -39.88
N GLY L 328 55.65 -29.35 -41.08
CA GLY L 328 55.28 -30.73 -41.30
C GLY L 328 54.05 -31.21 -40.58
N SER L 329 53.62 -32.43 -40.88
CA SER L 329 52.42 -32.98 -40.30
C SER L 329 52.64 -33.39 -38.85
N LYS L 330 51.54 -33.53 -38.11
CA LYS L 330 51.58 -33.65 -36.67
C LYS L 330 50.74 -34.82 -36.16
N GLU L 331 50.57 -35.86 -36.98
CA GLU L 331 49.86 -37.04 -36.51
C GLU L 331 50.71 -37.81 -35.51
N THR L 332 50.05 -38.71 -34.77
CA THR L 332 50.69 -39.47 -33.72
C THR L 332 50.62 -40.96 -34.03
N ARG L 333 51.60 -41.71 -33.53
CA ARG L 333 51.68 -43.13 -33.79
C ARG L 333 51.68 -43.89 -32.48
N PHE L 334 50.95 -45.00 -32.45
CA PHE L 334 50.83 -45.85 -31.27
C PHE L 334 51.62 -47.14 -31.49
N TYR L 335 52.13 -47.69 -30.39
CA TYR L 335 53.12 -48.75 -30.43
C TYR L 335 52.76 -49.86 -29.45
N ILE L 336 51.54 -50.37 -29.56
CA ILE L 336 51.07 -51.46 -28.72
C ILE L 336 52.02 -52.65 -28.80
N ASP L 337 52.62 -52.99 -27.66
CA ASP L 337 53.56 -54.10 -27.56
C ASP L 337 53.06 -55.05 -26.47
N GLU L 338 52.86 -56.31 -26.84
CA GLU L 338 52.27 -57.29 -25.95
C GLU L 338 53.18 -58.48 -25.73
N THR L 339 54.48 -58.23 -25.61
CA THR L 339 55.47 -59.29 -25.45
C THR L 339 56.45 -58.95 -24.35
N VAL L 340 55.94 -58.55 -23.19
CA VAL L 340 56.77 -58.15 -22.07
C VAL L 340 56.80 -59.26 -21.03
N ASP L 341 58.01 -59.68 -20.68
CA ASP L 341 58.41 -60.69 -19.71
C ASP L 341 58.07 -62.12 -20.12
N ALA L 342 57.00 -62.32 -20.89
CA ALA L 342 56.90 -63.44 -21.81
C ALA L 342 55.83 -63.09 -22.82
N GLY L 343 55.22 -61.93 -22.63
CA GLY L 343 53.89 -61.68 -23.09
C GLY L 343 52.85 -61.64 -21.99
N ARG L 344 53.24 -61.82 -20.74
CA ARG L 344 52.30 -61.66 -19.62
C ARG L 344 52.35 -60.23 -19.09
N LYS L 345 52.30 -59.28 -20.01
CA LYS L 345 52.38 -57.85 -19.76
C LYS L 345 52.25 -57.17 -21.11
N SER L 346 52.09 -55.86 -21.09
CA SER L 346 52.01 -55.12 -22.33
C SER L 346 52.58 -53.74 -22.12
N LEU L 347 52.92 -53.09 -23.22
CA LEU L 347 53.50 -51.75 -23.20
C LEU L 347 52.87 -50.96 -24.32
N VAL L 348 52.17 -49.89 -23.98
CA VAL L 348 51.55 -49.02 -24.96
C VAL L 348 52.37 -47.75 -25.07
N GLY L 349 52.79 -47.42 -26.28
CA GLY L 349 53.60 -46.24 -26.51
C GLY L 349 52.90 -45.28 -27.45
N VAL L 350 53.23 -44.01 -27.32
CA VAL L 350 52.74 -42.96 -28.20
C VAL L 350 53.92 -42.08 -28.58
N ASP L 351 54.02 -41.75 -29.86
CA ASP L 351 55.19 -41.06 -30.38
C ASP L 351 54.77 -40.08 -31.48
N CYS L 352 55.42 -38.92 -31.52
CA CYS L 352 55.06 -37.89 -32.48
C CYS L 352 56.30 -37.13 -32.91
N LEU L 353 56.27 -36.72 -34.18
CA LEU L 353 57.24 -35.80 -34.77
C LEU L 353 56.54 -34.49 -35.08
N LEU L 354 57.09 -33.39 -34.58
CA LEU L 354 56.57 -32.08 -34.95
C LEU L 354 57.63 -31.03 -34.68
N GLY L 355 57.68 -30.02 -35.54
CA GLY L 355 58.56 -28.89 -35.34
C GLY L 355 57.78 -27.61 -35.11
N VAL L 356 57.87 -27.07 -33.91
CA VAL L 356 57.22 -25.81 -33.58
C VAL L 356 58.29 -24.73 -33.53
N SER L 357 57.99 -23.57 -34.11
CA SER L 357 58.92 -22.47 -33.99
C SER L 357 58.16 -21.16 -34.03
N LYS L 358 58.39 -20.32 -33.03
CA LYS L 358 57.90 -18.96 -33.10
C LYS L 358 58.62 -18.24 -34.23
N ALA L 359 57.84 -17.57 -35.09
CA ALA L 359 58.40 -16.97 -36.28
C ALA L 359 59.41 -15.89 -35.92
N ARG L 360 60.65 -16.09 -36.34
CA ARG L 360 61.71 -15.08 -36.20
C ARG L 360 62.61 -15.26 -37.41
N TYR L 361 62.43 -14.42 -38.42
CA TYR L 361 63.15 -14.57 -39.67
C TYR L 361 64.47 -13.82 -39.60
N GLN L 362 65.55 -14.49 -39.94
CA GLN L 362 66.88 -13.87 -40.00
C GLN L 362 67.21 -13.50 -41.44
N SER L 363 67.98 -12.42 -41.59
CA SER L 363 68.36 -11.97 -42.92
C SER L 363 69.40 -12.88 -43.52
N THR L 364 69.20 -13.25 -44.79
CA THR L 364 70.06 -14.24 -45.42
C THR L 364 71.52 -13.78 -45.43
N ASP L 365 71.77 -12.59 -45.94
CA ASP L 365 73.10 -12.01 -45.90
C ASP L 365 73.19 -11.06 -44.71
N GLY L 366 74.25 -10.27 -44.66
CA GLY L 366 74.49 -9.41 -43.52
C GLY L 366 73.65 -8.17 -43.44
N VAL L 367 72.67 -7.99 -44.34
CA VAL L 367 71.86 -6.80 -44.34
C VAL L 367 71.08 -6.70 -43.04
N VAL L 368 71.23 -5.59 -42.34
CA VAL L 368 70.45 -5.34 -41.13
C VAL L 368 69.09 -4.81 -41.53
N THR L 369 68.05 -5.42 -40.99
CA THR L 369 66.66 -5.10 -41.27
C THR L 369 65.92 -4.96 -39.96
N PRO L 370 64.85 -4.17 -39.92
CA PRO L 370 64.03 -4.14 -38.71
C PRO L 370 63.39 -5.48 -38.34
N TYR L 371 63.61 -6.51 -39.14
CA TYR L 371 62.92 -7.78 -38.96
C TYR L 371 63.77 -8.87 -38.31
N ASP L 372 65.10 -8.80 -38.43
CA ASP L 372 65.91 -10.02 -38.39
C ASP L 372 65.83 -10.75 -37.05
N ASN L 373 66.08 -10.06 -35.94
CA ASN L 373 66.05 -10.72 -34.63
C ASN L 373 64.78 -10.39 -33.87
N GLN L 374 63.66 -10.33 -34.56
CA GLN L 374 62.41 -9.87 -33.98
C GLN L 374 61.34 -10.93 -34.13
N ASP L 375 60.59 -11.16 -33.05
CA ASP L 375 59.40 -11.98 -33.15
C ASP L 375 58.48 -11.39 -34.21
N TYR L 376 58.07 -12.22 -35.15
CA TYR L 376 57.30 -11.72 -36.28
C TYR L 376 55.97 -11.15 -35.84
N ALA L 377 55.21 -11.90 -35.04
CA ALA L 377 53.83 -11.51 -34.76
C ALA L 377 53.45 -11.77 -33.30
N VAL L 378 54.37 -11.58 -32.36
CA VAL L 378 54.10 -11.90 -30.96
C VAL L 378 54.56 -10.75 -30.09
N ILE L 379 53.68 -10.27 -29.22
CA ILE L 379 54.00 -9.26 -28.22
C ILE L 379 53.72 -9.81 -26.84
N GLY L 380 54.70 -9.71 -25.94
CA GLY L 380 54.52 -10.20 -24.60
C GLY L 380 53.70 -9.25 -23.74
N LEU L 381 52.96 -9.82 -22.79
CA LEU L 381 52.09 -9.09 -21.88
C LEU L 381 52.35 -9.65 -20.49
N VAL L 382 53.27 -9.06 -19.77
CA VAL L 382 53.69 -9.59 -18.48
C VAL L 382 52.99 -8.80 -17.39
N SER L 383 52.39 -9.51 -16.45
CA SER L 383 51.72 -8.87 -15.32
C SER L 383 52.13 -9.58 -14.05
N ASN L 384 51.60 -9.14 -12.92
CA ASN L 384 51.83 -9.83 -11.67
C ASN L 384 50.94 -11.05 -11.56
N MET L 385 51.49 -12.15 -11.07
CA MET L 385 50.74 -13.40 -11.05
C MET L 385 49.62 -13.35 -10.01
N GLU L 386 49.85 -12.68 -8.89
CA GLU L 386 48.85 -12.60 -7.84
C GLU L 386 48.62 -11.14 -7.43
N LEU M 5 -32.24 -13.93 37.14
CA LEU M 5 -33.03 -14.09 35.93
C LEU M 5 -32.89 -12.91 34.97
N ASN M 6 -32.89 -13.22 33.69
CA ASN M 6 -32.81 -12.22 32.62
C ASN M 6 -31.63 -11.28 32.81
N ASN M 7 -30.48 -11.84 33.10
CA ASN M 7 -29.25 -11.09 33.06
C ASN M 7 -28.63 -11.23 31.68
N ILE M 8 -27.54 -10.51 31.46
CA ILE M 8 -26.93 -10.49 30.15
C ILE M 8 -26.28 -11.83 29.87
N ASN M 9 -26.62 -12.43 28.73
CA ASN M 9 -26.13 -13.78 28.44
C ASN M 9 -24.62 -13.79 28.24
N PHE M 10 -24.12 -12.89 27.38
CA PHE M 10 -22.74 -12.87 26.89
C PHE M 10 -22.43 -14.07 26.02
N ASN M 11 -23.37 -15.00 25.86
CA ASN M 11 -23.14 -16.16 25.02
C ASN M 11 -23.22 -15.78 23.55
N ASN M 12 -22.64 -16.64 22.72
CA ASN M 12 -22.54 -16.42 21.29
C ASN M 12 -23.48 -17.37 20.58
N ILE M 13 -23.48 -17.30 19.25
CA ILE M 13 -24.16 -18.32 18.47
C ILE M 13 -23.43 -19.65 18.54
N SER M 14 -22.21 -19.66 19.08
CA SER M 14 -21.48 -20.90 19.28
C SER M 14 -22.24 -21.82 20.23
N ASN M 15 -22.45 -21.38 21.47
CA ASN M 15 -23.09 -22.19 22.49
C ASN M 15 -24.61 -22.12 22.43
N ASN M 16 -25.16 -21.81 21.26
CA ASN M 16 -26.58 -21.89 21.04
C ASN M 16 -26.89 -23.16 20.26
N PRO M 17 -27.61 -24.13 20.83
CA PRO M 17 -27.97 -25.32 20.07
C PRO M 17 -28.93 -25.01 18.94
N ASN M 18 -29.42 -26.04 18.27
CA ASN M 18 -30.19 -26.01 17.02
C ASN M 18 -29.26 -25.82 15.83
N LEU M 19 -27.96 -25.59 16.04
CA LEU M 19 -27.06 -25.30 14.92
C LEU M 19 -26.52 -26.58 14.28
N GLY M 20 -25.78 -27.38 15.03
CA GLY M 20 -25.28 -28.60 14.46
C GLY M 20 -24.04 -28.47 13.60
N ILE M 21 -22.90 -28.15 14.21
CA ILE M 21 -21.62 -28.02 13.53
C ILE M 21 -21.38 -29.15 12.54
N GLU M 22 -20.99 -28.80 11.32
CA GLU M 22 -20.59 -29.78 10.33
C GLU M 22 -19.11 -29.62 10.01
N VAL M 23 -18.45 -30.76 9.75
CA VAL M 23 -17.00 -30.81 9.60
C VAL M 23 -16.68 -31.32 8.20
N GLY M 24 -15.66 -30.72 7.59
CA GLY M 24 -15.32 -31.05 6.22
C GLY M 24 -14.69 -32.42 6.12
N ARG M 25 -15.31 -33.32 5.34
CA ARG M 25 -14.72 -34.62 5.10
C ARG M 25 -13.38 -34.51 4.40
N GLU M 26 -13.19 -33.45 3.63
CA GLU M 26 -11.93 -33.27 2.91
C GLU M 26 -10.89 -32.62 3.82
N ILE M 27 -9.74 -33.26 3.94
CA ILE M 27 -8.59 -32.69 4.63
C ILE M 27 -7.67 -32.10 3.56
N GLN M 28 -7.15 -30.92 3.81
CA GLN M 28 -6.11 -30.35 2.98
C GLN M 28 -4.80 -30.33 3.77
N ASN M 29 -3.73 -30.83 3.15
CA ASN M 29 -2.49 -31.03 3.86
C ASN M 29 -1.64 -29.77 3.87
N ALA M 30 -0.73 -29.70 4.83
CA ALA M 30 0.15 -28.55 5.02
C ALA M 30 1.46 -28.69 4.24
N SER M 31 1.46 -29.44 3.15
CA SER M 31 2.65 -29.65 2.35
C SER M 31 2.47 -28.96 1.01
N TRP M 32 3.38 -28.02 0.70
CA TRP M 32 3.43 -27.43 -0.62
C TRP M 32 4.84 -27.29 -1.17
N VAL M 33 5.87 -27.34 -0.34
CA VAL M 33 7.23 -27.05 -0.77
C VAL M 33 7.76 -28.16 -1.67
N LYS M 34 8.58 -27.78 -2.64
CA LYS M 34 9.23 -28.72 -3.54
C LYS M 34 10.68 -28.28 -3.72
N SER M 35 11.60 -29.05 -3.15
CA SER M 35 13.02 -28.72 -3.29
C SER M 35 13.51 -29.03 -4.70
N PRO M 36 14.53 -28.29 -5.17
CA PRO M 36 14.96 -28.46 -6.56
C PRO M 36 15.73 -29.73 -6.82
N PHE M 37 16.05 -30.50 -5.77
CA PHE M 37 17.04 -31.57 -5.90
C PHE M 37 16.58 -32.64 -6.87
N PHE M 38 15.28 -32.91 -6.95
CA PHE M 38 14.81 -33.94 -7.87
C PHE M 38 15.16 -33.60 -9.30
N SER M 39 15.27 -32.32 -9.62
CA SER M 39 15.71 -31.90 -10.95
C SER M 39 17.21 -32.07 -11.13
N ILE M 40 17.98 -31.86 -10.08
CA ILE M 40 19.42 -32.02 -10.16
C ILE M 40 19.80 -33.48 -10.35
N THR M 41 19.20 -34.36 -9.57
CA THR M 41 19.57 -35.76 -9.57
C THR M 41 19.17 -36.44 -10.87
N GLY M 42 19.98 -37.40 -11.29
CA GLY M 42 19.68 -38.16 -12.48
C GLY M 42 20.77 -39.19 -12.72
N THR M 43 20.47 -40.12 -13.63
CA THR M 43 21.40 -41.20 -13.94
C THR M 43 22.52 -40.77 -14.87
N GLY M 44 22.45 -39.57 -15.44
CA GLY M 44 23.49 -39.12 -16.33
C GLY M 44 24.82 -38.95 -15.61
N ALA M 45 25.90 -39.10 -16.37
CA ALA M 45 27.24 -39.00 -15.78
C ALA M 45 27.57 -37.57 -15.37
N ASP M 46 26.85 -36.58 -15.88
CA ASP M 46 27.16 -35.18 -15.65
C ASP M 46 26.21 -34.49 -14.69
N ARG M 47 25.34 -35.24 -14.01
CA ARG M 47 24.39 -34.64 -13.10
C ARG M 47 25.09 -34.20 -11.81
N GLY M 48 24.56 -33.16 -11.19
CA GLY M 48 25.13 -32.68 -9.95
C GLY M 48 25.07 -33.71 -8.84
N VAL M 49 24.03 -34.52 -8.83
CA VAL M 49 23.89 -35.66 -7.93
C VAL M 49 23.56 -36.86 -8.80
N ARG M 50 24.47 -37.82 -8.86
CA ARG M 50 24.36 -38.91 -9.81
C ARG M 50 23.74 -40.14 -9.17
N LEU M 51 22.87 -40.80 -9.92
CA LEU M 51 22.20 -42.03 -9.48
C LEU M 51 22.83 -43.20 -10.20
N PHE M 52 23.35 -44.16 -9.43
CA PHE M 52 23.96 -45.34 -10.00
C PHE M 52 22.95 -46.47 -10.12
N SER M 53 23.05 -47.23 -11.21
CA SER M 53 22.20 -48.40 -11.42
C SER M 53 22.93 -49.62 -10.85
N VAL M 54 22.72 -49.87 -9.57
CA VAL M 54 23.44 -50.91 -8.84
C VAL M 54 22.41 -51.97 -8.43
N ALA M 55 22.31 -53.02 -9.22
CA ALA M 55 21.41 -54.11 -8.89
C ALA M 55 21.85 -54.79 -7.61
N SER M 56 20.88 -55.36 -6.89
CA SER M 56 21.05 -56.06 -5.62
C SER M 56 21.44 -55.14 -4.48
N GLN M 57 21.63 -53.85 -4.73
CA GLN M 57 21.94 -52.87 -3.69
C GLN M 57 23.17 -53.24 -2.88
N GLN M 58 24.10 -53.96 -3.48
CA GLN M 58 25.35 -54.25 -2.81
C GLN M 58 26.16 -52.98 -2.67
N PRO M 59 27.06 -52.91 -1.69
CA PRO M 59 27.99 -51.77 -1.65
C PRO M 59 28.74 -51.66 -2.96
N PHE M 60 28.89 -50.44 -3.44
CA PHE M 60 29.33 -50.22 -4.82
C PHE M 60 30.56 -49.34 -4.82
N ARG M 61 31.56 -49.69 -5.61
CA ARG M 61 32.82 -48.95 -5.63
C ARG M 61 33.10 -48.37 -7.02
N PRO M 62 32.86 -47.08 -7.23
CA PRO M 62 33.29 -46.42 -8.46
C PRO M 62 34.72 -45.92 -8.41
N ARG M 63 35.30 -45.81 -9.61
CA ARG M 63 36.72 -45.54 -9.79
C ARG M 63 36.93 -44.49 -10.87
N ILE M 64 37.98 -43.70 -10.70
CA ILE M 64 38.42 -42.70 -11.67
C ILE M 64 39.92 -42.87 -11.89
N LYS M 65 40.43 -42.28 -12.97
CA LYS M 65 41.85 -42.30 -13.26
C LYS M 65 42.38 -40.89 -13.42
N ALA M 66 43.65 -40.71 -13.09
CA ALA M 66 44.28 -39.39 -13.04
C ALA M 66 44.66 -38.93 -14.45
N GLN M 67 45.48 -37.88 -14.53
CA GLN M 67 45.72 -37.16 -15.76
C GLN M 67 46.87 -37.71 -16.59
N LEU M 68 47.69 -38.60 -16.04
CA LEU M 68 48.88 -39.14 -16.71
C LEU M 68 49.90 -38.02 -16.92
N THR M 69 50.40 -37.46 -15.82
CA THR M 69 51.27 -36.28 -15.86
C THR M 69 52.72 -36.70 -15.73
N GLY M 70 53.37 -36.96 -16.87
CA GLY M 70 54.76 -37.39 -16.85
C GLY M 70 55.56 -36.77 -17.97
N SER M 71 56.88 -36.77 -17.79
CA SER M 71 57.79 -36.14 -18.74
C SER M 71 57.73 -36.82 -20.09
N GLY M 72 58.16 -38.08 -20.15
CA GLY M 72 58.23 -38.80 -21.39
C GLY M 72 59.66 -39.03 -21.85
N VAL M 73 59.80 -39.37 -23.13
CA VAL M 73 61.11 -39.57 -23.74
C VAL M 73 61.17 -38.75 -25.04
N SER M 74 62.38 -38.47 -25.47
CA SER M 74 62.59 -37.64 -26.65
C SER M 74 63.80 -38.11 -27.43
N GLY M 75 63.65 -38.23 -28.74
CA GLY M 75 64.79 -38.39 -29.61
C GLY M 75 65.51 -39.72 -29.55
N ASN M 76 64.86 -40.77 -30.05
CA ASN M 76 65.47 -42.09 -30.19
C ASN M 76 65.70 -42.75 -28.84
N THR M 77 65.45 -42.04 -27.75
CA THR M 77 65.58 -42.63 -26.44
C THR M 77 64.49 -43.68 -26.25
N ASP M 78 64.86 -44.80 -25.65
CA ASP M 78 63.94 -45.91 -25.50
C ASP M 78 62.84 -45.58 -24.50
N PHE M 79 61.65 -46.14 -24.76
CA PHE M 79 60.55 -46.00 -23.83
C PHE M 79 60.88 -46.54 -22.44
N GLU M 80 61.85 -47.45 -22.36
CA GLU M 80 62.22 -48.03 -21.07
C GLU M 80 62.56 -46.95 -20.06
N ALA M 81 63.32 -45.94 -20.46
CA ALA M 81 63.50 -44.78 -19.61
C ALA M 81 62.20 -44.01 -19.53
N ASN M 82 61.90 -43.48 -18.35
CA ASN M 82 60.66 -42.75 -18.08
C ASN M 82 59.43 -43.50 -18.62
N TYR M 83 59.18 -44.64 -17.99
CA TYR M 83 57.84 -45.19 -18.01
C TYR M 83 56.93 -44.26 -17.25
N ASP M 84 55.70 -44.08 -17.73
CA ASP M 84 54.81 -43.29 -16.91
C ASP M 84 53.86 -44.23 -16.18
N ASN M 85 53.23 -43.73 -15.13
CA ASN M 85 52.41 -44.54 -14.25
C ASN M 85 50.95 -44.17 -14.37
N LEU M 86 50.11 -45.16 -14.66
CA LEU M 86 48.67 -44.96 -14.75
C LEU M 86 48.05 -45.23 -13.39
N GLU M 87 47.41 -44.21 -12.83
CA GLU M 87 47.01 -44.22 -11.43
C GLU M 87 45.50 -44.11 -11.31
N ILE M 88 44.94 -44.87 -10.38
CA ILE M 88 43.49 -45.02 -10.24
C ILE M 88 43.09 -44.72 -8.80
N LEU M 89 41.98 -44.00 -8.63
CA LEU M 89 41.39 -43.71 -7.34
C LEU M 89 39.98 -44.31 -7.31
N SER M 90 39.45 -44.50 -6.11
CA SER M 90 38.16 -45.16 -5.98
C SER M 90 37.53 -44.78 -4.65
N GLN M 91 36.24 -45.08 -4.52
CA GLN M 91 35.62 -45.03 -3.20
C GLN M 91 34.40 -45.94 -3.17
N THR M 92 33.93 -46.22 -1.96
CA THR M 92 32.88 -47.20 -1.72
C THR M 92 31.63 -46.53 -1.16
N ILE M 93 30.48 -46.94 -1.68
CA ILE M 93 29.17 -46.46 -1.26
C ILE M 93 28.47 -47.60 -0.53
N TYR M 94 28.08 -47.36 0.71
CA TYR M 94 27.42 -48.33 1.55
C TYR M 94 25.97 -47.93 1.77
N PRO M 95 25.02 -48.84 1.63
CA PRO M 95 23.62 -48.47 1.84
C PRO M 95 23.28 -48.11 3.28
N ASP M 96 22.02 -47.74 3.50
CA ASP M 96 21.51 -47.43 4.83
C ASP M 96 20.00 -47.52 4.79
N ALA M 97 19.41 -47.94 5.90
CA ALA M 97 17.98 -48.19 5.99
C ALA M 97 17.32 -47.23 6.95
N PHE M 98 16.16 -46.71 6.57
CA PHE M 98 15.42 -45.80 7.44
C PHE M 98 13.95 -45.83 7.07
N GLY M 99 13.10 -45.51 8.04
CA GLY M 99 11.67 -45.45 7.76
C GLY M 99 10.89 -44.96 8.96
N ASN M 100 9.60 -44.72 8.72
CA ASN M 100 8.59 -44.50 9.77
C ASN M 100 7.47 -45.50 9.70
N SER M 101 6.55 -45.32 10.63
CA SER M 101 5.22 -45.88 10.50
C SER M 101 4.28 -45.05 11.36
N LEU M 102 3.00 -45.18 11.05
CA LEU M 102 1.91 -44.61 11.81
C LEU M 102 0.97 -45.72 12.22
N ARG M 103 0.46 -45.67 13.45
CA ARG M 103 -0.59 -46.59 13.86
C ARG M 103 -1.88 -45.80 14.04
N SER M 104 -2.99 -46.39 13.64
CA SER M 104 -4.25 -45.69 13.65
C SER M 104 -4.90 -45.77 15.03
N LYS M 105 -6.16 -45.37 15.09
CA LYS M 105 -7.01 -45.60 16.23
C LYS M 105 -7.94 -46.76 15.89
N ILE M 106 -8.83 -47.10 16.81
CA ILE M 106 -9.77 -48.16 16.54
C ILE M 106 -10.61 -47.79 15.33
N LYS M 107 -11.00 -48.80 14.55
CA LYS M 107 -11.68 -48.53 13.29
C LYS M 107 -12.96 -47.74 13.49
N ALA M 108 -13.60 -47.91 14.65
CA ALA M 108 -14.82 -47.15 14.94
C ALA M 108 -14.52 -45.65 14.99
N TYR M 109 -13.47 -45.27 15.70
CA TYR M 109 -13.09 -43.86 15.74
C TYR M 109 -12.67 -43.36 14.37
N SER M 110 -11.93 -44.18 13.62
CA SER M 110 -11.46 -43.76 12.30
C SER M 110 -12.63 -43.48 11.38
N GLU M 111 -13.66 -44.32 11.42
CA GLU M 111 -14.84 -44.03 10.61
C GLU M 111 -15.76 -43.00 11.24
N LEU M 112 -15.53 -42.66 12.51
CA LEU M 112 -16.39 -41.70 13.20
C LEU M 112 -15.87 -40.27 13.10
N GLU M 113 -14.56 -40.08 13.13
CA GLU M 113 -13.96 -38.76 12.96
C GLU M 113 -13.53 -38.54 11.51
N ARG M 114 -13.87 -39.46 10.60
CA ARG M 114 -13.78 -39.24 9.16
C ARG M 114 -12.33 -39.08 8.69
N ILE M 115 -11.49 -40.05 9.04
CA ILE M 115 -10.14 -40.16 8.49
C ILE M 115 -10.02 -41.49 7.78
N ASP M 116 -9.53 -41.47 6.55
CA ASP M 116 -9.22 -42.69 5.81
C ASP M 116 -7.74 -42.97 6.02
N PHE M 117 -7.44 -43.68 7.12
CA PHE M 117 -6.08 -43.72 7.63
C PHE M 117 -5.09 -44.32 6.63
N ILE M 118 -5.53 -45.28 5.83
CA ILE M 118 -4.60 -45.91 4.89
C ILE M 118 -4.08 -44.89 3.89
N LYS M 119 -5.00 -44.18 3.23
CA LYS M 119 -4.61 -43.24 2.18
C LYS M 119 -3.85 -42.05 2.76
N GLU M 120 -4.36 -41.47 3.85
CA GLU M 120 -3.67 -40.34 4.45
C GLU M 120 -2.28 -40.72 4.92
N SER M 121 -2.15 -41.89 5.55
CA SER M 121 -0.85 -42.30 6.05
C SER M 121 0.12 -42.55 4.89
N VAL M 122 -0.36 -43.18 3.82
CA VAL M 122 0.51 -43.42 2.67
C VAL M 122 1.01 -42.11 2.09
N ASP M 123 0.11 -41.13 1.92
CA ASP M 123 0.51 -39.85 1.37
C ASP M 123 1.52 -39.15 2.27
N SER M 124 1.21 -39.07 3.56
CA SER M 124 2.09 -38.34 4.47
C SER M 124 3.44 -39.01 4.61
N LEU M 125 3.47 -40.35 4.54
CA LEU M 125 4.74 -41.04 4.65
C LEU M 125 5.55 -40.93 3.37
N THR M 126 4.91 -40.90 2.20
CA THR M 126 5.64 -40.60 0.98
C THR M 126 6.30 -39.24 1.07
N THR M 127 5.57 -38.25 1.58
CA THR M 127 6.15 -36.93 1.82
C THR M 127 7.37 -37.02 2.73
N TRP M 128 7.20 -37.60 3.90
CA TRP M 128 8.29 -37.70 4.87
C TRP M 128 9.51 -38.38 4.26
N MET M 129 9.28 -39.44 3.48
CA MET M 129 10.37 -40.14 2.83
C MET M 129 11.10 -39.25 1.84
N ASN M 130 10.36 -38.45 1.07
CA ASN M 130 11.01 -37.56 0.11
C ASN M 130 11.92 -36.57 0.83
N GLU M 131 11.42 -35.92 1.87
CA GLU M 131 12.28 -34.99 2.59
C GLU M 131 13.42 -35.70 3.27
N GLU M 132 13.25 -36.97 3.64
CA GLU M 132 14.35 -37.69 4.27
C GLU M 132 15.47 -37.97 3.29
N ARG M 133 15.13 -38.42 2.08
CA ARG M 133 16.15 -38.62 1.06
C ARG M 133 16.85 -37.31 0.74
N ASP M 134 16.10 -36.22 0.60
CA ASP M 134 16.71 -34.95 0.26
C ASP M 134 17.61 -34.45 1.39
N LYS M 135 17.20 -34.63 2.64
CA LYS M 135 18.07 -34.23 3.74
C LYS M 135 19.31 -35.10 3.80
N ARG M 136 19.19 -36.39 3.47
CA ARG M 136 20.38 -37.22 3.36
C ARG M 136 21.36 -36.63 2.37
N ILE M 137 20.86 -36.30 1.17
CA ILE M 137 21.70 -35.74 0.13
C ILE M 137 22.38 -34.46 0.61
N VAL M 138 21.59 -33.57 1.22
CA VAL M 138 22.13 -32.28 1.63
C VAL M 138 23.15 -32.44 2.75
N ALA M 139 22.89 -33.34 3.69
CA ALA M 139 23.79 -33.51 4.81
C ALA M 139 25.11 -34.13 4.38
N SER M 140 25.06 -35.13 3.49
CA SER M 140 26.30 -35.67 2.96
C SER M 140 27.03 -34.62 2.14
N LEU M 141 26.29 -33.86 1.33
CA LEU M 141 26.89 -32.86 0.46
C LEU M 141 27.58 -31.76 1.25
N THR M 142 26.95 -31.32 2.34
CA THR M 142 27.46 -30.22 3.14
C THR M 142 28.26 -30.70 4.34
N ASN M 143 28.77 -31.92 4.30
CA ASN M 143 29.61 -32.47 5.36
C ASN M 143 30.98 -31.81 5.23
N ASP M 144 32.00 -32.37 5.89
CA ASP M 144 33.31 -31.73 5.92
C ASP M 144 33.71 -31.24 4.55
N PHE M 145 34.23 -30.01 4.51
CA PHE M 145 34.58 -29.34 3.27
C PHE M 145 36.09 -29.37 3.11
N THR M 146 36.56 -30.01 2.05
CA THR M 146 37.99 -30.01 1.79
C THR M 146 38.49 -28.59 1.50
N ASN M 147 37.74 -27.85 0.69
CA ASN M 147 38.00 -26.43 0.49
C ASN M 147 36.68 -25.69 0.42
N TYR M 148 36.63 -24.53 1.06
CA TYR M 148 35.43 -23.73 1.12
C TYR M 148 35.81 -22.27 1.23
N LEU M 149 34.88 -21.40 0.84
CA LEU M 149 35.08 -19.97 0.91
C LEU M 149 34.13 -19.36 1.93
N TYR M 150 34.66 -18.57 2.85
CA TYR M 150 33.83 -17.90 3.85
C TYR M 150 33.90 -16.39 3.62
N ASN M 151 32.75 -15.78 3.36
CA ASN M 151 32.60 -14.34 3.35
C ASN M 151 31.46 -13.98 4.27
N ALA M 152 31.58 -12.86 4.97
CA ALA M 152 30.54 -12.48 5.93
C ALA M 152 29.19 -12.23 5.27
N ALA M 153 29.17 -12.04 3.96
CA ALA M 153 27.92 -11.93 3.21
C ALA M 153 28.18 -12.46 1.81
N MET M 154 27.21 -13.15 1.25
CA MET M 154 27.32 -13.65 -0.12
C MET M 154 27.13 -12.53 -1.12
N ASN M 155 28.25 -12.01 -1.60
CA ASN M 155 28.28 -11.05 -2.70
C ASN M 155 28.57 -11.77 -3.99
N VAL M 156 28.47 -11.03 -5.09
CA VAL M 156 28.80 -11.59 -6.39
C VAL M 156 30.29 -11.88 -6.48
N ALA M 157 31.12 -11.11 -5.78
CA ALA M 157 32.55 -11.36 -5.80
C ALA M 157 32.88 -12.75 -5.29
N THR M 158 32.22 -13.20 -4.22
CA THR M 158 32.51 -14.51 -3.67
C THR M 158 32.04 -15.63 -4.59
N ILE M 159 30.86 -15.47 -5.20
CA ILE M 159 30.41 -16.45 -6.18
C ILE M 159 31.39 -16.55 -7.33
N ARG M 160 31.86 -15.41 -7.82
CA ARG M 160 32.83 -15.42 -8.92
C ARG M 160 34.14 -16.06 -8.49
N LYS M 161 34.58 -15.78 -7.26
CA LYS M 161 35.80 -16.39 -6.76
C LYS M 161 35.67 -17.89 -6.70
N ALA M 162 34.53 -18.39 -6.23
CA ALA M 162 34.32 -19.83 -6.17
C ALA M 162 34.29 -20.43 -7.56
N ILE M 163 33.66 -19.76 -8.52
CA ILE M 163 33.64 -20.29 -9.88
C ILE M 163 35.05 -20.32 -10.46
N PHE M 164 35.84 -19.28 -10.16
CA PHE M 164 37.21 -19.23 -10.62
C PHE M 164 38.03 -20.37 -10.04
N HIS M 165 37.88 -20.62 -8.73
CA HIS M 165 38.57 -21.73 -8.09
C HIS M 165 38.14 -23.07 -8.68
N ALA M 166 36.85 -23.22 -8.94
CA ALA M 166 36.37 -24.48 -9.48
C ALA M 166 36.89 -24.72 -10.89
N ARG M 167 36.98 -23.67 -11.70
CA ARG M 167 37.40 -23.82 -13.08
C ARG M 167 38.91 -23.97 -13.21
N ASN M 168 39.65 -22.99 -12.70
CA ASN M 168 41.10 -23.04 -12.78
C ASN M 168 41.64 -24.18 -11.91
N GLY M 169 41.08 -24.34 -10.72
CA GLY M 169 41.47 -25.40 -9.81
C GLY M 169 42.39 -24.85 -8.75
N LEU M 170 41.83 -24.48 -7.61
CA LEU M 170 42.61 -23.87 -6.55
C LEU M 170 41.98 -24.23 -5.22
N LYS M 171 42.79 -24.18 -4.17
CA LYS M 171 42.26 -24.36 -2.83
C LYS M 171 41.89 -23.01 -2.25
N ALA M 172 41.21 -23.04 -1.10
CA ALA M 172 40.73 -21.80 -0.49
C ALA M 172 41.87 -20.84 -0.20
N ASP M 173 43.04 -21.37 0.16
CA ASP M 173 44.21 -20.55 0.38
C ASP M 173 44.93 -20.22 -0.92
N ASN M 174 44.23 -20.34 -2.04
CA ASN M 174 44.78 -20.07 -3.37
C ASN M 174 46.03 -20.91 -3.60
N SER M 175 45.84 -22.22 -3.50
CA SER M 175 46.90 -23.19 -3.66
C SER M 175 46.55 -24.13 -4.80
N LYS M 176 47.34 -25.19 -4.97
CA LYS M 176 47.20 -26.07 -6.11
C LYS M 176 46.10 -27.09 -5.88
N ALA M 177 45.33 -27.35 -6.92
CA ALA M 177 44.21 -28.28 -6.87
C ALA M 177 43.97 -28.86 -8.25
N PHE M 178 42.78 -29.39 -8.48
CA PHE M 178 42.41 -29.87 -9.80
C PHE M 178 41.23 -29.05 -10.29
N PRO M 179 41.04 -28.94 -11.60
CA PRO M 179 39.83 -28.29 -12.12
C PRO M 179 38.62 -29.21 -11.98
N ILE M 180 37.54 -28.66 -11.46
CA ILE M 180 36.34 -29.43 -11.15
C ILE M 180 35.53 -29.61 -12.43
N LYS M 181 35.12 -30.85 -12.69
CA LYS M 181 34.35 -31.17 -13.88
C LYS M 181 33.00 -30.45 -13.81
N PRO M 182 32.59 -29.75 -14.86
CA PRO M 182 31.39 -28.92 -14.78
C PRO M 182 30.14 -29.74 -15.00
N ILE M 183 29.00 -29.14 -14.65
CA ILE M 183 27.73 -29.74 -15.00
C ILE M 183 27.58 -29.79 -16.51
N ARG M 184 27.93 -28.70 -17.18
CA ARG M 184 28.00 -28.69 -18.63
C ARG M 184 29.31 -28.06 -19.06
N ALA M 185 29.87 -28.58 -20.13
CA ALA M 185 30.99 -27.94 -20.80
C ALA M 185 30.57 -27.64 -22.23
N THR M 186 30.72 -26.39 -22.64
CA THR M 186 30.30 -25.97 -23.97
C THR M 186 31.46 -25.32 -24.70
N MET M 187 31.42 -25.41 -26.02
CA MET M 187 32.37 -24.74 -26.89
C MET M 187 31.72 -23.46 -27.38
N GLN M 188 32.26 -22.31 -26.99
CA GLN M 188 31.69 -21.03 -27.37
C GLN M 188 32.78 -20.17 -27.99
N SER M 189 32.53 -19.66 -29.19
CA SER M 189 33.50 -18.81 -29.87
C SER M 189 33.30 -17.37 -29.41
N VAL M 190 34.41 -16.69 -29.10
CA VAL M 190 34.27 -15.31 -28.65
C VAL M 190 34.17 -14.38 -29.86
N GLY M 191 35.25 -14.22 -30.63
CA GLY M 191 35.11 -13.62 -31.93
C GLY M 191 35.18 -14.63 -33.05
N ASN M 192 36.28 -15.38 -33.07
CA ASN M 192 36.49 -16.43 -34.04
C ASN M 192 37.20 -17.62 -33.44
N VAL M 193 37.60 -17.56 -32.18
CA VAL M 193 38.35 -18.60 -31.52
C VAL M 193 37.47 -19.21 -30.44
N VAL M 194 37.42 -20.54 -30.40
CA VAL M 194 36.47 -21.26 -29.57
C VAL M 194 37.10 -21.54 -28.22
N VAL M 195 36.37 -21.27 -27.15
CA VAL M 195 36.84 -21.45 -25.79
C VAL M 195 35.89 -22.40 -25.07
N GLN M 196 36.41 -23.10 -24.08
CA GLN M 196 35.62 -23.98 -23.25
C GLN M 196 34.98 -23.18 -22.12
N ASN M 197 33.68 -23.37 -21.92
CA ASN M 197 32.96 -22.66 -20.89
C ASN M 197 32.23 -23.65 -20.01
N THR M 198 32.19 -23.35 -18.72
CA THR M 198 31.68 -24.23 -17.69
C THR M 198 30.33 -23.74 -17.18
N SER M 199 29.57 -24.65 -16.59
CA SER M 199 28.20 -24.37 -16.18
C SER M 199 27.89 -24.99 -14.82
N TYR M 200 28.77 -24.77 -13.83
CA TYR M 200 28.56 -25.30 -12.49
C TYR M 200 27.19 -24.91 -11.93
N ILE M 201 26.74 -25.61 -10.89
CA ILE M 201 25.48 -25.28 -10.22
C ILE M 201 25.81 -24.82 -8.81
N ILE M 202 25.34 -23.64 -8.44
CA ILE M 202 25.63 -23.11 -7.12
C ILE M 202 24.32 -23.01 -6.34
N LEU M 203 24.26 -23.75 -5.24
CA LEU M 203 23.07 -23.81 -4.39
C LEU M 203 23.38 -22.99 -3.15
N LEU M 204 22.73 -21.85 -3.04
CA LEU M 204 22.88 -21.00 -1.87
C LEU M 204 21.76 -21.28 -0.88
N ASP M 205 21.95 -20.78 0.33
CA ASP M 205 20.91 -20.81 1.34
C ASP M 205 19.83 -19.83 0.94
N SER M 206 18.85 -19.63 1.82
CA SER M 206 17.93 -18.52 1.59
C SER M 206 18.38 -17.26 2.30
N TYR M 207 19.07 -17.39 3.43
CA TYR M 207 19.76 -16.25 3.99
C TYR M 207 20.77 -15.69 2.99
N GLN M 208 21.53 -16.57 2.36
CA GLN M 208 22.54 -16.14 1.39
C GLN M 208 21.90 -15.54 0.16
N ALA M 209 20.83 -16.13 -0.34
CA ALA M 209 20.14 -15.53 -1.48
C ALA M 209 19.59 -14.16 -1.14
N ASN M 210 19.09 -14.00 0.10
CA ASN M 210 18.62 -12.70 0.53
C ASN M 210 19.76 -11.69 0.58
N GLN M 211 20.92 -12.11 1.08
CA GLN M 211 22.07 -11.20 1.11
C GLN M 211 22.58 -10.89 -0.29
N LEU M 212 22.44 -11.82 -1.22
CA LEU M 212 22.89 -11.57 -2.58
C LEU M 212 21.96 -10.62 -3.30
N LYS M 213 20.66 -10.72 -3.04
CA LYS M 213 19.74 -9.75 -3.62
C LYS M 213 20.08 -8.34 -3.18
N ALA M 214 20.50 -8.19 -1.93
CA ALA M 214 20.93 -6.89 -1.41
C ALA M 214 22.43 -6.70 -1.59
N ASP M 215 22.91 -6.90 -2.81
CA ASP M 215 24.32 -6.70 -3.14
C ASP M 215 24.42 -5.75 -4.31
N SER M 216 25.25 -4.72 -4.14
CA SER M 216 25.38 -3.69 -5.18
C SER M 216 25.82 -4.29 -6.50
N GLU M 217 26.84 -5.14 -6.47
CA GLU M 217 27.34 -5.77 -7.68
C GLU M 217 26.28 -6.64 -8.33
N PHE M 218 25.48 -7.33 -7.53
CA PHE M 218 24.39 -8.12 -8.09
C PHE M 218 23.40 -7.23 -8.81
N LYS M 219 23.08 -6.07 -8.23
CA LYS M 219 22.17 -5.15 -8.89
C LYS M 219 22.78 -4.64 -10.20
N GLU M 220 24.07 -4.33 -10.20
CA GLU M 220 24.73 -3.90 -11.43
C GLU M 220 24.68 -5.00 -12.49
N LEU M 221 24.90 -6.24 -12.09
CA LEU M 221 24.87 -7.33 -13.05
C LEU M 221 23.47 -7.54 -13.61
N ARG M 222 22.45 -7.41 -12.76
CA ARG M 222 21.08 -7.53 -13.26
C ARG M 222 20.77 -6.39 -14.21
N LYS M 223 21.30 -5.20 -13.92
CA LYS M 223 21.13 -4.05 -14.80
C LYS M 223 21.77 -4.29 -16.15
N LEU M 224 22.97 -4.86 -16.16
CA LEU M 224 23.65 -5.18 -17.42
C LEU M 224 22.90 -6.26 -18.19
N TYR M 225 22.35 -7.25 -17.50
CA TYR M 225 21.52 -8.25 -18.18
C TYR M 225 20.29 -7.59 -18.78
N ALA M 226 19.69 -6.66 -18.06
CA ALA M 226 18.53 -5.93 -18.58
C ALA M 226 18.90 -5.18 -19.84
N PHE M 227 20.04 -4.50 -19.83
CA PHE M 227 20.55 -3.86 -21.03
C PHE M 227 20.67 -4.85 -22.17
N ALA M 228 21.31 -5.99 -21.92
CA ALA M 228 21.64 -6.91 -22.99
C ALA M 228 20.51 -7.85 -23.36
N GLY M 229 19.37 -7.79 -22.66
CA GLY M 229 18.33 -8.77 -22.90
C GLY M 229 18.74 -10.17 -22.52
N GLU M 230 19.58 -10.31 -21.49
CA GLU M 230 20.04 -11.60 -21.00
C GLU M 230 18.95 -12.24 -20.15
N ASP M 231 19.34 -13.19 -19.32
CA ASP M 231 18.42 -13.92 -18.45
C ASP M 231 17.43 -12.96 -17.83
N LYS M 232 16.16 -13.16 -18.14
CA LYS M 232 15.12 -12.16 -17.89
C LYS M 232 14.01 -12.76 -17.06
N GLY M 233 13.37 -11.91 -16.27
CA GLY M 233 12.35 -12.33 -15.35
C GLY M 233 12.84 -12.87 -14.04
N MET M 234 14.13 -12.67 -13.72
CA MET M 234 14.67 -13.21 -12.48
C MET M 234 14.42 -12.26 -11.31
N LEU M 235 14.93 -11.03 -11.39
CA LEU M 235 14.64 -10.06 -10.34
C LEU M 235 13.15 -9.74 -10.31
N TYR M 236 12.48 -9.85 -11.45
CA TYR M 236 11.03 -9.67 -11.48
C TYR M 236 10.33 -10.77 -10.70
N SER M 237 10.80 -12.01 -10.84
CA SER M 237 10.21 -13.15 -10.15
C SER M 237 11.07 -13.63 -8.99
N GLY M 238 11.93 -12.77 -8.47
CA GLY M 238 12.58 -13.05 -7.21
C GLY M 238 13.63 -14.12 -7.23
N LEU M 239 14.11 -14.51 -8.40
CA LEU M 239 15.13 -15.56 -8.51
C LEU M 239 16.51 -14.95 -8.37
N LEU M 240 17.54 -15.72 -8.71
CA LEU M 240 18.90 -15.24 -8.65
C LEU M 240 19.63 -15.30 -9.97
N GLY M 241 19.03 -15.90 -11.00
CA GLY M 241 19.64 -15.91 -12.31
C GLY M 241 20.89 -16.76 -12.36
N VAL M 242 21.79 -16.39 -13.27
CA VAL M 242 23.07 -17.06 -13.41
C VAL M 242 24.16 -16.04 -13.18
N ILE M 243 25.34 -16.54 -12.83
CA ILE M 243 26.53 -15.72 -12.67
C ILE M 243 27.70 -16.49 -13.27
N ASP M 244 28.34 -15.91 -14.28
CA ASP M 244 29.44 -16.58 -14.98
C ASP M 244 29.01 -17.95 -15.49
N ASN M 245 27.81 -18.01 -16.06
CA ASN M 245 27.22 -19.20 -16.67
C ASN M 245 26.73 -20.21 -15.63
N CYS M 246 26.80 -19.88 -14.35
CA CYS M 246 26.49 -20.82 -13.28
C CYS M 246 25.15 -20.48 -12.65
N PRO M 247 24.11 -21.28 -12.83
CA PRO M 247 22.82 -20.98 -12.19
C PRO M 247 22.95 -20.91 -10.68
N VAL M 248 22.47 -19.81 -10.11
CA VAL M 248 22.43 -19.63 -8.67
C VAL M 248 21.03 -19.99 -8.20
N ILE M 249 20.94 -20.89 -7.23
CA ILE M 249 19.68 -21.46 -6.79
C ILE M 249 19.48 -21.16 -5.32
N ASP M 250 18.30 -20.66 -4.98
CA ASP M 250 17.87 -20.51 -3.59
C ASP M 250 17.21 -21.81 -3.18
N ALA M 251 17.94 -22.64 -2.46
CA ALA M 251 17.48 -23.97 -2.09
C ALA M 251 16.69 -23.98 -0.79
N GLY M 252 16.54 -22.84 -0.13
CA GLY M 252 15.80 -22.78 1.11
C GLY M 252 16.66 -23.06 2.31
N VAL M 253 16.00 -23.08 3.47
CA VAL M 253 16.66 -23.31 4.75
C VAL M 253 16.27 -24.70 5.25
N TRP M 254 17.26 -25.46 5.69
CA TRP M 254 17.00 -26.73 6.36
C TRP M 254 16.35 -26.45 7.70
N ASN M 255 15.11 -26.87 7.85
CA ASN M 255 14.39 -26.74 9.10
C ASN M 255 13.98 -28.12 9.58
N LYS M 256 13.26 -28.13 10.71
CA LYS M 256 12.74 -29.36 11.28
C LYS M 256 11.59 -29.95 10.46
N LEU M 257 11.12 -29.22 9.45
CA LEU M 257 9.96 -29.61 8.66
C LEU M 257 10.33 -30.08 7.26
N ASN M 258 11.00 -29.23 6.47
CA ASN M 258 11.37 -29.56 5.11
C ASN M 258 12.87 -29.34 4.92
N VAL M 259 13.36 -29.68 3.74
CA VAL M 259 14.78 -29.76 3.46
C VAL M 259 15.27 -28.49 2.78
N GLY M 260 16.39 -27.96 3.26
CA GLY M 260 17.08 -26.88 2.62
C GLY M 260 18.55 -26.96 2.96
N MET M 261 19.29 -25.94 2.59
CA MET M 261 20.69 -25.90 2.95
C MET M 261 20.81 -25.75 4.47
N PRO M 262 21.81 -26.37 5.07
CA PRO M 262 21.93 -26.33 6.53
C PRO M 262 22.45 -24.98 7.00
N ASN M 263 22.57 -24.86 8.31
CA ASN M 263 23.21 -23.72 8.95
C ASN M 263 23.60 -24.13 10.36
N SER M 264 24.33 -23.25 11.04
CA SER M 264 24.88 -23.60 12.34
C SER M 264 23.83 -23.68 13.43
N SER M 265 22.54 -23.56 13.11
CA SER M 265 21.51 -23.75 14.12
C SER M 265 21.11 -25.21 14.28
N ILE M 266 21.41 -26.05 13.31
CA ILE M 266 21.09 -27.48 13.42
C ILE M 266 22.06 -28.13 14.40
N SER M 267 21.50 -28.86 15.36
CA SER M 267 22.31 -29.52 16.37
C SER M 267 23.16 -30.62 15.75
N ASP M 268 24.24 -30.98 16.45
CA ASP M 268 25.15 -32.00 15.94
C ASP M 268 24.44 -33.32 15.74
N SER M 269 23.59 -33.71 16.69
CA SER M 269 22.86 -34.96 16.56
C SER M 269 21.93 -34.93 15.36
N ASP M 270 21.20 -33.82 15.19
CA ASP M 270 20.24 -33.72 14.10
C ASP M 270 20.92 -33.80 12.75
N PHE M 271 22.07 -33.15 12.60
CA PHE M 271 22.79 -33.24 11.34
C PHE M 271 23.38 -34.63 11.14
N THR M 272 24.07 -35.14 12.15
CA THR M 272 24.76 -36.42 12.03
C THR M 272 23.81 -37.57 11.78
N ARG M 273 22.55 -37.46 12.18
CA ARG M 273 21.58 -38.51 11.89
C ARG M 273 21.45 -38.78 10.39
N TYR M 274 21.77 -37.82 9.55
CA TYR M 274 21.63 -37.97 8.12
C TYR M 274 22.93 -38.33 7.42
N LEU M 275 23.98 -38.60 8.18
CA LEU M 275 25.26 -39.04 7.64
C LEU M 275 25.38 -40.55 7.82
N ASN M 276 25.92 -41.23 6.80
CA ASN M 276 25.95 -42.68 6.83
C ASN M 276 26.97 -43.20 7.83
N LYS M 277 28.08 -42.48 8.02
CA LYS M 277 29.17 -42.82 8.93
C LYS M 277 30.00 -43.97 8.38
N ALA M 278 29.49 -44.62 7.34
CA ALA M 278 30.23 -45.63 6.60
C ALA M 278 30.69 -45.10 5.26
N ASN M 279 30.09 -44.02 4.80
CA ASN M 279 30.45 -43.34 3.58
C ASN M 279 31.33 -42.12 3.82
N VAL M 280 31.06 -41.37 4.89
CA VAL M 280 31.84 -40.18 5.16
C VAL M 280 33.22 -40.57 5.66
N SER M 281 34.22 -39.80 5.25
CA SER M 281 35.57 -40.00 5.76
C SER M 281 35.71 -39.43 7.16
N ASN M 282 35.10 -38.29 7.41
CA ASN M 282 35.18 -37.60 8.68
C ASN M 282 33.89 -36.84 8.91
N ILE M 283 33.66 -36.45 10.16
CA ILE M 283 32.43 -35.77 10.55
C ILE M 283 32.79 -34.32 10.87
N VAL M 284 32.26 -33.39 10.09
CA VAL M 284 32.33 -31.97 10.40
C VAL M 284 30.92 -31.42 10.25
N THR M 285 30.30 -31.12 11.36
CA THR M 285 28.95 -30.59 11.34
C THR M 285 28.98 -29.08 11.19
N PRO M 286 27.87 -28.46 10.80
CA PRO M 286 27.84 -27.01 10.67
C PRO M 286 28.27 -26.27 11.92
N MET M 287 27.93 -26.76 13.11
CA MET M 287 28.47 -26.14 14.32
C MET M 287 29.97 -26.34 14.43
N GLN M 288 30.45 -27.53 14.06
CA GLN M 288 31.89 -27.74 14.05
C GLN M 288 32.57 -26.84 13.02
N LEU M 289 31.95 -26.66 11.85
CA LEU M 289 32.53 -25.75 10.85
C LEU M 289 32.52 -24.32 11.36
N LYS M 290 31.44 -23.92 12.05
CA LYS M 290 31.40 -22.58 12.61
C LYS M 290 32.53 -22.37 13.60
N GLU M 291 32.76 -23.35 14.47
CA GLU M 291 33.88 -23.25 15.39
C GLU M 291 35.20 -23.23 14.62
N LYS M 292 35.29 -24.01 13.54
CA LYS M 292 36.52 -24.06 12.75
C LYS M 292 36.87 -22.68 12.21
N LEU M 293 35.92 -22.03 11.55
CA LEU M 293 36.19 -20.73 10.97
C LEU M 293 36.24 -19.64 12.02
N ASN M 294 35.68 -19.87 13.21
CA ASN M 294 35.89 -18.95 14.32
C ASN M 294 37.30 -19.05 14.86
N GLN M 295 37.92 -20.22 14.77
CA GLN M 295 39.31 -20.37 15.20
C GLN M 295 40.26 -19.53 14.37
N GLU M 296 39.87 -19.13 13.17
CA GLU M 296 40.70 -18.29 12.34
C GLU M 296 39.96 -17.01 11.96
N ASP M 312 26.23 -17.13 14.07
CA ASP M 312 25.83 -18.33 13.36
C ASP M 312 26.00 -18.18 11.87
N ILE M 313 26.34 -19.28 11.21
CA ILE M 313 26.73 -19.26 9.81
C ILE M 313 25.69 -19.99 8.97
N SER M 314 25.93 -20.03 7.67
CA SER M 314 25.01 -20.60 6.71
C SER M 314 25.85 -21.20 5.58
N ILE M 315 25.39 -22.32 5.05
CA ILE M 315 26.18 -23.20 4.21
C ILE M 315 25.56 -23.25 2.82
N GLY M 316 26.39 -23.02 1.80
CA GLY M 316 25.98 -23.22 0.43
C GLY M 316 27.10 -23.93 -0.31
N CYS M 317 26.79 -24.36 -1.53
CA CYS M 317 27.72 -25.20 -2.26
C CYS M 317 27.86 -24.76 -3.70
N LEU M 318 29.05 -24.99 -4.24
CA LEU M 318 29.29 -24.99 -5.67
C LEU M 318 29.48 -26.44 -6.08
N ILE M 319 28.76 -26.86 -7.12
CA ILE M 319 28.50 -28.26 -7.42
C ILE M 319 28.89 -28.52 -8.86
N GLY M 320 29.84 -29.43 -9.04
CA GLY M 320 30.20 -29.94 -10.35
C GLY M 320 29.46 -31.22 -10.67
N ALA M 321 29.85 -31.82 -11.79
CA ALA M 321 29.22 -33.07 -12.19
C ALA M 321 29.58 -34.17 -11.21
N SER M 322 28.57 -34.97 -10.86
CA SER M 322 28.74 -36.10 -9.94
C SER M 322 29.37 -35.65 -8.62
N ALA M 323 28.80 -34.61 -8.04
CA ALA M 323 29.28 -34.13 -6.75
C ALA M 323 28.85 -35.04 -5.61
N VAL M 324 27.68 -35.66 -5.74
CA VAL M 324 27.15 -36.59 -4.76
C VAL M 324 26.67 -37.82 -5.51
N LEU M 325 27.07 -39.00 -5.04
CA LEU M 325 26.77 -40.25 -5.70
C LEU M 325 25.69 -40.99 -4.92
N LEU M 326 24.68 -41.45 -5.67
CA LEU M 326 23.57 -42.23 -5.13
C LEU M 326 23.68 -43.65 -5.66
N ALA M 327 24.13 -44.56 -4.81
CA ALA M 327 24.18 -45.97 -5.15
C ALA M 327 22.99 -46.69 -4.53
N GLY M 328 22.38 -47.57 -5.32
CA GLY M 328 21.26 -48.34 -4.87
C GLY M 328 19.94 -47.72 -5.26
N SER M 329 18.99 -48.55 -5.67
CA SER M 329 17.67 -48.06 -6.03
C SER M 329 17.02 -47.40 -4.83
N LYS M 330 16.42 -46.24 -5.06
CA LYS M 330 15.67 -45.52 -4.03
C LYS M 330 14.21 -45.95 -4.00
N GLU M 331 13.85 -46.98 -4.75
CA GLU M 331 12.47 -47.47 -4.78
C GLU M 331 12.00 -47.82 -3.38
N THR M 332 11.05 -47.05 -2.87
CA THR M 332 10.61 -47.20 -1.49
C THR M 332 9.49 -48.24 -1.42
N ARG M 333 9.49 -48.98 -0.32
CA ARG M 333 8.52 -50.05 -0.09
C ARG M 333 7.62 -49.69 1.07
N PHE M 334 6.37 -50.13 0.99
CA PHE M 334 5.36 -49.82 1.99
C PHE M 334 4.92 -51.09 2.71
N TYR M 335 4.60 -50.93 3.99
CA TYR M 335 4.35 -52.04 4.91
C TYR M 335 2.99 -51.89 5.56
N ILE M 336 1.95 -51.73 4.74
CA ILE M 336 0.59 -51.69 5.22
C ILE M 336 0.34 -52.92 6.08
N ASP M 337 0.10 -52.71 7.37
CA ASP M 337 -0.02 -53.80 8.35
C ASP M 337 -1.26 -53.54 9.18
N GLU M 338 -2.38 -54.13 8.77
CA GLU M 338 -3.58 -54.10 9.58
C GLU M 338 -3.43 -55.13 10.69
N THR M 339 -4.52 -55.48 11.35
CA THR M 339 -4.55 -56.43 12.47
C THR M 339 -3.37 -56.23 13.41
N VAL M 340 -3.31 -55.06 14.03
CA VAL M 340 -2.30 -54.79 15.03
C VAL M 340 -2.87 -54.89 16.44
N ASP M 341 -4.09 -54.41 16.68
CA ASP M 341 -4.70 -54.59 18.00
C ASP M 341 -5.34 -55.97 18.08
N ALA M 342 -6.37 -56.20 17.29
CA ALA M 342 -6.81 -57.54 16.95
C ALA M 342 -7.31 -57.58 15.51
N GLY M 343 -7.04 -56.53 14.73
CA GLY M 343 -7.80 -56.21 13.56
C GLY M 343 -8.50 -54.88 13.66
N ARG M 344 -8.55 -54.28 14.85
CA ARG M 344 -9.15 -52.97 15.01
C ARG M 344 -8.32 -51.90 14.33
N LYS M 345 -7.09 -51.73 14.79
CA LYS M 345 -6.23 -50.67 14.29
C LYS M 345 -5.42 -51.18 13.11
N SER M 346 -4.51 -50.34 12.64
CA SER M 346 -3.63 -50.73 11.55
C SER M 346 -2.31 -50.01 11.72
N LEU M 347 -1.34 -50.39 10.90
CA LEU M 347 0.00 -49.81 10.95
C LEU M 347 0.48 -49.65 9.52
N VAL M 348 0.78 -48.42 9.12
CA VAL M 348 1.31 -48.13 7.80
C VAL M 348 2.77 -47.75 7.99
N GLY M 349 3.67 -48.53 7.42
CA GLY M 349 5.09 -48.30 7.55
C GLY M 349 5.73 -48.06 6.20
N VAL M 350 6.76 -47.22 6.19
CA VAL M 350 7.51 -46.89 5.00
C VAL M 350 9.00 -47.03 5.32
N ASP M 351 9.72 -47.73 4.45
CA ASP M 351 11.13 -48.01 4.63
C ASP M 351 11.88 -47.86 3.32
N CYS M 352 13.10 -47.34 3.40
CA CYS M 352 13.96 -47.17 2.24
C CYS M 352 15.37 -47.59 2.60
N LEU M 353 16.02 -48.27 1.66
CA LEU M 353 17.43 -48.59 1.73
C LEU M 353 18.15 -47.81 0.63
N LEU M 354 19.11 -46.98 1.02
CA LEU M 354 19.69 -46.03 0.07
C LEU M 354 21.13 -45.73 0.45
N GLY M 355 22.02 -45.76 -0.54
CA GLY M 355 23.40 -45.37 -0.30
C GLY M 355 23.72 -44.03 -0.91
N VAL M 356 24.18 -43.08 -0.11
CA VAL M 356 24.49 -41.73 -0.58
C VAL M 356 25.84 -41.32 -0.04
N SER M 357 26.66 -40.71 -0.89
CA SER M 357 27.92 -40.20 -0.36
C SER M 357 28.45 -39.07 -1.24
N LYS M 358 29.08 -38.10 -0.60
CA LYS M 358 29.77 -37.05 -1.33
C LYS M 358 30.98 -37.65 -2.02
N ALA M 359 31.12 -37.39 -3.32
CA ALA M 359 32.18 -37.96 -4.11
C ALA M 359 33.53 -37.49 -3.58
N ARG M 360 34.37 -38.45 -3.19
CA ARG M 360 35.68 -38.13 -2.62
C ARG M 360 36.52 -39.38 -2.82
N TYR M 361 37.37 -39.38 -3.84
CA TYR M 361 38.03 -40.58 -4.29
C TYR M 361 39.37 -40.75 -3.60
N GLN M 362 39.59 -41.91 -2.99
CA GLN M 362 40.87 -42.23 -2.39
C GLN M 362 41.74 -42.98 -3.39
N SER M 363 43.05 -42.79 -3.27
CA SER M 363 43.99 -43.42 -4.19
C SER M 363 44.09 -44.91 -3.89
N THR M 364 44.02 -45.73 -4.95
CA THR M 364 44.10 -47.17 -4.81
C THR M 364 45.51 -47.67 -4.54
N ASP M 365 46.42 -46.76 -4.21
CA ASP M 365 47.78 -47.11 -3.83
C ASP M 365 48.26 -46.01 -2.89
N GLY M 366 49.56 -45.93 -2.68
CA GLY M 366 50.08 -44.91 -1.80
C GLY M 366 50.47 -43.60 -2.47
N VAL M 367 50.34 -43.49 -3.78
CA VAL M 367 50.91 -42.35 -4.50
C VAL M 367 49.98 -41.15 -4.39
N VAL M 368 50.58 -39.96 -4.34
CA VAL M 368 49.85 -38.73 -4.10
C VAL M 368 49.42 -38.14 -5.43
N THR M 369 48.14 -37.86 -5.53
CA THR M 369 47.44 -37.25 -6.65
C THR M 369 46.64 -36.08 -6.10
N PRO M 370 46.39 -35.04 -6.89
CA PRO M 370 45.60 -33.92 -6.36
C PRO M 370 44.16 -34.27 -6.02
N TYR M 371 43.78 -35.54 -6.14
CA TYR M 371 42.40 -35.96 -5.96
C TYR M 371 42.12 -36.72 -4.67
N ASP M 372 43.14 -37.06 -3.90
CA ASP M 372 43.02 -38.12 -2.88
C ASP M 372 42.03 -37.86 -1.76
N ASN M 373 42.29 -36.88 -0.92
CA ASN M 373 41.36 -36.56 0.16
C ASN M 373 40.57 -35.30 -0.15
N GLN M 374 40.19 -35.12 -1.41
CA GLN M 374 39.57 -33.89 -1.86
C GLN M 374 38.18 -34.19 -2.40
N ASP M 375 37.22 -33.36 -2.00
CA ASP M 375 35.88 -33.46 -2.56
C ASP M 375 35.96 -33.32 -4.06
N TYR M 376 35.35 -34.25 -4.79
CA TYR M 376 35.52 -34.29 -6.22
C TYR M 376 34.99 -33.04 -6.89
N ALA M 377 33.76 -32.65 -6.58
CA ALA M 377 33.11 -31.58 -7.31
C ALA M 377 32.32 -30.68 -6.40
N VAL M 378 32.88 -30.30 -5.26
CA VAL M 378 32.16 -29.49 -4.28
C VAL M 378 33.08 -28.43 -3.72
N ILE M 379 32.60 -27.20 -3.66
CA ILE M 379 33.28 -26.12 -2.94
C ILE M 379 32.29 -25.49 -1.97
N GLY M 380 32.70 -25.29 -0.74
CA GLY M 380 31.81 -24.72 0.26
C GLY M 380 31.80 -23.21 0.22
N LEU M 381 30.65 -22.64 0.58
CA LEU M 381 30.45 -21.19 0.62
C LEU M 381 29.77 -20.88 1.94
N VAL M 382 30.45 -20.17 2.81
CA VAL M 382 29.98 -19.95 4.18
C VAL M 382 29.71 -18.47 4.37
N SER M 383 28.56 -18.15 4.97
CA SER M 383 28.24 -16.76 5.25
C SER M 383 27.43 -16.66 6.51
N ASN M 384 27.70 -15.65 7.32
CA ASN M 384 26.84 -15.35 8.45
C ASN M 384 25.40 -15.26 7.98
N MET M 385 24.51 -16.10 8.55
CA MET M 385 23.17 -16.19 8.00
C MET M 385 22.34 -14.95 8.27
N GLU M 386 22.67 -14.19 9.31
CA GLU M 386 21.95 -12.95 9.60
C GLU M 386 22.91 -11.87 10.04
N ASN N 6 -33.12 52.97 4.25
CA ASN N 6 -32.23 52.66 3.13
C ASN N 6 -30.80 52.48 3.60
N ASN N 7 -30.42 51.26 3.94
CA ASN N 7 -29.07 50.97 4.39
C ASN N 7 -28.40 50.01 3.42
N ILE N 8 -27.14 49.70 3.70
CA ILE N 8 -26.39 48.80 2.84
C ILE N 8 -26.98 47.40 2.96
N ASN N 9 -27.26 46.78 1.83
CA ASN N 9 -27.73 45.41 1.79
C ASN N 9 -26.58 44.54 1.31
N PHE N 10 -26.07 43.68 2.20
CA PHE N 10 -24.91 42.88 1.88
C PHE N 10 -25.27 41.61 1.13
N ASN N 11 -26.55 41.30 0.99
CA ASN N 11 -27.00 40.16 0.20
C ASN N 11 -27.26 40.67 -1.21
N ASN N 12 -26.21 40.68 -2.03
CA ASN N 12 -26.31 41.27 -3.36
C ASN N 12 -27.35 40.54 -4.21
N ILE N 13 -27.10 39.29 -4.53
CA ILE N 13 -28.05 38.49 -5.27
C ILE N 13 -28.97 37.70 -4.36
N SER N 14 -28.52 37.36 -3.16
CA SER N 14 -29.40 36.77 -2.18
C SER N 14 -30.53 37.72 -1.84
N ASN N 15 -31.51 37.22 -1.09
CA ASN N 15 -32.70 37.94 -0.64
C ASN N 15 -33.25 38.89 -1.70
N ASN N 16 -33.22 38.47 -2.95
CA ASN N 16 -33.92 39.17 -4.01
C ASN N 16 -35.19 38.41 -4.28
N PRO N 17 -36.34 38.88 -3.80
CA PRO N 17 -37.54 38.03 -3.78
C PRO N 17 -37.99 37.55 -5.15
N ASN N 18 -37.79 38.34 -6.19
CA ASN N 18 -38.20 37.90 -7.52
C ASN N 18 -37.18 36.99 -8.18
N LEU N 19 -36.26 36.43 -7.40
CA LEU N 19 -35.27 35.49 -7.89
C LEU N 19 -35.47 34.16 -7.20
N GLY N 20 -35.60 33.09 -7.99
CA GLY N 20 -35.91 31.78 -7.47
C GLY N 20 -34.69 30.89 -7.35
N ILE N 21 -34.83 29.85 -6.54
CA ILE N 21 -33.77 28.87 -6.31
C ILE N 21 -34.15 27.58 -7.01
N GLU N 22 -33.27 27.07 -7.85
CA GLU N 22 -33.50 25.84 -8.58
C GLU N 22 -32.54 24.78 -8.06
N VAL N 23 -33.06 23.78 -7.37
CA VAL N 23 -32.25 22.70 -6.85
C VAL N 23 -32.05 21.66 -7.94
N GLY N 24 -31.06 20.80 -7.74
CA GLY N 24 -30.72 19.79 -8.72
C GLY N 24 -31.47 18.50 -8.47
N ARG N 25 -32.13 18.00 -9.53
CA ARG N 25 -32.85 16.74 -9.41
C ARG N 25 -31.91 15.60 -9.05
N GLU N 26 -30.75 15.55 -9.71
CA GLU N 26 -29.76 14.53 -9.41
C GLU N 26 -29.08 14.83 -8.09
N ILE N 27 -28.84 13.78 -7.31
CA ILE N 27 -28.05 13.87 -6.09
C ILE N 27 -26.77 13.10 -6.32
N GLN N 28 -25.65 13.79 -6.30
CA GLN N 28 -24.37 13.12 -6.48
C GLN N 28 -24.08 12.25 -5.26
N ASN N 29 -23.48 11.09 -5.51
CA ASN N 29 -23.09 10.20 -4.44
C ASN N 29 -21.71 10.58 -3.94
N ALA N 30 -21.58 10.68 -2.62
CA ALA N 30 -20.30 11.02 -2.01
C ALA N 30 -19.41 9.80 -1.80
N SER N 31 -19.68 8.69 -2.49
CA SER N 31 -18.93 7.47 -2.33
C SER N 31 -18.34 7.05 -3.65
N TRP N 32 -17.02 6.83 -3.66
CA TRP N 32 -16.31 6.38 -4.85
C TRP N 32 -15.30 5.28 -4.58
N VAL N 33 -14.85 5.10 -3.34
CA VAL N 33 -13.74 4.19 -3.07
C VAL N 33 -14.20 2.75 -3.25
N LYS N 34 -13.35 1.94 -3.86
CA LYS N 34 -13.59 0.52 -4.01
C LYS N 34 -12.37 -0.24 -3.52
N SER N 35 -12.53 -0.96 -2.42
CA SER N 35 -11.43 -1.68 -1.81
C SER N 35 -10.99 -2.85 -2.70
N PRO N 36 -9.72 -3.26 -2.60
CA PRO N 36 -9.24 -4.37 -3.42
C PRO N 36 -9.68 -5.73 -2.92
N PHE N 37 -10.31 -5.83 -1.76
CA PHE N 37 -10.53 -7.12 -1.13
C PHE N 37 -11.44 -8.01 -1.95
N PHE N 38 -12.44 -7.45 -2.61
CA PHE N 38 -13.28 -8.27 -3.48
C PHE N 38 -12.44 -9.03 -4.50
N SER N 39 -11.38 -8.41 -5.00
CA SER N 39 -10.55 -9.07 -6.00
C SER N 39 -9.84 -10.29 -5.44
N ILE N 40 -9.52 -10.29 -4.15
CA ILE N 40 -8.76 -11.40 -3.56
C ILE N 40 -9.65 -12.46 -2.96
N THR N 41 -10.96 -12.27 -2.98
CA THR N 41 -11.90 -13.19 -2.34
C THR N 41 -12.57 -14.06 -3.40
N GLY N 42 -12.54 -15.36 -3.17
CA GLY N 42 -13.19 -16.26 -4.11
C GLY N 42 -13.31 -17.65 -3.52
N THR N 43 -13.80 -18.57 -4.37
CA THR N 43 -14.10 -19.93 -3.93
C THR N 43 -12.93 -20.88 -4.06
N GLY N 44 -11.98 -20.60 -4.95
CA GLY N 44 -10.84 -21.48 -5.09
C GLY N 44 -9.98 -21.50 -3.85
N ALA N 45 -9.40 -22.66 -3.57
CA ALA N 45 -8.61 -22.83 -2.35
C ALA N 45 -7.36 -21.99 -2.37
N ASP N 46 -6.91 -21.57 -3.55
CA ASP N 46 -5.66 -20.84 -3.73
C ASP N 46 -5.83 -19.33 -3.69
N ARG N 47 -6.84 -18.83 -2.97
CA ARG N 47 -7.17 -17.42 -2.97
C ARG N 47 -7.05 -16.86 -1.55
N GLY N 48 -6.65 -15.60 -1.47
CA GLY N 48 -6.26 -15.04 -0.19
C GLY N 48 -7.39 -15.02 0.83
N VAL N 49 -8.61 -14.84 0.36
CA VAL N 49 -9.80 -14.97 1.21
C VAL N 49 -10.66 -16.05 0.58
N ARG N 50 -10.83 -17.16 1.29
CA ARG N 50 -11.47 -18.34 0.75
C ARG N 50 -12.95 -18.36 1.12
N LEU N 51 -13.78 -18.74 0.16
CA LEU N 51 -15.22 -18.72 0.31
C LEU N 51 -15.74 -20.14 0.43
N PHE N 52 -16.43 -20.43 1.53
CA PHE N 52 -17.03 -21.73 1.78
C PHE N 52 -18.54 -21.63 1.66
N SER N 53 -19.11 -22.35 0.70
CA SER N 53 -20.57 -22.38 0.52
C SER N 53 -21.12 -23.56 1.31
N VAL N 54 -21.38 -23.31 2.58
CA VAL N 54 -21.91 -24.34 3.47
C VAL N 54 -23.42 -24.43 3.31
N ALA N 55 -23.97 -25.59 3.63
CA ALA N 55 -25.39 -25.81 3.49
C ALA N 55 -26.15 -25.07 4.58
N SER N 56 -27.09 -24.22 4.17
CA SER N 56 -27.93 -23.44 5.08
C SER N 56 -27.11 -22.59 6.03
N GLN N 57 -25.87 -22.26 5.63
CA GLN N 57 -24.98 -21.42 6.41
C GLN N 57 -24.77 -21.98 7.82
N GLN N 58 -24.64 -23.30 7.91
CA GLN N 58 -24.32 -23.91 9.18
C GLN N 58 -22.89 -23.57 9.57
N PRO N 59 -22.56 -23.60 10.85
CA PRO N 59 -21.16 -23.44 11.25
C PRO N 59 -20.30 -24.50 10.59
N PHE N 60 -19.10 -24.10 10.18
CA PHE N 60 -18.22 -24.96 9.41
C PHE N 60 -16.98 -25.29 10.22
N ARG N 61 -16.36 -26.41 9.88
CA ARG N 61 -15.12 -26.83 10.53
C ARG N 61 -14.23 -27.50 9.51
N PRO N 62 -13.30 -26.76 8.91
CA PRO N 62 -12.32 -27.37 8.02
C PRO N 62 -11.11 -27.89 8.78
N ARG N 63 -10.43 -28.85 8.16
CA ARG N 63 -9.36 -29.56 8.84
C ARG N 63 -8.14 -29.70 7.95
N ILE N 64 -6.96 -29.68 8.57
CA ILE N 64 -5.69 -29.87 7.89
C ILE N 64 -4.90 -30.95 8.64
N LYS N 65 -3.83 -31.44 8.01
CA LYS N 65 -3.06 -32.54 8.60
C LYS N 65 -1.60 -32.18 8.75
N ALA N 66 -0.89 -32.96 9.55
CA ALA N 66 0.48 -32.68 9.95
C ALA N 66 1.46 -32.92 8.81
N GLN N 67 2.71 -32.52 9.03
CA GLN N 67 3.81 -32.78 8.09
C GLN N 67 4.62 -34.01 8.44
N LEU N 68 4.34 -34.64 9.58
CA LEU N 68 5.14 -35.74 10.10
C LEU N 68 6.57 -35.30 10.37
N THR N 69 6.69 -34.31 11.24
CA THR N 69 7.98 -34.00 11.85
C THR N 69 8.34 -35.12 12.81
N GLY N 70 9.28 -35.95 12.40
CA GLY N 70 9.74 -37.00 13.29
C GLY N 70 10.87 -37.77 12.68
N SER N 71 11.91 -37.97 13.47
CA SER N 71 12.94 -38.92 13.07
C SER N 71 12.30 -40.29 12.89
N GLY N 72 12.91 -41.10 12.06
CA GLY N 72 12.36 -42.40 11.76
C GLY N 72 12.90 -43.47 12.67
N VAL N 73 13.07 -44.65 12.10
CA VAL N 73 13.86 -45.71 12.71
C VAL N 73 14.87 -46.17 11.67
N SER N 74 15.99 -46.72 12.13
CA SER N 74 17.09 -47.03 11.24
C SER N 74 17.55 -48.47 11.43
N GLY N 75 17.68 -49.19 10.33
CA GLY N 75 18.23 -50.52 10.36
C GLY N 75 17.25 -51.57 10.85
N ASN N 76 17.44 -52.02 12.09
CA ASN N 76 16.53 -52.96 12.74
C ASN N 76 16.04 -52.25 13.99
N THR N 77 14.90 -51.59 13.91
CA THR N 77 14.27 -51.06 15.10
C THR N 77 12.75 -51.23 15.05
N ASP N 78 12.20 -51.73 13.95
CA ASP N 78 10.89 -52.39 13.89
C ASP N 78 9.71 -51.45 13.96
N PHE N 79 9.93 -50.13 13.91
CA PHE N 79 8.90 -49.09 13.88
C PHE N 79 8.25 -48.83 15.22
N GLU N 80 8.39 -49.71 16.21
CA GLU N 80 7.68 -49.44 17.45
C GLU N 80 8.41 -48.42 18.30
N ALA N 81 9.68 -48.20 18.00
CA ALA N 81 10.45 -47.29 18.83
C ALA N 81 10.07 -45.83 18.61
N ASN N 82 9.51 -45.48 17.45
CA ASN N 82 9.29 -44.07 17.17
C ASN N 82 7.82 -43.71 16.99
N TYR N 83 7.11 -44.31 16.02
CA TYR N 83 5.68 -44.03 15.83
C TYR N 83 5.37 -42.53 15.82
N ASP N 84 5.78 -41.84 14.75
CA ASP N 84 5.36 -40.46 14.63
C ASP N 84 3.83 -40.36 14.59
N ASN N 85 3.33 -39.15 14.82
CA ASN N 85 1.92 -38.92 15.05
C ASN N 85 1.27 -38.28 13.84
N LEU N 86 0.17 -38.87 13.37
CA LEU N 86 -0.67 -38.26 12.34
C LEU N 86 -1.62 -37.32 13.05
N GLU N 87 -1.37 -36.02 12.91
CA GLU N 87 -2.03 -35.01 13.71
C GLU N 87 -2.88 -34.14 12.82
N ILE N 88 -4.15 -33.98 13.21
CA ILE N 88 -5.15 -33.25 12.42
C ILE N 88 -5.57 -32.02 13.21
N LEU N 89 -5.55 -30.86 12.56
CA LEU N 89 -5.96 -29.62 13.18
C LEU N 89 -7.25 -29.11 12.54
N SER N 90 -7.99 -28.31 13.30
CA SER N 90 -9.23 -27.77 12.80
C SER N 90 -9.55 -26.47 13.52
N GLN N 91 -10.47 -25.71 12.93
CA GLN N 91 -11.10 -24.59 13.59
C GLN N 91 -12.53 -24.51 13.12
N THR N 92 -13.37 -23.87 13.93
CA THR N 92 -14.78 -23.73 13.64
C THR N 92 -15.12 -22.28 13.35
N ILE N 93 -15.93 -22.07 12.32
CA ILE N 93 -16.35 -20.74 11.89
C ILE N 93 -17.85 -20.66 12.01
N TYR N 94 -18.34 -19.72 12.80
CA TYR N 94 -19.74 -19.46 13.07
C TYR N 94 -20.22 -18.24 12.30
N PRO N 95 -21.46 -18.24 11.84
CA PRO N 95 -21.98 -17.06 11.15
C PRO N 95 -22.29 -15.94 12.12
N ASP N 96 -22.38 -14.74 11.57
CA ASP N 96 -22.79 -13.55 12.32
C ASP N 96 -23.86 -12.83 11.52
N ALA N 97 -24.83 -12.26 12.24
CA ALA N 97 -25.95 -11.57 11.64
C ALA N 97 -25.83 -10.08 11.88
N PHE N 98 -25.94 -9.30 10.81
CA PHE N 98 -25.86 -7.85 10.95
C PHE N 98 -26.64 -7.19 9.82
N GLY N 99 -27.21 -6.03 10.11
CA GLY N 99 -27.99 -5.33 9.11
C GLY N 99 -28.23 -3.89 9.51
N ASN N 100 -28.73 -3.14 8.55
CA ASN N 100 -29.06 -1.73 8.74
C ASN N 100 -30.33 -1.40 7.99
N SER N 101 -31.01 -0.34 8.44
CA SER N 101 -32.23 0.10 7.79
C SER N 101 -32.31 1.62 7.78
N LEU N 102 -33.10 2.13 6.85
CA LEU N 102 -33.45 3.53 6.74
C LEU N 102 -34.96 3.67 6.75
N ARG N 103 -35.46 4.67 7.46
CA ARG N 103 -36.87 5.04 7.45
C ARG N 103 -37.05 6.32 6.67
N SER N 104 -38.05 6.34 5.78
CA SER N 104 -38.30 7.51 4.97
C SER N 104 -39.08 8.54 5.77
N LYS N 105 -39.59 9.54 5.08
CA LYS N 105 -40.64 10.41 5.59
C LYS N 105 -41.85 10.21 4.68
N ILE N 106 -42.95 10.88 5.01
CA ILE N 106 -44.21 10.71 4.31
C ILE N 106 -43.95 10.92 2.83
N LYS N 107 -44.75 10.28 1.97
CA LYS N 107 -44.54 10.42 0.54
C LYS N 107 -44.47 11.89 0.14
N ALA N 108 -45.45 12.67 0.59
CA ALA N 108 -45.56 14.06 0.16
C ALA N 108 -44.23 14.79 0.29
N TYR N 109 -43.55 14.63 1.42
CA TYR N 109 -42.24 15.27 1.56
C TYR N 109 -41.21 14.63 0.66
N SER N 110 -41.36 13.34 0.33
CA SER N 110 -40.37 12.68 -0.50
C SER N 110 -40.43 13.20 -1.94
N GLU N 111 -41.63 13.26 -2.53
CA GLU N 111 -41.68 13.86 -3.85
C GLU N 111 -41.62 15.38 -3.83
N LEU N 112 -41.81 16.00 -2.67
CA LEU N 112 -41.62 17.44 -2.60
C LEU N 112 -40.15 17.80 -2.68
N GLU N 113 -39.31 17.07 -1.95
CA GLU N 113 -37.87 17.31 -1.93
C GLU N 113 -37.13 16.52 -2.99
N ARG N 114 -37.86 15.92 -3.92
CA ARG N 114 -37.27 15.27 -5.10
C ARG N 114 -36.26 14.21 -4.69
N ILE N 115 -36.69 13.30 -3.82
CA ILE N 115 -35.87 12.20 -3.34
C ILE N 115 -36.60 10.91 -3.66
N ASP N 116 -35.93 10.00 -4.37
CA ASP N 116 -36.46 8.66 -4.59
C ASP N 116 -35.91 7.79 -3.47
N PHE N 117 -36.71 7.55 -2.44
CA PHE N 117 -36.19 6.95 -1.23
C PHE N 117 -35.80 5.50 -1.43
N ILE N 118 -36.56 4.75 -2.23
CA ILE N 118 -36.23 3.34 -2.43
C ILE N 118 -34.87 3.21 -3.10
N LYS N 119 -34.67 3.93 -4.19
CA LYS N 119 -33.43 3.83 -4.94
C LYS N 119 -32.23 4.31 -4.12
N GLU N 120 -32.34 5.50 -3.56
CA GLU N 120 -31.23 6.06 -2.79
C GLU N 120 -30.94 5.20 -1.58
N SER N 121 -31.98 4.70 -0.93
CA SER N 121 -31.82 3.88 0.27
C SER N 121 -31.14 2.57 -0.04
N VAL N 122 -31.58 1.88 -1.10
CA VAL N 122 -30.95 0.63 -1.48
C VAL N 122 -29.49 0.87 -1.82
N ASP N 123 -29.18 1.94 -2.55
CA ASP N 123 -27.80 2.22 -2.90
C ASP N 123 -26.94 2.46 -1.66
N SER N 124 -27.42 3.33 -0.77
CA SER N 124 -26.64 3.65 0.43
C SER N 124 -26.44 2.41 1.29
N LEU N 125 -27.48 1.59 1.44
CA LEU N 125 -27.35 0.41 2.26
C LEU N 125 -26.46 -0.64 1.63
N THR N 126 -26.45 -0.73 0.29
CA THR N 126 -25.53 -1.65 -0.37
C THR N 126 -24.09 -1.23 -0.14
N THR N 127 -23.82 0.07 -0.22
CA THR N 127 -22.48 0.54 0.09
C THR N 127 -22.12 0.23 1.54
N TRP N 128 -23.09 0.37 2.44
CA TRP N 128 -22.85 0.04 3.84
C TRP N 128 -22.55 -1.46 4.01
N MET N 129 -23.28 -2.32 3.31
CA MET N 129 -22.97 -3.75 3.30
C MET N 129 -21.54 -4.02 2.88
N ASN N 130 -21.14 -3.51 1.72
CA ASN N 130 -19.80 -3.80 1.23
C ASN N 130 -18.76 -3.32 2.23
N GLU N 131 -18.96 -2.11 2.72
CA GLU N 131 -18.03 -1.56 3.69
C GLU N 131 -17.97 -2.38 4.95
N GLU N 132 -19.10 -2.85 5.44
CA GLU N 132 -19.13 -3.58 6.71
C GLU N 132 -18.48 -4.95 6.57
N ARG N 133 -18.78 -5.68 5.50
CA ARG N 133 -18.15 -6.99 5.33
C ARG N 133 -16.66 -6.85 5.12
N ASP N 134 -16.21 -5.82 4.40
CA ASP N 134 -14.78 -5.63 4.23
C ASP N 134 -14.11 -5.25 5.56
N LYS N 135 -14.80 -4.44 6.38
CA LYS N 135 -14.29 -4.18 7.71
C LYS N 135 -14.18 -5.46 8.52
N ARG N 136 -15.15 -6.36 8.41
CA ARG N 136 -15.06 -7.65 9.09
C ARG N 136 -13.84 -8.42 8.64
N ILE N 137 -13.64 -8.51 7.33
CA ILE N 137 -12.53 -9.26 6.78
C ILE N 137 -11.20 -8.69 7.30
N VAL N 138 -11.07 -7.37 7.27
CA VAL N 138 -9.81 -6.76 7.68
C VAL N 138 -9.61 -6.90 9.19
N ALA N 139 -10.67 -6.78 9.97
CA ALA N 139 -10.53 -6.89 11.41
C ALA N 139 -10.10 -8.29 11.82
N SER N 140 -10.70 -9.32 11.20
CA SER N 140 -10.24 -10.68 11.46
C SER N 140 -8.82 -10.87 10.98
N LEU N 141 -8.53 -10.36 9.79
CA LEU N 141 -7.21 -10.53 9.17
C LEU N 141 -6.12 -9.86 10.00
N THR N 142 -6.39 -8.68 10.53
CA THR N 142 -5.41 -7.93 11.29
C THR N 142 -5.59 -8.09 12.79
N ASN N 143 -6.41 -9.04 13.21
CA ASN N 143 -6.51 -9.37 14.63
C ASN N 143 -5.16 -9.95 15.06
N ASP N 144 -5.04 -10.35 16.33
CA ASP N 144 -3.77 -10.73 16.93
C ASP N 144 -2.88 -11.47 15.95
N PHE N 145 -1.65 -11.01 15.81
CA PHE N 145 -0.71 -11.59 14.88
C PHE N 145 0.17 -12.57 15.62
N THR N 146 0.39 -13.73 15.02
CA THR N 146 1.30 -14.69 15.64
C THR N 146 2.74 -14.32 15.38
N ASN N 147 3.11 -14.12 14.11
CA ASN N 147 4.41 -13.58 13.77
C ASN N 147 4.24 -12.36 12.89
N TYR N 148 4.91 -11.29 13.25
CA TYR N 148 4.88 -10.05 12.49
C TYR N 148 6.26 -9.42 12.53
N LEU N 149 6.65 -8.82 11.43
CA LEU N 149 7.88 -8.05 11.36
C LEU N 149 7.56 -6.58 11.52
N TYR N 150 8.28 -5.92 12.42
CA TYR N 150 8.12 -4.48 12.62
C TYR N 150 9.38 -3.77 12.16
N ASN N 151 9.22 -2.84 11.23
CA ASN N 151 10.28 -1.93 10.81
C ASN N 151 9.73 -0.51 10.85
N ALA N 152 10.56 0.43 11.31
CA ALA N 152 10.07 1.79 11.54
C ALA N 152 9.52 2.40 10.26
N ALA N 153 10.21 2.22 9.13
CA ALA N 153 9.74 2.67 7.84
C ALA N 153 9.75 1.49 6.89
N MET N 154 8.66 1.31 6.15
CA MET N 154 8.47 0.10 5.38
C MET N 154 9.34 0.17 4.14
N ASN N 155 10.44 -0.59 4.13
CA ASN N 155 11.37 -0.60 3.01
C ASN N 155 11.22 -1.89 2.22
N VAL N 156 12.01 -2.01 1.14
CA VAL N 156 12.01 -3.25 0.38
C VAL N 156 12.72 -4.34 1.15
N ALA N 157 13.61 -3.96 2.07
CA ALA N 157 14.26 -4.96 2.91
C ALA N 157 13.24 -5.76 3.69
N THR N 158 12.23 -5.10 4.27
CA THR N 158 11.27 -5.80 5.10
C THR N 158 10.26 -6.58 4.25
N ILE N 159 9.87 -6.08 3.08
CA ILE N 159 9.13 -6.91 2.14
C ILE N 159 9.88 -8.19 1.85
N ARG N 160 11.16 -8.06 1.51
CA ARG N 160 11.97 -9.22 1.17
C ARG N 160 12.06 -10.17 2.35
N LYS N 161 12.26 -9.62 3.54
CA LYS N 161 12.36 -10.44 4.74
C LYS N 161 11.08 -11.21 5.00
N ALA N 162 9.93 -10.55 4.84
CA ALA N 162 8.65 -11.21 5.06
C ALA N 162 8.41 -12.32 4.04
N ILE N 163 8.69 -12.05 2.77
CA ILE N 163 8.49 -13.09 1.77
C ILE N 163 9.45 -14.24 2.02
N PHE N 164 10.65 -13.94 2.48
CA PHE N 164 11.64 -14.95 2.81
C PHE N 164 11.16 -15.85 3.94
N HIS N 165 10.66 -15.24 5.01
CA HIS N 165 10.02 -15.99 6.09
C HIS N 165 8.87 -16.85 5.58
N ALA N 166 7.97 -16.27 4.80
CA ALA N 166 6.81 -17.03 4.33
C ALA N 166 7.23 -18.20 3.47
N ARG N 167 8.26 -18.01 2.64
CA ARG N 167 8.77 -19.10 1.82
C ARG N 167 9.34 -20.21 2.69
N ASN N 168 10.09 -19.85 3.72
CA ASN N 168 10.83 -20.84 4.47
C ASN N 168 10.21 -21.18 5.81
N GLY N 169 9.42 -20.29 6.39
CA GLY N 169 8.75 -20.62 7.63
C GLY N 169 9.53 -20.22 8.86
N LEU N 170 9.91 -18.96 8.94
CA LEU N 170 10.66 -18.45 10.08
C LEU N 170 9.77 -17.51 10.90
N LYS N 171 10.15 -17.33 12.15
CA LYS N 171 9.48 -16.37 13.01
C LYS N 171 10.28 -15.08 13.02
N ALA N 172 9.78 -14.08 13.75
CA ALA N 172 10.54 -12.84 13.90
C ALA N 172 11.89 -13.11 14.52
N ASP N 173 11.94 -14.01 15.50
CA ASP N 173 13.18 -14.50 16.08
C ASP N 173 13.65 -15.80 15.42
N ASN N 174 13.35 -15.97 14.14
CA ASN N 174 13.61 -17.18 13.34
C ASN N 174 13.43 -18.46 14.13
N SER N 175 12.27 -18.63 14.74
CA SER N 175 11.94 -19.82 15.52
C SER N 175 11.37 -20.94 14.67
N LYS N 176 11.39 -20.80 13.34
CA LYS N 176 11.12 -21.90 12.42
C LYS N 176 9.73 -22.50 12.64
N ALA N 177 8.72 -21.69 12.31
CA ALA N 177 7.34 -22.15 12.54
C ALA N 177 6.84 -23.06 11.41
N PHE N 178 6.62 -22.50 10.23
CA PHE N 178 6.11 -23.29 9.11
C PHE N 178 6.02 -22.45 7.84
N PRO N 179 6.18 -23.04 6.66
CA PRO N 179 6.18 -22.26 5.41
C PRO N 179 4.77 -21.92 4.96
N ILE N 180 4.45 -20.62 4.94
CA ILE N 180 3.12 -20.16 4.58
C ILE N 180 2.81 -20.54 3.14
N LYS N 181 1.64 -21.13 2.94
CA LYS N 181 1.26 -21.58 1.61
C LYS N 181 1.02 -20.38 0.70
N PRO N 182 1.61 -20.33 -0.48
CA PRO N 182 1.49 -19.15 -1.34
C PRO N 182 0.15 -19.09 -2.05
N ILE N 183 -0.11 -17.90 -2.62
CA ILE N 183 -1.30 -17.74 -3.46
C ILE N 183 -1.14 -18.52 -4.74
N ARG N 184 0.03 -18.44 -5.36
CA ARG N 184 0.37 -19.22 -6.52
C ARG N 184 1.77 -19.77 -6.35
N ALA N 185 1.98 -21.00 -6.80
CA ALA N 185 3.29 -21.64 -6.74
C ALA N 185 3.54 -22.27 -8.10
N THR N 186 4.56 -21.77 -8.80
CA THR N 186 4.81 -22.17 -10.18
C THR N 186 6.21 -22.75 -10.32
N MET N 187 6.32 -23.80 -11.13
CA MET N 187 7.60 -24.42 -11.43
C MET N 187 8.17 -23.76 -12.68
N GLN N 188 9.41 -23.28 -12.58
CA GLN N 188 10.08 -22.67 -13.72
C GLN N 188 11.58 -22.88 -13.59
N SER N 189 12.29 -22.77 -14.70
CA SER N 189 13.69 -23.18 -14.78
C SER N 189 14.63 -21.99 -14.68
N VAL N 190 15.60 -22.07 -13.77
CA VAL N 190 16.75 -21.17 -13.76
C VAL N 190 17.86 -21.93 -14.46
N GLY N 191 17.93 -21.78 -15.78
CA GLY N 191 18.88 -22.57 -16.56
C GLY N 191 18.32 -23.94 -16.87
N ASN N 192 18.91 -24.99 -16.29
CA ASN N 192 18.30 -26.31 -16.35
C ASN N 192 17.82 -26.83 -15.00
N VAL N 193 18.29 -26.26 -13.89
CA VAL N 193 17.64 -26.50 -12.62
C VAL N 193 16.24 -25.88 -12.66
N VAL N 194 15.27 -26.49 -12.00
CA VAL N 194 13.94 -25.93 -11.88
C VAL N 194 13.65 -25.67 -10.41
N VAL N 195 12.99 -24.54 -10.15
CA VAL N 195 12.59 -24.15 -8.81
C VAL N 195 11.10 -23.80 -8.84
N GLN N 196 10.55 -23.57 -7.66
CA GLN N 196 9.16 -23.18 -7.52
C GLN N 196 9.07 -21.78 -6.92
N ASN N 197 8.12 -21.00 -7.41
CA ASN N 197 7.95 -19.62 -7.01
C ASN N 197 6.78 -19.49 -6.03
N THR N 198 6.72 -18.32 -5.40
CA THR N 198 5.88 -18.10 -4.24
C THR N 198 5.15 -16.75 -4.34
N SER N 199 4.42 -16.55 -5.43
CA SER N 199 3.59 -15.36 -5.50
C SER N 199 2.64 -15.30 -4.31
N TYR N 200 2.90 -14.36 -3.41
CA TYR N 200 2.05 -14.05 -2.26
C TYR N 200 1.25 -12.80 -2.58
N ILE N 201 0.57 -12.25 -1.56
CA ILE N 201 -0.04 -10.93 -1.70
C ILE N 201 0.38 -10.09 -0.51
N ILE N 202 0.81 -8.86 -0.75
CA ILE N 202 1.17 -7.96 0.32
C ILE N 202 0.21 -6.79 0.30
N LEU N 203 -0.54 -6.63 1.39
CA LEU N 203 -1.48 -5.54 1.57
C LEU N 203 -0.85 -4.57 2.54
N LEU N 204 -0.38 -3.44 2.03
CA LEU N 204 0.24 -2.42 2.85
C LEU N 204 -0.80 -1.38 3.24
N ASP N 205 -0.73 -0.94 4.49
CA ASP N 205 -1.43 0.29 4.83
C ASP N 205 -0.85 1.42 4.00
N SER N 206 -1.72 2.36 3.64
CA SER N 206 -1.32 3.39 2.70
C SER N 206 -0.14 4.21 3.21
N TYR N 207 -0.07 4.43 4.53
CA TYR N 207 1.14 5.03 5.10
C TYR N 207 2.37 4.23 4.71
N GLN N 208 2.27 2.91 4.79
CA GLN N 208 3.41 2.07 4.48
C GLN N 208 3.73 2.09 3.00
N ALA N 209 2.71 2.18 2.15
CA ALA N 209 2.97 2.33 0.72
C ALA N 209 3.71 3.64 0.44
N ASN N 210 3.35 4.69 1.17
CA ASN N 210 4.08 5.95 1.04
C ASN N 210 5.52 5.79 1.47
N GLN N 211 5.76 5.11 2.60
CA GLN N 211 7.12 4.92 3.07
C GLN N 211 7.93 4.06 2.11
N LEU N 212 7.28 3.10 1.45
CA LEU N 212 7.97 2.30 0.45
C LEU N 212 8.33 3.12 -0.77
N LYS N 213 7.42 4.01 -1.20
CA LYS N 213 7.71 4.85 -2.36
C LYS N 213 8.94 5.73 -2.12
N ALA N 214 9.12 6.18 -0.88
CA ALA N 214 10.25 7.03 -0.52
C ALA N 214 11.48 6.24 -0.14
N ASP N 215 11.58 4.99 -0.57
CA ASP N 215 12.70 4.12 -0.25
C ASP N 215 13.64 4.04 -1.44
N SER N 216 14.94 4.18 -1.16
CA SER N 216 15.93 4.12 -2.23
C SER N 216 15.85 2.78 -2.95
N GLU N 217 15.94 1.68 -2.21
CA GLU N 217 15.97 0.36 -2.83
C GLU N 217 14.76 0.13 -3.72
N PHE N 218 13.61 0.68 -3.34
CA PHE N 218 12.45 0.62 -4.21
C PHE N 218 12.73 1.36 -5.52
N LYS N 219 13.40 2.51 -5.44
CA LYS N 219 13.70 3.26 -6.65
C LYS N 219 14.64 2.48 -7.55
N GLU N 220 15.69 1.87 -7.00
CA GLU N 220 16.58 1.09 -7.86
C GLU N 220 15.86 -0.13 -8.45
N LEU N 221 14.99 -0.75 -7.67
CA LEU N 221 14.23 -1.87 -8.23
C LEU N 221 13.34 -1.41 -9.38
N ARG N 222 12.69 -0.27 -9.23
CA ARG N 222 11.83 0.23 -10.29
C ARG N 222 12.64 0.59 -11.52
N LYS N 223 13.82 1.19 -11.34
CA LYS N 223 14.64 1.53 -12.50
C LYS N 223 15.19 0.28 -13.17
N LEU N 224 15.44 -0.78 -12.40
CA LEU N 224 15.83 -2.04 -12.99
C LEU N 224 14.72 -2.63 -13.82
N TYR N 225 13.48 -2.54 -13.32
CA TYR N 225 12.35 -2.96 -14.14
C TYR N 225 12.23 -2.12 -15.40
N ALA N 226 12.53 -0.83 -15.28
CA ALA N 226 12.48 0.06 -16.44
C ALA N 226 13.47 -0.35 -17.50
N PHE N 227 14.72 -0.62 -17.08
CA PHE N 227 15.72 -1.11 -18.01
C PHE N 227 15.29 -2.43 -18.64
N ALA N 228 14.78 -3.35 -17.83
CA ALA N 228 14.46 -4.70 -18.27
C ALA N 228 13.14 -4.79 -19.02
N GLY N 229 12.36 -3.72 -19.07
CA GLY N 229 11.04 -3.80 -19.68
C GLY N 229 10.05 -4.60 -18.86
N GLU N 230 10.23 -4.66 -17.55
CA GLU N 230 9.31 -5.39 -16.69
C GLU N 230 8.06 -4.57 -16.45
N ASP N 231 7.26 -4.93 -15.46
CA ASP N 231 5.93 -4.37 -15.24
C ASP N 231 5.87 -2.89 -15.52
N LYS N 232 5.00 -2.51 -16.46
CA LYS N 232 4.97 -1.16 -17.00
C LYS N 232 3.74 -0.41 -16.51
N GLY N 233 3.92 0.86 -16.20
CA GLY N 233 2.85 1.68 -15.69
C GLY N 233 2.66 1.62 -14.19
N MET N 234 3.58 1.03 -13.46
CA MET N 234 3.40 0.91 -12.02
C MET N 234 3.78 2.21 -11.30
N LEU N 235 5.05 2.62 -11.40
CA LEU N 235 5.43 3.85 -10.74
C LEU N 235 4.88 5.07 -11.48
N TYR N 236 4.69 4.95 -12.79
CA TYR N 236 4.04 6.03 -13.53
C TYR N 236 2.66 6.32 -12.95
N SER N 237 1.85 5.28 -12.78
CA SER N 237 0.51 5.43 -12.23
C SER N 237 0.48 5.25 -10.73
N GLY N 238 1.60 5.46 -10.06
CA GLY N 238 1.61 5.45 -8.61
C GLY N 238 1.28 4.12 -7.98
N LEU N 239 1.38 3.04 -8.74
CA LEU N 239 1.12 1.70 -8.22
C LEU N 239 2.43 1.08 -7.74
N LEU N 240 2.30 0.13 -6.83
CA LEU N 240 3.46 -0.42 -6.14
C LEU N 240 4.06 -1.63 -6.84
N GLY N 241 3.46 -2.11 -7.92
CA GLY N 241 4.06 -3.17 -8.69
C GLY N 241 4.19 -4.46 -7.89
N VAL N 242 5.21 -5.24 -8.22
CA VAL N 242 5.48 -6.51 -7.56
C VAL N 242 6.91 -6.53 -7.07
N ILE N 243 7.15 -7.22 -5.96
CA ILE N 243 8.47 -7.45 -5.43
C ILE N 243 8.62 -8.93 -5.19
N ASP N 244 9.65 -9.53 -5.78
CA ASP N 244 9.95 -10.95 -5.61
C ASP N 244 8.73 -11.80 -5.94
N ASN N 245 8.12 -11.52 -7.09
CA ASN N 245 6.95 -12.22 -7.61
C ASN N 245 5.69 -11.92 -6.81
N CYS N 246 5.75 -11.01 -5.85
CA CYS N 246 4.63 -10.81 -4.92
C CYS N 246 3.99 -9.45 -5.14
N PRO N 247 2.73 -9.40 -5.59
CA PRO N 247 2.07 -8.10 -5.75
C PRO N 247 2.03 -7.33 -4.43
N VAL N 248 2.33 -6.04 -4.51
CA VAL N 248 2.26 -5.15 -3.36
C VAL N 248 1.10 -4.21 -3.57
N ILE N 249 0.22 -4.13 -2.58
CA ILE N 249 -1.04 -3.40 -2.71
C ILE N 249 -1.07 -2.29 -1.68
N ASP N 250 -1.59 -1.14 -2.09
CA ASP N 250 -1.92 -0.05 -1.19
C ASP N 250 -3.40 -0.19 -0.84
N ALA N 251 -3.68 -0.85 0.27
CA ALA N 251 -5.05 -1.23 0.59
C ALA N 251 -5.89 -0.07 1.11
N GLY N 252 -5.30 0.85 1.85
CA GLY N 252 -6.01 2.02 2.30
C GLY N 252 -5.77 2.28 3.77
N VAL N 253 -6.56 3.19 4.32
CA VAL N 253 -6.53 3.50 5.75
C VAL N 253 -7.93 3.32 6.30
N TRP N 254 -8.01 2.65 7.44
CA TRP N 254 -9.28 2.39 8.10
C TRP N 254 -9.83 3.68 8.70
N ASN N 255 -11.08 3.99 8.37
CA ASN N 255 -11.79 5.11 8.98
C ASN N 255 -13.23 4.72 9.16
N LYS N 256 -14.01 5.65 9.70
CA LYS N 256 -15.43 5.40 9.86
C LYS N 256 -16.20 5.52 8.55
N LEU N 257 -15.51 5.76 7.43
CA LEU N 257 -16.16 5.82 6.13
C LEU N 257 -15.83 4.62 5.26
N ASN N 258 -14.55 4.38 4.99
CA ASN N 258 -14.14 3.33 4.09
C ASN N 258 -13.24 2.32 4.82
N VAL N 259 -12.96 1.22 4.14
CA VAL N 259 -12.17 0.15 4.70
C VAL N 259 -10.73 0.28 4.22
N GLY N 260 -9.80 0.13 5.15
CA GLY N 260 -8.39 0.11 4.82
C GLY N 260 -7.67 -0.55 5.98
N MET N 261 -6.39 -0.79 5.80
CA MET N 261 -5.63 -1.48 6.82
C MET N 261 -5.64 -0.66 8.10
N PRO N 262 -5.84 -1.28 9.24
CA PRO N 262 -6.03 -0.52 10.48
C PRO N 262 -4.78 0.16 10.97
N ASN N 263 -4.86 0.83 12.10
CA ASN N 263 -3.71 1.47 12.71
C ASN N 263 -4.02 1.78 14.16
N SER N 264 -3.00 2.24 14.86
CA SER N 264 -3.11 2.44 16.30
C SER N 264 -4.11 3.53 16.68
N SER N 265 -4.52 4.37 15.74
CA SER N 265 -5.43 5.45 16.09
C SER N 265 -6.86 4.94 16.31
N ILE N 266 -7.19 3.78 15.75
CA ILE N 266 -8.53 3.22 15.94
C ILE N 266 -8.71 2.83 17.40
N SER N 267 -9.84 3.25 17.98
CA SER N 267 -10.12 2.88 19.35
C SER N 267 -10.45 1.39 19.44
N ASP N 268 -10.33 0.86 20.67
CA ASP N 268 -10.53 -0.57 20.88
C ASP N 268 -11.94 -0.99 20.53
N SER N 269 -12.94 -0.22 20.99
CA SER N 269 -14.32 -0.58 20.74
C SER N 269 -14.64 -0.59 19.26
N ASP N 270 -14.16 0.42 18.53
CA ASP N 270 -14.45 0.52 17.11
C ASP N 270 -13.86 -0.65 16.34
N PHE N 271 -12.68 -1.11 16.75
CA PHE N 271 -12.05 -2.24 16.08
C PHE N 271 -12.77 -3.55 16.44
N THR N 272 -13.01 -3.77 17.73
CA THR N 272 -13.63 -5.01 18.17
C THR N 272 -15.07 -5.14 17.74
N ARG N 273 -15.71 -4.05 17.33
CA ARG N 273 -17.06 -4.13 16.82
C ARG N 273 -17.17 -5.04 15.61
N TYR N 274 -16.07 -5.30 14.92
CA TYR N 274 -16.09 -6.06 13.68
C TYR N 274 -15.55 -7.47 13.85
N LEU N 275 -15.27 -7.89 15.07
CA LEU N 275 -14.80 -9.25 15.35
C LEU N 275 -15.95 -10.10 15.83
N ASN N 276 -15.89 -11.40 15.49
CA ASN N 276 -16.99 -12.30 15.80
C ASN N 276 -17.09 -12.62 17.29
N LYS N 277 -15.96 -12.65 18.00
CA LYS N 277 -15.91 -12.94 19.43
C LYS N 277 -16.32 -14.37 19.72
N ALA N 278 -16.76 -15.08 18.68
CA ALA N 278 -16.99 -16.51 18.74
C ALA N 278 -16.14 -17.26 17.75
N ASN N 279 -15.42 -16.55 16.87
CA ASN N 279 -14.47 -17.14 15.96
C ASN N 279 -13.02 -16.87 16.33
N VAL N 280 -12.77 -15.91 17.21
CA VAL N 280 -11.43 -15.59 17.67
C VAL N 280 -11.40 -15.70 19.19
N SER N 281 -10.41 -16.43 19.70
CA SER N 281 -10.26 -16.56 21.14
C SER N 281 -9.41 -15.43 21.71
N ASN N 282 -8.48 -14.91 20.94
CA ASN N 282 -7.59 -13.84 21.37
C ASN N 282 -7.99 -12.55 20.67
N ILE N 283 -8.09 -11.47 21.44
CA ILE N 283 -8.41 -10.14 20.93
C ILE N 283 -7.20 -9.25 21.15
N VAL N 284 -6.59 -8.78 20.08
CA VAL N 284 -5.50 -7.82 20.16
C VAL N 284 -5.81 -6.69 19.20
N THR N 285 -6.19 -5.55 19.75
CA THR N 285 -6.48 -4.37 18.96
C THR N 285 -5.17 -3.66 18.61
N PRO N 286 -5.18 -2.84 17.55
CA PRO N 286 -3.96 -2.13 17.17
C PRO N 286 -3.40 -1.26 18.27
N MET N 287 -4.24 -0.70 19.14
CA MET N 287 -3.70 -0.02 20.32
C MET N 287 -2.95 -1.01 21.21
N GLN N 288 -3.53 -2.20 21.42
CA GLN N 288 -2.86 -3.20 22.24
C GLN N 288 -1.61 -3.72 21.55
N LEU N 289 -1.65 -3.87 20.23
CA LEU N 289 -0.44 -4.28 19.50
C LEU N 289 0.65 -3.23 19.64
N LYS N 290 0.28 -1.96 19.58
CA LYS N 290 1.27 -0.91 19.79
C LYS N 290 1.84 -1.00 21.20
N GLU N 291 0.99 -1.25 22.19
CA GLU N 291 1.50 -1.43 23.55
C GLU N 291 2.46 -2.61 23.63
N LYS N 292 2.11 -3.71 22.99
CA LYS N 292 2.96 -4.91 23.00
C LYS N 292 4.32 -4.60 22.44
N LEU N 293 4.37 -4.03 21.24
CA LEU N 293 5.66 -3.73 20.63
C LEU N 293 6.38 -2.59 21.34
N ASN N 294 5.66 -1.76 22.10
CA ASN N 294 6.31 -0.73 22.89
C ASN N 294 6.97 -1.30 24.13
N GLN N 295 6.39 -2.35 24.72
CA GLN N 295 6.99 -2.96 25.90
C GLN N 295 8.37 -3.52 25.58
N GLU N 296 8.51 -4.21 24.46
CA GLU N 296 9.78 -4.79 24.08
C GLU N 296 10.64 -3.77 23.34
N ASP N 312 2.30 6.36 17.16
CA ASP N 312 1.32 5.41 16.69
C ASP N 312 1.88 4.57 15.57
N ILE N 313 1.20 3.47 15.23
CA ILE N 313 1.73 2.48 14.31
C ILE N 313 0.71 2.19 13.23
N SER N 314 1.15 1.42 12.25
CA SER N 314 0.40 1.13 11.04
C SER N 314 0.59 -0.33 10.66
N ILE N 315 -0.50 -0.97 10.25
CA ILE N 315 -0.59 -2.42 10.14
C ILE N 315 -0.71 -2.81 8.68
N GLY N 316 0.05 -3.82 8.26
CA GLY N 316 -0.12 -4.42 6.96
C GLY N 316 0.06 -5.92 7.06
N CYS N 317 -0.19 -6.61 5.96
CA CYS N 317 -0.23 -8.07 6.01
C CYS N 317 0.34 -8.70 4.76
N LEU N 318 1.27 -9.62 4.95
CA LEU N 318 1.62 -10.60 3.93
C LEU N 318 0.63 -11.75 4.03
N ILE N 319 0.10 -12.18 2.90
CA ILE N 319 -1.10 -12.99 2.81
C ILE N 319 -0.81 -14.16 1.88
N GLY N 320 -0.97 -15.38 2.41
CA GLY N 320 -0.96 -16.58 1.61
C GLY N 320 -2.37 -17.12 1.40
N ALA N 321 -2.43 -18.26 0.71
CA ALA N 321 -3.71 -18.82 0.33
C ALA N 321 -4.55 -19.15 1.55
N SER N 322 -5.84 -18.80 1.47
CA SER N 322 -6.80 -19.06 2.54
C SER N 322 -6.36 -18.44 3.86
N ALA N 323 -5.89 -17.20 3.80
CA ALA N 323 -5.52 -16.51 5.03
C ALA N 323 -6.73 -16.13 5.85
N VAL N 324 -7.88 -15.95 5.22
CA VAL N 324 -9.14 -15.67 5.89
C VAL N 324 -10.21 -16.55 5.26
N LEU N 325 -11.03 -17.17 6.09
CA LEU N 325 -12.06 -18.08 5.66
C LEU N 325 -13.43 -17.44 5.83
N LEU N 326 -14.24 -17.52 4.78
CA LEU N 326 -15.62 -17.03 4.80
C LEU N 326 -16.54 -18.24 4.83
N ALA N 327 -17.41 -18.29 5.82
CA ALA N 327 -18.39 -19.36 5.96
C ALA N 327 -19.78 -18.78 5.74
N GLY N 328 -20.56 -19.43 4.88
CA GLY N 328 -21.87 -18.95 4.51
C GLY N 328 -21.85 -18.19 3.20
N SER N 329 -23.02 -17.72 2.81
CA SER N 329 -23.16 -16.94 1.59
C SER N 329 -23.07 -15.46 1.93
N LYS N 330 -22.15 -14.76 1.26
CA LYS N 330 -22.09 -13.31 1.42
C LYS N 330 -23.25 -12.61 0.74
N GLU N 331 -24.04 -13.33 -0.05
CA GLU N 331 -25.26 -12.79 -0.65
C GLU N 331 -26.16 -12.18 0.41
N THR N 332 -26.39 -10.88 0.30
CA THR N 332 -27.21 -10.16 1.26
C THR N 332 -28.67 -10.11 0.79
N ARG N 333 -29.55 -9.77 1.72
CA ARG N 333 -30.98 -9.72 1.45
C ARG N 333 -31.53 -8.36 1.83
N PHE N 334 -32.56 -7.95 1.10
CA PHE N 334 -33.22 -6.66 1.30
C PHE N 334 -34.65 -6.87 1.78
N TYR N 335 -35.13 -5.92 2.56
CA TYR N 335 -36.39 -6.05 3.28
C TYR N 335 -37.23 -4.79 3.11
N ILE N 336 -37.43 -4.40 1.85
CA ILE N 336 -38.21 -3.22 1.53
C ILE N 336 -39.61 -3.34 2.13
N ASP N 337 -39.95 -2.45 3.05
CA ASP N 337 -41.24 -2.42 3.74
C ASP N 337 -41.95 -1.13 3.39
N GLU N 338 -42.85 -1.17 2.41
CA GLU N 338 -43.54 0.01 1.93
C GLU N 338 -44.91 0.20 2.55
N THR N 339 -45.08 -0.18 3.82
CA THR N 339 -46.36 -0.05 4.49
C THR N 339 -46.24 0.62 5.85
N VAL N 340 -45.08 1.19 6.19
CA VAL N 340 -44.95 1.88 7.45
C VAL N 340 -45.88 3.09 7.47
N ASP N 341 -46.51 3.31 8.62
CA ASP N 341 -47.45 4.41 8.79
C ASP N 341 -48.55 4.37 7.73
N ALA N 342 -49.25 3.24 7.70
CA ALA N 342 -50.39 3.03 6.83
C ALA N 342 -50.03 3.14 5.36
N GLY N 343 -48.76 2.95 5.02
CA GLY N 343 -48.31 3.11 3.67
C GLY N 343 -47.82 4.49 3.33
N ARG N 344 -47.91 5.44 4.25
CA ARG N 344 -47.45 6.79 3.97
C ARG N 344 -45.93 6.86 3.93
N LYS N 345 -45.25 6.01 4.67
CA LYS N 345 -43.79 5.96 4.70
C LYS N 345 -43.32 4.60 4.20
N SER N 346 -42.01 4.44 4.13
CA SER N 346 -41.42 3.16 3.77
C SER N 346 -40.19 2.92 4.62
N LEU N 347 -39.89 1.65 4.86
CA LEU N 347 -38.70 1.22 5.58
C LEU N 347 -37.90 0.31 4.67
N VAL N 348 -36.61 0.59 4.53
CA VAL N 348 -35.73 -0.21 3.70
C VAL N 348 -34.66 -0.80 4.60
N GLY N 349 -34.62 -2.13 4.68
CA GLY N 349 -33.65 -2.80 5.51
C GLY N 349 -32.80 -3.75 4.69
N VAL N 350 -31.67 -4.11 5.26
CA VAL N 350 -30.73 -5.02 4.61
C VAL N 350 -30.02 -5.81 5.70
N ASP N 351 -29.89 -7.12 5.48
CA ASP N 351 -29.39 -8.05 6.48
C ASP N 351 -28.41 -9.01 5.82
N CYS N 352 -27.49 -9.53 6.62
CA CYS N 352 -26.50 -10.48 6.13
C CYS N 352 -26.10 -11.43 7.25
N LEU N 353 -25.94 -12.71 6.89
CA LEU N 353 -25.25 -13.70 7.70
C LEU N 353 -23.93 -14.05 7.03
N LEU N 354 -22.85 -13.96 7.79
CA LEU N 354 -21.57 -14.45 7.30
C LEU N 354 -20.62 -14.63 8.46
N GLY N 355 -19.79 -15.67 8.36
CA GLY N 355 -18.74 -15.88 9.32
C GLY N 355 -17.38 -15.61 8.72
N VAL N 356 -16.63 -14.70 9.31
CA VAL N 356 -15.27 -14.40 8.89
C VAL N 356 -14.34 -14.88 9.98
N SER N 357 -13.34 -15.67 9.61
CA SER N 357 -12.37 -16.08 10.61
C SER N 357 -10.99 -16.10 9.97
N LYS N 358 -10.02 -15.49 10.65
CA LYS N 358 -8.63 -15.71 10.27
C LYS N 358 -8.28 -17.18 10.47
N ALA N 359 -7.66 -17.77 9.47
CA ALA N 359 -7.30 -19.18 9.56
C ALA N 359 -6.26 -19.37 10.66
N ARG N 360 -6.67 -19.96 11.77
CA ARG N 360 -5.77 -20.31 12.86
C ARG N 360 -6.24 -21.66 13.40
N TYR N 361 -5.65 -22.74 12.90
CA TYR N 361 -6.12 -24.07 13.23
C TYR N 361 -5.61 -24.49 14.60
N GLN N 362 -6.38 -25.38 15.23
CA GLN N 362 -6.11 -25.85 16.58
C GLN N 362 -5.90 -27.36 16.59
N SER N 363 -5.05 -27.81 17.51
CA SER N 363 -4.79 -29.23 17.67
C SER N 363 -5.98 -29.91 18.31
N THR N 364 -6.53 -30.93 17.63
CA THR N 364 -7.68 -31.65 18.17
C THR N 364 -7.32 -32.38 19.46
N ASP N 365 -6.26 -33.18 19.41
CA ASP N 365 -5.70 -33.80 20.61
C ASP N 365 -4.79 -32.80 21.32
N GLY N 366 -3.99 -33.29 22.26
CA GLY N 366 -3.14 -32.39 23.03
C GLY N 366 -1.72 -32.22 22.58
N VAL N 367 -1.30 -32.90 21.51
CA VAL N 367 0.12 -32.86 21.14
C VAL N 367 0.45 -31.49 20.55
N VAL N 368 1.50 -30.87 21.09
CA VAL N 368 1.99 -29.62 20.52
C VAL N 368 2.66 -29.91 19.19
N THR N 369 2.19 -29.26 18.14
CA THR N 369 2.62 -29.49 16.77
C THR N 369 3.03 -28.16 16.17
N PRO N 370 3.87 -28.17 15.13
CA PRO N 370 4.09 -26.96 14.36
C PRO N 370 2.80 -26.51 13.70
N TYR N 371 2.72 -25.21 13.43
CA TYR N 371 1.50 -24.56 12.98
C TYR N 371 0.30 -25.01 13.83
N ASP N 372 0.51 -24.96 15.14
CA ASP N 372 -0.52 -25.01 16.16
C ASP N 372 -1.16 -23.64 16.21
N ASN N 373 -1.57 -23.20 17.40
CA ASN N 373 -2.38 -22.00 17.55
C ASN N 373 -1.66 -20.80 16.94
N GLN N 374 -1.58 -20.80 15.62
CA GLN N 374 -0.78 -19.87 14.83
C GLN N 374 -1.54 -19.51 13.56
N ASP N 375 -1.29 -18.31 13.05
CA ASP N 375 -1.94 -17.87 11.83
C ASP N 375 -1.49 -18.72 10.66
N TYR N 376 -2.45 -19.35 9.99
CA TYR N 376 -2.11 -20.30 8.94
C TYR N 376 -1.38 -19.63 7.78
N ALA N 377 -1.85 -18.47 7.35
CA ALA N 377 -1.32 -17.88 6.12
C ALA N 377 -1.16 -16.38 6.21
N VAL N 378 -0.74 -15.86 7.35
CA VAL N 378 -0.67 -14.40 7.56
C VAL N 378 0.62 -14.05 8.28
N ILE N 379 1.31 -13.02 7.80
CA ILE N 379 2.42 -12.40 8.51
C ILE N 379 2.12 -10.91 8.66
N GLY N 380 2.30 -10.39 9.86
CA GLY N 380 2.10 -8.97 10.07
C GLY N 380 3.25 -8.14 9.56
N LEU N 381 2.98 -6.86 9.34
CA LEU N 381 3.98 -5.90 8.85
C LEU N 381 3.67 -4.56 9.50
N VAL N 382 4.29 -4.29 10.61
CA VAL N 382 4.00 -3.12 11.42
C VAL N 382 5.06 -2.07 11.14
N SER N 383 4.63 -0.81 11.07
CA SER N 383 5.56 0.29 10.85
C SER N 383 5.10 1.51 11.62
N ASN N 384 5.96 2.53 11.65
CA ASN N 384 5.58 3.83 12.16
C ASN N 384 4.84 4.58 11.07
N MET N 385 3.58 4.93 11.30
CA MET N 385 2.89 5.67 10.26
C MET N 385 3.33 7.12 10.22
N GLU N 386 3.77 7.68 11.33
CA GLU N 386 4.36 9.02 11.33
C GLU N 386 5.59 9.08 12.22
N GLU O 3 30.03 81.94 -33.50
CA GLU O 3 29.88 82.16 -34.93
C GLU O 3 30.79 81.21 -35.71
N LYS O 4 31.16 80.11 -35.08
CA LYS O 4 32.01 79.13 -35.74
C LYS O 4 31.26 78.49 -36.91
N LEU O 5 31.96 78.33 -38.03
CA LEU O 5 31.35 77.91 -39.29
C LEU O 5 31.92 76.57 -39.72
N ASN O 6 31.03 75.64 -40.04
CA ASN O 6 31.40 74.33 -40.59
C ASN O 6 32.38 73.59 -39.69
N ASN O 7 31.91 73.26 -38.50
CA ASN O 7 32.61 72.31 -37.65
C ASN O 7 31.88 70.97 -37.70
N ILE O 8 32.47 69.97 -37.05
CA ILE O 8 31.89 68.63 -37.10
C ILE O 8 30.52 68.67 -36.42
N ASN O 9 29.58 67.91 -36.97
CA ASN O 9 28.19 68.01 -36.56
C ASN O 9 27.88 67.21 -35.30
N PHE O 10 28.14 65.90 -35.33
CA PHE O 10 27.89 65.01 -34.19
C PHE O 10 26.39 64.87 -33.89
N ASN O 11 25.58 64.80 -34.94
CA ASN O 11 24.14 64.65 -34.78
C ASN O 11 23.69 63.36 -35.46
N ASN O 12 22.61 62.79 -34.94
CA ASN O 12 22.09 61.53 -35.47
C ASN O 12 21.30 61.80 -36.74
N ILE O 13 20.69 60.73 -37.28
CA ILE O 13 19.77 60.91 -38.38
C ILE O 13 18.50 61.58 -37.90
N SER O 14 18.21 61.51 -36.60
CA SER O 14 17.25 62.43 -36.02
C SER O 14 17.84 63.84 -36.07
N ASN O 15 17.06 64.82 -35.61
CA ASN O 15 17.40 66.23 -35.74
C ASN O 15 17.44 66.68 -37.20
N ASN O 16 17.04 65.81 -38.12
CA ASN O 16 16.97 66.13 -39.54
C ASN O 16 15.51 66.43 -39.86
N PRO O 17 15.09 67.69 -39.87
CA PRO O 17 13.66 67.99 -40.01
C PRO O 17 13.08 67.57 -41.34
N ASN O 18 13.92 67.26 -42.33
CA ASN O 18 13.41 66.72 -43.58
C ASN O 18 12.85 65.33 -43.41
N LEU O 19 13.04 64.72 -42.25
CA LEU O 19 12.73 63.33 -42.00
C LEU O 19 11.47 63.27 -41.16
N GLY O 20 10.43 62.64 -41.69
CA GLY O 20 9.14 62.58 -41.03
C GLY O 20 8.85 61.22 -40.45
N ILE O 21 8.20 61.22 -39.29
CA ILE O 21 7.96 60.01 -38.51
C ILE O 21 6.64 59.39 -38.92
N GLU O 22 6.60 58.06 -39.00
CA GLU O 22 5.38 57.32 -39.27
C GLU O 22 5.08 56.38 -38.11
N VAL O 23 3.83 56.34 -37.68
CA VAL O 23 3.42 55.50 -36.58
C VAL O 23 2.61 54.33 -37.12
N GLY O 24 2.74 53.18 -36.47
CA GLY O 24 2.16 51.96 -37.00
C GLY O 24 0.68 51.88 -36.72
N ARG O 25 -0.10 51.51 -37.74
CA ARG O 25 -1.52 51.28 -37.53
C ARG O 25 -1.75 50.12 -36.57
N GLU O 26 -0.97 49.05 -36.71
CA GLU O 26 -1.17 47.84 -35.96
C GLU O 26 -0.52 47.96 -34.59
N ILE O 27 -1.34 48.05 -33.55
CA ILE O 27 -0.88 48.03 -32.17
C ILE O 27 -0.88 46.58 -31.71
N GLN O 28 0.23 46.14 -31.13
CA GLN O 28 0.41 44.75 -30.75
C GLN O 28 0.13 44.57 -29.27
N ASN O 29 -0.75 43.63 -28.94
CA ASN O 29 -1.08 43.39 -27.55
C ASN O 29 0.09 42.76 -26.81
N ALA O 30 0.36 43.26 -25.62
CA ALA O 30 1.44 42.74 -24.80
C ALA O 30 1.01 41.56 -23.95
N SER O 31 -0.10 40.92 -24.28
CA SER O 31 -0.64 39.80 -23.53
C SER O 31 -0.57 38.54 -24.37
N TRP O 32 0.04 37.50 -23.82
CA TRP O 32 0.11 36.22 -24.51
C TRP O 32 -0.19 35.02 -23.62
N VAL O 33 -0.06 35.13 -22.30
CA VAL O 33 -0.20 33.97 -21.43
C VAL O 33 -1.64 33.46 -21.44
N LYS O 34 -1.78 32.16 -21.28
CA LYS O 34 -3.10 31.51 -21.24
C LYS O 34 -3.10 30.52 -20.09
N SER O 35 -3.97 30.75 -19.12
CA SER O 35 -4.07 29.87 -17.96
C SER O 35 -4.65 28.53 -18.35
N PRO O 36 -4.33 27.47 -17.61
CA PRO O 36 -4.80 26.13 -17.98
C PRO O 36 -6.25 25.84 -17.62
N PHE O 37 -6.93 26.75 -16.94
CA PHE O 37 -8.20 26.41 -16.31
C PHE O 37 -9.28 26.05 -17.32
N PHE O 38 -9.19 26.57 -18.54
CA PHE O 38 -10.19 26.20 -19.55
C PHE O 38 -10.18 24.69 -19.77
N SER O 39 -9.00 24.08 -19.75
CA SER O 39 -8.93 22.63 -19.90
C SER O 39 -9.51 21.92 -18.70
N ILE O 40 -9.37 22.51 -17.51
CA ILE O 40 -9.95 21.91 -16.31
C ILE O 40 -11.47 22.04 -16.35
N THR O 41 -11.97 23.18 -16.80
CA THR O 41 -13.40 23.47 -16.71
C THR O 41 -14.18 22.67 -17.73
N GLY O 42 -15.30 22.09 -17.29
CA GLY O 42 -16.15 21.32 -18.17
C GLY O 42 -17.50 21.09 -17.55
N THR O 43 -18.39 20.51 -18.34
CA THR O 43 -19.75 20.23 -17.90
C THR O 43 -19.94 18.83 -17.36
N GLY O 44 -18.98 17.94 -17.58
CA GLY O 44 -19.08 16.61 -17.02
C GLY O 44 -18.92 16.63 -15.52
N ALA O 45 -19.46 15.58 -14.88
CA ALA O 45 -19.44 15.51 -13.43
C ALA O 45 -18.04 15.31 -12.86
N ASP O 46 -17.10 14.85 -13.69
CA ASP O 46 -15.76 14.50 -13.24
C ASP O 46 -14.73 15.55 -13.61
N ARG O 47 -15.14 16.81 -13.72
CA ARG O 47 -14.23 17.89 -14.08
C ARG O 47 -13.79 18.64 -12.83
N GLY O 48 -12.54 19.10 -12.85
CA GLY O 48 -12.04 19.84 -11.70
C GLY O 48 -12.85 21.09 -11.44
N VAL O 49 -13.24 21.78 -12.50
CA VAL O 49 -14.14 22.92 -12.42
C VAL O 49 -15.39 22.55 -13.19
N ARG O 50 -16.49 22.35 -12.48
CA ARG O 50 -17.72 21.84 -13.08
C ARG O 50 -18.67 22.99 -13.39
N LEU O 51 -19.40 22.85 -14.48
CA LEU O 51 -20.28 23.89 -14.97
C LEU O 51 -21.69 23.35 -15.04
N PHE O 52 -22.60 23.96 -14.30
CA PHE O 52 -24.02 23.63 -14.33
C PHE O 52 -24.71 24.64 -15.23
N SER O 53 -25.22 24.19 -16.37
CA SER O 53 -25.96 25.07 -17.27
C SER O 53 -27.41 25.16 -16.80
N VAL O 54 -27.57 25.86 -15.68
CA VAL O 54 -28.88 26.00 -15.07
C VAL O 54 -29.79 26.83 -15.97
N ALA O 55 -31.02 26.36 -16.16
CA ALA O 55 -31.98 27.09 -16.97
C ALA O 55 -32.39 28.38 -16.31
N SER O 56 -32.46 29.45 -17.09
CA SER O 56 -32.88 30.78 -16.64
C SER O 56 -31.97 31.34 -15.55
N GLN O 57 -30.75 30.82 -15.44
CA GLN O 57 -29.67 31.44 -14.67
C GLN O 57 -29.99 31.53 -13.18
N GLN O 58 -31.00 30.82 -12.70
CA GLN O 58 -31.41 30.96 -11.32
C GLN O 58 -30.33 30.41 -10.39
N PRO O 59 -30.22 30.96 -9.18
CA PRO O 59 -29.28 30.42 -8.20
C PRO O 59 -29.42 28.91 -8.02
N PHE O 60 -28.36 28.18 -8.36
CA PHE O 60 -28.43 26.73 -8.35
C PHE O 60 -28.24 26.20 -6.95
N ARG O 61 -28.61 24.93 -6.76
CA ARG O 61 -28.40 24.25 -5.49
C ARG O 61 -28.15 22.77 -5.74
N PRO O 62 -26.88 22.37 -5.87
CA PRO O 62 -26.57 20.95 -5.94
C PRO O 62 -26.61 20.29 -4.57
N ARG O 63 -26.90 18.99 -4.59
CA ARG O 63 -27.03 18.19 -3.39
C ARG O 63 -26.24 16.90 -3.55
N ILE O 64 -25.46 16.57 -2.53
CA ILE O 64 -24.77 15.30 -2.45
C ILE O 64 -25.41 14.47 -1.34
N LYS O 65 -25.26 13.16 -1.45
CA LYS O 65 -25.78 12.22 -0.47
C LYS O 65 -24.62 11.67 0.34
N ALA O 66 -24.58 11.98 1.63
CA ALA O 66 -23.52 11.49 2.48
C ALA O 66 -23.58 9.97 2.60
N GLN O 67 -22.42 9.35 2.75
CA GLN O 67 -22.35 7.91 2.92
C GLN O 67 -22.84 7.50 4.29
N LEU O 68 -23.56 6.38 4.36
CA LEU O 68 -24.13 5.92 5.61
C LEU O 68 -23.02 5.47 6.55
N THR O 69 -22.98 6.08 7.73
CA THR O 69 -22.04 5.70 8.78
C THR O 69 -22.82 5.55 10.07
N GLY O 70 -22.94 4.32 10.54
CA GLY O 70 -23.59 4.06 11.80
C GLY O 70 -23.77 2.58 12.02
N SER O 71 -23.48 2.12 13.24
CA SER O 71 -23.63 0.71 13.55
C SER O 71 -25.07 0.29 13.32
N GLY O 72 -25.25 -0.82 12.62
CA GLY O 72 -26.59 -1.23 12.28
C GLY O 72 -27.26 -1.94 13.44
N VAL O 73 -27.82 -3.11 13.18
CA VAL O 73 -28.31 -3.98 14.22
C VAL O 73 -27.73 -5.36 14.00
N SER O 74 -27.63 -6.14 15.08
CA SER O 74 -27.00 -7.45 15.04
C SER O 74 -27.92 -8.51 15.60
N GLY O 75 -28.06 -9.60 14.85
CA GLY O 75 -28.88 -10.72 15.27
C GLY O 75 -30.36 -10.41 15.20
N ASN O 76 -31.08 -10.76 16.26
CA ASN O 76 -32.49 -10.40 16.38
C ASN O 76 -32.54 -9.10 17.19
N THR O 77 -32.36 -7.98 16.50
CA THR O 77 -32.38 -6.70 17.20
C THR O 77 -33.30 -5.70 16.51
N ASP O 78 -34.07 -6.12 15.51
CA ASP O 78 -35.29 -5.38 15.20
C ASP O 78 -35.02 -3.94 14.78
N PHE O 79 -34.68 -3.72 13.51
CA PHE O 79 -34.05 -2.51 12.98
C PHE O 79 -34.35 -1.23 13.76
N GLU O 80 -35.58 -1.08 14.26
CA GLU O 80 -35.97 0.10 15.03
C GLU O 80 -34.93 0.47 16.07
N ALA O 81 -34.19 -0.50 16.59
CA ALA O 81 -33.25 -0.24 17.67
C ALA O 81 -32.16 0.74 17.26
N ASN O 82 -31.78 0.71 15.98
CA ASN O 82 -30.81 1.69 15.47
C ASN O 82 -31.16 1.94 14.00
N TYR O 83 -32.02 2.93 13.78
CA TYR O 83 -32.25 3.44 12.45
C TYR O 83 -31.05 4.25 12.00
N ASP O 84 -30.72 4.15 10.72
CA ASP O 84 -29.70 5.00 10.13
C ASP O 84 -30.43 6.12 9.41
N ASN O 85 -29.93 7.34 9.57
CA ASN O 85 -30.56 8.48 8.91
C ASN O 85 -29.89 8.75 7.57
N LEU O 86 -30.71 9.10 6.59
CA LEU O 86 -30.21 9.45 5.27
C LEU O 86 -29.93 10.94 5.24
N GLU O 87 -28.69 11.30 4.96
CA GLU O 87 -28.23 12.68 5.04
C GLU O 87 -27.97 13.23 3.65
N ILE O 88 -28.61 14.34 3.33
CA ILE O 88 -28.38 15.07 2.09
C ILE O 88 -27.75 16.40 2.47
N LEU O 89 -26.70 16.79 1.77
CA LEU O 89 -26.06 18.07 1.98
C LEU O 89 -26.19 18.87 0.69
N SER O 90 -26.25 20.19 0.81
CA SER O 90 -26.51 21.02 -0.36
C SER O 90 -25.69 22.29 -0.29
N GLN O 91 -25.47 22.86 -1.46
CA GLN O 91 -24.80 24.16 -1.56
C GLN O 91 -25.59 25.03 -2.52
N THR O 92 -25.62 26.33 -2.26
CA THR O 92 -26.32 27.25 -3.13
C THR O 92 -25.32 28.18 -3.82
N ILE O 93 -25.47 28.32 -5.13
CA ILE O 93 -24.58 29.13 -5.96
C ILE O 93 -25.39 30.27 -6.51
N TYR O 94 -25.00 31.49 -6.16
CA TYR O 94 -25.61 32.75 -6.56
C TYR O 94 -24.77 33.39 -7.66
N PRO O 95 -25.37 33.90 -8.72
CA PRO O 95 -24.59 34.55 -9.77
C PRO O 95 -24.01 35.87 -9.30
N ASP O 96 -23.25 36.53 -10.17
CA ASP O 96 -22.59 37.78 -9.82
C ASP O 96 -22.21 38.47 -11.12
N ALA O 97 -22.66 39.70 -11.30
CA ALA O 97 -22.41 40.43 -12.54
C ALA O 97 -21.18 41.30 -12.40
N PHE O 98 -20.32 41.27 -13.40
CA PHE O 98 -19.12 42.09 -13.40
C PHE O 98 -18.74 42.42 -14.82
N GLY O 99 -18.08 43.56 -14.99
CA GLY O 99 -17.68 44.01 -16.31
C GLY O 99 -16.74 45.19 -16.21
N ASN O 100 -16.25 45.60 -17.37
CA ASN O 100 -15.34 46.73 -17.47
C ASN O 100 -15.60 47.46 -18.78
N SER O 101 -15.14 48.70 -18.86
CA SER O 101 -15.36 49.47 -20.07
C SER O 101 -14.22 50.45 -20.30
N LEU O 102 -14.13 50.91 -21.54
CA LEU O 102 -13.22 51.95 -21.97
C LEU O 102 -14.00 52.99 -22.75
N ARG O 103 -13.71 54.26 -22.50
CA ARG O 103 -14.24 55.35 -23.32
C ARG O 103 -13.11 55.98 -24.11
N SER O 104 -13.40 56.34 -25.36
CA SER O 104 -12.37 56.73 -26.29
C SER O 104 -12.03 58.21 -26.16
N LYS O 105 -11.09 58.65 -26.97
CA LYS O 105 -10.87 60.07 -27.21
C LYS O 105 -11.86 60.54 -28.25
N ILE O 106 -11.84 61.84 -28.56
CA ILE O 106 -12.69 62.33 -29.62
C ILE O 106 -12.23 61.72 -30.93
N LYS O 107 -13.19 61.49 -31.83
CA LYS O 107 -12.88 60.78 -33.07
C LYS O 107 -11.72 61.43 -33.81
N ALA O 108 -11.61 62.75 -33.74
CA ALA O 108 -10.47 63.43 -34.33
C ALA O 108 -9.16 62.93 -33.72
N TYR O 109 -9.11 62.82 -32.40
CA TYR O 109 -7.91 62.30 -31.76
C TYR O 109 -7.71 60.82 -32.07
N SER O 110 -8.80 60.06 -32.14
CA SER O 110 -8.67 58.63 -32.41
C SER O 110 -8.06 58.38 -33.78
N GLU O 111 -8.51 59.11 -34.81
CA GLU O 111 -7.92 58.93 -36.12
C GLU O 111 -6.66 59.75 -36.32
N LEU O 112 -6.35 60.66 -35.40
CA LEU O 112 -5.07 61.35 -35.43
C LEU O 112 -3.93 60.43 -35.03
N GLU O 113 -4.06 59.76 -33.89
CA GLU O 113 -3.06 58.81 -33.41
C GLU O 113 -3.31 57.41 -33.98
N ARG O 114 -4.21 57.29 -34.95
CA ARG O 114 -4.31 56.10 -35.78
C ARG O 114 -4.66 54.86 -34.96
N ILE O 115 -5.49 55.04 -33.94
CA ILE O 115 -6.00 53.94 -33.14
C ILE O 115 -7.42 53.64 -33.59
N ASP O 116 -7.70 52.37 -33.84
CA ASP O 116 -9.04 51.91 -34.16
C ASP O 116 -9.67 51.49 -32.84
N PHE O 117 -10.37 52.42 -32.20
CA PHE O 117 -10.69 52.26 -30.79
C PHE O 117 -11.57 51.04 -30.54
N ILE O 118 -12.56 50.81 -31.40
CA ILE O 118 -13.46 49.69 -31.17
C ILE O 118 -12.71 48.37 -31.17
N LYS O 119 -11.84 48.17 -32.16
CA LYS O 119 -11.14 46.90 -32.29
C LYS O 119 -10.18 46.67 -31.12
N GLU O 120 -9.33 47.66 -30.85
CA GLU O 120 -8.36 47.52 -29.77
C GLU O 120 -9.05 47.38 -28.42
N SER O 121 -10.12 48.15 -28.21
CA SER O 121 -10.85 48.06 -26.96
C SER O 121 -11.51 46.70 -26.79
N VAL O 122 -12.09 46.15 -27.86
CA VAL O 122 -12.72 44.84 -27.74
C VAL O 122 -11.67 43.78 -27.42
N ASP O 123 -10.50 43.86 -28.06
CA ASP O 123 -9.44 42.90 -27.75
C ASP O 123 -9.00 43.03 -26.29
N SER O 124 -8.72 44.25 -25.85
CA SER O 124 -8.24 44.46 -24.48
C SER O 124 -9.27 44.02 -23.47
N LEU O 125 -10.55 44.24 -23.75
CA LEU O 125 -11.58 43.85 -22.81
C LEU O 125 -11.80 42.34 -22.83
N THR O 126 -11.61 41.68 -23.97
CA THR O 126 -11.63 40.22 -23.97
C THR O 126 -10.53 39.67 -23.08
N THR O 127 -9.32 40.23 -23.20
CA THR O 127 -8.24 39.81 -22.33
C THR O 127 -8.56 40.05 -20.87
N TRP O 128 -9.08 41.23 -20.56
CA TRP O 128 -9.42 41.57 -19.18
C TRP O 128 -10.46 40.61 -18.63
N MET O 129 -11.48 40.28 -19.41
CA MET O 129 -12.53 39.42 -18.90
C MET O 129 -12.06 38.00 -18.72
N ASN O 130 -11.21 37.52 -19.63
CA ASN O 130 -10.62 36.20 -19.44
C ASN O 130 -9.85 36.14 -18.14
N GLU O 131 -8.96 37.11 -17.92
CA GLU O 131 -8.19 37.09 -16.69
C GLU O 131 -9.07 37.25 -15.47
N GLU O 132 -10.17 38.00 -15.60
CA GLU O 132 -11.03 38.23 -14.44
C GLU O 132 -11.79 36.98 -14.04
N ARG O 133 -12.33 36.26 -15.03
CA ARG O 133 -13.05 35.03 -14.67
C ARG O 133 -12.09 33.98 -14.14
N ASP O 134 -10.88 33.93 -14.70
CA ASP O 134 -9.91 32.98 -14.17
C ASP O 134 -9.50 33.35 -12.75
N LYS O 135 -9.35 34.64 -12.46
CA LYS O 135 -9.04 35.04 -11.10
C LYS O 135 -10.20 34.77 -10.16
N ARG O 136 -11.43 34.87 -10.65
CA ARG O 136 -12.59 34.46 -9.85
C ARG O 136 -12.45 33.00 -9.44
N ILE O 137 -12.18 32.13 -10.42
CA ILE O 137 -12.07 30.70 -10.13
C ILE O 137 -10.94 30.45 -9.13
N VAL O 138 -9.79 31.08 -9.35
CA VAL O 138 -8.64 30.82 -8.49
C VAL O 138 -8.89 31.34 -7.08
N ALA O 139 -9.48 32.53 -6.95
CA ALA O 139 -9.72 33.09 -5.64
C ALA O 139 -10.71 32.25 -4.86
N SER O 140 -11.75 31.76 -5.52
CA SER O 140 -12.67 30.85 -4.83
C SER O 140 -11.97 29.56 -4.47
N LEU O 141 -11.08 29.08 -5.33
CA LEU O 141 -10.40 27.82 -5.10
C LEU O 141 -9.49 27.88 -3.89
N THR O 142 -8.64 28.90 -3.82
CA THR O 142 -7.68 29.06 -2.74
C THR O 142 -8.21 29.85 -1.57
N ASN O 143 -9.52 30.02 -1.48
CA ASN O 143 -10.13 30.64 -0.32
C ASN O 143 -9.97 29.68 0.85
N ASP O 144 -10.55 30.02 2.00
CA ASP O 144 -10.29 29.32 3.26
C ASP O 144 -10.12 27.82 3.07
N PHE O 145 -9.02 27.30 3.60
CA PHE O 145 -8.63 25.93 3.39
C PHE O 145 -9.02 25.12 4.62
N THR O 146 -9.72 24.01 4.40
CA THR O 146 -10.04 23.12 5.51
C THR O 146 -8.82 22.28 5.87
N ASN O 147 -8.27 21.54 4.92
CA ASN O 147 -7.00 20.87 5.10
C ASN O 147 -6.01 21.39 4.09
N TYR O 148 -4.83 21.78 4.57
CA TYR O 148 -3.74 22.20 3.72
C TYR O 148 -2.45 21.63 4.28
N LEU O 149 -1.60 21.12 3.41
CA LEU O 149 -0.26 20.70 3.79
C LEU O 149 0.72 21.85 3.60
N TYR O 150 1.78 21.86 4.39
CA TYR O 150 2.77 22.92 4.31
C TYR O 150 4.16 22.32 4.42
N ASN O 151 4.92 22.38 3.34
CA ASN O 151 6.34 22.09 3.35
C ASN O 151 7.09 23.33 2.95
N ALA O 152 8.24 23.58 3.59
CA ALA O 152 8.99 24.80 3.28
C ALA O 152 9.42 24.87 1.84
N ALA O 153 9.44 23.75 1.14
CA ALA O 153 9.66 23.73 -0.30
C ALA O 153 8.94 22.52 -0.85
N MET O 154 8.34 22.67 -2.02
CA MET O 154 7.61 21.55 -2.59
C MET O 154 8.58 20.46 -3.03
N ASN O 155 8.09 19.23 -2.97
CA ASN O 155 8.87 18.06 -3.34
C ASN O 155 7.91 16.91 -3.56
N VAL O 156 8.39 15.86 -4.20
CA VAL O 156 7.51 14.72 -4.45
C VAL O 156 7.08 14.10 -3.13
N ALA O 157 7.81 14.35 -2.06
CA ALA O 157 7.36 13.93 -0.74
C ALA O 157 6.00 14.53 -0.42
N THR O 158 5.88 15.85 -0.58
CA THR O 158 4.64 16.53 -0.24
C THR O 158 3.55 16.27 -1.26
N ILE O 159 3.90 16.16 -2.54
CA ILE O 159 2.89 15.80 -3.54
C ILE O 159 2.33 14.42 -3.24
N ARG O 160 3.19 13.48 -2.89
CA ARG O 160 2.73 12.14 -2.55
C ARG O 160 1.88 12.15 -1.30
N LYS O 161 2.28 12.95 -0.30
CA LYS O 161 1.47 13.07 0.90
C LYS O 161 0.10 13.64 0.59
N ALA O 162 0.04 14.60 -0.33
CA ALA O 162 -1.25 15.22 -0.68
C ALA O 162 -2.14 14.25 -1.45
N ILE O 163 -1.59 13.59 -2.47
CA ILE O 163 -2.37 12.58 -3.19
C ILE O 163 -2.81 11.50 -2.24
N PHE O 164 -1.98 11.20 -1.25
CA PHE O 164 -2.29 10.25 -0.20
C PHE O 164 -3.52 10.66 0.60
N HIS O 165 -3.45 11.86 1.19
CA HIS O 165 -4.54 12.36 2.02
C HIS O 165 -5.82 12.51 1.22
N ALA O 166 -5.73 12.84 -0.06
CA ALA O 166 -6.92 12.92 -0.87
C ALA O 166 -7.47 11.54 -1.17
N ARG O 167 -6.59 10.58 -1.43
CA ARG O 167 -7.04 9.27 -1.86
C ARG O 167 -7.72 8.52 -0.72
N ASN O 168 -7.25 8.71 0.50
CA ASN O 168 -7.83 8.01 1.64
C ASN O 168 -8.58 8.92 2.60
N GLY O 169 -8.55 10.23 2.39
CA GLY O 169 -9.34 11.11 3.22
C GLY O 169 -8.75 11.38 4.59
N LEU O 170 -7.59 12.01 4.62
CA LEU O 170 -6.93 12.34 5.87
C LEU O 170 -6.66 13.84 5.94
N LYS O 171 -6.51 14.33 7.15
CA LYS O 171 -6.19 15.73 7.37
C LYS O 171 -4.72 15.86 7.77
N ALA O 172 -4.30 17.11 7.97
CA ALA O 172 -2.90 17.36 8.33
C ALA O 172 -2.56 16.71 9.66
N ASP O 173 -3.44 16.84 10.65
CA ASP O 173 -3.29 16.19 11.94
C ASP O 173 -4.03 14.87 12.00
N ASN O 174 -4.26 14.24 10.85
CA ASN O 174 -4.95 12.96 10.74
C ASN O 174 -6.33 13.00 11.39
N SER O 175 -7.07 14.06 11.09
CA SER O 175 -8.44 14.16 11.56
C SER O 175 -9.41 13.34 10.73
N LYS O 176 -8.95 12.82 9.59
CA LYS O 176 -9.69 11.79 8.85
C LYS O 176 -11.07 12.30 8.41
N ALA O 177 -11.05 13.25 7.48
CA ALA O 177 -12.31 13.86 7.06
C ALA O 177 -13.10 12.95 6.12
N PHE O 178 -12.62 12.76 4.90
CA PHE O 178 -13.28 11.90 3.91
C PHE O 178 -12.48 11.89 2.60
N PRO O 179 -12.58 10.83 1.80
CA PRO O 179 -11.76 10.76 0.58
C PRO O 179 -12.25 11.68 -0.52
N ILE O 180 -11.32 12.38 -1.16
CA ILE O 180 -11.60 13.32 -2.23
C ILE O 180 -11.89 12.55 -3.52
N LYS O 181 -13.01 12.86 -4.15
CA LYS O 181 -13.33 12.19 -5.40
C LYS O 181 -12.29 12.52 -6.45
N PRO O 182 -11.80 11.54 -7.20
CA PRO O 182 -10.77 11.83 -8.20
C PRO O 182 -11.33 12.48 -9.45
N ILE O 183 -10.44 13.10 -10.21
CA ILE O 183 -10.82 13.57 -11.54
C ILE O 183 -11.19 12.40 -12.41
N ARG O 184 -10.41 11.33 -12.35
CA ARG O 184 -10.67 10.10 -13.07
C ARG O 184 -10.26 8.95 -12.17
N ALA O 185 -11.09 7.93 -12.07
CA ALA O 185 -10.84 6.78 -11.21
C ALA O 185 -10.92 5.52 -12.05
N THR O 186 -9.79 5.11 -12.60
CA THR O 186 -9.70 3.88 -13.37
C THR O 186 -9.44 2.71 -12.43
N MET O 187 -9.40 1.51 -12.98
CA MET O 187 -9.21 0.30 -12.18
C MET O 187 -8.41 -0.70 -12.97
N GLN O 188 -7.22 -1.06 -12.48
CA GLN O 188 -6.36 -2.00 -13.16
C GLN O 188 -5.76 -2.97 -12.14
N SER O 189 -5.45 -4.17 -12.61
CA SER O 189 -4.92 -5.23 -11.76
C SER O 189 -3.41 -5.28 -11.89
N VAL O 190 -2.73 -5.35 -10.75
CA VAL O 190 -1.27 -5.33 -10.78
C VAL O 190 -0.72 -6.73 -11.08
N GLY O 191 -0.92 -7.69 -10.18
CA GLY O 191 -0.61 -9.05 -10.56
C GLY O 191 -1.83 -9.84 -10.98
N ASN O 192 -2.78 -9.98 -10.05
CA ASN O 192 -4.08 -10.55 -10.39
C ASN O 192 -5.18 -9.88 -9.58
N VAL O 193 -4.93 -8.73 -8.98
CA VAL O 193 -5.86 -8.06 -8.08
C VAL O 193 -6.02 -6.61 -8.54
N VAL O 194 -7.26 -6.18 -8.72
CA VAL O 194 -7.56 -4.81 -9.13
C VAL O 194 -7.41 -3.89 -7.93
N VAL O 195 -7.04 -2.63 -8.20
CA VAL O 195 -6.70 -1.72 -7.10
C VAL O 195 -7.42 -0.37 -7.21
N GLN O 196 -8.00 -0.07 -8.37
CA GLN O 196 -8.69 1.20 -8.60
C GLN O 196 -7.75 2.40 -8.38
N ASN O 197 -6.80 2.54 -9.29
CA ASN O 197 -5.95 3.71 -9.28
C ASN O 197 -6.77 4.97 -9.57
N THR O 198 -6.36 6.07 -8.93
CA THR O 198 -7.09 7.33 -8.99
C THR O 198 -6.20 8.46 -9.48
N SER O 199 -6.81 9.38 -10.23
CA SER O 199 -6.11 10.50 -10.83
C SER O 199 -6.68 11.82 -10.32
N TYR O 200 -5.80 12.76 -10.01
CA TYR O 200 -6.17 14.07 -9.51
C TYR O 200 -5.56 15.14 -10.42
N ILE O 201 -5.63 16.40 -9.99
CA ILE O 201 -4.92 17.49 -10.66
C ILE O 201 -4.19 18.29 -9.59
N ILE O 202 -3.00 18.77 -9.92
CA ILE O 202 -2.22 19.56 -8.98
C ILE O 202 -1.82 20.85 -9.65
N LEU O 203 -2.32 21.96 -9.13
CA LEU O 203 -2.00 23.28 -9.63
C LEU O 203 -0.92 23.87 -8.74
N LEU O 204 0.26 24.07 -9.31
CA LEU O 204 1.41 24.53 -8.56
C LEU O 204 1.77 25.94 -8.98
N ASP O 205 2.05 26.79 -8.00
CA ASP O 205 2.68 28.07 -8.26
C ASP O 205 4.00 27.84 -9.00
N SER O 206 4.42 28.86 -9.74
CA SER O 206 5.65 28.74 -10.51
C SER O 206 6.87 28.59 -9.61
N TYR O 207 6.91 29.34 -8.50
CA TYR O 207 7.98 29.12 -7.53
C TYR O 207 7.92 27.72 -6.98
N GLN O 208 6.71 27.22 -6.72
CA GLN O 208 6.55 25.84 -6.28
C GLN O 208 6.96 24.86 -7.37
N ALA O 209 6.63 25.17 -8.62
CA ALA O 209 7.06 24.30 -9.71
C ALA O 209 8.57 24.21 -9.80
N ASN O 210 9.26 25.31 -9.53
CA ASN O 210 10.72 25.28 -9.54
C ASN O 210 11.26 24.54 -8.32
N GLN O 211 10.69 24.77 -7.15
CA GLN O 211 11.11 24.02 -5.97
C GLN O 211 10.95 22.53 -6.19
N LEU O 212 9.91 22.13 -6.91
CA LEU O 212 9.76 20.74 -7.29
C LEU O 212 10.81 20.33 -8.31
N LYS O 213 11.12 21.20 -9.26
CA LYS O 213 12.13 20.88 -10.27
C LYS O 213 13.51 20.73 -9.62
N ALA O 214 13.86 21.62 -8.72
CA ALA O 214 15.13 21.54 -8.01
C ALA O 214 14.97 20.71 -6.74
N ASP O 215 14.41 19.51 -6.94
CA ASP O 215 14.17 18.56 -5.87
C ASP O 215 14.76 17.22 -6.29
N SER O 216 15.63 16.66 -5.45
CA SER O 216 16.33 15.43 -5.76
C SER O 216 15.37 14.36 -6.25
N GLU O 217 14.47 13.94 -5.37
CA GLU O 217 13.60 12.81 -5.68
C GLU O 217 12.84 13.04 -6.96
N PHE O 218 12.50 14.29 -7.27
CA PHE O 218 11.92 14.59 -8.56
C PHE O 218 12.90 14.31 -9.69
N LYS O 219 14.18 14.60 -9.49
CA LYS O 219 15.16 14.32 -10.52
C LYS O 219 15.26 12.82 -10.79
N GLU O 220 15.32 12.01 -9.72
CA GLU O 220 15.38 10.56 -9.97
C GLU O 220 14.08 10.04 -10.57
N LEU O 221 12.95 10.63 -10.21
CA LEU O 221 11.70 10.23 -10.82
C LEU O 221 11.70 10.52 -12.32
N ARG O 222 12.21 11.68 -12.71
CA ARG O 222 12.27 12.02 -14.13
C ARG O 222 13.25 11.10 -14.85
N LYS O 223 14.36 10.78 -14.20
CA LYS O 223 15.31 9.81 -14.74
C LYS O 223 14.64 8.48 -15.00
N LEU O 224 13.85 8.00 -14.04
CA LEU O 224 13.20 6.71 -14.19
C LEU O 224 12.15 6.75 -15.29
N TYR O 225 11.42 7.85 -15.40
CA TYR O 225 10.47 7.98 -16.50
C TYR O 225 11.19 7.96 -17.84
N ALA O 226 12.36 8.57 -17.91
CA ALA O 226 13.15 8.52 -19.14
C ALA O 226 13.54 7.08 -19.46
N PHE O 227 14.03 6.35 -18.45
CA PHE O 227 14.44 4.97 -18.69
C PHE O 227 13.26 4.13 -19.19
N ALA O 228 12.11 4.29 -18.55
CA ALA O 228 10.94 3.53 -18.96
C ALA O 228 10.30 4.08 -20.23
N GLY O 229 10.46 5.37 -20.51
CA GLY O 229 9.79 5.99 -21.63
C GLY O 229 8.31 6.16 -21.38
N GLU O 230 7.96 6.79 -20.26
CA GLU O 230 6.58 6.94 -19.83
C GLU O 230 6.07 8.37 -20.02
N ASP O 231 6.76 9.36 -19.46
CA ASP O 231 6.38 10.76 -19.58
C ASP O 231 7.07 11.44 -20.75
N LYS O 232 7.32 10.72 -21.82
CA LYS O 232 8.10 11.26 -22.92
C LYS O 232 7.47 12.54 -23.45
N GLY O 233 8.32 13.54 -23.66
CA GLY O 233 7.88 14.87 -24.04
C GLY O 233 7.84 15.87 -22.91
N MET O 234 8.17 15.46 -21.68
CA MET O 234 8.12 16.38 -20.55
C MET O 234 9.47 16.97 -20.20
N LEU O 235 10.55 16.19 -20.32
CA LEU O 235 11.86 16.76 -20.10
C LEU O 235 12.30 17.59 -21.29
N TYR O 236 11.90 17.16 -22.48
CA TYR O 236 12.12 17.95 -23.68
C TYR O 236 11.43 19.30 -23.57
N SER O 237 10.21 19.32 -23.06
CA SER O 237 9.36 20.50 -23.05
C SER O 237 9.45 21.31 -21.76
N GLY O 238 10.27 20.90 -20.81
CA GLY O 238 10.41 21.69 -19.60
C GLY O 238 9.22 21.64 -18.67
N LEU O 239 8.27 20.74 -18.90
CA LEU O 239 7.06 20.65 -18.08
C LEU O 239 7.35 19.81 -16.84
N LEU O 240 6.30 19.45 -16.09
CA LEU O 240 6.44 18.71 -14.86
C LEU O 240 5.87 17.30 -14.92
N GLY O 241 5.34 16.88 -16.07
CA GLY O 241 4.87 15.52 -16.20
C GLY O 241 3.75 15.20 -15.22
N VAL O 242 3.72 13.94 -14.79
CA VAL O 242 2.73 13.47 -13.83
C VAL O 242 3.44 12.80 -12.68
N ILE O 243 2.77 12.76 -11.53
CA ILE O 243 3.26 12.10 -10.34
C ILE O 243 2.11 11.31 -9.75
N ASP O 244 2.32 9.99 -9.58
CA ASP O 244 1.30 9.11 -9.02
C ASP O 244 -0.01 9.22 -9.78
N ASN O 245 0.08 9.29 -11.11
CA ASN O 245 -1.02 9.30 -12.06
C ASN O 245 -1.69 10.67 -12.07
N CYS O 246 -1.25 11.61 -11.25
CA CYS O 246 -1.84 12.93 -11.17
C CYS O 246 -1.00 13.93 -11.93
N PRO O 247 -1.54 14.57 -12.97
CA PRO O 247 -0.78 15.62 -13.66
C PRO O 247 -0.42 16.74 -12.70
N VAL O 248 0.81 17.21 -12.81
CA VAL O 248 1.30 18.34 -12.03
C VAL O 248 1.47 19.50 -12.99
N ILE O 249 0.80 20.61 -12.68
CA ILE O 249 0.63 21.72 -13.60
C ILE O 249 1.24 22.97 -12.97
N ASP O 250 2.04 23.68 -13.76
CA ASP O 250 2.52 25.00 -13.36
C ASP O 250 1.45 26.01 -13.80
N ALA O 251 0.62 26.43 -12.85
CA ALA O 251 -0.45 27.36 -13.19
C ALA O 251 0.09 28.76 -13.43
N GLY O 252 1.00 29.22 -12.58
CA GLY O 252 1.58 30.53 -12.76
C GLY O 252 1.71 31.28 -11.46
N VAL O 253 1.71 32.61 -11.53
CA VAL O 253 1.74 33.45 -10.35
C VAL O 253 0.64 34.49 -10.47
N TRP O 254 -0.03 34.77 -9.37
CA TRP O 254 -1.03 35.82 -9.33
C TRP O 254 -0.34 37.17 -9.27
N ASN O 255 -0.69 38.04 -10.22
CA ASN O 255 -0.18 39.40 -10.23
C ASN O 255 -1.23 40.30 -10.87
N LYS O 256 -0.85 41.53 -11.17
CA LYS O 256 -1.78 42.42 -11.86
C LYS O 256 -1.95 42.00 -13.32
N LEU O 257 -0.92 41.43 -13.93
CA LEU O 257 -0.93 41.24 -15.36
C LEU O 257 -1.69 39.99 -15.78
N ASN O 258 -1.58 38.91 -15.02
CA ASN O 258 -2.21 37.67 -15.42
C ASN O 258 -2.55 36.83 -14.20
N VAL O 259 -3.33 35.81 -14.44
CA VAL O 259 -3.82 34.92 -13.40
C VAL O 259 -2.83 33.79 -13.17
N GLY O 260 -2.72 33.39 -11.92
CA GLY O 260 -1.92 32.24 -11.54
C GLY O 260 -2.23 31.92 -10.10
N MET O 261 -1.61 30.86 -9.61
CA MET O 261 -1.85 30.47 -8.24
C MET O 261 -1.41 31.59 -7.31
N PRO O 262 -2.19 31.91 -6.29
CA PRO O 262 -1.90 33.09 -5.48
C PRO O 262 -0.69 32.91 -4.60
N ASN O 263 -0.41 33.92 -3.79
CA ASN O 263 0.69 33.88 -2.84
C ASN O 263 0.44 34.96 -1.81
N SER O 264 1.27 34.97 -0.78
CA SER O 264 1.02 35.87 0.33
C SER O 264 1.35 37.32 0.03
N SER O 265 1.84 37.64 -1.16
CA SER O 265 2.06 39.04 -1.50
C SER O 265 0.81 39.71 -2.04
N ILE O 266 -0.23 38.94 -2.36
CA ILE O 266 -1.48 39.53 -2.81
C ILE O 266 -2.17 40.18 -1.62
N SER O 267 -2.53 41.45 -1.78
CA SER O 267 -3.15 42.18 -0.68
C SER O 267 -4.54 41.62 -0.39
N ASP O 268 -5.03 41.91 0.82
CA ASP O 268 -6.32 41.38 1.23
C ASP O 268 -7.44 41.87 0.32
N SER O 269 -7.44 43.16 0.00
CA SER O 269 -8.49 43.71 -0.83
C SER O 269 -8.44 43.14 -2.24
N ASP O 270 -7.24 43.08 -2.82
CA ASP O 270 -7.08 42.56 -4.17
C ASP O 270 -7.41 41.09 -4.28
N PHE O 271 -7.52 40.39 -3.16
CA PHE O 271 -7.99 39.01 -3.18
C PHE O 271 -9.49 38.94 -2.98
N THR O 272 -10.02 39.65 -1.99
CA THR O 272 -11.46 39.61 -1.75
C THR O 272 -12.27 40.24 -2.86
N ARG O 273 -11.64 41.00 -3.77
CA ARG O 273 -12.38 41.51 -4.92
C ARG O 273 -13.04 40.38 -5.70
N TYR O 274 -12.43 39.21 -5.72
CA TYR O 274 -12.85 38.12 -6.58
C TYR O 274 -13.63 37.05 -5.84
N LEU O 275 -14.04 37.31 -4.61
CA LEU O 275 -14.88 36.41 -3.85
C LEU O 275 -16.32 36.93 -3.88
N ASN O 276 -17.27 36.02 -4.07
CA ASN O 276 -18.64 36.44 -4.28
C ASN O 276 -19.23 37.04 -3.00
N LYS O 277 -18.81 36.54 -1.84
CA LYS O 277 -19.26 37.03 -0.53
C LYS O 277 -20.70 36.63 -0.27
N ALA O 278 -21.35 36.09 -1.30
CA ALA O 278 -22.62 35.41 -1.14
C ALA O 278 -22.48 33.91 -1.31
N ASN O 279 -21.41 33.45 -1.95
CA ASN O 279 -21.13 32.05 -2.10
C ASN O 279 -20.07 31.54 -1.13
N VAL O 280 -19.41 32.44 -0.42
CA VAL O 280 -18.41 32.05 0.57
C VAL O 280 -18.92 32.41 1.94
N SER O 281 -18.69 31.52 2.90
CA SER O 281 -19.08 31.76 4.28
C SER O 281 -17.98 32.44 5.06
N ASN O 282 -16.73 32.10 4.78
CA ASN O 282 -15.59 32.65 5.51
C ASN O 282 -14.51 33.06 4.53
N ILE O 283 -13.78 34.11 4.89
CA ILE O 283 -12.73 34.67 4.05
C ILE O 283 -11.41 34.41 4.73
N VAL O 284 -10.50 33.75 4.03
CA VAL O 284 -9.13 33.54 4.50
C VAL O 284 -8.22 33.83 3.31
N THR O 285 -7.64 35.01 3.28
CA THR O 285 -6.76 35.42 2.21
C THR O 285 -5.35 34.92 2.46
N PRO O 286 -4.49 34.89 1.44
CA PRO O 286 -3.11 34.45 1.66
C PRO O 286 -2.38 35.24 2.73
N MET O 287 -2.65 36.53 2.90
CA MET O 287 -2.17 37.24 4.08
C MET O 287 -2.63 36.55 5.34
N GLN O 288 -3.93 36.26 5.43
CA GLN O 288 -4.49 35.66 6.62
C GLN O 288 -4.00 34.23 6.81
N LEU O 289 -3.87 33.49 5.70
CA LEU O 289 -3.34 32.13 5.80
C LEU O 289 -1.89 32.13 6.27
N LYS O 290 -1.08 33.07 5.79
CA LYS O 290 0.29 33.17 6.25
C LYS O 290 0.34 33.49 7.72
N GLU O 291 -0.50 34.42 8.18
CA GLU O 291 -0.55 34.69 9.61
C GLU O 291 -0.98 33.46 10.38
N LYS O 292 -1.93 32.70 9.83
CA LYS O 292 -2.44 31.51 10.49
C LYS O 292 -1.33 30.49 10.71
N LEU O 293 -0.73 30.01 9.63
CA LEU O 293 0.33 29.02 9.78
C LEU O 293 1.60 29.61 10.38
N ASN O 294 1.69 30.94 10.49
CA ASN O 294 2.80 31.56 11.18
C ASN O 294 2.65 31.51 12.70
N GLN O 295 1.48 31.12 13.20
CA GLN O 295 1.29 31.01 14.64
C GLN O 295 2.07 29.85 15.23
N GLU O 296 2.45 28.87 14.41
CA GLU O 296 3.26 27.75 14.86
C GLU O 296 4.47 27.54 13.97
N ASP O 312 7.67 34.69 3.16
CA ASP O 312 6.41 34.76 2.43
C ASP O 312 6.05 33.41 1.84
N ILE O 313 4.75 33.12 1.73
CA ILE O 313 4.29 31.80 1.36
C ILE O 313 3.70 31.82 -0.04
N SER O 314 3.32 30.65 -0.54
CA SER O 314 2.82 30.51 -1.89
C SER O 314 1.88 29.32 -1.92
N ILE O 315 0.74 29.48 -2.57
CA ILE O 315 -0.38 28.55 -2.47
C ILE O 315 -0.48 27.73 -3.74
N GLY O 316 -0.72 26.42 -3.58
CA GLY O 316 -1.11 25.57 -4.67
C GLY O 316 -2.26 24.70 -4.23
N CYS O 317 -2.79 23.95 -5.17
CA CYS O 317 -3.98 23.16 -4.88
C CYS O 317 -3.84 21.74 -5.43
N LEU O 318 -4.50 20.82 -4.75
CA LEU O 318 -4.83 19.52 -5.27
C LEU O 318 -6.33 19.48 -5.48
N ILE O 319 -6.73 19.11 -6.70
CA ILE O 319 -8.06 19.32 -7.22
C ILE O 319 -8.65 17.96 -7.58
N GLY O 320 -9.82 17.66 -7.03
CA GLY O 320 -10.60 16.52 -7.44
C GLY O 320 -11.77 16.93 -8.31
N ALA O 321 -12.64 15.96 -8.57
CA ALA O 321 -13.80 16.22 -9.41
C ALA O 321 -14.72 17.21 -8.74
N SER O 322 -15.20 18.18 -9.51
CA SER O 322 -16.14 19.21 -9.03
C SER O 322 -15.58 19.96 -7.82
N ALA O 323 -14.31 20.34 -7.92
CA ALA O 323 -13.70 21.13 -6.86
C ALA O 323 -14.29 22.53 -6.82
N VAL O 324 -14.57 23.12 -7.98
CA VAL O 324 -15.19 24.43 -8.09
C VAL O 324 -16.40 24.30 -8.99
N LEU O 325 -17.51 24.87 -8.55
CA LEU O 325 -18.79 24.82 -9.25
C LEU O 325 -19.06 26.16 -9.89
N LEU O 326 -19.33 26.14 -11.19
CA LEU O 326 -19.73 27.32 -11.93
C LEU O 326 -21.20 27.19 -12.29
N ALA O 327 -21.98 28.18 -11.91
CA ALA O 327 -23.39 28.25 -12.27
C ALA O 327 -23.61 29.47 -13.15
N GLY O 328 -24.38 29.29 -14.22
CA GLY O 328 -24.75 30.39 -15.07
C GLY O 328 -24.10 30.28 -16.44
N SER O 329 -23.92 31.43 -17.08
CA SER O 329 -23.44 31.50 -18.45
C SER O 329 -21.94 31.72 -18.47
N LYS O 330 -21.24 30.92 -19.27
CA LYS O 330 -19.83 31.16 -19.54
C LYS O 330 -19.62 32.18 -20.66
N GLU O 331 -20.68 32.55 -21.38
CA GLU O 331 -20.56 33.49 -22.47
C GLU O 331 -20.42 34.92 -21.95
N THR O 332 -19.88 35.78 -22.81
CA THR O 332 -19.54 37.15 -22.49
C THR O 332 -20.28 38.09 -23.43
N ARG O 333 -20.77 39.22 -22.90
CA ARG O 333 -21.47 40.18 -23.72
C ARG O 333 -20.67 41.47 -23.87
N PHE O 334 -20.70 42.02 -25.09
CA PHE O 334 -20.06 43.28 -25.41
C PHE O 334 -21.13 44.32 -25.74
N TYR O 335 -20.90 45.54 -25.31
CA TYR O 335 -21.80 46.66 -25.59
C TYR O 335 -20.99 47.79 -26.20
N ILE O 336 -21.40 48.22 -27.39
CA ILE O 336 -20.72 49.28 -28.11
C ILE O 336 -21.68 50.47 -28.16
N ASP O 337 -21.25 51.60 -27.63
CA ASP O 337 -22.06 52.81 -27.56
C ASP O 337 -21.33 53.90 -28.34
N GLU O 338 -21.68 54.03 -29.61
CA GLU O 338 -21.04 55.03 -30.46
C GLU O 338 -21.50 56.44 -30.14
N THR O 339 -22.61 56.61 -29.44
CA THR O 339 -23.25 57.91 -29.25
C THR O 339 -22.88 58.52 -27.91
N VAL O 340 -21.59 58.79 -27.72
CA VAL O 340 -21.10 59.45 -26.52
C VAL O 340 -20.52 60.79 -26.94
N ASP O 341 -20.79 61.83 -26.14
CA ASP O 341 -20.34 63.17 -26.44
C ASP O 341 -20.82 63.61 -27.82
N ALA O 342 -22.09 63.33 -28.09
CA ALA O 342 -22.79 63.57 -29.36
C ALA O 342 -22.30 62.68 -30.49
N GLY O 343 -21.31 61.83 -30.25
CA GLY O 343 -20.73 61.01 -31.29
C GLY O 343 -19.23 61.14 -31.41
N ARG O 344 -18.62 62.15 -30.78
CA ARG O 344 -17.17 62.28 -30.85
C ARG O 344 -16.48 61.11 -30.18
N LYS O 345 -17.15 60.46 -29.23
CA LYS O 345 -16.55 59.40 -28.44
C LYS O 345 -17.43 58.16 -28.49
N SER O 346 -16.82 57.02 -28.23
CA SER O 346 -17.55 55.76 -28.12
C SER O 346 -17.13 55.08 -26.84
N LEU O 347 -18.04 54.30 -26.29
CA LEU O 347 -17.81 53.57 -25.05
C LEU O 347 -17.99 52.08 -25.33
N VAL O 348 -16.97 51.30 -25.00
CA VAL O 348 -17.01 49.86 -25.21
C VAL O 348 -16.99 49.19 -23.84
N GLY O 349 -18.00 48.38 -23.56
CA GLY O 349 -18.08 47.69 -22.31
C GLY O 349 -18.21 46.20 -22.49
N VAL O 350 -17.83 45.45 -21.47
CA VAL O 350 -17.85 44.00 -21.50
C VAL O 350 -18.39 43.53 -20.16
N ASP O 351 -19.28 42.54 -20.20
CA ASP O 351 -20.02 42.17 -19.01
C ASP O 351 -20.33 40.68 -19.04
N CYS O 352 -20.36 40.08 -17.86
CA CYS O 352 -20.80 38.71 -17.69
C CYS O 352 -21.24 38.51 -16.25
N LEU O 353 -22.24 37.64 -16.07
CA LEU O 353 -22.63 37.22 -14.74
C LEU O 353 -22.37 35.72 -14.62
N LEU O 354 -21.75 35.34 -13.50
CA LEU O 354 -21.29 33.97 -13.32
C LEU O 354 -21.14 33.72 -11.84
N GLY O 355 -21.74 32.65 -11.34
CA GLY O 355 -21.55 32.31 -9.94
C GLY O 355 -20.49 31.25 -9.79
N VAL O 356 -19.40 31.58 -9.11
CA VAL O 356 -18.33 30.64 -8.84
C VAL O 356 -18.35 30.31 -7.37
N SER O 357 -18.18 29.04 -7.04
CA SER O 357 -18.09 28.70 -5.63
C SER O 357 -17.30 27.41 -5.45
N LYS O 358 -16.41 27.40 -4.46
CA LYS O 358 -15.73 26.17 -4.11
C LYS O 358 -16.72 25.26 -3.41
N ALA O 359 -16.85 24.03 -3.90
CA ALA O 359 -17.85 23.11 -3.36
C ALA O 359 -17.65 22.92 -1.87
N ARG O 360 -18.71 23.15 -1.10
CA ARG O 360 -18.61 23.05 0.34
C ARG O 360 -19.72 22.19 0.95
N TYR O 361 -20.94 22.28 0.43
CA TYR O 361 -22.01 21.37 0.81
C TYR O 361 -22.29 21.36 2.31
N GLN O 362 -22.88 22.42 2.84
CA GLN O 362 -23.07 22.53 4.29
C GLN O 362 -23.91 21.42 4.89
N SER O 363 -25.22 21.40 4.62
CA SER O 363 -26.11 20.37 5.16
C SER O 363 -27.54 20.62 4.68
N THR O 364 -28.47 19.77 5.10
CA THR O 364 -29.88 20.07 4.92
C THR O 364 -30.55 20.22 6.28
N ASP O 365 -30.46 19.19 7.10
CA ASP O 365 -30.99 19.20 8.45
C ASP O 365 -29.88 19.55 9.44
N GLY O 366 -30.12 19.34 10.72
CA GLY O 366 -29.11 19.62 11.73
C GLY O 366 -28.11 18.52 11.98
N VAL O 367 -28.16 17.43 11.20
CA VAL O 367 -27.27 16.30 11.44
C VAL O 367 -25.85 16.68 11.05
N VAL O 368 -24.89 16.21 11.85
CA VAL O 368 -23.46 16.48 11.62
C VAL O 368 -22.84 15.29 10.92
N THR O 369 -22.06 15.56 9.88
CA THR O 369 -21.35 14.55 9.11
C THR O 369 -19.90 14.96 9.01
N PRO O 370 -19.02 14.16 8.40
CA PRO O 370 -17.67 14.64 8.11
C PRO O 370 -17.56 15.54 6.89
N TYR O 371 -18.68 15.94 6.29
CA TYR O 371 -18.66 16.73 5.06
C TYR O 371 -19.02 18.19 5.26
N ASP O 372 -19.39 18.61 6.48
CA ASP O 372 -20.16 19.83 6.61
C ASP O 372 -19.43 21.09 6.14
N ASN O 373 -18.44 21.55 6.90
CA ASN O 373 -17.65 22.70 6.50
C ASN O 373 -16.30 22.24 5.93
N GLN O 374 -16.37 21.37 4.93
CA GLN O 374 -15.19 20.76 4.37
C GLN O 374 -15.17 21.01 2.88
N ASP O 375 -14.05 21.50 2.36
CA ASP O 375 -13.87 21.59 0.93
C ASP O 375 -14.07 20.21 0.33
N TYR O 376 -15.01 20.10 -0.59
CA TYR O 376 -15.38 18.80 -1.13
C TYR O 376 -14.20 18.12 -1.81
N ALA O 377 -13.49 18.86 -2.66
CA ALA O 377 -12.44 18.23 -3.47
C ALA O 377 -11.22 19.13 -3.62
N VAL O 378 -10.77 19.76 -2.54
CA VAL O 378 -9.60 20.63 -2.62
C VAL O 378 -8.70 20.36 -1.42
N ILE O 379 -7.40 20.24 -1.67
CA ILE O 379 -6.39 20.21 -0.62
C ILE O 379 -5.39 21.33 -0.87
N GLY O 380 -5.12 22.14 0.16
CA GLY O 380 -4.17 23.21 0.00
C GLY O 380 -2.73 22.72 0.07
N LEU O 381 -1.84 23.45 -0.59
CA LEU O 381 -0.42 23.07 -0.66
C LEU O 381 0.39 24.35 -0.50
N VAL O 382 0.75 24.68 0.71
CA VAL O 382 1.45 25.92 0.99
C VAL O 382 2.93 25.64 1.04
N SER O 383 3.74 26.53 0.46
CA SER O 383 5.17 26.39 0.53
C SER O 383 5.81 27.77 0.46
N ASN O 384 6.93 27.94 1.14
CA ASN O 384 7.68 29.18 1.02
C ASN O 384 8.07 29.40 -0.43
N MET O 385 7.96 30.63 -0.91
CA MET O 385 8.48 30.92 -2.24
C MET O 385 9.80 31.69 -2.20
N GLU O 386 9.96 32.61 -1.26
CA GLU O 386 11.17 33.40 -1.16
C GLU O 386 11.58 33.58 0.30
N LYS P 4 0.54 -103.38 55.54
CA LYS P 4 1.02 -103.92 56.82
C LYS P 4 0.08 -103.51 57.94
N LEU P 5 -0.12 -102.20 58.08
CA LEU P 5 -0.95 -101.69 59.16
C LEU P 5 -2.38 -102.16 59.01
N ASN P 6 -2.90 -102.18 57.80
CA ASN P 6 -4.26 -102.63 57.51
C ASN P 6 -5.27 -101.88 58.35
N ASN P 7 -5.06 -100.58 58.50
CA ASN P 7 -6.09 -99.76 59.14
C ASN P 7 -7.23 -99.54 58.15
N ILE P 8 -8.24 -98.76 58.56
CA ILE P 8 -9.38 -98.53 57.70
C ILE P 8 -8.92 -97.68 56.52
N ASN P 9 -9.09 -98.21 55.30
CA ASN P 9 -8.71 -97.49 54.09
C ASN P 9 -9.88 -96.62 53.68
N PHE P 10 -9.92 -95.40 54.20
CA PHE P 10 -11.04 -94.50 53.96
C PHE P 10 -11.13 -94.06 52.51
N ASN P 11 -10.10 -94.33 51.71
CA ASN P 11 -10.14 -93.98 50.29
C ASN P 11 -11.30 -94.70 49.60
N ASN P 12 -11.54 -94.33 48.35
CA ASN P 12 -12.71 -94.79 47.64
C ASN P 12 -12.32 -95.12 46.22
N ILE P 13 -13.34 -95.29 45.36
CA ILE P 13 -13.10 -95.72 44.00
C ILE P 13 -12.36 -94.67 43.19
N SER P 14 -12.35 -93.42 43.64
CA SER P 14 -11.58 -92.39 42.94
C SER P 14 -10.09 -92.69 42.99
N ASN P 15 -9.60 -93.10 44.15
CA ASN P 15 -8.18 -93.39 44.33
C ASN P 15 -7.74 -94.68 43.66
N ASN P 16 -8.63 -95.36 42.97
CA ASN P 16 -8.25 -96.56 42.22
C ASN P 16 -7.54 -96.13 40.95
N PRO P 17 -6.25 -96.45 40.78
CA PRO P 17 -5.51 -95.97 39.62
C PRO P 17 -5.73 -96.79 38.35
N ASN P 18 -6.60 -97.78 38.39
CA ASN P 18 -6.95 -98.53 37.20
C ASN P 18 -8.10 -97.91 36.44
N LEU P 19 -8.63 -96.79 36.92
CA LEU P 19 -9.80 -96.15 36.34
C LEU P 19 -9.37 -94.89 35.61
N GLY P 20 -9.75 -94.78 34.34
CA GLY P 20 -9.44 -93.62 33.54
C GLY P 20 -10.63 -92.67 33.46
N ILE P 21 -10.37 -91.41 33.77
CA ILE P 21 -11.41 -90.39 33.72
C ILE P 21 -11.66 -89.99 32.28
N GLU P 22 -12.93 -89.83 31.93
CA GLU P 22 -13.34 -89.33 30.64
C GLU P 22 -14.10 -88.03 30.86
N VAL P 23 -13.74 -86.98 30.11
CA VAL P 23 -14.41 -85.70 30.28
C VAL P 23 -15.28 -85.48 29.06
N GLY P 24 -16.37 -84.73 29.24
CA GLY P 24 -17.28 -84.48 28.14
C GLY P 24 -16.64 -83.57 27.12
N ARG P 25 -16.71 -83.98 25.85
CA ARG P 25 -16.20 -83.13 24.77
C ARG P 25 -16.96 -81.81 24.73
N GLU P 26 -18.28 -81.88 24.81
CA GLU P 26 -19.11 -80.68 24.77
C GLU P 26 -19.11 -80.02 26.14
N ILE P 27 -18.87 -78.71 26.15
CA ILE P 27 -18.97 -77.91 27.36
C ILE P 27 -20.34 -77.26 27.36
N GLN P 28 -21.15 -77.57 28.37
CA GLN P 28 -22.46 -76.96 28.47
C GLN P 28 -22.33 -75.49 28.80
N ASN P 29 -23.01 -74.65 28.03
CA ASN P 29 -22.97 -73.22 28.28
C ASN P 29 -23.91 -72.87 29.42
N ALA P 30 -23.39 -72.18 30.41
CA ALA P 30 -24.15 -71.97 31.64
C ALA P 30 -25.27 -70.96 31.43
N SER P 31 -24.99 -69.88 30.71
CA SER P 31 -25.93 -68.76 30.66
C SER P 31 -27.17 -69.11 29.86
N TRP P 32 -28.33 -68.76 30.41
CA TRP P 32 -29.62 -69.05 29.81
C TRP P 32 -30.59 -67.87 29.82
N VAL P 33 -30.39 -66.86 30.66
CA VAL P 33 -31.40 -65.84 30.88
C VAL P 33 -31.48 -64.91 29.68
N LYS P 34 -32.70 -64.52 29.33
CA LYS P 34 -32.94 -63.51 28.32
C LYS P 34 -33.65 -62.32 28.96
N SER P 35 -33.37 -61.14 28.46
CA SER P 35 -33.95 -59.94 29.04
C SER P 35 -34.99 -59.37 28.10
N PRO P 36 -36.05 -58.73 28.63
CA PRO P 36 -37.17 -58.32 27.78
C PRO P 36 -36.91 -57.08 26.94
N PHE P 37 -35.78 -56.39 27.12
CA PHE P 37 -35.60 -55.09 26.48
C PHE P 37 -35.57 -55.18 24.97
N PHE P 38 -35.12 -56.31 24.42
CA PHE P 38 -35.13 -56.48 22.97
C PHE P 38 -36.52 -56.26 22.40
N SER P 39 -37.56 -56.56 23.18
CA SER P 39 -38.93 -56.35 22.72
C SER P 39 -39.35 -54.89 22.80
N ILE P 40 -38.87 -54.14 23.80
CA ILE P 40 -39.40 -52.80 24.03
C ILE P 40 -38.55 -51.77 23.33
N THR P 41 -37.69 -52.21 22.42
CA THR P 41 -36.78 -51.34 21.70
C THR P 41 -37.10 -51.38 20.22
N GLY P 42 -37.23 -50.20 19.61
CA GLY P 42 -37.53 -50.14 18.20
C GLY P 42 -37.23 -48.76 17.66
N THR P 43 -37.68 -48.52 16.43
CA THR P 43 -37.46 -47.26 15.75
C THR P 43 -38.66 -46.32 15.81
N GLY P 44 -39.86 -46.85 16.00
CA GLY P 44 -41.02 -45.99 16.09
C GLY P 44 -40.99 -45.11 17.32
N ALA P 45 -41.62 -43.95 17.20
CA ALA P 45 -41.62 -42.98 18.30
C ALA P 45 -42.35 -43.49 19.53
N ASP P 46 -43.19 -44.52 19.38
CA ASP P 46 -43.95 -45.05 20.51
C ASP P 46 -43.10 -45.92 21.43
N ARG P 47 -42.03 -46.53 20.91
CA ARG P 47 -41.26 -47.50 21.67
C ARG P 47 -40.67 -46.88 22.92
N GLY P 48 -40.66 -47.64 24.02
CA GLY P 48 -40.10 -47.14 25.26
C GLY P 48 -38.62 -46.86 25.14
N VAL P 49 -37.91 -47.64 24.35
CA VAL P 49 -36.51 -47.39 24.01
C VAL P 49 -36.45 -47.25 22.50
N ARG P 50 -35.91 -46.14 22.02
CA ARG P 50 -35.96 -45.80 20.60
C ARG P 50 -34.57 -45.79 19.99
N LEU P 51 -34.47 -46.31 18.78
CA LEU P 51 -33.21 -46.40 18.04
C LEU P 51 -33.19 -45.37 16.93
N PHE P 52 -32.11 -44.59 16.88
CA PHE P 52 -31.91 -43.57 15.86
C PHE P 52 -30.82 -44.04 14.91
N SER P 53 -31.21 -44.38 13.68
CA SER P 53 -30.26 -44.77 12.65
C SER P 53 -29.73 -43.51 11.98
N VAL P 54 -28.72 -42.90 12.61
CA VAL P 54 -28.15 -41.67 12.10
C VAL P 54 -27.45 -41.90 10.77
N ALA P 55 -26.83 -43.07 10.60
CA ALA P 55 -26.13 -43.48 9.38
C ALA P 55 -24.86 -42.66 9.17
N SER P 56 -24.64 -41.66 10.02
CA SER P 56 -23.38 -40.96 10.09
C SER P 56 -22.78 -40.98 11.49
N GLN P 57 -23.54 -41.46 12.48
CA GLN P 57 -23.04 -41.80 13.82
C GLN P 57 -22.50 -40.58 14.55
N GLN P 58 -22.57 -39.40 13.94
CA GLN P 58 -22.17 -38.21 14.64
C GLN P 58 -23.11 -37.96 15.81
N PRO P 59 -22.60 -37.39 16.90
CA PRO P 59 -23.44 -37.17 18.08
C PRO P 59 -24.80 -36.56 17.76
N PHE P 60 -25.86 -37.31 18.01
CA PHE P 60 -27.18 -36.88 17.60
C PHE P 60 -27.71 -35.81 18.54
N ARG P 61 -28.75 -35.11 18.10
CA ARG P 61 -29.38 -34.07 18.92
C ARG P 61 -30.85 -33.96 18.56
N PRO P 62 -31.71 -34.66 19.29
CA PRO P 62 -33.15 -34.47 19.11
C PRO P 62 -33.69 -33.27 19.87
N ARG P 63 -34.78 -32.73 19.33
CA ARG P 63 -35.44 -31.53 19.83
C ARG P 63 -36.93 -31.76 19.93
N ILE P 64 -37.55 -31.08 20.90
CA ILE P 64 -38.99 -31.10 21.10
C ILE P 64 -39.51 -29.69 21.28
N LYS P 65 -40.74 -29.46 20.83
CA LYS P 65 -41.40 -28.18 21.00
C LYS P 65 -42.29 -28.23 22.24
N ALA P 66 -42.06 -27.32 23.18
CA ALA P 66 -42.89 -27.25 24.37
C ALA P 66 -44.25 -26.63 24.03
N GLN P 67 -45.29 -27.09 24.71
CA GLN P 67 -46.63 -26.57 24.46
C GLN P 67 -46.77 -25.16 25.02
N LEU P 68 -47.58 -24.37 24.33
CA LEU P 68 -47.83 -22.99 24.71
C LEU P 68 -48.70 -22.95 25.96
N THR P 69 -48.25 -22.22 26.98
CA THR P 69 -48.97 -22.12 28.25
C THR P 69 -49.07 -20.68 28.69
N GLY P 70 -49.47 -19.80 27.78
CA GLY P 70 -49.59 -18.39 28.06
C GLY P 70 -51.05 -17.96 27.97
N SER P 71 -51.44 -17.03 28.82
CA SER P 71 -52.71 -16.34 28.64
C SER P 71 -52.59 -15.41 27.45
N GLY P 72 -53.55 -15.50 26.53
CA GLY P 72 -53.43 -14.72 25.33
C GLY P 72 -53.82 -13.28 25.58
N VAL P 73 -54.55 -12.69 24.65
CA VAL P 73 -55.11 -11.36 24.81
C VAL P 73 -56.62 -11.45 24.66
N SER P 74 -57.33 -10.70 25.47
CA SER P 74 -58.78 -10.78 25.54
C SER P 74 -59.42 -9.56 24.88
N GLY P 75 -60.30 -9.81 23.94
CA GLY P 75 -61.09 -8.78 23.31
C GLY P 75 -60.35 -7.92 22.32
N ASN P 76 -60.48 -6.60 22.46
CA ASN P 76 -59.91 -5.69 21.48
C ASN P 76 -58.41 -5.47 21.65
N THR P 77 -57.84 -5.91 22.76
CA THR P 77 -56.40 -5.80 22.96
C THR P 77 -55.68 -6.54 21.83
N ASP P 78 -54.59 -5.96 21.35
CA ASP P 78 -53.86 -6.57 20.25
C ASP P 78 -52.71 -7.41 20.78
N PHE P 79 -52.23 -8.30 19.93
CA PHE P 79 -51.37 -9.39 20.36
C PHE P 79 -50.13 -8.90 21.10
N GLU P 80 -49.61 -7.74 20.73
CA GLU P 80 -48.35 -7.28 21.28
C GLU P 80 -48.39 -7.15 22.80
N ALA P 81 -49.56 -6.92 23.36
CA ALA P 81 -49.64 -6.75 24.80
C ALA P 81 -49.30 -8.03 25.53
N ASN P 82 -49.47 -9.18 24.89
CA ASN P 82 -49.06 -10.44 25.49
C ASN P 82 -48.63 -11.38 24.37
N TYR P 83 -47.33 -11.37 24.08
CA TYR P 83 -46.74 -12.32 23.15
C TYR P 83 -46.48 -13.63 23.87
N ASP P 84 -46.68 -14.73 23.16
CA ASP P 84 -46.29 -16.01 23.73
C ASP P 84 -44.85 -16.35 23.31
N ASN P 85 -44.26 -17.29 24.03
CA ASN P 85 -42.90 -17.73 23.78
C ASN P 85 -42.92 -19.12 23.17
N LEU P 86 -42.26 -19.28 22.04
CA LEU P 86 -42.09 -20.59 21.43
C LEU P 86 -40.78 -21.19 21.93
N GLU P 87 -40.87 -22.31 22.63
CA GLU P 87 -39.74 -22.91 23.32
C GLU P 87 -39.36 -24.23 22.66
N ILE P 88 -38.08 -24.39 22.36
CA ILE P 88 -37.56 -25.60 21.74
C ILE P 88 -36.48 -26.16 22.63
N LEU P 89 -36.65 -27.40 23.07
CA LEU P 89 -35.71 -28.07 23.95
C LEU P 89 -34.94 -29.13 23.18
N SER P 90 -33.73 -29.42 23.65
CA SER P 90 -32.88 -30.35 22.92
C SER P 90 -32.06 -31.16 23.90
N GLN P 91 -31.57 -32.30 23.42
CA GLN P 91 -30.47 -32.97 24.10
C GLN P 91 -29.59 -33.63 23.07
N THR P 92 -28.34 -33.86 23.44
CA THR P 92 -27.36 -34.45 22.54
C THR P 92 -26.85 -35.76 23.12
N ILE P 93 -26.70 -36.74 22.23
CA ILE P 93 -26.25 -38.08 22.58
C ILE P 93 -24.94 -38.36 21.87
N TYR P 94 -23.92 -38.72 22.63
CA TYR P 94 -22.57 -39.02 22.17
C TYR P 94 -22.34 -40.51 22.18
N PRO P 95 -21.92 -41.11 21.07
CA PRO P 95 -21.64 -42.55 21.07
C PRO P 95 -20.49 -42.91 21.98
N ASP P 96 -20.51 -44.15 22.46
CA ASP P 96 -19.48 -44.71 23.32
C ASP P 96 -18.93 -45.98 22.72
N ALA P 97 -17.62 -46.18 22.84
CA ALA P 97 -16.95 -47.35 22.28
C ALA P 97 -16.52 -48.26 23.41
N PHE P 98 -16.94 -49.51 23.36
CA PHE P 98 -16.59 -50.46 24.40
C PHE P 98 -16.43 -51.84 23.78
N GLY P 99 -15.53 -52.62 24.35
CA GLY P 99 -15.30 -53.95 23.83
C GLY P 99 -14.64 -54.81 24.88
N ASN P 100 -14.49 -56.09 24.54
CA ASN P 100 -13.83 -57.05 25.40
C ASN P 100 -13.09 -58.06 24.54
N SER P 101 -11.95 -58.53 25.05
CA SER P 101 -11.16 -59.51 24.32
C SER P 101 -10.92 -60.74 25.18
N LEU P 102 -10.42 -61.77 24.52
CA LEU P 102 -10.25 -63.09 25.13
C LEU P 102 -9.05 -63.73 24.44
N ARG P 103 -8.01 -64.05 25.20
CA ARG P 103 -6.76 -64.55 24.64
C ARG P 103 -6.65 -66.06 24.84
N SER P 104 -6.31 -66.75 23.76
CA SER P 104 -6.20 -68.20 23.75
C SER P 104 -4.96 -68.67 24.49
N LYS P 105 -4.84 -69.98 24.59
CA LYS P 105 -3.63 -70.66 25.00
C LYS P 105 -2.91 -71.17 23.77
N ILE P 106 -1.73 -71.77 23.97
CA ILE P 106 -1.03 -72.32 22.83
C ILE P 106 -1.90 -73.44 22.25
N LYS P 107 -1.81 -73.60 20.93
CA LYS P 107 -2.73 -74.50 20.23
C LYS P 107 -2.67 -75.91 20.79
N ALA P 108 -1.48 -76.35 21.21
CA ALA P 108 -1.33 -77.69 21.76
C ALA P 108 -2.18 -77.87 23.01
N TYR P 109 -2.12 -76.92 23.93
CA TYR P 109 -2.95 -77.02 25.13
C TYR P 109 -4.42 -76.93 24.79
N SER P 110 -4.79 -76.12 23.80
CA SER P 110 -6.18 -76.01 23.40
C SER P 110 -6.71 -77.36 22.91
N GLU P 111 -5.92 -78.08 22.11
CA GLU P 111 -6.39 -79.38 21.65
C GLU P 111 -6.23 -80.47 22.70
N LEU P 112 -5.33 -80.31 23.67
CA LEU P 112 -5.30 -81.24 24.79
C LEU P 112 -6.55 -81.13 25.64
N GLU P 113 -7.01 -79.90 25.88
CA GLU P 113 -8.16 -79.70 26.74
C GLU P 113 -9.48 -79.69 25.98
N ARG P 114 -9.44 -79.89 24.66
CA ARG P 114 -10.67 -80.04 23.88
C ARG P 114 -11.59 -78.81 24.01
N ILE P 115 -10.98 -77.63 24.04
CA ILE P 115 -11.71 -76.38 24.04
C ILE P 115 -11.53 -75.76 22.66
N ASP P 116 -12.62 -75.67 21.91
CA ASP P 116 -12.59 -75.02 20.60
C ASP P 116 -12.63 -73.52 20.84
N PHE P 117 -11.45 -72.95 21.03
CA PHE P 117 -11.37 -71.59 21.59
C PHE P 117 -12.09 -70.57 20.72
N ILE P 118 -12.06 -70.73 19.39
CA ILE P 118 -12.71 -69.76 18.53
C ILE P 118 -14.21 -69.74 18.78
N LYS P 119 -14.84 -70.93 18.74
CA LYS P 119 -16.28 -71.01 18.90
C LYS P 119 -16.70 -70.58 20.31
N GLU P 120 -16.03 -71.11 21.31
CA GLU P 120 -16.36 -70.75 22.69
C GLU P 120 -16.20 -69.26 22.91
N SER P 121 -15.12 -68.68 22.40
CA SER P 121 -14.86 -67.26 22.58
C SER P 121 -15.92 -66.41 21.89
N VAL P 122 -16.29 -66.77 20.66
CA VAL P 122 -17.29 -65.97 19.95
C VAL P 122 -18.62 -66.02 20.69
N ASP P 123 -19.07 -67.20 21.10
CA ASP P 123 -20.34 -67.29 21.81
C ASP P 123 -20.28 -66.54 23.13
N SER P 124 -19.20 -66.73 23.88
CA SER P 124 -19.08 -66.11 25.19
C SER P 124 -19.03 -64.59 25.08
N LEU P 125 -18.33 -64.08 24.08
CA LEU P 125 -18.24 -62.62 23.90
C LEU P 125 -19.55 -62.05 23.37
N THR P 126 -20.28 -62.80 22.55
CA THR P 126 -21.60 -62.34 22.15
C THR P 126 -22.50 -62.18 23.37
N THR P 127 -22.48 -63.16 24.27
CA THR P 127 -23.26 -63.04 25.49
C THR P 127 -22.79 -61.84 26.31
N TRP P 128 -21.48 -61.65 26.41
CA TRP P 128 -20.97 -60.52 27.17
C TRP P 128 -21.45 -59.20 26.58
N MET P 129 -21.43 -59.08 25.26
CA MET P 129 -21.89 -57.86 24.62
C MET P 129 -23.35 -57.60 24.88
N ASN P 130 -24.19 -58.64 24.78
CA ASN P 130 -25.60 -58.45 25.04
C ASN P 130 -25.85 -57.97 26.46
N GLU P 131 -25.22 -58.64 27.43
CA GLU P 131 -25.42 -58.22 28.82
C GLU P 131 -24.90 -56.81 29.05
N GLU P 132 -23.78 -56.47 28.42
CA GLU P 132 -23.18 -55.16 28.66
C GLU P 132 -24.05 -54.04 28.08
N ARG P 133 -24.57 -54.23 26.87
CA ARG P 133 -25.42 -53.20 26.29
C ARG P 133 -26.72 -53.05 27.05
N ASP P 134 -27.31 -54.17 27.50
CA ASP P 134 -28.55 -54.05 28.25
C ASP P 134 -28.32 -53.43 29.62
N LYS P 135 -27.19 -53.73 30.25
CA LYS P 135 -26.87 -53.08 31.51
C LYS P 135 -26.64 -51.59 31.31
N ARG P 136 -26.06 -51.19 30.18
CA ARG P 136 -25.94 -49.77 29.89
C ARG P 136 -27.31 -49.11 29.75
N ILE P 137 -28.21 -49.76 29.00
CA ILE P 137 -29.55 -49.22 28.82
C ILE P 137 -30.23 -49.03 30.17
N VAL P 138 -30.13 -50.04 31.05
CA VAL P 138 -30.79 -49.95 32.34
C VAL P 138 -30.13 -48.89 33.22
N ALA P 139 -28.81 -48.76 33.13
CA ALA P 139 -28.14 -47.76 33.96
C ALA P 139 -28.51 -46.35 33.55
N SER P 140 -28.64 -46.10 32.24
CA SER P 140 -29.10 -44.79 31.80
C SER P 140 -30.55 -44.57 32.21
N LEU P 141 -31.37 -45.60 32.09
CA LEU P 141 -32.79 -45.52 32.40
C LEU P 141 -33.08 -45.33 33.87
N THR P 142 -32.08 -45.44 34.73
CA THR P 142 -32.31 -45.48 36.15
C THR P 142 -31.58 -44.39 36.94
N ASN P 143 -30.46 -43.89 36.45
CA ASN P 143 -29.76 -42.85 37.21
C ASN P 143 -30.62 -41.59 37.28
N ASP P 144 -30.46 -40.85 38.37
CA ASP P 144 -31.06 -39.53 38.51
C ASP P 144 -32.54 -39.54 38.15
N PHE P 145 -33.29 -40.29 38.94
CA PHE P 145 -34.74 -40.16 38.87
C PHE P 145 -35.14 -38.79 39.38
N THR P 146 -35.98 -38.09 38.62
CA THR P 146 -36.57 -36.84 39.09
C THR P 146 -37.93 -37.09 39.70
N ASN P 147 -38.83 -37.70 38.94
CA ASN P 147 -40.16 -38.07 39.41
C ASN P 147 -40.12 -39.53 39.81
N TYR P 148 -40.22 -39.80 41.12
CA TYR P 148 -40.24 -41.16 41.59
C TYR P 148 -41.16 -41.27 42.81
N LEU P 149 -41.86 -42.40 42.88
CA LEU P 149 -42.73 -42.73 43.99
C LEU P 149 -42.09 -43.84 44.81
N TYR P 150 -42.02 -43.65 46.13
CA TYR P 150 -41.46 -44.68 47.00
C TYR P 150 -42.55 -45.24 47.91
N ASN P 151 -42.67 -46.57 47.90
CA ASN P 151 -43.55 -47.28 48.82
C ASN P 151 -42.79 -48.46 49.40
N ALA P 152 -42.92 -48.68 50.70
CA ALA P 152 -42.16 -49.73 51.37
C ALA P 152 -42.48 -51.12 50.84
N ALA P 153 -43.51 -51.26 50.03
CA ALA P 153 -43.85 -52.55 49.45
C ALA P 153 -44.72 -52.29 48.23
N MET P 154 -44.28 -52.76 47.07
CA MET P 154 -45.01 -52.48 45.85
C MET P 154 -46.39 -53.12 45.90
N ASN P 155 -47.39 -52.35 45.48
CA ASN P 155 -48.78 -52.80 45.47
C ASN P 155 -49.48 -52.18 44.28
N VAL P 156 -50.71 -52.61 44.04
CA VAL P 156 -51.47 -52.07 42.92
C VAL P 156 -51.79 -50.60 43.15
N ALA P 157 -51.88 -50.19 44.41
CA ALA P 157 -52.13 -48.79 44.72
C ALA P 157 -51.10 -47.88 44.07
N THR P 158 -49.81 -48.16 44.30
CA THR P 158 -48.77 -47.29 43.77
C THR P 158 -48.61 -47.46 42.27
N ILE P 159 -48.89 -48.65 41.73
CA ILE P 159 -48.89 -48.80 40.28
C ILE P 159 -49.89 -47.84 39.66
N ARG P 160 -51.12 -47.84 40.18
CA ARG P 160 -52.13 -46.92 39.68
C ARG P 160 -51.71 -45.47 39.92
N LYS P 161 -51.14 -45.20 41.08
CA LYS P 161 -50.69 -43.86 41.43
C LYS P 161 -49.74 -43.33 40.38
N ALA P 162 -48.70 -44.09 40.07
CA ALA P 162 -47.75 -43.69 39.05
C ALA P 162 -48.40 -43.62 37.68
N ILE P 163 -49.38 -44.48 37.41
CA ILE P 163 -49.99 -44.46 36.08
C ILE P 163 -50.75 -43.15 35.84
N PHE P 164 -51.48 -42.66 36.84
CA PHE P 164 -52.14 -41.40 36.52
C PHE P 164 -51.24 -40.19 36.76
N HIS P 165 -50.21 -40.30 37.60
CA HIS P 165 -49.14 -39.31 37.55
C HIS P 165 -48.53 -39.21 36.16
N ALA P 166 -48.47 -40.33 35.43
CA ALA P 166 -47.97 -40.29 34.07
C ALA P 166 -48.98 -39.64 33.14
N ARG P 167 -50.19 -40.18 33.10
CA ARG P 167 -51.15 -39.71 32.11
C ARG P 167 -51.69 -38.31 32.42
N ASN P 168 -51.40 -37.77 33.60
CA ASN P 168 -51.83 -36.42 33.94
C ASN P 168 -50.68 -35.45 34.15
N GLY P 169 -49.55 -35.91 34.66
CA GLY P 169 -48.41 -35.03 34.82
C GLY P 169 -48.30 -34.45 36.21
N LEU P 170 -48.36 -35.31 37.22
CA LEU P 170 -48.23 -34.89 38.60
C LEU P 170 -46.83 -35.18 39.11
N LYS P 171 -46.56 -34.69 40.31
CA LYS P 171 -45.27 -34.85 40.96
C LYS P 171 -45.45 -35.59 42.28
N ALA P 172 -44.34 -36.07 42.83
CA ALA P 172 -44.38 -36.83 44.07
C ALA P 172 -44.94 -36.02 45.23
N ASP P 173 -44.93 -34.70 45.12
CA ASP P 173 -45.52 -33.82 46.12
C ASP P 173 -46.82 -33.21 45.63
N ASN P 174 -47.49 -33.88 44.70
CA ASN P 174 -48.64 -33.35 43.97
C ASN P 174 -48.32 -32.06 43.24
N SER P 175 -47.05 -31.79 42.98
CA SER P 175 -46.66 -30.62 42.22
C SER P 175 -46.94 -30.88 40.75
N LYS P 176 -46.42 -30.04 39.86
CA LYS P 176 -46.84 -30.07 38.46
C LYS P 176 -45.71 -30.54 37.56
N ALA P 177 -46.08 -31.27 36.52
CA ALA P 177 -45.19 -31.76 35.49
C ALA P 177 -46.01 -31.85 34.20
N PHE P 178 -45.53 -32.62 33.25
CA PHE P 178 -46.25 -32.72 32.00
C PHE P 178 -46.86 -34.11 31.82
N PRO P 179 -47.92 -34.23 31.01
CA PRO P 179 -48.51 -35.56 30.79
C PRO P 179 -47.62 -36.46 29.94
N ILE P 180 -47.01 -37.44 30.61
CA ILE P 180 -45.98 -38.27 29.99
C ILE P 180 -46.56 -39.05 28.83
N LYS P 181 -45.92 -38.96 27.68
CA LYS P 181 -46.39 -39.61 26.48
C LYS P 181 -46.42 -41.12 26.66
N PRO P 182 -47.55 -41.79 26.46
CA PRO P 182 -47.61 -43.23 26.68
C PRO P 182 -47.13 -44.00 25.46
N ILE P 183 -46.84 -45.28 25.68
CA ILE P 183 -46.44 -46.13 24.55
C ILE P 183 -47.61 -46.31 23.61
N ARG P 184 -48.83 -46.41 24.13
CA ARG P 184 -50.00 -46.42 23.27
C ARG P 184 -51.04 -45.46 23.81
N ALA P 185 -51.78 -44.85 22.90
CA ALA P 185 -52.96 -44.06 23.25
C ALA P 185 -54.06 -44.42 22.26
N THR P 186 -55.22 -44.80 22.78
CA THR P 186 -56.29 -45.33 21.97
C THR P 186 -57.59 -44.59 22.26
N MET P 187 -58.56 -44.76 21.37
CA MET P 187 -59.84 -44.06 21.47
C MET P 187 -60.87 -45.02 22.03
N GLN P 188 -61.09 -44.94 23.34
CA GLN P 188 -62.05 -45.79 24.01
C GLN P 188 -63.39 -45.06 24.11
N SER P 189 -64.46 -45.83 24.32
CA SER P 189 -65.81 -45.27 24.40
C SER P 189 -66.51 -45.79 25.65
N VAL P 190 -66.61 -44.95 26.68
CA VAL P 190 -67.43 -45.24 27.85
C VAL P 190 -68.82 -44.72 27.54
N GLY P 191 -69.73 -45.61 27.19
CA GLY P 191 -71.06 -45.21 26.75
C GLY P 191 -71.01 -44.40 25.47
N ASN P 192 -71.40 -43.14 25.55
CA ASN P 192 -71.26 -42.21 24.44
C ASN P 192 -70.11 -41.24 24.65
N VAL P 193 -69.46 -41.27 25.80
CA VAL P 193 -68.34 -40.40 26.10
C VAL P 193 -67.08 -41.08 25.56
N VAL P 194 -66.46 -40.47 24.57
CA VAL P 194 -65.26 -41.03 23.96
C VAL P 194 -64.04 -40.44 24.66
N VAL P 195 -63.23 -41.31 25.25
CA VAL P 195 -62.06 -40.91 26.02
C VAL P 195 -60.81 -41.46 25.37
N GLN P 196 -59.66 -41.03 25.89
CA GLN P 196 -58.37 -41.48 25.43
C GLN P 196 -57.76 -42.39 26.49
N ASN P 197 -57.41 -43.60 26.10
CA ASN P 197 -56.85 -44.58 27.01
C ASN P 197 -55.34 -44.68 26.79
N THR P 198 -54.58 -44.63 27.88
CA THR P 198 -53.14 -44.61 27.83
C THR P 198 -52.58 -45.94 28.32
N SER P 199 -51.64 -46.49 27.57
CA SER P 199 -50.95 -47.72 27.91
C SER P 199 -49.47 -47.41 28.03
N TYR P 200 -48.94 -47.54 29.26
CA TYR P 200 -47.55 -47.34 29.60
C TYR P 200 -46.86 -48.69 29.72
N ILE P 201 -45.62 -48.70 30.20
CA ILE P 201 -44.95 -49.96 30.51
C ILE P 201 -44.25 -49.82 31.85
N ILE P 202 -44.54 -50.72 32.79
CA ILE P 202 -43.92 -50.69 34.10
C ILE P 202 -42.92 -51.83 34.18
N LEU P 203 -41.66 -51.52 34.44
CA LEU P 203 -40.62 -52.50 34.63
C LEU P 203 -40.33 -52.61 36.11
N LEU P 204 -40.61 -53.78 36.68
CA LEU P 204 -40.51 -54.02 38.11
C LEU P 204 -39.31 -54.92 38.40
N ASP P 205 -38.59 -54.59 39.46
CA ASP P 205 -37.60 -55.50 39.99
C ASP P 205 -38.29 -56.71 40.62
N SER P 206 -37.64 -57.87 40.53
CA SER P 206 -38.28 -59.11 40.96
C SER P 206 -38.70 -59.06 42.42
N TYR P 207 -37.97 -58.33 43.25
CA TYR P 207 -38.44 -58.10 44.61
C TYR P 207 -39.78 -57.38 44.61
N GLN P 208 -39.89 -56.33 43.79
CA GLN P 208 -41.14 -55.59 43.70
C GLN P 208 -42.24 -56.45 43.08
N ALA P 209 -41.90 -57.25 42.08
CA ALA P 209 -42.90 -58.13 41.49
C ALA P 209 -43.43 -59.11 42.52
N ASN P 210 -42.56 -59.63 43.37
CA ASN P 210 -43.00 -60.52 44.44
C ASN P 210 -43.88 -59.79 45.43
N GLN P 211 -43.47 -58.61 45.87
CA GLN P 211 -44.30 -57.84 46.79
C GLN P 211 -45.66 -57.54 46.19
N LEU P 212 -45.71 -57.37 44.87
CA LEU P 212 -47.00 -57.18 44.19
C LEU P 212 -47.81 -58.46 44.21
N LYS P 213 -47.16 -59.61 44.02
CA LYS P 213 -47.89 -60.87 44.09
C LYS P 213 -48.44 -61.10 45.49
N ALA P 214 -47.69 -60.74 46.51
CA ALA P 214 -48.11 -60.88 47.90
C ALA P 214 -49.02 -59.76 48.35
N ASP P 215 -49.64 -59.06 47.42
CA ASP P 215 -50.54 -57.97 47.71
C ASP P 215 -51.98 -58.44 47.56
N SER P 216 -52.81 -58.13 48.57
CA SER P 216 -54.21 -58.50 48.50
C SER P 216 -54.88 -57.90 47.28
N GLU P 217 -54.77 -56.58 47.12
CA GLU P 217 -55.47 -55.88 46.05
C GLU P 217 -55.15 -56.50 44.70
N PHE P 218 -53.89 -56.91 44.50
CA PHE P 218 -53.55 -57.62 43.28
C PHE P 218 -54.28 -58.96 43.20
N LYS P 219 -54.48 -59.60 44.35
CA LYS P 219 -55.20 -60.87 44.34
C LYS P 219 -56.62 -60.69 43.85
N GLU P 220 -57.34 -59.70 44.40
CA GLU P 220 -58.70 -59.50 43.91
C GLU P 220 -58.72 -58.98 42.48
N LEU P 221 -57.72 -58.19 42.07
CA LEU P 221 -57.70 -57.77 40.68
C LEU P 221 -57.56 -58.96 39.75
N ARG P 222 -56.69 -59.91 40.12
CA ARG P 222 -56.59 -61.14 39.34
C ARG P 222 -57.90 -61.90 39.35
N LYS P 223 -58.60 -61.89 40.49
CA LYS P 223 -59.88 -62.59 40.60
C LYS P 223 -60.92 -62.00 39.64
N LEU P 224 -61.01 -60.66 39.61
CA LEU P 224 -61.91 -60.00 38.66
C LEU P 224 -61.52 -60.29 37.22
N TYR P 225 -60.22 -60.29 36.94
CA TYR P 225 -59.78 -60.62 35.58
C TYR P 225 -60.21 -62.03 35.20
N ALA P 226 -60.11 -62.96 36.16
CA ALA P 226 -60.54 -64.34 35.92
C ALA P 226 -62.04 -64.40 35.66
N PHE P 227 -62.83 -63.70 36.46
CA PHE P 227 -64.26 -63.62 36.20
C PHE P 227 -64.54 -63.12 34.80
N ALA P 228 -63.97 -61.97 34.45
CA ALA P 228 -64.22 -61.39 33.14
C ALA P 228 -63.55 -62.18 32.03
N GLY P 229 -62.38 -62.74 32.29
CA GLY P 229 -61.65 -63.47 31.28
C GLY P 229 -60.90 -62.58 30.33
N GLU P 230 -60.10 -61.66 30.87
CA GLU P 230 -59.40 -60.67 30.05
C GLU P 230 -58.03 -61.18 29.62
N ASP P 231 -57.18 -61.52 30.57
CA ASP P 231 -55.81 -61.98 30.30
C ASP P 231 -55.71 -63.48 30.55
N LYS P 232 -55.88 -64.26 29.48
CA LYS P 232 -55.94 -65.71 29.56
C LYS P 232 -54.53 -66.27 29.69
N GLY P 233 -54.24 -66.87 30.85
CA GLY P 233 -52.96 -67.49 31.08
C GLY P 233 -51.92 -66.56 31.65
N MET P 234 -52.24 -65.90 32.75
CA MET P 234 -51.28 -65.04 33.44
C MET P 234 -51.03 -65.48 34.87
N LEU P 235 -52.07 -65.76 35.64
CA LEU P 235 -51.88 -66.30 36.97
C LEU P 235 -51.35 -67.73 36.92
N TYR P 236 -51.75 -68.48 35.90
CA TYR P 236 -51.18 -69.81 35.69
C TYR P 236 -49.68 -69.73 35.44
N SER P 237 -49.26 -68.75 34.66
CA SER P 237 -47.88 -68.64 34.21
C SER P 237 -47.01 -67.81 35.14
N GLY P 238 -47.53 -67.40 36.29
CA GLY P 238 -46.73 -66.65 37.24
C GLY P 238 -46.40 -65.25 36.81
N LEU P 239 -47.01 -64.75 35.74
CA LEU P 239 -46.75 -63.41 35.24
C LEU P 239 -47.51 -62.38 36.08
N LEU P 240 -47.58 -61.15 35.58
CA LEU P 240 -48.24 -60.08 36.32
C LEU P 240 -49.30 -59.35 35.52
N GLY P 241 -49.58 -59.77 34.29
CA GLY P 241 -50.70 -59.24 33.55
C GLY P 241 -50.57 -57.75 33.28
N VAL P 242 -51.72 -57.09 33.15
CA VAL P 242 -51.79 -55.67 32.84
C VAL P 242 -52.62 -54.98 33.92
N ILE P 243 -52.16 -53.81 34.33
CA ILE P 243 -52.90 -52.95 35.25
C ILE P 243 -53.13 -51.62 34.55
N ASP P 244 -54.38 -51.14 34.57
CA ASP P 244 -54.76 -49.89 33.92
C ASP P 244 -54.33 -49.85 32.46
N ASN P 245 -54.53 -50.96 31.76
CA ASN P 245 -54.14 -51.12 30.36
C ASN P 245 -52.63 -51.11 30.17
N CYS P 246 -51.86 -51.09 31.24
CA CYS P 246 -50.40 -51.04 31.16
C CYS P 246 -49.82 -52.39 31.54
N PRO P 247 -49.12 -53.08 30.63
CA PRO P 247 -48.48 -54.35 31.01
C PRO P 247 -47.43 -54.14 32.08
N VAL P 248 -47.44 -55.00 33.08
CA VAL P 248 -46.47 -54.99 34.16
C VAL P 248 -45.51 -56.15 33.95
N ILE P 249 -44.22 -55.87 34.10
CA ILE P 249 -43.17 -56.81 33.74
C ILE P 249 -42.18 -56.93 34.89
N ASP P 250 -41.83 -58.15 35.23
CA ASP P 250 -40.71 -58.43 36.13
C ASP P 250 -39.45 -58.52 35.28
N ALA P 251 -38.58 -57.52 35.42
CA ALA P 251 -37.42 -57.40 34.54
C ALA P 251 -36.15 -58.00 35.12
N GLY P 252 -36.19 -58.53 36.33
CA GLY P 252 -35.06 -59.23 36.90
C GLY P 252 -34.39 -58.43 37.99
N VAL P 253 -33.24 -58.95 38.42
CA VAL P 253 -32.40 -58.30 39.42
C VAL P 253 -31.02 -58.12 38.82
N TRP P 254 -30.45 -56.93 39.01
CA TRP P 254 -29.13 -56.64 38.48
C TRP P 254 -28.08 -57.36 39.29
N ASN P 255 -27.37 -58.29 38.64
CA ASN P 255 -26.24 -58.98 39.25
C ASN P 255 -25.03 -58.83 38.33
N LYS P 256 -23.96 -59.56 38.61
CA LYS P 256 -22.75 -59.47 37.81
C LYS P 256 -22.78 -60.36 36.57
N LEU P 257 -23.82 -61.17 36.40
CA LEU P 257 -23.88 -62.11 35.29
C LEU P 257 -24.81 -61.63 34.18
N ASN P 258 -26.00 -61.15 34.53
CA ASN P 258 -26.96 -60.67 33.56
C ASN P 258 -27.54 -59.37 34.08
N VAL P 259 -28.58 -58.88 33.41
CA VAL P 259 -29.13 -57.56 33.66
C VAL P 259 -30.52 -57.71 34.28
N GLY P 260 -30.77 -56.93 35.33
CA GLY P 260 -32.11 -56.74 35.85
C GLY P 260 -32.17 -55.35 36.45
N MET P 261 -33.37 -54.95 36.84
CA MET P 261 -33.53 -53.63 37.43
C MET P 261 -32.68 -53.51 38.68
N PRO P 262 -31.95 -52.42 38.86
CA PRO P 262 -30.96 -52.34 39.92
C PRO P 262 -31.55 -52.26 41.31
N ASN P 263 -30.68 -52.16 42.30
CA ASN P 263 -31.09 -52.03 43.69
C ASN P 263 -29.92 -51.41 44.45
N SER P 264 -30.17 -51.06 45.71
CA SER P 264 -29.16 -50.35 46.48
C SER P 264 -28.13 -51.30 47.06
N SER P 265 -27.60 -52.18 46.23
CA SER P 265 -26.55 -53.10 46.68
C SER P 265 -25.39 -53.01 45.72
N ILE P 266 -25.69 -52.61 44.47
CA ILE P 266 -24.65 -52.37 43.49
C ILE P 266 -23.77 -51.23 43.96
N SER P 267 -22.46 -51.47 43.94
CA SER P 267 -21.52 -50.43 44.33
C SER P 267 -21.57 -49.28 43.35
N ASP P 268 -21.18 -48.10 43.83
CA ASP P 268 -21.21 -46.90 42.99
C ASP P 268 -20.38 -47.09 41.73
N SER P 269 -19.21 -47.74 41.87
CA SER P 269 -18.33 -47.93 40.73
C SER P 269 -18.98 -48.78 39.65
N ASP P 270 -19.64 -49.87 40.06
CA ASP P 270 -20.24 -50.77 39.08
C ASP P 270 -21.32 -50.05 38.28
N PHE P 271 -22.19 -49.31 38.97
CA PHE P 271 -23.25 -48.60 38.25
C PHE P 271 -22.68 -47.50 37.38
N THR P 272 -21.80 -46.67 37.93
CA THR P 272 -21.25 -45.56 37.17
C THR P 272 -20.48 -46.02 35.95
N ARG P 273 -19.90 -47.22 35.99
CA ARG P 273 -19.16 -47.72 34.84
C ARG P 273 -20.03 -47.81 33.60
N TYR P 274 -21.34 -47.95 33.76
CA TYR P 274 -22.23 -48.11 32.62
C TYR P 274 -22.86 -46.80 32.16
N LEU P 275 -22.45 -45.68 32.75
CA LEU P 275 -22.98 -44.37 32.38
C LEU P 275 -21.99 -43.65 31.48
N ASN P 276 -22.51 -43.05 30.41
CA ASN P 276 -21.63 -42.45 29.42
C ASN P 276 -20.90 -41.22 29.98
N LYS P 277 -21.52 -40.51 30.92
CA LYS P 277 -20.93 -39.37 31.60
C LYS P 277 -20.72 -38.21 30.65
N ALA P 278 -20.97 -38.44 29.37
CA ALA P 278 -21.10 -37.40 28.38
C ALA P 278 -22.54 -37.23 27.93
N ASN P 279 -23.40 -38.18 28.27
CA ASN P 279 -24.83 -38.03 28.13
C ASN P 279 -25.52 -37.83 29.47
N VAL P 280 -24.74 -37.62 30.53
CA VAL P 280 -25.28 -37.54 31.88
C VAL P 280 -24.73 -36.27 32.53
N SER P 281 -25.64 -35.43 33.02
CA SER P 281 -25.24 -34.21 33.71
C SER P 281 -24.98 -34.46 35.19
N ASN P 282 -25.89 -35.19 35.83
CA ASN P 282 -25.77 -35.53 37.23
C ASN P 282 -25.94 -37.04 37.38
N ILE P 283 -25.08 -37.65 38.19
CA ILE P 283 -25.04 -39.10 38.36
C ILE P 283 -25.57 -39.44 39.74
N VAL P 284 -26.67 -40.19 39.78
CA VAL P 284 -27.28 -40.64 41.03
C VAL P 284 -27.43 -42.15 40.94
N THR P 285 -26.56 -42.87 41.63
CA THR P 285 -26.59 -44.33 41.63
C THR P 285 -27.68 -44.82 42.59
N PRO P 286 -28.07 -46.09 42.47
CA PRO P 286 -29.09 -46.62 43.39
C PRO P 286 -28.74 -46.44 44.85
N MET P 287 -27.47 -46.58 45.20
CA MET P 287 -27.08 -46.31 46.58
C MET P 287 -27.43 -44.87 46.97
N GLN P 288 -26.84 -43.91 46.26
CA GLN P 288 -27.06 -42.50 46.60
C GLN P 288 -28.54 -42.18 46.66
N LEU P 289 -29.34 -42.82 45.80
CA LEU P 289 -30.79 -42.69 45.92
C LEU P 289 -31.28 -43.21 47.25
N LYS P 290 -30.71 -44.33 47.73
CA LYS P 290 -31.14 -44.85 49.03
C LYS P 290 -30.83 -43.87 50.15
N GLU P 291 -29.62 -43.30 50.15
CA GLU P 291 -29.34 -42.34 51.22
C GLU P 291 -30.15 -41.06 51.07
N LYS P 292 -30.46 -40.67 49.84
CA LYS P 292 -31.34 -39.52 49.64
C LYS P 292 -32.72 -39.77 50.22
N LEU P 293 -33.26 -40.97 49.98
CA LEU P 293 -34.54 -41.35 50.58
C LEU P 293 -34.45 -41.43 52.10
N ASN P 294 -33.26 -41.72 52.62
CA ASN P 294 -33.09 -41.82 54.07
C ASN P 294 -32.92 -40.46 54.74
N GLN P 295 -33.31 -39.37 54.09
CA GLN P 295 -33.24 -38.04 54.68
C GLN P 295 -34.59 -37.54 55.20
N GLU P 296 -35.64 -38.34 55.09
CA GLU P 296 -36.96 -37.92 55.53
C GLU P 296 -37.35 -38.63 56.82
N ASN P 310 -33.52 -48.71 57.76
CA ASN P 310 -32.22 -48.65 57.09
C ASN P 310 -31.93 -49.95 56.34
N LYS P 311 -32.70 -50.19 55.29
CA LYS P 311 -32.55 -51.38 54.45
C LYS P 311 -32.31 -50.95 53.01
N ASP P 312 -31.83 -51.89 52.21
CA ASP P 312 -31.58 -51.59 50.81
C ASP P 312 -32.90 -51.40 50.07
N ILE P 313 -32.81 -50.72 48.92
CA ILE P 313 -34.00 -50.37 48.16
C ILE P 313 -33.94 -51.07 46.81
N SER P 314 -35.10 -51.22 46.20
CA SER P 314 -35.25 -51.89 44.93
C SER P 314 -35.96 -50.95 43.96
N ILE P 315 -35.48 -50.90 42.73
CA ILE P 315 -35.76 -49.80 41.83
C ILE P 315 -36.44 -50.31 40.57
N GLY P 316 -37.65 -49.82 40.32
CA GLY P 316 -38.34 -50.05 39.07
C GLY P 316 -38.74 -48.73 38.45
N CYS P 317 -39.44 -48.82 37.32
CA CYS P 317 -39.75 -47.59 36.61
C CYS P 317 -40.94 -47.75 35.70
N LEU P 318 -41.86 -46.80 35.75
CA LEU P 318 -42.83 -46.61 34.69
C LEU P 318 -42.14 -45.87 33.56
N ILE P 319 -42.38 -46.30 32.34
CA ILE P 319 -41.79 -45.68 31.17
C ILE P 319 -42.86 -45.47 30.12
N GLY P 320 -42.79 -44.34 29.43
CA GLY P 320 -43.60 -44.04 28.29
C GLY P 320 -42.80 -44.08 27.01
N ALA P 321 -43.38 -43.50 25.96
CA ALA P 321 -42.75 -43.56 24.65
C ALA P 321 -41.43 -42.82 24.65
N SER P 322 -40.41 -43.45 24.06
CA SER P 322 -39.08 -42.87 23.90
C SER P 322 -38.50 -42.41 25.25
N ALA P 323 -38.51 -43.33 26.21
CA ALA P 323 -37.92 -43.05 27.50
C ALA P 323 -36.40 -43.10 27.45
N VAL P 324 -35.85 -43.90 26.54
CA VAL P 324 -34.42 -44.04 26.34
C VAL P 324 -34.14 -43.95 24.85
N LEU P 325 -33.11 -43.19 24.48
CA LEU P 325 -32.75 -42.96 23.09
C LEU P 325 -31.42 -43.65 22.80
N LEU P 326 -31.43 -44.48 21.75
CA LEU P 326 -30.25 -45.19 21.30
C LEU P 326 -29.74 -44.49 20.04
N ALA P 327 -28.77 -43.61 20.21
CA ALA P 327 -28.16 -42.90 19.09
C ALA P 327 -26.88 -43.64 18.74
N GLY P 328 -27.00 -44.63 17.87
CA GLY P 328 -25.84 -45.40 17.47
C GLY P 328 -26.26 -46.68 16.80
N SER P 329 -25.26 -47.40 16.30
CA SER P 329 -25.49 -48.66 15.62
C SER P 329 -25.67 -49.78 16.63
N LYS P 330 -26.77 -50.53 16.50
CA LYS P 330 -27.01 -51.67 17.36
C LYS P 330 -26.17 -52.88 16.96
N GLU P 331 -25.37 -52.77 15.92
CA GLU P 331 -24.54 -53.85 15.42
C GLU P 331 -23.33 -54.06 16.33
N THR P 332 -22.68 -55.21 16.16
CA THR P 332 -21.48 -55.55 16.92
C THR P 332 -20.43 -56.10 15.97
N ARG P 333 -19.17 -55.83 16.26
CA ARG P 333 -18.07 -56.22 15.39
C ARG P 333 -17.15 -57.20 16.09
N PHE P 334 -16.65 -58.17 15.34
CA PHE P 334 -15.78 -59.22 15.85
C PHE P 334 -14.41 -59.13 15.19
N TYR P 335 -13.37 -59.32 15.98
CA TYR P 335 -12.00 -59.32 15.48
C TYR P 335 -11.32 -60.60 15.94
N ILE P 336 -10.96 -61.46 15.00
CA ILE P 336 -10.27 -62.71 15.29
C ILE P 336 -8.85 -62.58 14.81
N ASP P 337 -7.91 -62.43 15.73
CA ASP P 337 -6.49 -62.34 15.41
C ASP P 337 -5.86 -63.67 15.79
N GLU P 338 -5.77 -64.58 14.83
CA GLU P 338 -5.27 -65.91 15.07
C GLU P 338 -3.77 -66.03 14.84
N THR P 339 -3.08 -64.90 14.69
CA THR P 339 -1.64 -64.87 14.50
C THR P 339 -0.92 -64.31 15.71
N VAL P 340 -1.42 -64.62 16.90
CA VAL P 340 -0.80 -64.16 18.12
C VAL P 340 0.32 -65.12 18.50
N ASP P 341 1.44 -64.57 18.95
CA ASP P 341 2.61 -65.35 19.34
C ASP P 341 3.04 -66.27 18.21
N ALA P 342 3.41 -65.64 17.09
CA ALA P 342 3.85 -66.34 15.89
C ALA P 342 2.81 -67.33 15.38
N GLY P 343 1.53 -67.00 15.53
CA GLY P 343 0.47 -67.86 15.07
C GLY P 343 0.14 -69.00 16.00
N ARG P 344 0.76 -69.06 17.17
CA ARG P 344 0.56 -70.19 18.06
C ARG P 344 -0.68 -69.99 18.93
N LYS P 345 -0.77 -68.84 19.61
CA LYS P 345 -1.96 -68.50 20.38
C LYS P 345 -3.03 -67.93 19.47
N SER P 346 -4.06 -67.34 20.07
CA SER P 346 -5.13 -66.71 19.32
C SER P 346 -5.78 -65.65 20.19
N LEU P 347 -6.48 -64.73 19.54
CA LEU P 347 -7.16 -63.64 20.23
C LEU P 347 -8.51 -63.43 19.57
N VAL P 348 -9.55 -63.27 20.39
CA VAL P 348 -10.87 -62.95 19.88
C VAL P 348 -11.40 -61.75 20.66
N GLY P 349 -11.74 -60.69 19.95
CA GLY P 349 -12.28 -59.49 20.56
C GLY P 349 -13.63 -59.15 19.96
N VAL P 350 -14.45 -58.48 20.77
CA VAL P 350 -15.75 -57.98 20.35
C VAL P 350 -15.80 -56.51 20.69
N ASP P 351 -16.39 -55.72 19.81
CA ASP P 351 -16.35 -54.27 19.91
C ASP P 351 -17.68 -53.68 19.47
N CYS P 352 -18.11 -52.63 20.15
CA CYS P 352 -19.37 -51.97 19.84
C CYS P 352 -19.24 -50.47 20.02
N LEU P 353 -19.87 -49.73 19.12
CA LEU P 353 -20.05 -48.29 19.24
C LEU P 353 -21.54 -48.02 19.37
N LEU P 354 -21.93 -47.40 20.48
CA LEU P 354 -23.35 -47.23 20.78
C LEU P 354 -23.53 -46.04 21.71
N GLY P 355 -24.53 -45.20 21.39
CA GLY P 355 -24.88 -44.10 22.25
C GLY P 355 -26.23 -44.30 22.92
N VAL P 356 -26.24 -44.31 24.24
CA VAL P 356 -27.45 -44.52 25.02
C VAL P 356 -27.64 -43.31 25.94
N SER P 357 -28.84 -42.75 25.94
CA SER P 357 -29.11 -41.69 26.90
C SER P 357 -30.58 -41.67 27.26
N LYS P 358 -30.86 -41.43 28.54
CA LYS P 358 -32.25 -41.24 28.95
C LYS P 358 -32.77 -39.94 28.37
N ALA P 359 -33.92 -40.00 27.73
CA ALA P 359 -34.50 -38.80 27.15
C ALA P 359 -34.73 -37.76 28.23
N ARG P 360 -33.96 -36.68 28.20
CA ARG P 360 -34.06 -35.62 29.19
C ARG P 360 -33.61 -34.33 28.51
N TYR P 361 -34.58 -33.59 27.99
CA TYR P 361 -34.28 -32.43 27.16
C TYR P 361 -33.92 -31.25 28.04
N GLN P 362 -33.33 -30.24 27.41
CA GLN P 362 -32.83 -29.06 28.11
C GLN P 362 -33.33 -27.80 27.42
N SER P 363 -33.54 -26.76 28.22
CA SER P 363 -33.94 -25.47 27.68
C SER P 363 -32.78 -24.89 26.87
N THR P 364 -33.04 -24.59 25.61
CA THR P 364 -31.95 -24.13 24.74
C THR P 364 -31.36 -22.82 25.24
N ASP P 365 -32.19 -21.80 25.46
CA ASP P 365 -31.58 -20.56 25.89
C ASP P 365 -31.66 -20.32 27.39
N GLY P 366 -32.84 -19.96 27.90
CA GLY P 366 -32.97 -19.74 29.32
C GLY P 366 -34.37 -19.92 29.86
N VAL P 367 -35.30 -20.36 29.03
CA VAL P 367 -36.71 -20.32 29.38
C VAL P 367 -37.02 -21.52 30.27
N VAL P 368 -37.39 -21.25 31.52
CA VAL P 368 -37.73 -22.32 32.45
C VAL P 368 -39.14 -22.79 32.14
N THR P 369 -39.29 -24.08 31.88
CA THR P 369 -40.55 -24.71 31.52
C THR P 369 -40.75 -25.91 32.41
N PRO P 370 -41.95 -26.49 32.42
CA PRO P 370 -42.11 -27.78 33.12
C PRO P 370 -41.21 -28.86 32.56
N TYR P 371 -40.97 -28.85 31.26
CA TYR P 371 -40.14 -29.85 30.59
C TYR P 371 -38.65 -29.66 30.84
N ASP P 372 -38.24 -28.71 31.67
CA ASP P 372 -36.89 -28.16 31.59
C ASP P 372 -35.79 -29.18 31.84
N ASN P 373 -35.69 -29.70 33.06
CA ASN P 373 -34.60 -30.57 33.44
C ASN P 373 -35.14 -31.86 34.02
N GLN P 374 -36.24 -32.34 33.46
CA GLN P 374 -36.99 -33.44 34.02
C GLN P 374 -36.84 -34.68 33.14
N ASP P 375 -36.97 -35.84 33.77
CA ASP P 375 -36.88 -37.10 33.04
C ASP P 375 -38.11 -37.20 32.14
N TYR P 376 -37.90 -36.99 30.85
CA TYR P 376 -38.94 -37.18 29.87
C TYR P 376 -39.34 -38.66 29.84
N ALA P 377 -40.62 -38.93 30.09
CA ALA P 377 -41.24 -40.24 29.86
C ALA P 377 -40.72 -41.33 30.80
N VAL P 378 -40.31 -40.98 32.01
CA VAL P 378 -39.87 -41.96 33.00
C VAL P 378 -40.31 -41.52 34.38
N ILE P 379 -40.91 -42.44 35.15
CA ILE P 379 -41.24 -42.23 36.54
C ILE P 379 -40.56 -43.32 37.36
N GLY P 380 -39.83 -42.93 38.38
CA GLY P 380 -39.19 -43.91 39.23
C GLY P 380 -40.16 -44.55 40.20
N LEU P 381 -39.80 -45.75 40.65
CA LEU P 381 -40.54 -46.47 41.67
C LEU P 381 -39.53 -47.12 42.59
N VAL P 382 -39.66 -46.91 43.89
CA VAL P 382 -38.71 -47.45 44.85
C VAL P 382 -39.47 -48.23 45.90
N SER P 383 -39.04 -49.46 46.14
CA SER P 383 -39.62 -50.31 47.17
C SER P 383 -38.50 -50.82 48.06
N ASN P 384 -38.87 -51.66 49.01
CA ASN P 384 -37.86 -52.26 49.87
C ASN P 384 -37.23 -53.47 49.18
N MET P 385 -36.16 -53.97 49.80
CA MET P 385 -35.32 -55.00 49.19
C MET P 385 -35.78 -56.41 49.56
N GLU P 386 -37.08 -56.60 49.74
CA GLU P 386 -37.63 -57.92 49.99
C GLU P 386 -39.00 -58.07 49.35
N ASN Q 6 -67.72 -133.77 79.17
CA ASN Q 6 -68.52 -132.93 78.28
C ASN Q 6 -68.36 -131.46 78.60
N ASN Q 7 -67.19 -131.07 79.09
CA ASN Q 7 -66.92 -129.67 79.33
C ASN Q 7 -66.91 -128.91 78.02
N ILE Q 8 -67.31 -127.63 78.08
CA ILE Q 8 -67.63 -126.88 76.87
C ILE Q 8 -66.37 -126.66 76.03
N ASN Q 9 -66.48 -126.95 74.75
CA ASN Q 9 -65.45 -126.65 73.76
C ASN Q 9 -65.73 -125.28 73.18
N PHE Q 10 -64.70 -124.44 73.10
CA PHE Q 10 -64.87 -123.09 72.62
C PHE Q 10 -64.55 -122.93 71.14
N ASN Q 11 -63.57 -123.66 70.63
CA ASN Q 11 -63.27 -123.61 69.20
C ASN Q 11 -64.26 -124.48 68.46
N ASN Q 12 -64.97 -123.89 67.51
CA ASN Q 12 -66.05 -124.59 66.82
C ASN Q 12 -65.60 -125.14 65.47
N ILE Q 13 -64.88 -124.35 64.69
CA ILE Q 13 -64.47 -124.72 63.35
C ILE Q 13 -62.97 -124.95 63.26
N SER Q 14 -62.18 -124.17 63.99
CA SER Q 14 -60.74 -124.38 64.00
C SER Q 14 -60.38 -125.75 64.57
N ASN Q 15 -61.01 -126.13 65.67
CA ASN Q 15 -60.69 -127.39 66.33
C ASN Q 15 -61.23 -128.61 65.61
N ASN Q 16 -62.09 -128.43 64.61
CA ASN Q 16 -62.68 -129.57 63.94
C ASN Q 16 -61.62 -130.31 63.13
N PRO Q 17 -61.34 -131.58 63.42
CA PRO Q 17 -60.31 -132.30 62.67
C PRO Q 17 -60.78 -132.83 61.33
N ASN Q 18 -62.03 -132.56 60.95
CA ASN Q 18 -62.53 -132.99 59.65
C ASN Q 18 -62.28 -131.95 58.57
N LEU Q 19 -61.62 -130.85 58.90
CA LEU Q 19 -61.46 -129.72 58.00
C LEU Q 19 -59.99 -129.55 57.63
N GLY Q 20 -59.74 -129.35 56.33
CA GLY Q 20 -58.40 -129.13 55.82
C GLY Q 20 -58.21 -127.67 55.43
N ILE Q 21 -57.14 -127.09 55.95
CA ILE Q 21 -56.80 -125.70 55.64
C ILE Q 21 -56.24 -125.62 54.23
N GLU Q 22 -56.77 -124.71 53.42
CA GLU Q 22 -56.34 -124.54 52.05
C GLU Q 22 -55.63 -123.20 51.92
N VAL Q 23 -54.31 -123.24 51.71
CA VAL Q 23 -53.51 -122.03 51.55
C VAL Q 23 -53.39 -121.71 50.06
N GLY Q 24 -53.36 -120.42 49.74
CA GLY Q 24 -53.38 -119.98 48.36
C GLY Q 24 -51.99 -119.87 47.77
N ARG Q 25 -51.81 -120.40 46.57
CA ARG Q 25 -50.55 -120.24 45.85
C ARG Q 25 -50.26 -118.79 45.53
N GLU Q 26 -51.29 -117.96 45.43
CA GLU Q 26 -51.12 -116.56 45.06
C GLU Q 26 -50.66 -115.80 46.29
N ILE Q 27 -49.35 -115.59 46.39
CA ILE Q 27 -48.80 -114.70 47.40
C ILE Q 27 -48.83 -113.30 46.80
N GLN Q 28 -49.79 -112.49 47.21
CA GLN Q 28 -49.90 -111.14 46.69
C GLN Q 28 -48.78 -110.28 47.25
N ASN Q 29 -48.12 -109.53 46.38
CA ASN Q 29 -47.03 -108.66 46.82
C ASN Q 29 -47.59 -107.50 47.62
N ALA Q 30 -46.87 -107.12 48.68
CA ALA Q 30 -47.29 -106.05 49.55
C ALA Q 30 -46.80 -104.68 49.09
N SER Q 31 -46.14 -104.60 47.94
CA SER Q 31 -45.60 -103.34 47.43
C SER Q 31 -46.46 -102.85 46.27
N TRP Q 32 -46.94 -101.62 46.38
CA TRP Q 32 -47.76 -101.00 45.36
C TRP Q 32 -47.29 -99.61 44.98
N VAL Q 33 -46.56 -98.92 45.85
CA VAL Q 33 -46.25 -97.51 45.65
C VAL Q 33 -45.21 -97.37 44.55
N LYS Q 34 -45.30 -96.25 43.82
CA LYS Q 34 -44.44 -96.00 42.66
C LYS Q 34 -44.02 -94.53 42.70
N SER Q 35 -42.81 -94.26 43.18
CA SER Q 35 -42.35 -92.89 43.28
C SER Q 35 -42.11 -92.30 41.89
N PRO Q 36 -42.37 -91.00 41.70
CA PRO Q 36 -42.33 -90.38 40.37
C PRO Q 36 -40.97 -89.81 39.99
N PHE Q 37 -39.93 -90.62 40.09
CA PHE Q 37 -38.59 -90.16 39.75
C PHE Q 37 -38.10 -90.69 38.42
N PHE Q 38 -38.82 -91.64 37.83
CA PHE Q 38 -38.50 -92.07 36.47
C PHE Q 38 -38.96 -91.05 35.44
N SER Q 39 -40.02 -90.30 35.75
CA SER Q 39 -40.56 -89.32 34.83
C SER Q 39 -39.68 -88.07 34.72
N ILE Q 40 -38.90 -87.78 35.75
CA ILE Q 40 -38.01 -86.63 35.73
C ILE Q 40 -36.57 -87.05 35.44
N THR Q 41 -36.38 -88.21 34.81
CA THR Q 41 -35.05 -88.69 34.44
C THR Q 41 -35.00 -88.89 32.94
N GLY Q 42 -33.89 -88.50 32.33
CA GLY Q 42 -33.75 -88.67 30.90
C GLY Q 42 -32.36 -88.25 30.44
N THR Q 43 -32.15 -88.41 29.13
CA THR Q 43 -30.90 -88.05 28.51
C THR Q 43 -30.86 -86.61 28.01
N GLY Q 44 -31.99 -85.90 28.05
CA GLY Q 44 -32.01 -84.52 27.64
C GLY Q 44 -31.45 -83.60 28.70
N ALA Q 45 -30.80 -82.53 28.24
CA ALA Q 45 -30.19 -81.58 29.17
C ALA Q 45 -31.21 -80.89 30.06
N ASP Q 46 -32.47 -80.88 29.66
CA ASP Q 46 -33.52 -80.19 30.41
C ASP Q 46 -34.12 -81.03 31.53
N ARG Q 47 -33.84 -82.33 31.57
CA ARG Q 47 -34.42 -83.18 32.60
C ARG Q 47 -33.84 -82.84 33.96
N GLY Q 48 -34.69 -82.91 34.99
CA GLY Q 48 -34.23 -82.59 36.33
C GLY Q 48 -33.14 -83.52 36.81
N VAL Q 49 -33.25 -84.80 36.46
CA VAL Q 49 -32.21 -85.79 36.71
C VAL Q 49 -31.74 -86.28 35.37
N ARG Q 50 -30.47 -86.10 35.06
CA ARG Q 50 -29.95 -86.33 33.72
C ARG Q 50 -29.18 -87.63 33.65
N LEU Q 51 -29.55 -88.48 32.70
CA LEU Q 51 -28.87 -89.74 32.46
C LEU Q 51 -27.82 -89.53 31.39
N PHE Q 52 -26.56 -89.64 31.78
CA PHE Q 52 -25.47 -89.48 30.83
C PHE Q 52 -25.30 -90.75 30.00
N SER Q 53 -25.15 -90.57 28.69
CA SER Q 53 -25.07 -91.67 27.76
C SER Q 53 -23.71 -92.38 27.79
N VAL Q 54 -22.90 -92.11 28.81
CA VAL Q 54 -21.61 -92.79 28.95
C VAL Q 54 -21.86 -94.27 29.16
N ALA Q 55 -21.51 -95.10 28.17
CA ALA Q 55 -21.60 -96.54 28.29
C ALA Q 55 -20.29 -97.18 28.69
N SER Q 56 -19.20 -96.40 28.75
CA SER Q 56 -17.90 -96.93 29.12
C SER Q 56 -17.76 -97.11 30.63
N GLN Q 57 -18.74 -96.64 31.40
CA GLN Q 57 -18.82 -96.75 32.86
C GLN Q 57 -17.55 -96.26 33.54
N GLN Q 58 -16.69 -95.58 32.79
CA GLN Q 58 -15.56 -94.93 33.40
C GLN Q 58 -16.04 -93.68 34.15
N PRO Q 59 -15.32 -93.24 35.17
CA PRO Q 59 -15.69 -91.99 35.83
C PRO Q 59 -15.81 -90.87 34.81
N PHE Q 60 -16.93 -90.16 34.85
CA PHE Q 60 -17.22 -89.13 33.87
C PHE Q 60 -16.90 -87.76 34.44
N ARG Q 61 -16.75 -86.78 33.56
CA ARG Q 61 -16.46 -85.42 33.99
C ARG Q 61 -17.12 -84.42 33.05
N PRO Q 62 -18.38 -84.04 33.32
CA PRO Q 62 -18.98 -82.93 32.58
C PRO Q 62 -18.35 -81.60 32.93
N ARG Q 63 -18.40 -80.68 31.95
CA ARG Q 63 -17.82 -79.35 32.05
C ARG Q 63 -18.85 -78.32 31.61
N ILE Q 64 -18.79 -77.14 32.23
CA ILE Q 64 -19.64 -76.01 31.90
C ILE Q 64 -18.75 -74.79 31.69
N LYS Q 65 -19.25 -73.85 30.89
CA LYS Q 65 -18.53 -72.61 30.62
C LYS Q 65 -19.23 -71.46 31.34
N ALA Q 66 -18.48 -70.76 32.18
CA ALA Q 66 -19.07 -69.70 32.99
C ALA Q 66 -19.26 -68.43 32.18
N GLN Q 67 -20.19 -67.60 32.65
CA GLN Q 67 -20.41 -66.28 32.07
C GLN Q 67 -19.23 -65.36 32.35
N LEU Q 68 -18.85 -64.55 31.36
CA LEU Q 68 -17.80 -63.56 31.55
C LEU Q 68 -18.30 -62.44 32.44
N THR Q 69 -17.64 -62.24 33.58
CA THR Q 69 -17.98 -61.18 34.50
C THR Q 69 -16.93 -60.09 34.53
N GLY Q 70 -16.09 -60.03 33.52
CA GLY Q 70 -14.99 -59.08 33.47
C GLY Q 70 -15.36 -57.82 32.71
N SER Q 71 -14.83 -56.70 33.20
CA SER Q 71 -14.92 -55.46 32.48
C SER Q 71 -14.11 -55.54 31.20
N GLY Q 72 -14.51 -54.75 30.21
CA GLY Q 72 -13.83 -54.79 28.94
C GLY Q 72 -12.80 -53.68 28.81
N VAL Q 73 -12.70 -53.14 27.60
CA VAL Q 73 -11.89 -51.97 27.31
C VAL Q 73 -12.80 -50.92 26.70
N SER Q 74 -12.54 -49.65 27.02
CA SER Q 74 -13.39 -48.55 26.60
C SER Q 74 -12.65 -47.63 25.65
N GLY Q 75 -13.22 -47.44 24.46
CA GLY Q 75 -12.69 -46.50 23.51
C GLY Q 75 -11.51 -46.97 22.71
N ASN Q 76 -10.47 -46.16 22.63
CA ASN Q 76 -9.28 -46.50 21.86
C ASN Q 76 -8.36 -47.47 22.56
N THR Q 77 -8.63 -47.78 23.84
CA THR Q 77 -7.73 -48.62 24.60
C THR Q 77 -7.57 -49.98 23.95
N ASP Q 78 -6.35 -50.49 23.96
CA ASP Q 78 -6.08 -51.79 23.37
C ASP Q 78 -6.81 -52.88 24.13
N PHE Q 79 -7.22 -53.91 23.37
CA PHE Q 79 -7.76 -55.10 24.00
C PHE Q 79 -6.81 -55.63 25.06
N GLU Q 80 -5.51 -55.56 24.77
CA GLU Q 80 -4.49 -56.11 25.66
C GLU Q 80 -4.55 -55.48 27.04
N ALA Q 81 -5.05 -54.26 27.14
CA ALA Q 81 -5.07 -53.60 28.44
C ALA Q 81 -5.96 -54.35 29.42
N ASN Q 82 -6.95 -55.08 28.91
CA ASN Q 82 -7.83 -55.84 29.80
C ASN Q 82 -8.29 -57.07 29.03
N TYR Q 83 -7.56 -58.16 29.19
CA TYR Q 83 -7.98 -59.45 28.68
C TYR Q 83 -9.00 -60.07 29.63
N ASP Q 84 -9.92 -60.83 29.08
CA ASP Q 84 -10.83 -61.60 29.91
C ASP Q 84 -10.39 -63.04 29.99
N ASN Q 85 -10.87 -63.73 31.02
CA ASN Q 85 -10.45 -65.09 31.35
C ASN Q 85 -11.64 -66.01 31.17
N LEU Q 86 -11.56 -66.88 30.18
CA LEU Q 86 -12.61 -67.86 29.93
C LEU Q 86 -12.46 -69.00 30.91
N GLU Q 87 -13.39 -69.13 31.85
CA GLU Q 87 -13.30 -70.11 32.91
C GLU Q 87 -14.21 -71.30 32.60
N ILE Q 88 -13.68 -72.51 32.81
CA ILE Q 88 -14.42 -73.75 32.64
C ILE Q 88 -14.50 -74.42 34.00
N LEU Q 89 -15.68 -74.92 34.35
CA LEU Q 89 -15.88 -75.61 35.60
C LEU Q 89 -16.23 -77.07 35.33
N SER Q 90 -15.66 -77.98 36.10
CA SER Q 90 -15.82 -79.40 35.83
C SER Q 90 -16.30 -80.11 37.07
N GLN Q 91 -16.97 -81.24 36.87
CA GLN Q 91 -17.35 -82.11 37.97
C GLN Q 91 -17.21 -83.55 37.54
N THR Q 92 -16.70 -84.39 38.42
CA THR Q 92 -16.48 -85.80 38.10
C THR Q 92 -17.44 -86.68 38.89
N ILE Q 93 -18.01 -87.66 38.20
CA ILE Q 93 -18.95 -88.62 38.76
C ILE Q 93 -18.32 -90.00 38.69
N TYR Q 94 -18.20 -90.65 39.84
CA TYR Q 94 -17.65 -91.97 40.13
C TYR Q 94 -18.76 -92.97 40.36
N PRO Q 95 -18.60 -94.20 39.90
CA PRO Q 95 -19.64 -95.21 40.10
C PRO Q 95 -19.60 -95.78 41.51
N ASP Q 96 -20.70 -96.43 41.87
CA ASP Q 96 -20.83 -97.13 43.14
C ASP Q 96 -21.44 -98.49 42.92
N ALA Q 97 -20.94 -99.49 43.62
CA ALA Q 97 -21.46 -100.85 43.51
C ALA Q 97 -22.27 -101.17 44.75
N PHE Q 98 -23.48 -101.68 44.55
CA PHE Q 98 -24.31 -102.08 45.67
C PHE Q 98 -25.20 -103.22 45.25
N GLY Q 99 -25.64 -104.00 46.23
CA GLY Q 99 -26.47 -105.15 45.91
C GLY Q 99 -27.04 -105.77 47.16
N ASN Q 100 -27.96 -106.71 46.92
CA ASN Q 100 -28.57 -107.49 47.99
C ASN Q 100 -28.69 -108.93 47.54
N SER Q 101 -29.04 -109.81 48.47
CA SER Q 101 -29.17 -111.22 48.15
C SER Q 101 -30.13 -111.89 49.12
N LEU Q 102 -30.74 -112.97 48.65
CA LEU Q 102 -31.66 -113.79 49.40
C LEU Q 102 -31.21 -115.24 49.30
N ARG Q 103 -31.17 -115.92 50.43
CA ARG Q 103 -30.84 -117.34 50.47
C ARG Q 103 -32.09 -118.15 50.70
N SER Q 104 -32.25 -119.21 49.91
CA SER Q 104 -33.42 -120.06 50.01
C SER Q 104 -33.38 -120.89 51.29
N LYS Q 105 -34.43 -121.66 51.48
CA LYS Q 105 -34.42 -122.82 52.34
C LYS Q 105 -34.49 -124.07 51.45
N ILE Q 106 -34.17 -125.22 52.03
CA ILE Q 106 -33.99 -126.43 51.26
C ILE Q 106 -35.21 -126.71 50.39
N LYS Q 107 -34.99 -127.39 49.27
CA LYS Q 107 -36.06 -127.62 48.30
C LYS Q 107 -37.27 -128.28 48.95
N ALA Q 108 -37.05 -129.14 49.95
CA ALA Q 108 -38.16 -129.81 50.61
C ALA Q 108 -39.10 -128.79 51.24
N TYR Q 109 -38.55 -127.90 52.06
CA TYR Q 109 -39.40 -126.89 52.69
C TYR Q 109 -39.90 -125.88 51.69
N SER Q 110 -39.11 -125.58 50.67
CA SER Q 110 -39.56 -124.65 49.64
C SER Q 110 -40.78 -125.19 48.89
N GLU Q 111 -40.90 -126.50 48.79
CA GLU Q 111 -42.06 -127.09 48.13
C GLU Q 111 -43.18 -127.49 49.09
N LEU Q 112 -42.89 -127.61 50.39
CA LEU Q 112 -43.98 -127.83 51.34
C LEU Q 112 -44.83 -126.58 51.48
N GLU Q 113 -44.23 -125.48 51.95
CA GLU Q 113 -44.92 -124.20 52.03
C GLU Q 113 -45.26 -123.67 50.65
N ARG Q 114 -44.72 -124.30 49.60
CA ARG Q 114 -45.11 -124.06 48.22
C ARG Q 114 -44.81 -122.62 47.82
N ILE Q 115 -43.52 -122.30 47.87
CA ILE Q 115 -43.00 -120.99 47.49
C ILE Q 115 -42.02 -121.20 46.35
N ASP Q 116 -42.21 -120.49 45.25
CA ASP Q 116 -41.23 -120.49 44.16
C ASP Q 116 -40.18 -119.46 44.51
N PHE Q 117 -39.11 -119.91 45.16
CA PHE Q 117 -38.14 -118.97 45.71
C PHE Q 117 -37.46 -118.14 44.63
N ILE Q 118 -37.21 -118.73 43.47
CA ILE Q 118 -36.51 -117.99 42.42
C ILE Q 118 -37.32 -116.77 42.00
N LYS Q 119 -38.60 -116.99 41.65
CA LYS Q 119 -39.41 -115.90 41.12
C LYS Q 119 -39.71 -114.86 42.20
N GLU Q 120 -40.14 -115.31 43.37
CA GLU Q 120 -40.45 -114.37 44.44
C GLU Q 120 -39.22 -113.56 44.82
N SER Q 121 -38.08 -114.24 44.95
CA SER Q 121 -36.85 -113.55 45.32
C SER Q 121 -36.44 -112.55 44.27
N VAL Q 122 -36.55 -112.92 42.99
CA VAL Q 122 -36.15 -112.00 41.92
C VAL Q 122 -37.01 -110.76 41.94
N ASP Q 123 -38.32 -110.92 42.10
CA ASP Q 123 -39.21 -109.75 42.11
C ASP Q 123 -38.96 -108.88 43.33
N SER Q 124 -38.79 -109.49 44.50
CA SER Q 124 -38.52 -108.69 45.69
C SER Q 124 -37.21 -107.94 45.55
N LEU Q 125 -36.19 -108.57 44.95
CA LEU Q 125 -34.92 -107.91 44.76
C LEU Q 125 -35.03 -106.77 43.75
N THR Q 126 -35.84 -106.96 42.71
CA THR Q 126 -36.07 -105.87 41.76
C THR Q 126 -36.69 -104.66 42.45
N THR Q 127 -37.70 -104.90 43.29
CA THR Q 127 -38.29 -103.81 44.04
C THR Q 127 -37.26 -103.14 44.94
N TRP Q 128 -36.47 -103.95 45.64
CA TRP Q 128 -35.43 -103.39 46.50
C TRP Q 128 -34.46 -102.53 45.70
N MET Q 129 -34.11 -102.98 44.50
CA MET Q 129 -33.14 -102.25 43.69
C MET Q 129 -33.70 -100.91 43.24
N ASN Q 130 -34.94 -100.89 42.77
CA ASN Q 130 -35.53 -99.63 42.37
C ASN Q 130 -35.61 -98.66 43.54
N GLU Q 131 -36.08 -99.13 44.68
CA GLU Q 131 -36.20 -98.25 45.83
C GLU Q 131 -34.83 -97.75 46.27
N GLU Q 132 -33.81 -98.59 46.12
CA GLU Q 132 -32.48 -98.20 46.59
C GLU Q 132 -31.87 -97.15 45.67
N ARG Q 133 -32.00 -97.32 44.36
CA ARG Q 133 -31.44 -96.31 43.47
C ARG Q 133 -32.18 -94.98 43.61
N ASP Q 134 -33.50 -95.03 43.79
CA ASP Q 134 -34.23 -93.79 44.03
C ASP Q 134 -33.83 -93.14 45.34
N LYS Q 135 -33.58 -93.94 46.38
CA LYS Q 135 -33.11 -93.38 47.63
C LYS Q 135 -31.74 -92.74 47.47
N ARG Q 136 -30.89 -93.32 46.63
CA ARG Q 136 -29.60 -92.70 46.34
C ARG Q 136 -29.80 -91.35 45.66
N ILE Q 137 -30.71 -91.29 44.69
CA ILE Q 137 -30.99 -90.03 44.02
C ILE Q 137 -31.43 -88.98 45.02
N VAL Q 138 -32.42 -89.32 45.85
CA VAL Q 138 -32.96 -88.35 46.79
C VAL Q 138 -31.93 -87.95 47.83
N ALA Q 139 -31.05 -88.86 48.22
CA ALA Q 139 -29.97 -88.47 49.12
C ALA Q 139 -28.99 -87.55 48.43
N SER Q 140 -28.84 -87.69 47.11
CA SER Q 140 -28.01 -86.75 46.36
C SER Q 140 -28.61 -85.36 46.38
N LEU Q 141 -29.91 -85.25 46.06
CA LEU Q 141 -30.57 -83.94 46.07
C LEU Q 141 -30.37 -83.23 47.41
N THR Q 142 -30.67 -83.91 48.50
CA THR Q 142 -30.77 -83.26 49.79
C THR Q 142 -29.47 -83.28 50.58
N ASN Q 143 -28.38 -83.75 49.99
CA ASN Q 143 -27.14 -83.95 50.71
C ASN Q 143 -26.64 -82.67 51.37
N ASP Q 144 -26.27 -81.67 50.59
CA ASP Q 144 -25.70 -80.44 51.14
C ASP Q 144 -26.32 -79.27 50.39
N PHE Q 145 -27.39 -78.74 50.95
CA PHE Q 145 -28.06 -77.58 50.39
C PHE Q 145 -27.18 -76.36 50.59
N THR Q 146 -26.61 -75.84 49.50
CA THR Q 146 -25.95 -74.54 49.58
C THR Q 146 -26.98 -73.43 49.67
N ASN Q 147 -28.09 -73.58 48.96
CA ASN Q 147 -29.14 -72.58 48.91
C ASN Q 147 -30.46 -73.25 49.29
N TYR Q 148 -31.01 -72.87 50.44
CA TYR Q 148 -32.26 -73.46 50.91
C TYR Q 148 -33.10 -72.41 51.61
N LEU Q 149 -34.42 -72.52 51.46
CA LEU Q 149 -35.38 -71.61 52.05
C LEU Q 149 -36.24 -72.34 53.07
N TYR Q 150 -36.30 -71.80 54.29
CA TYR Q 150 -37.06 -72.41 55.37
C TYR Q 150 -38.30 -71.59 55.71
N ASN Q 151 -39.42 -72.29 55.87
CA ASN Q 151 -40.63 -71.71 56.40
C ASN Q 151 -41.26 -72.70 57.37
N ALA Q 152 -41.86 -72.17 58.44
CA ALA Q 152 -42.44 -73.06 59.44
C ALA Q 152 -43.59 -73.88 58.87
N ALA Q 153 -44.19 -73.42 57.78
CA ALA Q 153 -45.24 -74.16 57.10
C ALA Q 153 -45.13 -73.91 55.61
N MET Q 154 -45.64 -74.83 54.82
CA MET Q 154 -45.49 -74.76 53.37
C MET Q 154 -46.67 -73.99 52.79
N ASN Q 155 -46.40 -72.81 52.27
CA ASN Q 155 -47.39 -71.91 51.73
C ASN Q 155 -46.99 -71.48 50.33
N VAL Q 156 -47.94 -70.88 49.61
CA VAL Q 156 -47.65 -70.38 48.27
C VAL Q 156 -46.62 -69.26 48.33
N ALA Q 157 -46.54 -68.58 49.48
CA ALA Q 157 -45.56 -67.52 49.63
C ALA Q 157 -44.15 -68.04 49.37
N THR Q 158 -43.77 -69.12 50.03
CA THR Q 158 -42.41 -69.63 49.88
C THR Q 158 -42.20 -70.36 48.56
N ILE Q 159 -43.25 -70.94 47.98
CA ILE Q 159 -43.10 -71.48 46.63
C ILE Q 159 -42.74 -70.37 45.66
N ARG Q 160 -43.47 -69.26 45.71
CA ARG Q 160 -43.14 -68.11 44.89
C ARG Q 160 -41.75 -67.58 45.20
N LYS Q 161 -41.40 -67.54 46.49
CA LYS Q 161 -40.12 -67.00 46.89
C LYS Q 161 -38.98 -67.83 46.32
N ALA Q 162 -39.05 -69.15 46.46
CA ALA Q 162 -38.04 -70.01 45.91
C ALA Q 162 -38.02 -69.95 44.39
N ILE Q 163 -39.18 -69.78 43.76
CA ILE Q 163 -39.19 -69.72 42.31
C ILE Q 163 -38.45 -68.49 41.81
N PHE Q 164 -38.66 -67.33 42.43
CA PHE Q 164 -37.90 -66.22 41.85
C PHE Q 164 -36.47 -66.21 42.36
N HIS Q 165 -36.17 -66.83 43.50
CA HIS Q 165 -34.76 -67.05 43.85
C HIS Q 165 -34.07 -67.93 42.81
N ALA Q 166 -34.79 -68.92 42.29
CA ALA Q 166 -34.21 -69.78 41.27
C ALA Q 166 -34.01 -69.03 39.97
N ARG Q 167 -35.04 -68.31 39.50
CA ARG Q 167 -34.92 -67.70 38.18
C ARG Q 167 -34.05 -66.45 38.21
N ASN Q 168 -33.99 -65.74 39.33
CA ASN Q 168 -33.19 -64.53 39.44
C ASN Q 168 -31.87 -64.75 40.14
N GLY Q 169 -31.59 -65.97 40.57
CA GLY Q 169 -30.29 -66.27 41.15
C GLY Q 169 -30.01 -65.61 42.47
N LEU Q 170 -30.93 -65.75 43.43
CA LEU Q 170 -30.75 -65.14 44.74
C LEU Q 170 -30.42 -66.18 45.79
N LYS Q 171 -29.54 -65.80 46.71
CA LYS Q 171 -29.23 -66.59 47.88
C LYS Q 171 -30.29 -66.36 48.96
N ALA Q 172 -30.23 -67.17 50.01
CA ALA Q 172 -31.21 -67.06 51.09
C ALA Q 172 -31.17 -65.68 51.72
N ASP Q 173 -29.98 -65.17 52.02
CA ASP Q 173 -29.85 -63.83 52.58
C ASP Q 173 -29.72 -62.79 51.47
N ASN Q 174 -30.62 -62.88 50.49
CA ASN Q 174 -30.71 -61.93 49.38
C ASN Q 174 -29.38 -61.70 48.68
N SER Q 175 -28.42 -62.61 48.85
CA SER Q 175 -27.16 -62.49 48.14
C SER Q 175 -27.28 -63.10 46.75
N LYS Q 176 -26.21 -62.96 45.98
CA LYS Q 176 -26.22 -63.35 44.58
C LYS Q 176 -25.36 -64.59 44.40
N ALA Q 177 -25.93 -65.64 43.79
CA ALA Q 177 -25.09 -66.73 43.31
C ALA Q 177 -25.18 -66.84 41.78
N PHE Q 178 -26.31 -67.23 41.23
CA PHE Q 178 -26.52 -67.24 39.78
C PHE Q 178 -27.91 -67.74 39.44
N PRO Q 179 -28.49 -67.31 38.33
CA PRO Q 179 -29.79 -67.83 37.92
C PRO Q 179 -29.73 -69.32 37.64
N ILE Q 180 -30.75 -70.04 38.09
CA ILE Q 180 -30.79 -71.49 37.98
C ILE Q 180 -31.52 -71.87 36.71
N LYS Q 181 -30.88 -72.67 35.88
CA LYS Q 181 -31.49 -73.06 34.63
C LYS Q 181 -32.77 -73.84 34.91
N PRO Q 182 -33.88 -73.50 34.28
CA PRO Q 182 -35.14 -74.19 34.55
C PRO Q 182 -35.34 -75.37 33.62
N ILE Q 183 -36.27 -76.24 34.01
CA ILE Q 183 -36.59 -77.38 33.16
C ILE Q 183 -37.17 -76.90 31.84
N ARG Q 184 -37.94 -75.82 31.87
CA ARG Q 184 -38.43 -75.23 30.64
C ARG Q 184 -38.23 -73.73 30.65
N ALA Q 185 -37.98 -73.17 29.46
CA ALA Q 185 -37.98 -71.74 29.24
C ALA Q 185 -38.79 -71.47 27.99
N THR Q 186 -39.69 -70.49 28.06
CA THR Q 186 -40.59 -70.21 26.96
C THR Q 186 -40.71 -68.71 26.76
N MET Q 187 -41.16 -68.33 25.56
CA MET Q 187 -41.28 -66.94 25.17
C MET Q 187 -42.76 -66.56 25.26
N GLN Q 188 -43.15 -65.97 26.37
CA GLN Q 188 -44.54 -65.53 26.53
C GLN Q 188 -44.63 -64.05 26.25
N SER Q 189 -45.85 -63.58 26.02
CA SER Q 189 -46.07 -62.18 25.63
C SER Q 189 -47.05 -61.55 26.61
N VAL Q 190 -46.56 -60.63 27.44
CA VAL Q 190 -47.42 -59.82 28.28
C VAL Q 190 -47.77 -58.57 27.49
N GLY Q 191 -49.06 -58.37 27.24
CA GLY Q 191 -49.49 -57.27 26.41
C GLY Q 191 -48.84 -57.31 25.04
N ASN Q 192 -47.93 -56.37 24.78
CA ASN Q 192 -47.25 -56.29 23.51
C ASN Q 192 -45.76 -56.60 23.62
N VAL Q 193 -45.28 -57.00 24.79
CA VAL Q 193 -43.85 -57.18 25.01
C VAL Q 193 -43.60 -58.60 25.49
N VAL Q 194 -42.49 -59.16 25.05
CA VAL Q 194 -42.18 -60.57 25.21
C VAL Q 194 -41.26 -60.74 26.41
N VAL Q 195 -41.62 -61.66 27.29
CA VAL Q 195 -40.80 -62.03 28.43
C VAL Q 195 -40.47 -63.52 28.34
N GLN Q 196 -39.49 -63.91 29.14
CA GLN Q 196 -39.06 -65.30 29.22
C GLN Q 196 -39.61 -65.91 30.50
N ASN Q 197 -40.40 -66.98 30.36
CA ASN Q 197 -41.01 -67.63 31.49
C ASN Q 197 -40.30 -68.95 31.77
N THR Q 198 -39.99 -69.18 33.03
CA THR Q 198 -39.21 -70.33 33.46
C THR Q 198 -40.09 -71.28 34.26
N SER Q 199 -39.99 -72.57 33.94
CA SER Q 199 -40.74 -73.62 34.60
C SER Q 199 -39.76 -74.57 35.27
N TYR Q 200 -39.87 -74.68 36.59
CA TYR Q 200 -39.04 -75.52 37.44
C TYR Q 200 -39.83 -76.75 37.88
N ILE Q 201 -39.26 -77.55 38.76
CA ILE Q 201 -39.97 -78.68 39.35
C ILE Q 201 -39.77 -78.65 40.86
N ILE Q 202 -40.84 -78.57 41.61
CA ILE Q 202 -40.78 -78.50 43.06
C ILE Q 202 -41.31 -79.81 43.62
N LEU Q 203 -40.44 -80.57 44.27
CA LEU Q 203 -40.82 -81.82 44.90
C LEU Q 203 -40.99 -81.55 46.39
N LEU Q 204 -42.18 -81.82 46.89
CA LEU Q 204 -42.49 -81.57 48.29
C LEU Q 204 -42.69 -82.87 49.04
N ASP Q 205 -42.23 -82.89 50.28
CA ASP Q 205 -42.61 -83.91 51.23
C ASP Q 205 -44.13 -83.96 51.32
N SER Q 206 -44.69 -85.09 51.75
CA SER Q 206 -46.15 -85.15 51.84
C SER Q 206 -46.69 -84.32 52.99
N TYR Q 207 -45.90 -84.13 54.04
CA TYR Q 207 -46.29 -83.18 55.07
C TYR Q 207 -46.39 -81.77 54.51
N GLN Q 208 -45.43 -81.39 53.67
CA GLN Q 208 -45.47 -80.08 53.05
C GLN Q 208 -46.65 -79.95 52.11
N ALA Q 209 -46.97 -81.01 51.37
CA ALA Q 209 -48.14 -80.96 50.51
C ALA Q 209 -49.43 -80.81 51.33
N ASN Q 210 -49.48 -81.48 52.48
CA ASN Q 210 -50.62 -81.30 53.37
C ASN Q 210 -50.72 -79.86 53.84
N GLN Q 211 -49.59 -79.27 54.25
CA GLN Q 211 -49.61 -77.88 54.69
C GLN Q 211 -50.01 -76.94 53.56
N LEU Q 212 -49.57 -77.24 52.34
CA LEU Q 212 -49.94 -76.42 51.20
C LEU Q 212 -51.43 -76.51 50.92
N LYS Q 213 -52.02 -77.69 51.11
CA LYS Q 213 -53.48 -77.77 50.97
C LYS Q 213 -54.18 -77.01 52.08
N ALA Q 214 -53.54 -76.89 53.25
CA ALA Q 214 -54.06 -76.13 54.37
C ALA Q 214 -53.81 -74.64 54.24
N ASP Q 215 -53.51 -74.18 53.04
CA ASP Q 215 -53.10 -72.80 52.80
C ASP Q 215 -54.24 -72.01 52.17
N SER Q 216 -54.60 -70.90 52.81
CA SER Q 216 -55.68 -70.06 52.30
C SER Q 216 -55.34 -69.50 50.93
N GLU Q 217 -54.08 -69.10 50.72
CA GLU Q 217 -53.67 -68.60 49.42
C GLU Q 217 -53.80 -69.69 48.35
N PHE Q 218 -53.50 -70.93 48.71
CA PHE Q 218 -53.66 -72.01 47.74
C PHE Q 218 -55.13 -72.26 47.43
N LYS Q 219 -55.99 -72.19 48.43
CA LYS Q 219 -57.42 -72.33 48.17
C LYS Q 219 -57.91 -71.22 47.25
N GLU Q 220 -57.48 -69.98 47.52
CA GLU Q 220 -57.82 -68.87 46.65
C GLU Q 220 -57.34 -69.13 45.22
N LEU Q 221 -56.10 -69.59 45.08
CA LEU Q 221 -55.54 -69.82 43.76
C LEU Q 221 -56.32 -70.90 43.02
N ARG Q 222 -56.72 -71.96 43.72
CA ARG Q 222 -57.52 -73.00 43.08
C ARG Q 222 -58.89 -72.45 42.66
N LYS Q 223 -59.49 -71.61 43.50
CA LYS Q 223 -60.77 -71.01 43.16
C LYS Q 223 -60.63 -70.12 41.91
N LEU Q 224 -59.54 -69.35 41.85
CA LEU Q 224 -59.26 -68.52 40.69
C LEU Q 224 -59.04 -69.36 39.44
N TYR Q 225 -58.36 -70.49 39.58
CA TYR Q 225 -58.20 -71.41 38.45
C TYR Q 225 -59.55 -71.95 38.01
N ALA Q 226 -60.42 -72.27 38.97
CA ALA Q 226 -61.76 -72.74 38.66
C ALA Q 226 -62.52 -71.72 37.85
N PHE Q 227 -62.39 -70.44 38.22
CA PHE Q 227 -62.92 -69.37 37.38
C PHE Q 227 -62.31 -69.44 35.98
N ALA Q 228 -60.98 -69.50 35.91
CA ALA Q 228 -60.29 -69.43 34.63
C ALA Q 228 -60.59 -70.64 33.76
N GLY Q 229 -60.65 -71.83 34.37
CA GLY Q 229 -60.91 -73.04 33.62
C GLY Q 229 -59.73 -73.52 32.81
N GLU Q 230 -58.57 -73.62 33.46
CA GLU Q 230 -57.34 -74.09 32.82
C GLU Q 230 -57.35 -75.62 32.74
N ASP Q 231 -56.20 -76.24 32.49
CA ASP Q 231 -56.12 -77.69 32.54
C ASP Q 231 -56.29 -78.13 33.98
N LYS Q 232 -57.54 -78.32 34.39
CA LYS Q 232 -57.92 -78.59 35.76
C LYS Q 232 -57.97 -80.09 36.03
N GLY Q 233 -58.57 -80.46 37.15
CA GLY Q 233 -58.56 -81.83 37.62
C GLY Q 233 -57.66 -82.06 38.81
N MET Q 234 -57.18 -81.00 39.46
CA MET Q 234 -56.20 -81.13 40.51
C MET Q 234 -56.78 -80.98 41.91
N LEU Q 235 -57.90 -80.27 42.05
CA LEU Q 235 -58.46 -80.04 43.38
C LEU Q 235 -59.15 -81.29 43.93
N TYR Q 236 -59.91 -82.00 43.10
CA TYR Q 236 -60.64 -83.18 43.54
C TYR Q 236 -59.85 -84.46 43.32
N SER Q 237 -58.67 -84.37 42.70
CA SER Q 237 -57.76 -85.51 42.57
C SER Q 237 -56.65 -85.46 43.60
N GLY Q 238 -56.78 -84.61 44.61
CA GLY Q 238 -55.82 -84.56 45.69
C GLY Q 238 -54.43 -84.16 45.27
N LEU Q 239 -54.23 -83.70 44.04
CA LEU Q 239 -52.93 -83.26 43.58
C LEU Q 239 -52.73 -81.80 43.93
N LEU Q 240 -51.61 -81.23 43.48
CA LEU Q 240 -51.25 -79.88 43.88
C LEU Q 240 -51.12 -78.92 42.70
N GLY Q 241 -51.40 -79.35 41.48
CA GLY Q 241 -51.40 -78.43 40.35
C GLY Q 241 -50.04 -77.79 40.12
N VAL Q 242 -50.06 -76.51 39.73
CA VAL Q 242 -48.84 -75.76 39.46
C VAL Q 242 -48.89 -74.45 40.21
N ILE Q 243 -47.71 -73.92 40.52
CA ILE Q 243 -47.53 -72.59 41.08
C ILE Q 243 -46.50 -71.88 40.23
N ASP Q 244 -46.86 -70.73 39.67
CA ASP Q 244 -45.93 -69.92 38.87
C ASP Q 244 -45.32 -70.74 37.74
N ASN Q 245 -46.16 -71.51 37.05
CA ASN Q 245 -45.81 -72.32 35.89
C ASN Q 245 -44.91 -73.48 36.32
N CYS Q 246 -44.61 -73.61 37.60
CA CYS Q 246 -43.72 -74.65 38.08
C CYS Q 246 -44.55 -75.78 38.69
N PRO Q 247 -44.65 -76.94 38.04
CA PRO Q 247 -45.44 -78.04 38.60
C PRO Q 247 -44.90 -78.44 39.97
N VAL Q 248 -45.78 -78.42 40.95
CA VAL Q 248 -45.45 -78.77 42.32
C VAL Q 248 -45.98 -80.17 42.59
N ILE Q 249 -45.13 -81.02 43.17
CA ILE Q 249 -45.38 -82.45 43.24
C ILE Q 249 -45.20 -82.92 44.67
N ASP Q 250 -46.16 -83.71 45.15
CA ASP Q 250 -45.98 -84.48 46.37
C ASP Q 250 -45.23 -85.76 46.02
N ALA Q 251 -44.07 -85.95 46.64
CA ALA Q 251 -43.25 -87.12 46.35
C ALA Q 251 -43.45 -88.25 47.35
N GLY Q 252 -43.51 -87.96 48.63
CA GLY Q 252 -43.76 -88.95 49.64
C GLY Q 252 -42.89 -88.69 50.84
N VAL Q 253 -42.86 -89.68 51.75
CA VAL Q 253 -42.04 -89.62 52.94
C VAL Q 253 -40.99 -90.71 52.85
N TRP Q 254 -39.80 -90.42 53.36
CA TRP Q 254 -38.71 -91.39 53.39
C TRP Q 254 -38.90 -92.28 54.60
N ASN Q 255 -39.16 -93.57 54.35
CA ASN Q 255 -39.17 -94.57 55.40
C ASN Q 255 -38.48 -95.81 54.86
N LYS Q 256 -38.32 -96.81 55.72
CA LYS Q 256 -37.56 -98.00 55.34
C LYS Q 256 -38.17 -98.74 54.17
N LEU Q 257 -39.47 -98.58 53.93
CA LEU Q 257 -40.13 -99.34 52.89
C LEU Q 257 -39.91 -98.75 51.51
N ASN Q 258 -40.39 -97.54 51.28
CA ASN Q 258 -40.28 -96.88 49.98
C ASN Q 258 -39.55 -95.55 50.14
N VAL Q 259 -39.32 -94.90 49.00
CA VAL Q 259 -38.53 -93.68 48.94
C VAL Q 259 -39.47 -92.49 48.88
N GLY Q 260 -39.15 -91.46 49.67
CA GLY Q 260 -39.80 -90.18 49.59
C GLY Q 260 -38.81 -89.13 50.04
N MET Q 261 -39.23 -87.87 50.00
CA MET Q 261 -38.36 -86.80 50.44
C MET Q 261 -37.98 -87.01 51.89
N PRO Q 262 -36.73 -86.80 52.24
CA PRO Q 262 -36.29 -87.12 53.60
C PRO Q 262 -36.87 -86.18 54.64
N ASN Q 263 -36.48 -86.38 55.88
CA ASN Q 263 -36.86 -85.49 56.96
C ASN Q 263 -35.92 -85.73 58.12
N SER Q 264 -36.07 -84.95 59.18
CA SER Q 264 -35.15 -85.04 60.30
C SER Q 264 -35.38 -86.26 61.17
N SER Q 265 -36.20 -87.21 60.74
CA SER Q 265 -36.31 -88.47 61.46
C SER Q 265 -35.31 -89.50 60.95
N ILE Q 266 -34.85 -89.34 59.71
CA ILE Q 266 -33.89 -90.27 59.13
C ILE Q 266 -32.55 -90.05 59.79
N SER Q 267 -32.00 -91.11 60.38
CA SER Q 267 -30.76 -90.99 61.13
C SER Q 267 -29.59 -90.69 60.19
N ASP Q 268 -28.51 -90.20 60.77
CA ASP Q 268 -27.35 -89.82 59.98
C ASP Q 268 -26.79 -91.01 59.22
N SER Q 269 -26.64 -92.14 59.89
CA SER Q 269 -26.09 -93.32 59.24
C SER Q 269 -26.99 -93.82 58.11
N ASP Q 270 -28.30 -93.85 58.35
CA ASP Q 270 -29.23 -94.32 57.35
C ASP Q 270 -29.30 -93.41 56.14
N PHE Q 271 -28.88 -92.15 56.29
CA PHE Q 271 -28.82 -91.25 55.15
C PHE Q 271 -27.49 -91.38 54.42
N THR Q 272 -26.38 -91.31 55.17
CA THR Q 272 -25.07 -91.41 54.55
C THR Q 272 -24.83 -92.74 53.88
N ARG Q 273 -25.61 -93.77 54.23
CA ARG Q 273 -25.52 -95.03 53.51
C ARG Q 273 -25.77 -94.85 52.02
N TYR Q 274 -26.51 -93.82 51.63
CA TYR Q 274 -26.89 -93.61 50.25
C TYR Q 274 -26.08 -92.52 49.57
N LEU Q 275 -24.98 -92.10 50.17
CA LEU Q 275 -24.12 -91.06 49.62
C LEU Q 275 -22.84 -91.69 49.09
N ASN Q 276 -22.45 -91.30 47.87
CA ASN Q 276 -21.31 -91.93 47.22
C ASN Q 276 -20.00 -91.61 47.92
N LYS Q 277 -19.88 -90.40 48.47
CA LYS Q 277 -18.73 -89.97 49.26
C LYS Q 277 -17.46 -89.86 48.41
N ALA Q 278 -17.54 -90.28 47.15
CA ALA Q 278 -16.58 -89.90 46.14
C ALA Q 278 -17.12 -88.80 45.26
N ASN Q 279 -18.43 -88.73 45.13
CA ASN Q 279 -19.12 -87.64 44.45
C ASN Q 279 -19.58 -86.57 45.43
N VAL Q 280 -19.23 -86.70 46.70
CA VAL Q 280 -19.73 -85.83 47.75
C VAL Q 280 -18.57 -85.03 48.31
N SER Q 281 -18.64 -83.71 48.19
CA SER Q 281 -17.66 -82.85 48.84
C SER Q 281 -17.91 -82.75 50.34
N ASN Q 282 -19.17 -82.63 50.74
CA ASN Q 282 -19.52 -82.47 52.13
C ASN Q 282 -20.85 -83.15 52.40
N ILE Q 283 -20.99 -83.71 53.60
CA ILE Q 283 -22.20 -84.40 54.02
C ILE Q 283 -22.88 -83.54 55.07
N VAL Q 284 -24.16 -83.25 54.86
CA VAL Q 284 -24.99 -82.57 55.85
C VAL Q 284 -26.32 -83.31 55.89
N THR Q 285 -26.47 -84.23 56.82
CA THR Q 285 -27.68 -85.00 56.91
C THR Q 285 -28.81 -84.15 57.47
N PRO Q 286 -30.06 -84.52 57.20
CA PRO Q 286 -31.19 -83.76 57.74
C PRO Q 286 -31.14 -83.55 59.24
N MET Q 287 -30.49 -84.46 59.98
CA MET Q 287 -30.20 -84.18 61.38
C MET Q 287 -29.36 -82.91 61.53
N GLN Q 288 -28.26 -82.84 60.77
CA GLN Q 288 -27.38 -81.68 60.87
C GLN Q 288 -28.02 -80.44 60.26
N LEU Q 289 -28.85 -80.61 59.23
CA LEU Q 289 -29.59 -79.47 58.70
C LEU Q 289 -30.54 -78.91 59.74
N LYS Q 290 -31.27 -79.78 60.44
CA LYS Q 290 -32.14 -79.31 61.51
C LYS Q 290 -31.34 -78.67 62.63
N GLU Q 291 -30.16 -79.20 62.93
CA GLU Q 291 -29.32 -78.59 63.93
C GLU Q 291 -28.89 -77.19 63.51
N LYS Q 292 -28.54 -77.02 62.23
CA LYS Q 292 -28.18 -75.70 61.74
C LYS Q 292 -29.33 -74.73 61.86
N LEU Q 293 -30.52 -75.18 61.46
CA LEU Q 293 -31.69 -74.29 61.53
C LEU Q 293 -32.02 -73.93 62.96
N ASN Q 294 -31.89 -74.88 63.89
CA ASN Q 294 -32.17 -74.60 65.29
C ASN Q 294 -31.21 -73.54 65.83
N GLN Q 295 -29.99 -73.48 65.30
CA GLN Q 295 -29.06 -72.43 65.63
C GLN Q 295 -29.16 -71.24 64.70
N GLU Q 296 -30.12 -71.26 63.78
CA GLU Q 296 -30.37 -70.14 62.89
C GLU Q 296 -31.54 -69.29 63.40
N ASN Q 310 -38.59 -76.91 67.82
CA ASN Q 310 -37.53 -77.90 67.84
C ASN Q 310 -38.02 -79.22 67.27
N LYS Q 311 -39.05 -79.14 66.43
CA LYS Q 311 -39.64 -80.31 65.82
C LYS Q 311 -38.79 -80.79 64.65
N ASP Q 312 -39.17 -81.93 64.08
CA ASP Q 312 -38.49 -82.41 62.89
C ASP Q 312 -38.89 -81.54 61.68
N ILE Q 313 -38.12 -81.68 60.61
CA ILE Q 313 -38.26 -80.82 59.45
C ILE Q 313 -38.39 -81.69 58.21
N SER Q 314 -39.54 -81.62 57.55
CA SER Q 314 -39.65 -82.19 56.22
C SER Q 314 -38.81 -81.38 55.25
N ILE Q 315 -38.31 -82.02 54.21
CA ILE Q 315 -37.34 -81.41 53.33
C ILE Q 315 -37.74 -81.67 51.89
N GLY Q 316 -38.26 -80.65 51.21
CA GLY Q 316 -38.49 -80.68 49.79
C GLY Q 316 -37.43 -79.87 49.07
N CYS Q 317 -37.61 -79.75 47.76
CA CYS Q 317 -36.61 -79.04 46.99
C CYS Q 317 -37.18 -78.58 45.66
N LEU Q 318 -36.79 -77.38 45.26
CA LEU Q 318 -36.96 -76.91 43.89
C LEU Q 318 -35.74 -77.34 43.09
N ILE Q 319 -35.97 -77.92 41.93
CA ILE Q 319 -34.91 -78.39 41.07
C ILE Q 319 -35.12 -77.83 39.68
N GLY Q 320 -34.01 -77.45 39.03
CA GLY Q 320 -34.00 -77.11 37.64
C GLY Q 320 -33.42 -78.22 36.78
N ALA Q 321 -33.12 -77.88 35.54
CA ALA Q 321 -32.58 -78.86 34.61
C ALA Q 321 -31.23 -79.35 35.08
N SER Q 322 -30.98 -80.65 34.90
CA SER Q 322 -29.71 -81.26 35.24
C SER Q 322 -29.33 -81.02 36.70
N ALA Q 323 -30.30 -81.17 37.60
CA ALA Q 323 -30.03 -80.99 39.01
C ALA Q 323 -29.20 -82.13 39.58
N VAL Q 324 -29.37 -83.34 39.04
CA VAL Q 324 -28.63 -84.52 39.48
C VAL Q 324 -28.21 -85.29 38.23
N LEU Q 325 -26.97 -85.76 38.23
CA LEU Q 325 -26.35 -86.40 37.08
C LEU Q 325 -26.16 -87.88 37.36
N LEU Q 326 -26.49 -88.71 36.39
CA LEU Q 326 -26.44 -90.17 36.47
C LEU Q 326 -25.46 -90.68 35.44
N ALA Q 327 -24.21 -90.87 35.82
CA ALA Q 327 -23.25 -91.53 34.97
C ALA Q 327 -23.37 -93.03 35.11
N GLY Q 328 -23.31 -93.72 33.98
CA GLY Q 328 -23.39 -95.16 33.95
C GLY Q 328 -24.80 -95.65 33.70
N SER Q 329 -24.90 -96.89 33.22
CA SER Q 329 -26.19 -97.48 32.95
C SER Q 329 -26.90 -97.84 34.26
N LYS Q 330 -28.22 -97.73 34.24
CA LYS Q 330 -29.02 -98.17 35.38
C LYS Q 330 -29.29 -99.66 35.37
N GLU Q 331 -28.85 -100.36 34.33
CA GLU Q 331 -29.08 -101.79 34.23
C GLU Q 331 -28.46 -102.52 35.41
N THR Q 332 -29.20 -103.51 35.93
CA THR Q 332 -28.78 -104.31 37.07
C THR Q 332 -28.53 -105.74 36.62
N ARG Q 333 -27.73 -106.46 37.41
CA ARG Q 333 -27.38 -107.84 37.11
C ARG Q 333 -27.90 -108.76 38.20
N PHE Q 334 -28.45 -109.89 37.78
CA PHE Q 334 -29.03 -110.89 38.66
C PHE Q 334 -28.15 -112.13 38.64
N TYR Q 335 -27.69 -112.54 39.82
CA TYR Q 335 -26.83 -113.70 39.97
C TYR Q 335 -27.62 -114.78 40.69
N ILE Q 336 -27.97 -115.84 39.97
CA ILE Q 336 -28.75 -116.94 40.50
C ILE Q 336 -27.83 -118.14 40.63
N ASP Q 337 -27.63 -118.60 41.87
CA ASP Q 337 -26.72 -119.69 42.18
C ASP Q 337 -27.51 -120.79 42.88
N GLU Q 338 -27.77 -121.87 42.16
CA GLU Q 338 -28.54 -123.00 42.70
C GLU Q 338 -27.63 -124.12 43.16
N THR Q 339 -26.48 -123.78 43.73
CA THR Q 339 -25.54 -124.78 44.23
C THR Q 339 -25.19 -124.57 45.70
N VAL Q 340 -25.93 -123.72 46.41
CA VAL Q 340 -25.69 -123.57 47.84
C VAL Q 340 -26.12 -124.84 48.56
N ASP Q 341 -25.37 -125.22 49.59
CA ASP Q 341 -25.65 -126.42 50.37
C ASP Q 341 -25.74 -127.64 49.46
N ALA Q 342 -24.72 -127.82 48.63
CA ALA Q 342 -24.60 -128.90 47.67
C ALA Q 342 -25.68 -128.85 46.59
N GLY Q 343 -26.41 -127.76 46.48
CA GLY Q 343 -27.54 -127.67 45.57
C GLY Q 343 -28.88 -127.87 46.23
N ARG Q 344 -28.90 -128.12 47.54
CA ARG Q 344 -30.15 -128.27 48.26
C ARG Q 344 -30.84 -126.93 48.49
N LYS Q 345 -30.10 -125.84 48.49
CA LYS Q 345 -30.65 -124.50 48.66
C LYS Q 345 -30.35 -123.68 47.41
N SER Q 346 -30.64 -122.38 47.49
CA SER Q 346 -30.39 -121.49 46.37
C SER Q 346 -30.06 -120.11 46.91
N LEU Q 347 -29.47 -119.28 46.06
CA LEU Q 347 -29.12 -117.91 46.42
C LEU Q 347 -29.34 -117.02 45.21
N VAL Q 348 -30.12 -115.97 45.39
CA VAL Q 348 -30.37 -115.01 44.32
C VAL Q 348 -29.87 -113.65 44.80
N GLY Q 349 -29.00 -113.03 44.02
CA GLY Q 349 -28.49 -111.72 44.35
C GLY Q 349 -28.69 -110.75 43.20
N VAL Q 350 -28.69 -109.48 43.54
CA VAL Q 350 -28.84 -108.40 42.58
C VAL Q 350 -27.75 -107.37 42.85
N ASP Q 351 -27.16 -106.85 41.78
CA ASP Q 351 -26.03 -105.94 41.87
C ASP Q 351 -26.18 -104.83 40.83
N CYS Q 352 -25.86 -103.60 41.24
CA CYS Q 352 -25.89 -102.46 40.34
C CYS Q 352 -24.63 -101.63 40.53
N LEU Q 353 -24.20 -101.00 39.43
CA LEU Q 353 -23.10 -100.04 39.40
C LEU Q 353 -23.68 -98.73 38.89
N LEU Q 354 -23.83 -97.76 39.79
CA LEU Q 354 -24.53 -96.52 39.49
C LEU Q 354 -23.71 -95.33 39.95
N GLY Q 355 -23.55 -94.34 39.07
CA GLY Q 355 -22.91 -93.11 39.47
C GLY Q 355 -23.89 -91.97 39.59
N VAL Q 356 -24.12 -91.46 40.80
CA VAL Q 356 -25.12 -90.43 41.07
C VAL Q 356 -24.42 -89.26 41.74
N SER Q 357 -24.63 -88.07 41.23
CA SER Q 357 -24.05 -86.90 41.88
C SER Q 357 -24.95 -85.69 41.71
N LYS Q 358 -25.12 -84.93 42.78
CA LYS Q 358 -25.80 -83.64 42.66
C LYS Q 358 -24.87 -82.67 41.92
N ALA Q 359 -25.39 -82.07 40.85
CA ALA Q 359 -24.59 -81.18 40.03
C ALA Q 359 -24.03 -80.05 40.86
N ARG Q 360 -22.71 -80.04 41.03
CA ARG Q 360 -22.01 -79.05 41.84
C ARG Q 360 -20.61 -78.91 41.25
N TYR Q 361 -20.45 -77.96 40.33
CA TYR Q 361 -19.22 -77.84 39.58
C TYR Q 361 -18.18 -77.06 40.36
N GLN Q 362 -16.92 -77.30 40.06
CA GLN Q 362 -15.79 -76.62 40.67
C GLN Q 362 -15.00 -75.89 39.60
N SER Q 363 -14.45 -74.74 39.97
CA SER Q 363 -13.54 -74.04 39.06
C SER Q 363 -12.26 -74.84 38.90
N THR Q 364 -11.77 -74.92 37.67
CA THR Q 364 -10.63 -75.78 37.40
C THR Q 364 -9.41 -75.37 38.21
N ASP Q 365 -8.89 -74.17 37.96
CA ASP Q 365 -7.56 -73.82 38.50
C ASP Q 365 -7.61 -73.08 39.83
N GLY Q 366 -8.02 -71.82 39.81
CA GLY Q 366 -8.07 -71.05 41.04
C GLY Q 366 -9.09 -69.94 41.05
N VAL Q 367 -9.90 -69.86 40.00
CA VAL Q 367 -10.70 -68.67 39.76
C VAL Q 367 -11.94 -68.70 40.65
N VAL Q 368 -12.06 -67.69 41.51
CA VAL Q 368 -13.28 -67.53 42.29
C VAL Q 368 -14.41 -67.17 41.34
N THR Q 369 -15.48 -67.96 41.36
CA THR Q 369 -16.56 -67.85 40.41
C THR Q 369 -17.86 -67.98 41.18
N PRO Q 370 -18.94 -67.35 40.70
CA PRO Q 370 -20.23 -67.54 41.36
C PRO Q 370 -20.70 -68.97 41.40
N TYR Q 371 -20.19 -69.84 40.52
CA TYR Q 371 -20.63 -71.22 40.46
C TYR Q 371 -19.78 -72.16 41.31
N ASP Q 372 -18.82 -71.62 42.06
CA ASP Q 372 -17.68 -72.43 42.50
C ASP Q 372 -18.10 -73.62 43.35
N ASN Q 373 -18.93 -73.39 44.36
CA ASN Q 373 -19.34 -74.48 45.25
C ASN Q 373 -20.83 -74.44 45.47
N GLN Q 374 -21.57 -74.06 44.45
CA GLN Q 374 -22.99 -73.84 44.58
C GLN Q 374 -23.76 -74.95 43.90
N ASP Q 375 -24.86 -75.37 44.51
CA ASP Q 375 -25.69 -76.40 43.91
C ASP Q 375 -26.24 -75.90 42.60
N TYR Q 376 -25.70 -76.41 41.51
CA TYR Q 376 -26.17 -76.08 40.18
C TYR Q 376 -27.59 -76.59 40.04
N ALA Q 377 -28.56 -75.69 40.09
CA ALA Q 377 -29.98 -75.98 39.82
C ALA Q 377 -30.68 -76.74 40.94
N VAL Q 378 -30.38 -76.41 42.20
CA VAL Q 378 -31.12 -76.96 43.33
C VAL Q 378 -31.28 -75.91 44.42
N ILE Q 379 -32.50 -75.77 44.95
CA ILE Q 379 -32.80 -74.97 46.13
C ILE Q 379 -33.57 -75.83 47.12
N GLY Q 380 -33.19 -75.76 48.39
CA GLY Q 380 -33.85 -76.56 49.42
C GLY Q 380 -35.03 -75.84 50.04
N LEU Q 381 -36.09 -76.59 50.33
CA LEU Q 381 -37.33 -76.06 50.88
C LEU Q 381 -37.60 -76.80 52.18
N VAL Q 382 -37.25 -76.20 53.30
CA VAL Q 382 -37.37 -76.84 54.60
C VAL Q 382 -38.63 -76.32 55.28
N SER Q 383 -39.46 -77.24 55.74
CA SER Q 383 -40.67 -76.92 56.49
C SER Q 383 -40.62 -77.67 57.81
N ASN Q 384 -41.75 -77.70 58.51
CA ASN Q 384 -41.82 -78.45 59.75
C ASN Q 384 -42.33 -79.85 59.49
N MET Q 385 -42.08 -80.74 60.45
CA MET Q 385 -42.44 -82.15 60.31
C MET Q 385 -43.95 -82.30 60.13
N GLU Q 386 -44.71 -81.39 60.71
CA GLU Q 386 -46.16 -81.41 60.62
C GLU Q 386 -46.66 -81.02 59.22
N MET R 1 -72.72 95.86 -32.15
CA MET R 1 -72.23 96.97 -31.32
C MET R 1 -73.10 97.15 -30.08
N LEU R 2 -72.53 96.88 -28.92
CA LEU R 2 -73.21 97.02 -27.64
C LEU R 2 -72.37 97.83 -26.66
N GLU R 3 -71.85 98.96 -27.13
CA GLU R 3 -71.15 99.93 -26.29
C GLU R 3 -72.03 101.16 -26.20
N LYS R 4 -72.79 101.27 -25.11
CA LYS R 4 -73.72 102.38 -24.98
C LYS R 4 -72.98 103.72 -24.94
N LEU R 5 -71.86 103.78 -24.24
CA LEU R 5 -71.12 105.02 -24.15
C LEU R 5 -70.61 105.47 -25.51
N ASN R 6 -70.06 104.53 -26.27
CA ASN R 6 -69.59 104.77 -27.64
C ASN R 6 -68.70 106.01 -27.72
N ASN R 7 -67.66 106.03 -26.88
CA ASN R 7 -66.64 107.05 -27.00
C ASN R 7 -65.65 106.61 -28.08
N ILE R 8 -64.57 107.35 -28.24
CA ILE R 8 -63.57 106.99 -29.25
C ILE R 8 -62.81 105.77 -28.76
N ASN R 9 -62.67 104.78 -29.64
CA ASN R 9 -61.95 103.55 -29.32
C ASN R 9 -60.54 103.66 -29.88
N PHE R 10 -59.60 104.04 -29.03
CA PHE R 10 -58.21 104.21 -29.45
C PHE R 10 -57.45 102.90 -29.53
N ASN R 11 -58.14 101.76 -29.51
CA ASN R 11 -57.49 100.47 -29.60
C ASN R 11 -56.89 100.26 -30.99
N ASN R 12 -55.92 99.37 -31.05
CA ASN R 12 -55.30 98.98 -32.31
C ASN R 12 -55.97 97.71 -32.83
N ILE R 13 -55.42 97.18 -33.93
CA ILE R 13 -55.85 95.87 -34.39
C ILE R 13 -55.20 94.76 -33.58
N SER R 14 -54.18 95.07 -32.78
CA SER R 14 -53.59 94.09 -31.89
C SER R 14 -54.55 93.68 -30.78
N ASN R 15 -55.55 94.50 -30.50
CA ASN R 15 -56.54 94.21 -29.47
C ASN R 15 -57.72 93.43 -30.00
N ASN R 16 -57.67 93.01 -31.26
CA ASN R 16 -58.76 92.25 -31.86
C ASN R 16 -58.48 90.76 -31.64
N PRO R 17 -59.25 90.07 -30.81
CA PRO R 17 -58.99 88.64 -30.56
C PRO R 17 -59.48 87.71 -31.65
N ASN R 18 -59.87 88.23 -32.80
CA ASN R 18 -60.18 87.40 -33.95
C ASN R 18 -58.96 87.13 -34.81
N LEU R 19 -57.79 87.60 -34.40
CA LEU R 19 -56.58 87.56 -35.20
C LEU R 19 -55.61 86.53 -34.63
N GLY R 20 -55.07 85.69 -35.51
CA GLY R 20 -54.02 84.78 -35.12
C GLY R 20 -52.67 85.47 -35.08
N ILE R 21 -51.63 84.67 -35.00
CA ILE R 21 -50.25 85.16 -35.04
C ILE R 21 -49.40 84.11 -35.72
N GLU R 22 -48.70 84.50 -36.78
CA GLU R 22 -47.67 83.67 -37.36
C GLU R 22 -46.32 84.04 -36.78
N VAL R 23 -45.37 83.11 -36.84
CA VAL R 23 -44.03 83.33 -36.31
C VAL R 23 -42.96 83.20 -37.38
N GLY R 24 -43.06 82.20 -38.24
CA GLY R 24 -42.07 82.05 -39.29
C GLY R 24 -41.02 81.01 -38.92
N ARG R 25 -40.90 79.99 -39.76
CA ARG R 25 -40.03 78.87 -39.43
C ARG R 25 -38.56 79.27 -39.49
N GLU R 26 -38.21 80.20 -40.38
CA GLU R 26 -36.82 80.59 -40.55
C GLU R 26 -36.45 81.69 -39.57
N ILE R 27 -35.40 81.46 -38.79
CA ILE R 27 -34.90 82.44 -37.84
C ILE R 27 -33.65 83.07 -38.43
N GLN R 28 -33.58 84.39 -38.36
CA GLN R 28 -32.50 85.11 -39.02
C GLN R 28 -31.29 85.20 -38.09
N ASN R 29 -30.14 84.76 -38.58
CA ASN R 29 -28.90 84.92 -37.84
C ASN R 29 -28.55 86.39 -37.75
N ALA R 30 -28.15 86.83 -36.56
CA ALA R 30 -27.77 88.23 -36.40
C ALA R 30 -26.37 88.50 -36.96
N SER R 31 -25.52 87.49 -37.02
CA SER R 31 -24.18 87.60 -37.55
C SER R 31 -24.10 86.91 -38.90
N TRP R 32 -23.21 87.40 -39.76
CA TRP R 32 -23.05 86.85 -41.10
C TRP R 32 -21.59 86.44 -41.31
N VAL R 33 -21.29 86.01 -42.53
CA VAL R 33 -19.95 85.56 -42.89
C VAL R 33 -19.13 86.80 -43.26
N LYS R 34 -18.26 87.21 -42.37
CA LYS R 34 -17.51 88.46 -42.48
C LYS R 34 -16.03 88.21 -42.70
N SER R 35 -15.70 87.19 -43.46
CA SER R 35 -14.32 86.79 -43.62
C SER R 35 -13.56 87.84 -44.41
N PRO R 36 -12.53 88.46 -43.85
CA PRO R 36 -11.64 89.31 -44.65
C PRO R 36 -10.58 88.53 -45.42
N PHE R 37 -10.75 87.22 -45.55
CA PHE R 37 -9.76 86.36 -46.19
C PHE R 37 -10.37 85.48 -47.26
N PHE R 38 -11.59 85.79 -47.73
CA PHE R 38 -12.24 84.91 -48.68
C PHE R 38 -11.50 84.90 -50.02
N SER R 39 -11.20 86.07 -50.56
CA SER R 39 -10.43 86.14 -51.79
C SER R 39 -8.97 85.79 -51.57
N ILE R 40 -8.54 85.68 -50.31
CA ILE R 40 -7.16 85.41 -49.96
C ILE R 40 -6.92 83.93 -49.74
N THR R 41 -7.87 83.25 -49.13
CA THR R 41 -7.71 81.85 -48.80
C THR R 41 -7.69 81.01 -50.07
N GLY R 42 -6.76 80.05 -50.12
CA GLY R 42 -6.67 79.17 -51.27
C GLY R 42 -5.54 78.20 -51.09
N THR R 43 -5.50 77.22 -51.98
CA THR R 43 -4.48 76.19 -51.92
C THR R 43 -3.23 76.53 -52.71
N GLY R 44 -3.24 77.61 -53.47
CA GLY R 44 -2.12 77.94 -54.31
C GLY R 44 -0.98 78.55 -53.53
N ALA R 45 0.19 78.58 -54.17
CA ALA R 45 1.37 79.11 -53.52
C ALA R 45 1.30 80.61 -53.34
N ASP R 46 0.68 81.32 -54.29
CA ASP R 46 0.59 82.78 -54.24
C ASP R 46 -0.70 83.26 -53.60
N ARG R 47 -1.00 82.77 -52.42
CA ARG R 47 -2.19 83.17 -51.68
C ARG R 47 -1.77 83.64 -50.30
N GLY R 48 -2.48 84.64 -49.78
CA GLY R 48 -2.09 85.23 -48.51
C GLY R 48 -2.16 84.23 -47.37
N VAL R 49 -3.22 83.43 -47.33
CA VAL R 49 -3.33 82.35 -46.37
C VAL R 49 -3.53 81.06 -47.15
N ARG R 50 -2.69 80.08 -46.90
CA ARG R 50 -2.58 78.91 -47.77
C ARG R 50 -3.18 77.69 -47.11
N LEU R 51 -3.92 76.92 -47.88
CA LEU R 51 -4.57 75.69 -47.42
C LEU R 51 -3.69 74.50 -47.76
N PHE R 52 -3.45 73.65 -46.77
CA PHE R 52 -2.54 72.52 -46.90
C PHE R 52 -3.25 71.21 -46.66
N SER R 53 -4.39 71.00 -47.29
CA SER R 53 -5.16 69.78 -47.10
C SER R 53 -4.25 68.56 -47.23
N VAL R 54 -4.06 67.85 -46.12
CA VAL R 54 -3.22 66.66 -46.07
C VAL R 54 -4.05 65.52 -45.53
N ALA R 55 -4.00 64.38 -46.21
CA ALA R 55 -4.72 63.20 -45.74
C ALA R 55 -4.12 62.74 -44.42
N SER R 56 -4.96 62.12 -43.59
CA SER R 56 -4.65 61.61 -42.26
C SER R 56 -4.49 62.72 -41.24
N GLN R 57 -4.55 63.98 -41.65
CA GLN R 57 -4.49 65.12 -40.74
C GLN R 57 -3.29 65.06 -39.80
N GLN R 58 -2.20 64.46 -40.25
CA GLN R 58 -1.00 64.42 -39.46
C GLN R 58 -0.44 65.83 -39.29
N PRO R 59 0.35 66.06 -38.26
CA PRO R 59 1.12 67.31 -38.21
C PRO R 59 1.91 67.51 -39.49
N PHE R 60 1.77 68.67 -40.12
CA PHE R 60 2.35 68.88 -41.44
C PHE R 60 3.75 69.49 -41.35
N ARG R 61 4.47 69.40 -42.47
CA ARG R 61 5.85 69.88 -42.57
C ARG R 61 5.96 70.75 -43.82
N PRO R 62 5.43 71.97 -43.79
CA PRO R 62 5.67 72.89 -44.90
C PRO R 62 7.16 73.15 -45.06
N ARG R 63 7.58 73.33 -46.30
CA ARG R 63 9.01 73.21 -46.61
C ARG R 63 9.31 74.04 -47.85
N ILE R 64 10.34 74.91 -47.76
CA ILE R 64 10.68 75.83 -48.83
C ILE R 64 12.17 75.73 -49.15
N LYS R 65 12.53 76.29 -50.30
CA LYS R 65 13.91 76.37 -50.76
C LYS R 65 14.36 77.82 -50.82
N ALA R 66 15.59 78.08 -50.40
CA ALA R 66 16.18 79.38 -50.65
C ALA R 66 16.53 79.49 -52.13
N GLN R 67 16.31 80.67 -52.70
CA GLN R 67 16.65 80.88 -54.10
C GLN R 67 18.16 80.79 -54.30
N LEU R 68 18.56 80.23 -55.43
CA LEU R 68 19.97 80.00 -55.73
C LEU R 68 20.63 81.33 -56.06
N THR R 69 21.56 81.76 -55.22
CA THR R 69 22.24 83.04 -55.36
C THR R 69 23.73 82.85 -55.52
N GLY R 70 24.13 81.79 -56.20
CA GLY R 70 25.54 81.51 -56.45
C GLY R 70 25.86 81.69 -57.91
N SER R 71 27.01 82.30 -58.19
CA SER R 71 27.46 82.43 -59.56
C SER R 71 27.79 81.05 -60.13
N GLY R 72 27.32 80.77 -61.33
CA GLY R 72 27.48 79.46 -61.89
C GLY R 72 28.87 79.26 -62.47
N VAL R 73 28.94 78.72 -63.67
CA VAL R 73 30.19 78.55 -64.38
C VAL R 73 30.14 79.37 -65.67
N SER R 74 31.31 79.54 -66.28
CA SER R 74 31.44 80.32 -67.49
C SER R 74 32.22 79.53 -68.52
N GLY R 75 31.75 79.56 -69.77
CA GLY R 75 32.52 78.99 -70.85
C GLY R 75 32.76 77.50 -70.68
N ASN R 76 34.02 77.10 -70.84
CA ASN R 76 34.40 75.70 -70.77
C ASN R 76 34.49 75.15 -69.36
N THR R 77 34.46 76.01 -68.34
CA THR R 77 34.53 75.53 -66.97
C THR R 77 33.42 74.52 -66.73
N ASP R 78 33.76 73.40 -66.08
CA ASP R 78 32.76 72.37 -65.90
C ASP R 78 31.97 72.64 -64.63
N PHE R 79 30.79 72.02 -64.55
CA PHE R 79 29.83 72.33 -63.50
C PHE R 79 30.46 72.20 -62.12
N GLU R 80 31.25 71.15 -61.91
CA GLU R 80 31.74 70.84 -60.58
C GLU R 80 32.67 71.91 -60.03
N ALA R 81 33.18 72.79 -60.87
CA ALA R 81 34.00 73.88 -60.37
C ALA R 81 33.19 74.86 -59.53
N ASN R 82 31.88 74.90 -59.70
CA ASN R 82 31.02 75.69 -58.82
C ASN R 82 29.68 74.96 -58.74
N TYR R 83 29.54 74.11 -57.74
CA TYR R 83 28.27 73.49 -57.44
C TYR R 83 27.42 74.45 -56.65
N ASP R 84 26.13 74.46 -56.91
CA ASP R 84 25.21 75.30 -56.17
C ASP R 84 24.57 74.50 -55.04
N ASN R 85 24.19 75.20 -53.98
CA ASN R 85 23.70 74.58 -52.76
C ASN R 85 22.18 74.66 -52.74
N LEU R 86 21.54 73.52 -52.58
CA LEU R 86 20.08 73.47 -52.41
C LEU R 86 19.81 73.52 -50.92
N GLU R 87 19.39 74.69 -50.45
CA GLU R 87 19.16 74.93 -49.04
C GLU R 87 17.67 74.83 -48.74
N ILE R 88 17.32 74.06 -47.73
CA ILE R 88 15.92 73.78 -47.41
C ILE R 88 15.60 74.35 -46.03
N LEU R 89 14.38 74.83 -45.90
CA LEU R 89 13.85 75.40 -44.67
C LEU R 89 12.53 74.73 -44.37
N SER R 90 12.23 74.52 -43.10
CA SER R 90 11.06 73.74 -42.72
C SER R 90 10.34 74.38 -41.55
N GLN R 91 9.08 73.97 -41.39
CA GLN R 91 8.26 74.37 -40.27
C GLN R 91 7.27 73.24 -40.00
N THR R 92 6.82 73.15 -38.75
CA THR R 92 5.87 72.12 -38.34
C THR R 92 4.59 72.78 -37.88
N ILE R 93 3.46 72.31 -38.41
CA ILE R 93 2.15 72.83 -38.06
C ILE R 93 1.40 71.73 -37.31
N TYR R 94 1.25 71.89 -36.04
CA TYR R 94 0.47 70.92 -35.31
C TYR R 94 -1.00 71.31 -35.32
N PRO R 95 -1.91 70.34 -35.25
CA PRO R 95 -3.33 70.67 -35.25
C PRO R 95 -3.81 71.12 -33.88
N ASP R 96 -4.98 71.76 -33.89
CA ASP R 96 -5.65 72.19 -32.69
C ASP R 96 -7.10 71.73 -32.79
N ALA R 97 -7.60 71.10 -31.73
CA ALA R 97 -8.95 70.58 -31.72
C ALA R 97 -9.84 71.54 -30.94
N PHE R 98 -10.92 71.98 -31.58
CA PHE R 98 -11.83 72.90 -30.90
C PHE R 98 -13.22 72.75 -31.49
N GLY R 99 -14.23 73.09 -30.69
CA GLY R 99 -15.59 72.91 -31.15
C GLY R 99 -16.57 73.56 -30.20
N ASN R 100 -17.84 73.45 -30.58
CA ASN R 100 -18.93 74.01 -29.79
C ASN R 100 -20.15 73.11 -29.95
N SER R 101 -21.18 73.39 -29.16
CA SER R 101 -22.36 72.55 -29.19
C SER R 101 -23.57 73.31 -28.66
N LEU R 102 -24.74 72.88 -29.13
CA LEU R 102 -26.03 73.40 -28.69
C LEU R 102 -26.91 72.23 -28.31
N ARG R 103 -27.56 72.33 -27.15
CA ARG R 103 -28.53 71.35 -26.72
C ARG R 103 -29.92 71.95 -26.86
N SER R 104 -30.85 71.18 -27.42
CA SER R 104 -32.16 71.69 -27.77
C SER R 104 -33.07 71.69 -26.56
N LYS R 105 -34.36 71.88 -26.81
CA LYS R 105 -35.42 71.65 -25.86
C LYS R 105 -36.20 70.43 -26.32
N ILE R 106 -37.18 70.03 -25.51
CA ILE R 106 -37.92 68.82 -25.82
C ILE R 106 -38.60 68.96 -27.17
N LYS R 107 -38.73 67.84 -27.87
CA LYS R 107 -39.19 67.88 -29.26
C LYS R 107 -40.54 68.57 -29.38
N ALA R 108 -41.40 68.41 -28.38
CA ALA R 108 -42.69 69.09 -28.40
C ALA R 108 -42.53 70.60 -28.34
N TYR R 109 -41.62 71.10 -27.51
CA TYR R 109 -41.39 72.53 -27.45
C TYR R 109 -40.76 73.05 -28.73
N SER R 110 -39.86 72.27 -29.32
CA SER R 110 -39.29 72.68 -30.60
C SER R 110 -40.34 72.71 -31.69
N GLU R 111 -41.37 71.87 -31.57
CA GLU R 111 -42.47 71.94 -32.53
C GLU R 111 -43.38 73.14 -32.26
N LEU R 112 -43.64 73.45 -30.99
CA LEU R 112 -44.45 74.63 -30.68
C LEU R 112 -43.78 75.89 -31.21
N GLU R 113 -42.53 76.11 -30.84
CA GLU R 113 -41.84 77.34 -31.18
C GLU R 113 -41.34 77.33 -32.61
N ARG R 114 -41.56 76.25 -33.34
CA ARG R 114 -41.14 76.13 -34.74
C ARG R 114 -39.63 76.27 -34.88
N ILE R 115 -38.90 75.91 -33.83
CA ILE R 115 -37.44 75.87 -33.89
C ILE R 115 -37.06 74.60 -34.65
N ASP R 116 -36.54 74.77 -35.86
CA ASP R 116 -35.96 73.64 -36.58
C ASP R 116 -34.52 73.49 -36.07
N PHE R 117 -34.40 72.84 -34.92
CA PHE R 117 -33.17 72.94 -34.14
C PHE R 117 -31.97 72.42 -34.90
N ILE R 118 -32.13 71.38 -35.71
CA ILE R 118 -30.99 70.88 -36.47
C ILE R 118 -30.49 71.93 -37.45
N LYS R 119 -31.41 72.50 -38.22
CA LYS R 119 -31.04 73.50 -39.22
C LYS R 119 -30.48 74.75 -38.57
N GLU R 120 -31.19 75.29 -37.58
CA GLU R 120 -30.73 76.51 -36.92
C GLU R 120 -29.40 76.29 -36.22
N SER R 121 -29.24 75.14 -35.58
CA SER R 121 -27.99 74.83 -34.90
C SER R 121 -26.84 74.72 -35.89
N VAL R 122 -27.06 74.05 -37.01
CA VAL R 122 -26.00 73.92 -37.99
C VAL R 122 -25.60 75.29 -38.52
N ASP R 123 -26.58 76.15 -38.79
CA ASP R 123 -26.27 77.48 -39.29
C ASP R 123 -25.47 78.29 -38.25
N SER R 124 -25.96 78.32 -37.01
CA SER R 124 -25.30 79.10 -35.98
C SER R 124 -23.90 78.59 -35.68
N LEU R 125 -23.73 77.27 -35.67
CA LEU R 125 -22.43 76.69 -35.40
C LEU R 125 -21.48 76.88 -36.57
N THR R 126 -21.99 76.89 -37.80
CA THR R 126 -21.14 77.21 -38.93
C THR R 126 -20.62 78.64 -38.82
N THR R 127 -21.50 79.57 -38.45
CA THR R 127 -21.05 80.94 -38.23
C THR R 127 -20.02 81.01 -37.12
N TRP R 128 -20.26 80.29 -36.01
CA TRP R 128 -19.32 80.30 -34.90
C TRP R 128 -17.97 79.75 -35.33
N MET R 129 -17.97 78.66 -36.09
CA MET R 129 -16.73 78.06 -36.57
C MET R 129 -15.98 79.03 -37.47
N ASN R 130 -16.68 79.70 -38.38
CA ASN R 130 -16.02 80.64 -39.28
C ASN R 130 -15.38 81.77 -38.49
N GLU R 131 -16.11 82.33 -37.53
CA GLU R 131 -15.55 83.43 -36.76
C GLU R 131 -14.35 82.97 -35.94
N GLU R 132 -14.43 81.76 -35.38
CA GLU R 132 -13.31 81.24 -34.60
C GLU R 132 -12.08 81.05 -35.47
N ARG R 133 -12.25 80.48 -36.66
CA ARG R 133 -11.12 80.29 -37.55
C ARG R 133 -10.50 81.62 -37.94
N ASP R 134 -11.33 82.61 -38.26
CA ASP R 134 -10.79 83.91 -38.62
C ASP R 134 -10.03 84.54 -37.47
N LYS R 135 -10.54 84.40 -36.24
CA LYS R 135 -9.83 84.95 -35.11
C LYS R 135 -8.50 84.25 -34.88
N ARG R 136 -8.46 82.94 -35.13
CA ARG R 136 -7.17 82.23 -35.03
C ARG R 136 -6.19 82.74 -36.06
N ILE R 137 -6.67 82.94 -37.30
CA ILE R 137 -5.78 83.45 -38.34
C ILE R 137 -5.23 84.81 -37.96
N VAL R 138 -6.09 85.70 -37.48
CA VAL R 138 -5.63 87.03 -37.09
C VAL R 138 -4.65 86.94 -35.92
N ALA R 139 -4.94 86.09 -34.93
CA ALA R 139 -4.10 86.02 -33.74
C ALA R 139 -2.72 85.46 -34.07
N SER R 140 -2.65 84.42 -34.89
CA SER R 140 -1.33 83.94 -35.31
C SER R 140 -0.63 84.95 -36.19
N LEU R 141 -1.39 85.62 -37.05
CA LEU R 141 -0.83 86.58 -37.99
C LEU R 141 -0.16 87.75 -37.28
N THR R 142 -0.75 88.21 -36.18
CA THR R 142 -0.30 89.40 -35.49
C THR R 142 0.49 89.10 -34.22
N ASN R 143 1.02 87.89 -34.10
CA ASN R 143 1.81 87.49 -32.94
C ASN R 143 3.28 87.41 -33.32
N ASP R 144 4.14 88.00 -32.49
CA ASP R 144 5.59 87.90 -32.63
C ASP R 144 6.06 88.39 -34.00
N PHE R 145 5.89 89.70 -34.19
CA PHE R 145 6.42 90.35 -35.38
C PHE R 145 7.94 90.33 -35.33
N THR R 146 8.56 89.54 -36.21
CA THR R 146 10.00 89.65 -36.40
C THR R 146 10.34 90.97 -37.08
N ASN R 147 9.42 91.51 -37.87
CA ASN R 147 9.63 92.72 -38.64
C ASN R 147 8.40 93.58 -38.49
N TYR R 148 8.54 94.77 -37.91
CA TYR R 148 7.38 95.62 -37.70
C TYR R 148 7.80 97.08 -37.64
N LEU R 149 6.86 97.96 -37.99
CA LEU R 149 7.10 99.39 -38.06
C LEU R 149 6.10 100.11 -37.19
N TYR R 150 6.57 101.07 -36.40
CA TYR R 150 5.72 101.83 -35.50
C TYR R 150 5.69 103.29 -35.90
N ASN R 151 4.47 103.82 -36.05
CA ASN R 151 4.24 105.25 -36.24
C ASN R 151 3.10 105.66 -35.33
N ALA R 152 3.25 106.81 -34.68
CA ALA R 152 2.24 107.24 -33.71
C ALA R 152 0.87 107.35 -34.35
N ALA R 153 0.80 107.93 -35.54
CA ALA R 153 -0.40 107.95 -36.36
C ALA R 153 -0.07 107.35 -37.71
N MET R 154 -0.91 106.45 -38.19
CA MET R 154 -0.63 105.72 -39.42
C MET R 154 -0.75 106.66 -40.60
N ASN R 155 0.38 107.18 -41.06
CA ASN R 155 0.40 108.00 -42.26
C ASN R 155 0.64 107.10 -43.47
N VAL R 156 0.90 107.68 -44.64
CA VAL R 156 1.24 106.88 -45.79
C VAL R 156 2.74 106.68 -45.94
N ALA R 157 3.55 107.49 -45.23
CA ALA R 157 4.99 107.26 -45.27
C ALA R 157 5.34 105.90 -44.69
N THR R 158 4.69 105.52 -43.60
CA THR R 158 4.93 104.20 -43.00
C THR R 158 4.49 103.09 -43.94
N ILE R 159 3.35 103.27 -44.60
CA ILE R 159 2.87 102.27 -45.56
C ILE R 159 3.87 102.12 -46.70
N ARG R 160 4.35 103.26 -47.22
CA ARG R 160 5.35 103.26 -48.29
C ARG R 160 6.61 102.55 -47.85
N LYS R 161 7.08 102.83 -46.64
CA LYS R 161 8.29 102.20 -46.14
C LYS R 161 8.12 100.69 -46.01
N ALA R 162 6.95 100.27 -45.54
CA ALA R 162 6.69 98.83 -45.43
C ALA R 162 6.67 98.17 -46.80
N ILE R 163 6.04 98.83 -47.79
CA ILE R 163 6.01 98.25 -49.12
C ILE R 163 7.41 98.21 -49.73
N PHE R 164 8.21 99.24 -49.46
CA PHE R 164 9.60 99.25 -49.90
C PHE R 164 10.35 98.06 -49.33
N HIS R 165 10.25 97.84 -48.02
CA HIS R 165 10.93 96.72 -47.39
C HIS R 165 10.44 95.39 -47.95
N ALA R 166 9.14 95.25 -48.13
CA ALA R 166 8.60 93.99 -48.65
C ALA R 166 9.09 93.74 -50.07
N ARG R 167 9.12 94.76 -50.92
CA ARG R 167 9.45 94.56 -52.31
C ARG R 167 10.95 94.31 -52.50
N ASN R 168 11.78 95.08 -51.80
CA ASN R 168 13.22 95.02 -52.01
C ASN R 168 13.97 94.33 -50.88
N GLY R 169 13.29 93.76 -49.91
CA GLY R 169 13.99 92.99 -48.90
C GLY R 169 14.82 93.82 -47.96
N LEU R 170 14.18 94.60 -47.10
CA LEU R 170 14.87 95.36 -46.06
C LEU R 170 14.21 95.06 -44.72
N LYS R 171 14.86 95.50 -43.66
CA LYS R 171 14.36 95.30 -42.30
C LYS R 171 13.91 96.63 -41.72
N ALA R 172 13.49 96.59 -40.46
CA ALA R 172 12.99 97.80 -39.80
C ALA R 172 14.04 98.89 -39.73
N ASP R 173 15.31 98.50 -39.64
CA ASP R 173 16.42 99.44 -39.60
C ASP R 173 17.22 99.45 -40.90
N ASN R 174 16.54 99.15 -42.02
CA ASN R 174 17.17 99.10 -43.33
C ASN R 174 18.35 98.13 -43.35
N SER R 175 18.19 96.99 -42.68
CA SER R 175 19.16 95.92 -42.75
C SER R 175 18.91 95.11 -44.02
N LYS R 176 19.51 93.93 -44.10
CA LYS R 176 19.33 93.03 -45.22
C LYS R 176 18.24 92.02 -44.87
N ALA R 177 17.29 91.84 -45.77
CA ALA R 177 16.20 90.89 -45.60
C ALA R 177 15.95 90.27 -46.98
N PHE R 178 14.79 89.65 -47.14
CA PHE R 178 14.47 89.06 -48.41
C PHE R 178 13.19 89.66 -48.97
N PRO R 179 13.04 89.68 -50.30
CA PRO R 179 11.81 90.24 -50.88
C PRO R 179 10.62 89.30 -50.65
N ILE R 180 9.53 89.88 -50.17
CA ILE R 180 8.31 89.14 -49.91
C ILE R 180 7.55 88.93 -51.21
N LYS R 181 6.89 87.77 -51.35
CA LYS R 181 6.12 87.63 -52.57
C LYS R 181 4.69 88.15 -52.40
N PRO R 182 4.09 88.67 -53.47
CA PRO R 182 2.75 89.26 -53.35
C PRO R 182 1.64 88.23 -53.51
N ILE R 183 0.49 88.56 -52.92
CA ILE R 183 -0.68 87.68 -52.99
C ILE R 183 -1.29 87.78 -54.37
N ARG R 184 -1.89 86.68 -54.82
CA ARG R 184 -2.79 86.70 -55.97
C ARG R 184 -4.21 86.52 -55.43
N ALA R 185 -4.84 87.64 -55.06
CA ALA R 185 -6.20 87.60 -54.54
C ALA R 185 -7.17 87.33 -55.68
N THR R 186 -7.96 86.27 -55.54
CA THR R 186 -8.83 85.78 -56.60
C THR R 186 -10.25 85.63 -56.07
N MET R 187 -11.21 86.17 -56.80
CA MET R 187 -12.62 86.03 -56.47
C MET R 187 -13.40 85.81 -57.76
N GLN R 188 -14.33 84.88 -57.74
CA GLN R 188 -15.15 84.62 -58.91
C GLN R 188 -16.45 85.41 -58.82
N SER R 189 -16.88 85.96 -59.95
CA SER R 189 -18.01 86.88 -60.00
C SER R 189 -19.29 86.07 -59.86
N VAL R 190 -20.42 86.66 -60.23
CA VAL R 190 -21.70 85.96 -60.07
C VAL R 190 -21.66 84.61 -60.78
N GLY R 191 -21.50 84.63 -62.10
CA GLY R 191 -21.41 83.38 -62.83
C GLY R 191 -20.49 83.38 -64.04
N ASN R 192 -19.81 84.49 -64.29
CA ASN R 192 -19.16 84.70 -65.58
C ASN R 192 -17.64 84.79 -65.51
N VAL R 193 -17.09 85.70 -64.71
CA VAL R 193 -15.68 86.10 -64.81
C VAL R 193 -15.00 85.86 -63.48
N VAL R 194 -13.73 85.45 -63.54
CA VAL R 194 -12.88 85.31 -62.37
C VAL R 194 -11.96 86.52 -62.33
N VAL R 195 -12.13 87.37 -61.33
CA VAL R 195 -11.31 88.56 -61.17
C VAL R 195 -10.19 88.24 -60.18
N GLN R 196 -9.03 88.87 -60.39
CA GLN R 196 -7.87 88.57 -59.56
C GLN R 196 -6.84 89.68 -59.71
N ASN R 197 -6.11 89.93 -58.63
CA ASN R 197 -5.07 90.95 -58.62
C ASN R 197 -3.89 90.48 -57.78
N THR R 198 -2.68 90.83 -58.20
CA THR R 198 -1.45 90.41 -57.54
C THR R 198 -0.77 91.62 -56.90
N SER R 199 -0.66 91.60 -55.58
CA SER R 199 0.03 92.67 -54.84
C SER R 199 0.13 92.26 -53.37
N TYR R 200 0.92 93.03 -52.63
CA TYR R 200 0.89 92.93 -51.18
C TYR R 200 -0.41 93.51 -50.65
N ILE R 201 -0.81 93.09 -49.45
CA ILE R 201 -2.09 93.52 -48.92
C ILE R 201 -1.89 94.08 -47.52
N ILE R 202 -2.42 95.26 -47.28
CA ILE R 202 -2.27 95.95 -46.01
C ILE R 202 -3.59 95.88 -45.27
N LEU R 203 -3.59 95.22 -44.12
CA LEU R 203 -4.76 95.09 -43.28
C LEU R 203 -4.54 95.95 -42.04
N LEU R 204 -5.24 97.07 -41.95
CA LEU R 204 -5.25 97.86 -40.75
C LEU R 204 -6.51 97.53 -39.95
N ASP R 205 -6.62 98.12 -38.78
CA ASP R 205 -7.90 98.13 -38.09
C ASP R 205 -8.52 99.51 -38.24
N SER R 206 -9.77 99.62 -37.77
CA SER R 206 -10.55 100.82 -38.05
C SER R 206 -9.90 102.08 -37.50
N TYR R 207 -9.12 101.96 -36.43
CA TYR R 207 -8.45 103.14 -35.90
C TYR R 207 -7.32 103.60 -36.81
N GLN R 208 -6.50 102.66 -37.27
CA GLN R 208 -5.49 103.01 -38.25
C GLN R 208 -6.13 103.46 -39.56
N ALA R 209 -7.27 102.89 -39.90
CA ALA R 209 -8.01 103.35 -41.08
C ALA R 209 -8.40 104.81 -40.94
N ASN R 210 -8.92 105.18 -39.77
CA ASN R 210 -9.26 106.58 -39.53
C ASN R 210 -8.02 107.46 -39.60
N GLN R 211 -6.92 107.02 -39.00
CA GLN R 211 -5.70 107.82 -39.02
C GLN R 211 -5.19 107.99 -40.44
N LEU R 212 -5.36 106.99 -41.29
CA LEU R 212 -4.90 107.09 -42.67
C LEU R 212 -5.81 107.97 -43.50
N LYS R 213 -7.11 107.94 -43.24
CA LYS R 213 -8.02 108.84 -43.95
C LYS R 213 -7.70 110.30 -43.64
N ALA R 214 -7.26 110.58 -42.41
CA ALA R 214 -6.91 111.93 -42.02
C ALA R 214 -5.62 112.42 -42.64
N ASP R 215 -4.86 111.55 -43.31
CA ASP R 215 -3.60 111.94 -43.92
C ASP R 215 -3.87 112.62 -45.26
N SER R 216 -3.39 113.86 -45.40
CA SER R 216 -3.71 114.66 -46.57
C SER R 216 -3.18 114.01 -47.84
N GLU R 217 -1.94 113.53 -47.80
CA GLU R 217 -1.37 112.88 -48.97
C GLU R 217 -2.14 111.64 -49.37
N PHE R 218 -2.75 110.94 -48.40
CA PHE R 218 -3.62 109.84 -48.76
C PHE R 218 -4.82 110.31 -49.56
N LYS R 219 -5.39 111.46 -49.16
CA LYS R 219 -6.46 112.06 -49.96
C LYS R 219 -5.96 112.36 -51.36
N GLU R 220 -4.75 112.91 -51.47
CA GLU R 220 -4.19 113.20 -52.78
C GLU R 220 -3.99 111.94 -53.60
N LEU R 221 -3.81 110.79 -52.97
CA LEU R 221 -3.62 109.55 -53.70
C LEU R 221 -4.90 109.01 -54.30
N ARG R 222 -6.05 109.58 -53.96
CA ARG R 222 -7.32 109.00 -54.40
C ARG R 222 -7.57 109.24 -55.88
N LYS R 223 -7.19 108.28 -56.71
CA LYS R 223 -7.49 108.28 -58.13
C LYS R 223 -8.21 106.98 -58.50
N LEU R 224 -8.64 106.90 -59.74
CA LEU R 224 -9.39 105.73 -60.19
C LEU R 224 -8.52 104.48 -60.15
N TYR R 225 -9.12 103.37 -59.77
CA TYR R 225 -8.40 102.11 -59.62
C TYR R 225 -8.88 101.07 -60.64
N LYS R 232 -11.28 95.36 -60.51
CA LYS R 232 -10.58 94.50 -59.55
C LYS R 232 -10.56 95.15 -58.18
N GLY R 233 -11.73 95.58 -57.71
CA GLY R 233 -11.85 96.24 -56.43
C GLY R 233 -12.80 95.53 -55.50
N MET R 234 -13.57 94.59 -56.05
CA MET R 234 -14.46 93.78 -55.23
C MET R 234 -13.74 92.60 -54.59
N LEU R 235 -12.48 92.36 -54.95
CA LEU R 235 -11.70 91.31 -54.31
C LEU R 235 -11.48 91.59 -52.83
N TYR R 236 -11.65 92.82 -52.38
CA TYR R 236 -11.29 93.24 -51.04
C TYR R 236 -12.51 93.83 -50.36
N SER R 237 -12.87 93.29 -49.20
CA SER R 237 -14.11 93.65 -48.53
C SER R 237 -14.13 95.10 -48.09
N GLY R 238 -13.24 95.47 -47.17
CA GLY R 238 -13.22 96.82 -46.65
C GLY R 238 -12.21 97.69 -47.34
N LEU R 239 -12.11 97.55 -48.67
CA LEU R 239 -11.09 98.25 -49.44
C LEU R 239 -11.15 99.75 -49.19
N LEU R 240 -10.08 100.27 -48.61
CA LEU R 240 -10.00 101.67 -48.19
C LEU R 240 -9.23 102.53 -49.18
N GLY R 241 -8.04 102.08 -49.56
CA GLY R 241 -7.26 102.83 -50.52
C GLY R 241 -6.38 101.89 -51.31
N VAL R 242 -5.55 102.45 -52.17
CA VAL R 242 -4.54 101.68 -52.90
C VAL R 242 -3.27 102.51 -52.90
N ILE R 243 -2.22 102.00 -52.27
CA ILE R 243 -0.96 102.72 -52.14
C ILE R 243 0.11 101.86 -52.81
N ASP R 244 0.70 102.37 -53.88
CA ASP R 244 1.69 101.64 -54.67
C ASP R 244 1.17 100.29 -55.12
N ASN R 245 -0.03 100.30 -55.68
CA ASN R 245 -0.75 99.12 -56.14
C ASN R 245 -1.05 98.15 -55.02
N CYS R 246 -0.79 98.54 -53.77
CA CYS R 246 -1.04 97.67 -52.63
C CYS R 246 -2.34 98.11 -51.98
N PRO R 247 -3.40 97.29 -52.01
CA PRO R 247 -4.69 97.72 -51.48
C PRO R 247 -4.69 97.80 -49.96
N VAL R 248 -4.91 99.00 -49.43
CA VAL R 248 -5.06 99.21 -48.00
C VAL R 248 -6.50 98.89 -47.63
N ILE R 249 -6.67 97.93 -46.72
CA ILE R 249 -7.96 97.40 -46.32
C ILE R 249 -8.18 97.74 -44.85
N ASP R 250 -9.40 98.16 -44.53
CA ASP R 250 -9.82 98.31 -43.13
C ASP R 250 -10.44 96.99 -42.69
N ALA R 251 -9.69 96.22 -41.91
CA ALA R 251 -10.19 94.94 -41.41
C ALA R 251 -11.10 95.10 -40.22
N GLY R 252 -11.14 96.27 -39.59
CA GLY R 252 -12.08 96.53 -38.53
C GLY R 252 -11.55 96.19 -37.16
N VAL R 253 -12.14 96.83 -36.15
CA VAL R 253 -11.80 96.51 -34.77
C VAL R 253 -12.25 95.09 -34.47
N TRP R 254 -11.54 94.43 -33.57
CA TRP R 254 -11.78 93.04 -33.24
C TRP R 254 -12.22 92.96 -31.79
N ASN R 255 -13.40 92.41 -31.55
CA ASN R 255 -13.95 92.31 -30.21
C ASN R 255 -14.81 91.06 -30.15
N LYS R 256 -15.66 90.98 -29.13
CA LYS R 256 -16.43 89.77 -28.88
C LYS R 256 -17.34 89.41 -30.03
N LEU R 257 -17.91 90.41 -30.70
CA LEU R 257 -18.94 90.16 -31.69
C LEU R 257 -18.44 90.23 -33.13
N ASN R 258 -17.24 90.76 -33.38
CA ASN R 258 -16.74 90.81 -34.74
C ASN R 258 -15.25 90.52 -34.75
N VAL R 259 -14.78 90.00 -35.89
CA VAL R 259 -13.39 89.65 -36.09
C VAL R 259 -12.71 90.79 -36.83
N GLY R 260 -11.49 91.09 -36.44
CA GLY R 260 -10.74 92.15 -37.07
C GLY R 260 -9.33 92.18 -36.55
N MET R 261 -8.69 93.30 -36.74
CA MET R 261 -7.34 93.36 -36.21
C MET R 261 -7.39 93.67 -34.71
N PRO R 262 -6.41 93.20 -33.95
CA PRO R 262 -6.44 93.37 -32.49
C PRO R 262 -5.79 94.68 -32.06
N ASN R 263 -5.89 94.94 -30.76
CA ASN R 263 -5.29 96.13 -30.17
C ASN R 263 -4.94 95.80 -28.72
N SER R 264 -4.11 96.66 -28.13
CA SER R 264 -3.62 96.40 -26.79
C SER R 264 -4.70 96.46 -25.74
N SER R 265 -5.95 96.71 -26.12
CA SER R 265 -7.06 96.66 -25.19
C SER R 265 -7.64 95.27 -25.04
N ILE R 266 -6.84 94.24 -25.32
CA ILE R 266 -7.28 92.86 -25.30
C ILE R 266 -6.40 92.07 -24.34
N SER R 267 -7.04 91.37 -23.39
CA SER R 267 -6.30 90.61 -22.40
C SER R 267 -5.46 89.52 -23.06
N ASP R 268 -4.44 89.08 -22.35
CA ASP R 268 -3.59 88.03 -22.87
C ASP R 268 -4.34 86.71 -23.01
N SER R 269 -5.34 86.49 -22.17
CA SER R 269 -6.05 85.21 -22.20
C SER R 269 -6.82 85.02 -23.51
N ASP R 270 -7.63 86.01 -23.89
CA ASP R 270 -8.44 85.86 -25.09
C ASP R 270 -7.66 86.14 -26.36
N PHE R 271 -6.41 86.57 -26.27
CA PHE R 271 -5.58 86.58 -27.45
C PHE R 271 -4.82 85.26 -27.60
N THR R 272 -4.27 84.74 -26.50
CA THR R 272 -3.52 83.50 -26.54
C THR R 272 -4.41 82.30 -26.78
N ARG R 273 -5.70 82.37 -26.44
CA ARG R 273 -6.54 81.21 -26.66
C ARG R 273 -6.75 80.91 -28.14
N TYR R 274 -6.36 81.83 -29.02
CA TYR R 274 -6.42 81.61 -30.46
C TYR R 274 -5.05 81.26 -31.03
N LEU R 275 -4.05 81.06 -30.19
CA LEU R 275 -2.77 80.55 -30.62
C LEU R 275 -2.70 79.05 -30.35
N ASN R 276 -1.74 78.39 -31.00
CA ASN R 276 -1.62 76.95 -30.83
C ASN R 276 -0.62 76.54 -29.77
N LYS R 277 0.28 77.44 -29.39
CA LYS R 277 1.25 77.20 -28.31
C LYS R 277 2.24 76.11 -28.71
N ALA R 278 2.01 75.47 -29.84
CA ALA R 278 2.90 74.49 -30.44
C ALA R 278 3.36 74.91 -31.81
N ASN R 279 2.47 75.46 -32.62
CA ASN R 279 2.85 76.08 -33.87
C ASN R 279 3.59 77.38 -33.68
N VAL R 280 3.56 77.95 -32.49
CA VAL R 280 4.19 79.23 -32.20
C VAL R 280 5.34 79.00 -31.24
N SER R 281 6.45 79.70 -31.47
CA SER R 281 7.62 79.58 -30.60
C SER R 281 7.55 80.61 -29.48
N ASN R 282 7.49 81.88 -29.85
CA ASN R 282 7.38 82.97 -28.88
C ASN R 282 5.99 83.59 -28.99
N ILE R 283 5.48 84.05 -27.86
CA ILE R 283 4.16 84.67 -27.80
C ILE R 283 4.33 86.06 -27.22
N VAL R 284 4.05 87.07 -28.03
CA VAL R 284 4.02 88.46 -27.59
C VAL R 284 2.67 89.04 -28.00
N THR R 285 1.73 89.04 -27.06
CA THR R 285 0.39 89.52 -27.33
C THR R 285 0.41 91.04 -27.44
N PRO R 286 -0.68 91.65 -27.91
CA PRO R 286 -0.68 93.11 -28.05
C PRO R 286 -0.30 93.88 -26.79
N MET R 287 -0.62 93.38 -25.59
CA MET R 287 -0.14 94.07 -24.39
C MET R 287 1.36 93.96 -24.22
N GLN R 288 1.94 92.77 -24.47
CA GLN R 288 3.39 92.67 -24.39
C GLN R 288 4.05 93.51 -25.46
N LEU R 289 3.46 93.57 -26.66
CA LEU R 289 3.99 94.44 -27.70
C LEU R 289 3.92 95.90 -27.28
N LYS R 290 2.81 96.30 -26.65
CA LYS R 290 2.69 97.67 -26.17
C LYS R 290 3.75 97.98 -25.14
N GLU R 291 4.00 97.05 -24.23
CA GLU R 291 5.07 97.26 -23.25
C GLU R 291 6.43 97.38 -23.91
N LYS R 292 6.69 96.51 -24.90
CA LYS R 292 7.95 96.57 -25.62
C LYS R 292 8.14 97.91 -26.31
N LEU R 293 7.09 98.43 -26.92
CA LEU R 293 7.15 99.74 -27.53
C LEU R 293 7.35 100.83 -26.47
N ASN R 294 6.69 100.69 -25.34
CA ASN R 294 6.82 101.68 -24.28
C ASN R 294 8.26 101.78 -23.78
N GLN R 295 8.92 100.64 -23.60
CA GLN R 295 10.30 100.67 -23.13
C GLN R 295 11.26 101.21 -24.19
N GLU R 296 10.90 101.14 -25.46
CA GLU R 296 11.76 101.67 -26.51
C GLU R 296 11.00 102.67 -27.39
N ASN R 310 2.22 104.78 -22.46
CA ASN R 310 1.07 104.20 -21.79
C ASN R 310 -0.12 104.10 -22.74
N LYS R 311 -0.02 104.78 -23.87
CA LYS R 311 -1.12 104.81 -24.82
C LYS R 311 -1.40 103.42 -25.37
N ASP R 312 -2.68 103.11 -25.56
CA ASP R 312 -3.04 101.87 -26.21
C ASP R 312 -2.60 101.89 -27.66
N ILE R 313 -2.28 100.72 -28.18
CA ILE R 313 -1.82 100.60 -29.56
C ILE R 313 -2.78 99.70 -30.31
N SER R 314 -2.75 99.85 -31.62
CA SER R 314 -3.52 99.03 -32.55
C SER R 314 -2.57 98.46 -33.58
N ILE R 315 -2.85 97.22 -33.98
CA ILE R 315 -1.92 96.41 -34.76
C ILE R 315 -2.55 96.12 -36.11
N GLY R 316 -1.84 96.46 -37.19
CA GLY R 316 -2.13 96.01 -38.52
C GLY R 316 -0.89 95.35 -39.12
N CYS R 317 -1.04 94.91 -40.36
CA CYS R 317 0.06 94.19 -40.97
C CYS R 317 0.00 94.28 -42.49
N LEU R 318 1.18 94.36 -43.09
CA LEU R 318 1.34 94.08 -44.51
C LEU R 318 1.64 92.60 -44.68
N ILE R 319 0.84 91.93 -45.49
CA ILE R 319 1.00 90.50 -45.68
C ILE R 319 1.28 90.23 -47.15
N GLY R 320 2.00 89.14 -47.39
CA GLY R 320 2.37 88.67 -48.70
C GLY R 320 1.88 87.26 -48.93
N ALA R 321 2.38 86.58 -49.95
CA ALA R 321 1.88 85.26 -50.30
C ALA R 321 2.29 84.25 -49.23
N SER R 322 1.35 83.37 -48.89
CA SER R 322 1.53 82.37 -47.84
C SER R 322 2.02 83.01 -46.54
N ALA R 323 1.30 84.04 -46.12
CA ALA R 323 1.62 84.67 -44.83
C ALA R 323 1.40 83.70 -43.69
N VAL R 324 0.26 83.02 -43.68
CA VAL R 324 -0.03 81.98 -42.70
C VAL R 324 -0.47 80.73 -43.43
N LEU R 325 -0.39 79.62 -42.73
CA LEU R 325 -0.54 78.29 -43.28
C LEU R 325 -1.62 77.55 -42.50
N LEU R 326 -2.64 77.11 -43.21
CA LEU R 326 -3.80 76.42 -42.65
C LEU R 326 -3.67 74.94 -42.95
N ALA R 327 -2.80 74.27 -42.21
CA ALA R 327 -2.69 72.83 -42.33
C ALA R 327 -3.91 72.15 -41.72
N GLY R 328 -4.24 71.00 -42.23
CA GLY R 328 -5.43 70.30 -41.78
C GLY R 328 -6.60 70.55 -42.70
N SER R 329 -7.51 69.59 -42.72
CA SER R 329 -8.62 69.61 -43.67
C SER R 329 -9.50 70.85 -43.46
N LYS R 330 -10.21 71.22 -44.51
CA LYS R 330 -11.25 72.23 -44.43
C LYS R 330 -12.58 71.65 -44.00
N GLU R 331 -12.65 70.33 -43.80
CA GLU R 331 -13.90 69.65 -43.49
C GLU R 331 -14.11 69.66 -41.99
N THR R 332 -14.79 70.69 -41.51
CA THR R 332 -15.32 70.66 -40.16
C THR R 332 -16.39 69.58 -40.07
N ARG R 333 -16.48 68.95 -38.90
CA ARG R 333 -17.39 67.83 -38.73
C ARG R 333 -18.54 68.21 -37.81
N PHE R 334 -19.73 67.76 -38.17
CA PHE R 334 -20.94 68.01 -37.41
C PHE R 334 -21.44 66.71 -36.81
N TYR R 335 -21.78 66.76 -35.52
CA TYR R 335 -22.30 65.61 -34.79
C TYR R 335 -23.72 65.92 -34.37
N ILE R 336 -24.67 65.12 -34.82
CA ILE R 336 -26.08 65.26 -34.47
C ILE R 336 -26.46 64.07 -33.61
N ASP R 337 -26.78 64.32 -32.35
CA ASP R 337 -27.19 63.28 -31.42
C ASP R 337 -28.64 63.55 -31.04
N GLU R 338 -29.57 62.87 -31.70
CA GLU R 338 -30.97 62.94 -31.29
C GLU R 338 -31.31 61.82 -30.32
N THR R 339 -30.50 61.68 -29.28
CA THR R 339 -30.70 60.66 -28.27
C THR R 339 -30.71 61.21 -26.86
N VAL R 340 -30.44 62.50 -26.68
CA VAL R 340 -30.48 63.10 -25.35
C VAL R 340 -31.89 62.99 -24.80
N ASP R 341 -31.98 62.80 -23.47
CA ASP R 341 -33.25 62.70 -22.78
C ASP R 341 -34.12 61.60 -23.38
N ALA R 342 -33.51 60.44 -23.60
CA ALA R 342 -34.15 59.27 -24.20
C ALA R 342 -34.62 59.53 -25.63
N GLY R 343 -34.08 60.55 -26.28
CA GLY R 343 -34.51 60.91 -27.61
C GLY R 343 -35.43 62.11 -27.69
N ARG R 344 -35.86 62.66 -26.55
CA ARG R 344 -36.68 63.86 -26.57
C ARG R 344 -35.90 65.05 -27.09
N LYS R 345 -34.65 65.20 -26.67
CA LYS R 345 -33.84 66.35 -27.02
C LYS R 345 -32.76 65.96 -28.03
N SER R 346 -32.24 66.96 -28.71
CA SER R 346 -31.14 66.80 -29.63
C SER R 346 -29.96 67.61 -29.16
N LEU R 347 -28.77 67.20 -29.60
CA LEU R 347 -27.56 67.97 -29.37
C LEU R 347 -26.82 68.04 -30.70
N VAL R 348 -26.42 69.24 -31.09
CA VAL R 348 -25.66 69.44 -32.31
C VAL R 348 -24.32 70.04 -31.94
N GLY R 349 -23.25 69.37 -32.30
CA GLY R 349 -21.91 69.85 -32.04
C GLY R 349 -21.13 70.01 -33.33
N VAL R 350 -20.18 70.94 -33.31
CA VAL R 350 -19.27 71.16 -34.42
C VAL R 350 -17.85 71.04 -33.89
N ASP R 351 -17.01 70.34 -34.64
CA ASP R 351 -15.63 70.09 -34.24
C ASP R 351 -14.70 70.34 -35.42
N CYS R 352 -13.52 70.86 -35.11
CA CYS R 352 -12.54 71.18 -36.14
C CYS R 352 -11.14 70.89 -35.60
N LEU R 353 -10.37 70.16 -36.40
CA LEU R 353 -8.92 70.04 -36.23
C LEU R 353 -8.26 70.99 -37.23
N LEU R 354 -7.52 71.96 -36.71
CA LEU R 354 -7.00 73.03 -37.55
C LEU R 354 -5.61 73.43 -37.07
N GLY R 355 -4.64 73.36 -37.98
CA GLY R 355 -3.33 73.88 -37.67
C GLY R 355 -3.09 75.22 -38.33
N VAL R 356 -3.15 76.30 -37.56
CA VAL R 356 -2.90 77.63 -38.06
C VAL R 356 -1.51 78.04 -37.61
N SER R 357 -0.65 78.40 -38.56
CA SER R 357 0.69 78.82 -38.20
C SER R 357 1.15 79.94 -39.10
N LYS R 358 1.62 81.03 -38.53
CA LYS R 358 2.25 82.06 -39.34
C LYS R 358 3.53 81.52 -39.94
N ALA R 359 3.68 81.68 -41.25
CA ALA R 359 4.83 81.15 -41.97
C ALA R 359 6.13 81.68 -41.41
N ARG R 360 6.93 80.80 -40.81
CA ARG R 360 8.20 81.22 -40.24
C ARG R 360 9.08 79.98 -40.21
N TYR R 361 9.98 79.88 -41.18
CA TYR R 361 10.71 78.65 -41.41
C TYR R 361 12.04 78.65 -40.68
N GLN R 362 12.57 77.46 -40.46
CA GLN R 362 13.83 77.23 -39.78
C GLN R 362 14.76 76.45 -40.69
N SER R 363 16.05 76.68 -40.53
CA SER R 363 17.05 75.98 -41.34
C SER R 363 17.15 74.52 -40.93
N THR R 364 17.18 73.63 -41.92
CA THR R 364 17.28 72.20 -41.63
C THR R 364 18.68 71.78 -41.23
N ASP R 365 19.68 72.63 -41.47
CA ASP R 365 21.03 72.39 -41.00
C ASP R 365 21.61 73.68 -40.44
N GLY R 366 22.91 73.71 -40.21
CA GLY R 366 23.51 74.87 -39.61
C GLY R 366 23.72 76.05 -40.52
N VAL R 367 23.38 75.94 -41.81
CA VAL R 367 23.55 77.05 -42.72
C VAL R 367 22.65 78.21 -42.30
N VAL R 368 23.17 79.42 -42.40
CA VAL R 368 22.42 80.62 -42.05
C VAL R 368 21.83 81.20 -43.33
N THR R 369 20.58 81.66 -43.23
CA THR R 369 19.83 82.13 -44.37
C THR R 369 19.09 83.40 -43.98
N PRO R 370 18.87 84.33 -44.93
CA PRO R 370 18.00 85.47 -44.61
C PRO R 370 16.60 85.05 -44.20
N TYR R 371 16.06 84.00 -44.79
CA TYR R 371 14.72 83.54 -44.44
C TYR R 371 14.66 82.93 -43.04
N ASP R 372 15.79 82.62 -42.43
CA ASP R 372 15.81 81.80 -41.23
C ASP R 372 15.27 82.56 -40.03
N ASN R 373 14.34 81.94 -39.31
CA ASN R 373 13.79 82.47 -38.06
C ASN R 373 13.14 83.83 -38.24
N GLN R 374 12.54 84.06 -39.40
CA GLN R 374 11.89 85.32 -39.70
C GLN R 374 10.50 85.06 -40.25
N ASP R 375 9.58 85.96 -39.95
CA ASP R 375 8.25 85.88 -40.55
C ASP R 375 8.39 85.90 -42.06
N TYR R 376 7.75 84.93 -42.71
CA TYR R 376 7.93 84.77 -44.15
C TYR R 376 7.42 85.99 -44.91
N ALA R 377 6.17 86.39 -44.63
CA ALA R 377 5.52 87.38 -45.47
C ALA R 377 4.68 88.37 -44.67
N VAL R 378 5.11 88.72 -43.46
CA VAL R 378 4.34 89.61 -42.61
C VAL R 378 5.25 90.72 -42.10
N ILE R 379 4.77 91.96 -42.20
CA ILE R 379 5.41 93.13 -41.62
C ILE R 379 4.40 93.82 -40.73
N GLY R 380 4.76 94.03 -39.48
CA GLY R 380 3.85 94.68 -38.56
C GLY R 380 3.75 96.17 -38.80
N LEU R 381 2.63 96.73 -38.36
CA LEU R 381 2.37 98.16 -38.52
C LEU R 381 1.57 98.58 -37.28
N VAL R 382 2.20 99.30 -36.37
CA VAL R 382 1.61 99.59 -35.08
C VAL R 382 1.37 101.08 -34.96
N SER R 383 0.15 101.44 -34.58
CA SER R 383 -0.20 102.84 -34.34
C SER R 383 -0.85 102.95 -32.97
N ASN R 384 -1.26 104.15 -32.61
CA ASN R 384 -2.01 104.33 -31.38
C ASN R 384 -3.50 104.20 -31.66
N MET R 385 -4.27 104.03 -30.60
CA MET R 385 -5.72 103.90 -30.72
C MET R 385 -6.31 105.30 -30.57
N GLU R 386 -6.51 105.97 -31.70
CA GLU R 386 -7.08 107.32 -31.71
C GLU R 386 -7.54 107.70 -33.11
#